data_7TYR
#
_entry.id   7TYR
#
_cell.length_a   1.00
_cell.length_b   1.00
_cell.length_c   1.00
_cell.angle_alpha   90.00
_cell.angle_beta   90.00
_cell.angle_gamma   90.00
#
_symmetry.space_group_name_H-M   'P 1'
#
loop_
_entity.id
_entity.type
_entity.pdbx_description
1 polymer 'DNA-dependent protein kinase catalytic subunit'
2 polymer 'Protein artemis'
#
loop_
_entity_poly.entity_id
_entity_poly.type
_entity_poly.pdbx_seq_one_letter_code
_entity_poly.pdbx_strand_id
1 'polypeptide(L)'
;MAGSGAGVRCSLLRLQETLSAADRCGAALAGHQLIRGLGQECVLSSSPAVLALQTSLVFSRDFGLLVFVRKSLNSIEFRE
CREEILKFLCIFLEKMGQKIAPYSVEIKNTCTSVYTKDRAAKCKIPALDLLIKLLQTFRSSRLMDEFKIGELFSKFYGEL
ALKKKIPDTVLEKVYELLGLLGEVHPSEMINNAENLFRAFLGELKTQMTSAVREPKLPVLAGCLKGLSSLLCNFTKSMEE
DPQTSREIFNFVLKAIRPQIDLKRYAVPSAGLRLFALHASQFSTCLLDNYVSLFEVLLKWCAHTNVELKKAALSALESFL
KQVSNMVAKNAEMHKNKLQYFMEQFYGIIRNVDSNNKELSIAIRGYGLFAGPCKVINAKDVDFMYVELIQRCKQMFLTQT
DTGDDRVYQMPSFLQSVASVLLYLDTVPEVYTPVLEHLVVMQIDSFPQYSPKMQLVCCRAIVKVFLALAAKGPVLRNCIS
TVVHQGLIRICSKPVVLPKGPESESEDHRASGEVRTGKWKVPTYKDYVDLFRHLLSSDQMMDSILADEAFFSVNSSSESL
NHLLYDEFVKSVLKIVEKLDLTLEIQTVGEQENGDEAPGVWMIPTSDPAANLHPAKPKDFSAFINLVEFCREILPEKQAE
FFEPWVYSFSYELILQSTRLPLISGFYKLLSITVRNAKKIKYFEGVSPKSLKHSPEDPEKYSCFALFVKFGKEVAVKMKQ
YKDELLASCLTFLLSLPHNIIELDVRAYVPALQMAFKLGLSYTPLAEVGLNALEEWSIYIDRHVMQPYYKDILPCLDGYL
KTSALSDETKNNWEVSALSRAAQKGFNKVVLKHLKKTKNLSSNEAISLEEIRIRVVQMLGSLGGQINKNLLTVTSSDEMM
KSYVAWDREKRLSFAVPFREMKPVIFLDVFLPRVTELALTASDRQTKVAACELLHSMVMFMLGKATQMPEGGQGAPPMYQ
LYKRTFPVLLRLACDVDQVTRQLYEPLVMQLIHWFTNNKKFESQDTVALLEAILDGIVDPVDSTLRDFCGRCIREFLKWS
IKQITPQQQEKSPVNTKSLFKRLYSLALHPNAFKRLGASLAFNNIYREFREEESLVEQFVFEALVIYMESLALAHADEKS
LGTIQQCCDAIDHLCRIIEKKHVSLNKAKKRRLPRGFPPSASLCLLDLVKWLLAHCGRPQTECRHKSIELFYKFVPLLPG
NRSPNLWLKDVLKEEGVSFLINTFEGGGCGQPSGILAQPTLLYLRGPFSLQATLCWLDLLLAALECYNTFIGERTVGALQ
VLGTEAQSSLLKAVAFFLESIAMHDIIAAEKCFGTGAAGNRTSPQEGERYNYSKCTVVVRIMEFTTTLLNTSPEGWKLLK
KDLCNTHLMRVLVQTLCEPASIGFNIGDVQVMAHLPDVCVNLMKALKMSPYKDILETHLREKITAQSIEELCAVNLYGPD
AQVDRSRLAAVVSACKQLHRAGLLHNILPSQSTDLHHSVGTELLSLVYKGIAPGDERQCLPSLDLSCKQLASGLLELAFA
FGGLCERLVSLLLNPAVLSTASLGSSQGSVIHFSHGEYFYSLFSETINTELLKNLDLAVLELMQSSVDNTKMVSAVLNGM
LDQSFRERANQKHQGLKLATTILQHWKKCDSWWAKDSPLETKMAVLALLAKILQIDSSVSFNTSHGSFPEVFTTYISLLA
DTKLDLHLKGQAVTLLPFFTSLTGGSLEELRRVLEQLIVAHFPMQSREFPPGTPRFNNYVDCMKKFLDALELSQSPMLLE
LMTEVLCREQQHVMEELFQSSFRRIARRGSCVTQVGLLESVYEMFRKDDPRLSFTRQSFVDRSLLTLLWHCSLDALREFF
STIVVDAIDVLKSRFTKLNESTFDTQITKKMGYYKILDVMYSRLPKDDVHAKESKINQVFHGSCITEGNELTKTLIKLCY
DAFTENMAGENQLLERRRLYHCAAYNCAISVICCVFNELKFYQGFLFSEKPEKNLLIFENLIDLKRRYNFPVEVEVPMER
KKKYIEIRKEAREAANGDSDGPSYMSSLSYLADSTLSEEMSQFDFSTGVQSYSYSSQDPRPATGRFRRREQRDPTVHDDV
LELEMDELNRHECMAPLTALVKHMHRSLGPPQGEEDSVPRDLPSWMKFLHGKLGNPIVPLNIRLFLAKLVINTEEVFRPY
AKHWLSPLLQLAASENNGGEGIHYMVVEIVATILSWTGLATPTGVPKDEVLANRLLNFLMKHVFHPKRAVFRHNLEIIKT
LVECWKDCLSIPYRLIFEKFSGKDPNSKDNSVGIQLLGIVMANDLPPYDPQCGIQSSEYFQALVNNMSFVRYKEVYAAAA
EVLGLILRYVMERKNILEESLCELVAKQLKQHQNTMEDKFIVCLNKVTKSFPPLADRFMNAVFFLLPKFHGVLKTLCLEV
VLCRVEGMTELYFQLKSKDFVQVMRHRDDERQKVCLDIIYKMMPKLKPVELRELLNPVVEFVSHPSTTCREQMYNILMWI
HDNYRDPESETDNDSQEIFKLAKDVLIQGLIDENPGLQLIIRNFWSHETRLPSNTLDRLLALNSLYSPKIEVHFLSLATN
FLLEMTSMSPDYPNPMFEHPLSECEFQEYTIDSDWRFRSTVLTPMFVETQASQGTLQTRTQEGSLSARWPVAGQIRATQQ
QHDFTLTQTADGRSSFDWLTGSSTDPLVDHTSPSSDSLLFAHKRSERLQRAPLKSVGPDFGKKRLGLPGDEVDNKVKGAA
GRTDLLRLRRRFMRDQEKLSLMYARKGVAEQKREKEIKSELKMKQDAQVVLYRSYRHGDLPDIQIKHSSLITPLQAVAQR
DPIIAKQLFSSLFSGILKEMDKFKTLSEKNNITQKLLQDFNRFLNTTFSFFPPFVSCIQDISCQHAALLSLDPAAVSAGC
LASLQQPVGIRLLEEALLRLLPAELPAKRVRGKARLPPDVLRWVELAKLYRSIGEYDVLRGIFTSEIGTKQITQSALLAE
ARSDYSEAAKQYDEALNKQDWVDGEPTEAEKDFWELASLDCYNHLAEWKSLEYCSTASIDSENPPDLNKIWSEPFYQETY
LPYMIRSKLKLLLQGEADQSLLTFIDKAMHGELQKAILELHYSQELSLLYLLQDDVDRAKYYIQNGIQSFMQNYSSIDVL
LHQSRLTKLQSVQALTEIQEFISFISKQGNLSSQVPLKRLLNTWTNRYPDAKMDPMNIWDDIITNRCFFLSKIEEKLTPL
PEDNSMNVDQDGDPSDRMEVQEQEEDISSLIRSCKFSMKMKMIDSARKQNNFSLAMKLLKELHKESKTRDDWLVSWVQSY
CRLSHCRSRSQGCSEQVLTVLKTVSLLDENNVSSYLSKNILAFRDQNILLGTTYRIIANALSSEPACLAEIEEDKARRIL
ELSGSSSEDSEKVIAGLYQRAFQHLSEAVQAAEEEAQPPSWSCGPAAGVIDAYMTLADFCDQQLRKEEENASVIDSAELQ
AYPALVVEKMLKALKLNSNEARLKFPRLLQIIERYPEETLSLMTKEISSVPCWQFISWISHMVALLDKDQAVAVQHSVEE
ITDNYPQAIVYPFIISSESYSFKDTSTGHKNKEFVARIKSKLDQGGVIQDFINALDQLSNPELLFKDWSNDVRAELAKTP
VNKKNIEKMYERMYAALGDPKAPGLGAFRRKFIQTFGKEFDKHFGKGGSKLLRMKLSDFNDITNMLLLKMNKDSKPPGNL
KECSPWMSDFKVEFLRNELEIPGQYDGRGKPLPEYHVRIAGFDERVTVMASLRRPKRIIIRGHDEREHPFLVKGGEDLRQ
DQRVEQLFQVMNGILAQDSACSQRALQLRTYSVVPMTSRLGLIEWLENTVTLKDLLLNTMSQEEKAAYLSDPRAPPCEYK
DWLTKMSGKHDVGAYMLMYKGANRTETVTSFRKRESKVPADLLKRAFVRMSTSPEAFLALRSHFASSHALICISHWILGI
GDRHLNNFMVAMETGGVIGIDFGHAFGSATQFLPVPELMPFRLTRQFINLMLPMKETGLMYSIMVHALRAFRSDPGLLTN
TMDVFVKEPSFDWKNFEQKMLKKGGSWIQEINVAEKNWYPRQKICYAKRKLAGANPAVITCDELLLGHEKAPAFRDYVAV
ARGSKDHNIRAQEPESGLSEETQVKCLMDQATDPNILGRTWEGWEPWM
;
A
2 'polypeptide(L)'
;MSSFEGQMAEYPTISIDRFDRENLRARAYFLSHCHKDHMKGLRAPTLKRRLECSLKVYLYCSPVTKELLLTSPKYRFWKK
RIISIEIETPTQISLVDEASGEKEEIVVTLLPAGHCPGSVMFLFQGNNGTVLYTGDFRLAQGEAARMELLHSGGRVKDIQ
SVYLDTTFCDPRFYQIPSREECLSGVLELVRSWITRSPYHVVWLNCKAAYGYEYLFTNLSEELGVQVHVNKLDMFRNMPE
ILHHLTTDRNTQIHACRHPKAEEYFQWSKLPCGITSRNRIPLHIISIKPSTMWFGERSRKTNVIVRTGESSYRACFSFHS
SYSEIKDFLSYLCPVNAYPNVIPVGTTMDKVVEILKPLCRSSQSTEPKYKPLGKLKRARTVHRDSEEEDDYLFDDPLPIP
LRHKVPYPETFHPEVFSMTAVSEKQPEKLRQTPGCCRAECMQSSRFTNFVDCEESNSESEEEVGIPASLQGDLGSVLHLQ
KADGDVPQWEVFFKRNDEITDESLENFPSSTVAGGSQSPKLFSDSDGESTHISSQNSSQSTHITEQGSQGWDSQSDTVLL
SSQERNSGDITSLDKADYRPTIKENIPASLMEQNVICPKDTYSDLKSRDKDVTIVPSTGEPTTLSSETHIPEEKSLLNLS
TNADSQSSSDFEVPSTPEAELPKREHLQYLYEKLATGESIAVKKRKCSLLDTENLYFQGHHHHHHHH
;
C
#
# COMPACT_ATOMS: atom_id res chain seq x y z
N MET A 1 -8.72 -33.20 22.64
CA MET A 1 -8.24 -32.03 21.92
C MET A 1 -9.13 -30.82 22.21
N ALA A 2 -10.44 -31.03 22.12
CA ALA A 2 -11.40 -29.97 22.40
C ALA A 2 -12.42 -30.43 23.43
N GLY A 3 -12.69 -31.73 23.47
CA GLY A 3 -13.61 -32.32 24.42
C GLY A 3 -13.01 -32.70 25.74
N SER A 4 -11.75 -32.34 26.00
CA SER A 4 -11.11 -32.69 27.26
C SER A 4 -11.77 -31.99 28.44
N GLY A 5 -12.25 -30.76 28.26
CA GLY A 5 -12.92 -30.07 29.35
C GLY A 5 -14.19 -30.76 29.78
N ALA A 6 -15.02 -31.18 28.82
CA ALA A 6 -16.22 -31.95 29.15
C ALA A 6 -15.86 -33.29 29.79
N GLY A 7 -14.83 -33.95 29.26
CA GLY A 7 -14.41 -35.23 29.83
C GLY A 7 -13.86 -35.08 31.24
N VAL A 8 -13.04 -34.06 31.47
CA VAL A 8 -12.50 -33.86 32.81
C VAL A 8 -13.59 -33.42 33.78
N ARG A 9 -14.59 -32.68 33.30
CA ARG A 9 -15.72 -32.33 34.16
C ARG A 9 -16.54 -33.57 34.52
N CYS A 10 -16.76 -34.46 33.54
CA CYS A 10 -17.46 -35.70 33.83
C CYS A 10 -16.69 -36.57 34.81
N SER A 11 -15.37 -36.64 34.66
CA SER A 11 -14.56 -37.41 35.61
C SER A 11 -14.60 -36.79 37.00
N LEU A 12 -14.60 -35.46 37.08
CA LEU A 12 -14.70 -34.79 38.37
C LEU A 12 -16.05 -35.07 39.03
N LEU A 13 -17.13 -35.05 38.25
CA LEU A 13 -18.45 -35.37 38.79
C LEU A 13 -18.52 -36.82 39.25
N ARG A 14 -17.92 -37.74 38.49
CA ARG A 14 -17.89 -39.13 38.89
C ARG A 14 -17.09 -39.32 40.19
N LEU A 15 -15.97 -38.62 40.33
CA LEU A 15 -15.19 -38.69 41.56
C LEU A 15 -15.97 -38.12 42.74
N GLN A 16 -16.71 -37.03 42.51
CA GLN A 16 -17.54 -36.45 43.56
C GLN A 16 -18.64 -37.42 43.98
N GLU A 17 -19.27 -38.09 43.02
CA GLU A 17 -20.32 -39.04 43.32
C GLU A 17 -19.79 -40.36 43.88
N THR A 18 -18.49 -40.62 43.75
CA THR A 18 -17.92 -41.90 44.17
C THR A 18 -18.03 -42.10 45.67
N LEU A 19 -17.87 -41.04 46.47
CA LEU A 19 -17.85 -41.18 47.92
C LEU A 19 -19.26 -41.26 48.51
N SER A 20 -20.10 -42.13 47.95
CA SER A 20 -21.45 -42.33 48.45
C SER A 20 -21.76 -43.81 48.59
N ALA A 21 -23.01 -44.13 48.94
CA ALA A 21 -23.47 -45.50 49.14
C ALA A 21 -22.59 -46.24 50.15
N ALA A 22 -21.63 -47.02 49.64
CA ALA A 22 -20.71 -47.75 50.50
C ALA A 22 -19.46 -46.91 50.74
N ASP A 23 -19.07 -46.78 52.01
CA ASP A 23 -17.90 -45.99 52.36
C ASP A 23 -16.59 -46.64 51.92
N ARG A 24 -16.61 -47.91 51.52
CA ARG A 24 -15.41 -48.55 51.03
C ARG A 24 -14.94 -47.91 49.72
N CYS A 25 -15.89 -47.59 48.84
CA CYS A 25 -15.61 -46.92 47.56
C CYS A 25 -14.63 -47.73 46.71
N GLY A 26 -14.83 -49.05 46.69
CA GLY A 26 -13.96 -49.91 45.92
C GLY A 26 -12.59 -50.13 46.51
N ALA A 27 -12.41 -49.81 47.78
CA ALA A 27 -11.14 -49.97 48.51
C ALA A 27 -10.07 -49.17 47.78
N ALA A 28 -8.93 -49.76 47.41
CA ALA A 28 -7.90 -49.02 46.70
C ALA A 28 -8.26 -48.75 45.25
N LEU A 29 -9.29 -49.41 44.72
CA LEU A 29 -9.70 -49.25 43.33
C LEU A 29 -10.87 -48.27 43.23
N ALA A 30 -11.25 -48.00 41.98
CA ALA A 30 -12.39 -47.18 41.58
C ALA A 30 -12.18 -45.69 41.84
N GLY A 31 -11.10 -45.35 42.55
CA GLY A 31 -10.69 -43.96 42.65
C GLY A 31 -9.29 -43.75 42.11
N HIS A 32 -8.44 -44.76 42.29
CA HIS A 32 -7.06 -44.66 41.83
C HIS A 32 -6.98 -44.64 40.31
N GLN A 33 -7.77 -45.47 39.64
CA GLN A 33 -7.79 -45.47 38.18
C GLN A 33 -8.30 -44.14 37.65
N LEU A 34 -9.35 -43.58 38.27
CA LEU A 34 -9.86 -42.28 37.84
C LEU A 34 -8.83 -41.18 38.04
N ILE A 35 -8.13 -41.19 39.17
CA ILE A 35 -7.12 -40.17 39.44
C ILE A 35 -5.97 -40.30 38.44
N ARG A 36 -5.52 -41.51 38.17
CA ARG A 36 -4.45 -41.72 37.20
C ARG A 36 -4.88 -41.28 35.81
N GLY A 37 -6.11 -41.59 35.42
CA GLY A 37 -6.59 -41.17 34.11
C GLY A 37 -6.69 -39.67 33.96
N LEU A 38 -7.23 -38.99 34.97
CA LEU A 38 -7.33 -37.53 34.90
C LEU A 38 -5.95 -36.89 34.92
N GLY A 39 -5.02 -37.46 35.69
CA GLY A 39 -3.66 -36.95 35.69
C GLY A 39 -2.98 -37.12 34.34
N GLN A 40 -3.15 -38.28 33.70
CA GLN A 40 -2.58 -38.50 32.38
C GLN A 40 -3.20 -37.55 31.35
N GLU A 41 -4.51 -37.33 31.44
CA GLU A 41 -5.17 -36.38 30.54
C GLU A 41 -4.64 -34.97 30.76
N CYS A 42 -4.44 -34.57 32.01
CA CYS A 42 -3.97 -33.22 32.31
C CYS A 42 -2.53 -33.03 31.84
N VAL A 43 -1.66 -34.03 32.04
CA VAL A 43 -0.28 -33.88 31.59
C VAL A 43 -0.14 -34.08 30.09
N LEU A 44 -1.14 -34.67 29.43
CA LEU A 44 -1.17 -34.80 27.98
C LEU A 44 -1.98 -33.70 27.32
N SER A 45 -2.03 -32.51 27.93
CA SER A 45 -2.83 -31.41 27.43
C SER A 45 -2.14 -30.74 26.24
N SER A 46 -2.75 -29.67 25.75
CA SER A 46 -2.27 -28.95 24.58
C SER A 46 -1.64 -27.62 24.98
N SER A 47 -1.04 -26.96 24.00
CA SER A 47 -0.33 -25.70 24.19
C SER A 47 -1.21 -24.45 24.26
N PRO A 48 -2.27 -24.28 23.42
CA PRO A 48 -3.00 -23.00 23.46
C PRO A 48 -3.80 -22.76 24.74
N ALA A 49 -4.53 -21.65 24.78
CA ALA A 49 -5.31 -21.19 25.93
C ALA A 49 -6.57 -22.01 26.19
N VAL A 50 -6.76 -23.15 25.52
CA VAL A 50 -7.89 -24.02 25.81
C VAL A 50 -7.81 -24.56 27.23
N LEU A 51 -6.60 -24.64 27.78
CA LEU A 51 -6.39 -25.18 29.12
C LEU A 51 -6.98 -24.29 30.21
N ALA A 52 -7.38 -23.06 29.90
CA ALA A 52 -7.99 -22.19 30.90
C ALA A 52 -9.27 -22.79 31.44
N LEU A 53 -10.11 -23.35 30.57
CA LEU A 53 -11.38 -23.93 30.99
C LEU A 53 -11.15 -25.12 31.94
N GLN A 54 -10.21 -26.01 31.59
CA GLN A 54 -9.99 -27.17 32.44
C GLN A 54 -9.29 -26.79 33.75
N THR A 55 -8.43 -25.77 33.73
CA THR A 55 -7.84 -25.31 34.98
C THR A 55 -8.88 -24.69 35.89
N SER A 56 -9.82 -23.93 35.32
CA SER A 56 -10.91 -23.39 36.13
C SER A 56 -11.82 -24.49 36.66
N LEU A 57 -12.05 -25.53 35.85
CA LEU A 57 -12.88 -26.64 36.29
C LEU A 57 -12.19 -27.46 37.38
N VAL A 58 -10.87 -27.55 37.35
CA VAL A 58 -10.13 -28.29 38.37
C VAL A 58 -10.29 -27.62 39.73
N PHE A 59 -10.13 -26.30 39.78
CA PHE A 59 -10.29 -25.53 41.02
C PHE A 59 -11.68 -24.90 40.99
N SER A 60 -12.65 -25.64 41.48
CA SER A 60 -14.06 -25.26 41.35
C SER A 60 -14.83 -25.78 42.55
N ARG A 61 -16.15 -25.88 42.41
CA ARG A 61 -17.06 -26.31 43.46
C ARG A 61 -17.01 -27.81 43.66
N ASP A 62 -18.03 -28.36 44.32
CA ASP A 62 -18.14 -29.75 44.78
C ASP A 62 -17.55 -30.77 43.82
N PHE A 63 -17.71 -30.56 42.51
CA PHE A 63 -17.04 -31.38 41.49
C PHE A 63 -15.60 -30.93 41.30
N GLY A 64 -14.85 -30.94 42.41
CA GLY A 64 -13.47 -30.50 42.41
C GLY A 64 -12.61 -31.35 43.32
N LEU A 65 -11.29 -31.19 43.15
CA LEU A 65 -10.34 -31.96 43.95
C LEU A 65 -10.19 -31.40 45.36
N LEU A 66 -10.24 -30.07 45.51
CA LEU A 66 -10.01 -29.46 46.82
C LEU A 66 -11.13 -29.83 47.80
N VAL A 67 -12.39 -29.76 47.35
CA VAL A 67 -13.49 -30.18 48.19
C VAL A 67 -13.43 -31.68 48.47
N PHE A 68 -12.96 -32.47 47.50
CA PHE A 68 -12.82 -33.91 47.71
C PHE A 68 -11.83 -34.22 48.83
N VAL A 69 -10.65 -33.60 48.78
CA VAL A 69 -9.65 -33.87 49.80
C VAL A 69 -10.05 -33.24 51.14
N ARG A 70 -10.78 -32.13 51.12
CA ARG A 70 -11.32 -31.58 52.37
C ARG A 70 -12.32 -32.53 53.01
N LYS A 71 -13.20 -33.13 52.21
CA LYS A 71 -14.14 -34.11 52.72
C LYS A 71 -13.50 -35.45 53.02
N SER A 72 -12.25 -35.67 52.58
CA SER A 72 -11.51 -36.88 52.88
C SER A 72 -10.87 -36.86 54.26
N LEU A 73 -11.30 -35.95 55.14
CA LEU A 73 -10.71 -35.86 56.47
C LEU A 73 -11.01 -37.07 57.34
N ASN A 74 -12.16 -37.72 57.15
CA ASN A 74 -12.56 -38.87 57.93
C ASN A 74 -12.21 -40.18 57.23
N SER A 75 -11.16 -40.17 56.42
CA SER A 75 -10.72 -41.36 55.70
C SER A 75 -9.75 -42.17 56.56
N ILE A 76 -10.31 -42.77 57.61
CA ILE A 76 -9.54 -43.60 58.52
C ILE A 76 -9.23 -44.92 57.84
N GLU A 77 -7.98 -45.08 57.38
CA GLU A 77 -7.50 -46.27 56.67
C GLU A 77 -8.31 -46.50 55.38
N PHE A 78 -8.99 -45.47 54.89
CA PHE A 78 -9.79 -45.54 53.68
C PHE A 78 -9.23 -44.56 52.65
N ARG A 79 -9.44 -44.89 51.37
CA ARG A 79 -9.13 -44.01 50.25
C ARG A 79 -7.65 -43.60 50.24
N GLU A 80 -6.78 -44.58 50.06
CA GLU A 80 -5.34 -44.36 50.01
C GLU A 80 -4.93 -43.84 48.63
N CYS A 81 -5.50 -42.68 48.27
CA CYS A 81 -5.23 -42.06 46.97
C CYS A 81 -5.00 -40.56 47.06
N ARG A 82 -4.98 -39.97 48.25
CA ARG A 82 -4.72 -38.54 48.37
C ARG A 82 -3.30 -38.18 47.96
N GLU A 83 -2.35 -39.11 48.19
CA GLU A 83 -0.96 -38.87 47.80
C GLU A 83 -0.84 -38.72 46.29
N GLU A 84 -1.57 -39.53 45.53
CA GLU A 84 -1.57 -39.38 44.07
C GLU A 84 -2.17 -38.04 43.66
N ILE A 85 -3.20 -37.58 44.37
CA ILE A 85 -3.79 -36.28 44.09
C ILE A 85 -2.78 -35.17 44.33
N LEU A 86 -2.05 -35.24 45.44
CA LEU A 86 -1.04 -34.22 45.73
C LEU A 86 0.11 -34.26 44.71
N LYS A 87 0.52 -35.46 44.29
CA LYS A 87 1.56 -35.58 43.28
C LYS A 87 1.10 -34.99 41.95
N PHE A 88 -0.15 -35.26 41.56
CA PHE A 88 -0.70 -34.69 40.33
C PHE A 88 -0.77 -33.18 40.43
N LEU A 89 -1.16 -32.65 41.59
CA LEU A 89 -1.24 -31.21 41.79
C LEU A 89 0.13 -30.56 41.66
N CYS A 90 1.15 -31.16 42.29
CA CYS A 90 2.49 -30.57 42.21
C CYS A 90 3.06 -30.66 40.81
N ILE A 91 2.76 -31.78 40.13
CA ILE A 91 3.19 -31.91 38.72
C ILE A 91 2.46 -30.84 37.93
N PHE A 92 1.14 -30.75 38.12
CA PHE A 92 0.33 -29.76 37.36
C PHE A 92 0.77 -28.34 37.74
N LEU A 93 1.04 -28.11 39.02
CA LEU A 93 1.52 -26.76 39.44
C LEU A 93 2.86 -26.52 38.76
N GLU A 94 3.72 -27.53 38.69
CA GLU A 94 4.99 -27.35 37.93
C GLU A 94 4.64 -27.10 36.46
N LYS A 95 3.66 -27.84 35.93
CA LYS A 95 3.32 -27.73 34.47
C LYS A 95 2.81 -26.33 34.15
N MET A 96 1.96 -25.75 35.00
CA MET A 96 1.45 -24.38 34.78
C MET A 96 1.73 -23.50 35.98
N GLY A 97 2.28 -22.30 35.77
CA GLY A 97 2.47 -21.36 36.90
C GLY A 97 1.13 -20.82 37.35
N GLN A 98 0.73 -21.09 38.60
CA GLN A 98 -0.57 -20.65 39.07
C GLN A 98 -0.91 -19.27 38.52
N LYS A 99 -2.02 -19.19 37.79
CA LYS A 99 -2.38 -17.96 37.10
C LYS A 99 -2.86 -16.89 38.09
N ILE A 100 -3.72 -17.28 39.04
CA ILE A 100 -4.35 -16.34 39.95
C ILE A 100 -4.11 -16.78 41.38
N ALA A 101 -4.10 -15.80 42.29
CA ALA A 101 -3.76 -15.98 43.70
C ALA A 101 -4.86 -16.59 44.57
N PRO A 102 -6.15 -16.27 44.37
CA PRO A 102 -7.19 -16.92 45.20
C PRO A 102 -7.21 -18.44 45.15
N TYR A 103 -6.61 -19.06 44.14
CA TYR A 103 -6.49 -20.52 44.15
C TYR A 103 -5.35 -20.99 45.05
N SER A 104 -4.28 -20.20 45.15
CA SER A 104 -3.11 -20.61 45.92
C SER A 104 -3.43 -20.71 47.41
N VAL A 105 -4.24 -19.78 47.94
CA VAL A 105 -4.62 -19.84 49.34
C VAL A 105 -5.45 -21.08 49.62
N GLU A 106 -6.35 -21.44 48.70
CA GLU A 106 -7.11 -22.66 48.86
C GLU A 106 -6.20 -23.89 48.80
N ILE A 107 -5.20 -23.87 47.92
CA ILE A 107 -4.27 -25.00 47.81
C ILE A 107 -3.49 -25.18 49.10
N LYS A 108 -2.96 -24.09 49.64
CA LYS A 108 -2.19 -24.19 50.88
C LYS A 108 -3.07 -24.55 52.07
N ASN A 109 -4.32 -24.08 52.09
CA ASN A 109 -5.24 -24.49 53.15
C ASN A 109 -5.54 -25.98 53.07
N THR A 110 -5.73 -26.50 51.86
CA THR A 110 -5.97 -27.93 51.70
C THR A 110 -4.76 -28.76 52.11
N CYS A 111 -3.55 -28.32 51.75
CA CYS A 111 -2.38 -29.08 52.15
C CYS A 111 -2.12 -28.99 53.65
N THR A 112 -2.45 -27.84 54.27
CA THR A 112 -2.36 -27.74 55.72
C THR A 112 -3.36 -28.65 56.41
N SER A 113 -4.57 -28.77 55.87
CA SER A 113 -5.54 -29.72 56.42
C SER A 113 -5.08 -31.15 56.23
N VAL A 114 -4.40 -31.43 55.11
CA VAL A 114 -3.80 -32.74 54.90
C VAL A 114 -2.74 -33.01 55.95
N TYR A 115 -1.98 -31.97 56.33
CA TYR A 115 -0.93 -32.12 57.33
C TYR A 115 -1.51 -32.58 58.67
N THR A 116 -2.68 -32.06 59.04
CA THR A 116 -3.34 -32.49 60.27
C THR A 116 -3.83 -33.92 60.11
N LYS A 117 -3.60 -34.73 61.15
CA LYS A 117 -4.04 -36.14 61.19
C LYS A 117 -3.48 -36.94 60.03
N ASP A 118 -2.21 -36.71 59.70
CA ASP A 118 -1.52 -37.45 58.66
C ASP A 118 -0.88 -38.68 59.29
N ARG A 119 -1.44 -39.86 59.02
CA ARG A 119 -1.00 -41.09 59.66
C ARG A 119 0.21 -41.68 58.94
N ALA A 120 1.23 -42.07 59.72
CA ALA A 120 2.39 -42.83 59.26
C ALA A 120 3.13 -42.02 58.20
N ALA A 121 3.32 -42.54 56.99
CA ALA A 121 4.14 -41.89 55.97
C ALA A 121 3.47 -42.08 54.62
N LYS A 122 4.23 -41.86 53.55
CA LYS A 122 3.84 -42.04 52.15
C LYS A 122 2.88 -40.94 51.69
N CYS A 123 2.45 -40.08 52.61
CA CYS A 123 1.71 -38.87 52.28
C CYS A 123 2.37 -37.61 52.81
N LYS A 124 3.17 -37.72 53.88
CA LYS A 124 3.86 -36.56 54.42
C LYS A 124 4.84 -35.99 53.41
N ILE A 125 5.62 -36.85 52.75
CA ILE A 125 6.57 -36.40 51.75
C ILE A 125 5.87 -35.76 50.56
N PRO A 126 4.79 -36.35 50.00
CA PRO A 126 4.03 -35.60 48.98
C PRO A 126 3.50 -34.26 49.44
N ALA A 127 2.99 -34.17 50.67
CA ALA A 127 2.49 -32.90 51.17
C ALA A 127 3.61 -31.86 51.27
N LEU A 128 4.76 -32.27 51.78
CA LEU A 128 5.88 -31.34 51.94
C LEU A 128 6.47 -30.92 50.59
N ASP A 129 6.58 -31.83 49.61
CA ASP A 129 7.08 -31.39 48.32
C ASP A 129 6.07 -30.51 47.61
N LEU A 130 4.76 -30.76 47.81
CA LEU A 130 3.74 -29.86 47.29
C LEU A 130 3.89 -28.46 47.89
N LEU A 131 4.11 -28.38 49.20
CA LEU A 131 4.31 -27.07 49.83
C LEU A 131 5.60 -26.41 49.34
N ILE A 132 6.65 -27.20 49.14
CA ILE A 132 7.93 -26.65 48.66
C ILE A 132 7.74 -26.04 47.27
N LYS A 133 7.06 -26.76 46.38
CA LYS A 133 6.82 -26.23 45.04
C LYS A 133 5.85 -25.06 45.07
N LEU A 134 4.93 -25.03 46.05
CA LEU A 134 4.01 -23.91 46.16
C LEU A 134 4.74 -22.63 46.59
N LEU A 135 5.69 -22.76 47.53
CA LEU A 135 6.41 -21.59 48.02
C LEU A 135 7.31 -20.95 46.97
N GLN A 136 7.61 -21.63 45.87
CA GLN A 136 8.38 -21.05 44.79
C GLN A 136 7.52 -20.50 43.67
N THR A 137 6.20 -20.51 43.82
CA THR A 137 5.31 -20.08 42.73
C THR A 137 5.35 -18.56 42.56
N PHE A 138 5.30 -17.81 43.66
CA PHE A 138 5.15 -16.36 43.55
C PHE A 138 6.49 -15.69 43.22
N ARG A 139 7.51 -15.90 44.07
CA ARG A 139 8.84 -15.34 43.93
C ARG A 139 8.87 -13.81 43.90
N SER A 140 7.75 -13.16 44.21
CA SER A 140 7.69 -11.70 44.23
C SER A 140 6.95 -11.13 45.43
N SER A 141 6.29 -11.94 46.24
CA SER A 141 5.58 -11.55 47.45
C SER A 141 4.38 -10.64 47.18
N ARG A 142 4.00 -10.46 45.91
CA ARG A 142 2.77 -9.71 45.62
C ARG A 142 1.53 -10.53 45.92
N LEU A 143 1.64 -11.86 45.92
CA LEU A 143 0.57 -12.75 46.32
C LEU A 143 1.05 -13.61 47.48
N MET A 144 0.11 -14.29 48.12
CA MET A 144 0.37 -15.07 49.35
C MET A 144 1.02 -14.18 50.40
N ASP A 145 0.28 -13.15 50.82
CA ASP A 145 0.78 -12.13 51.72
C ASP A 145 -0.02 -12.02 53.01
N GLU A 146 -0.92 -12.96 53.29
CA GLU A 146 -1.64 -12.94 54.55
C GLU A 146 -0.77 -13.39 55.73
N PHE A 147 0.37 -14.01 55.45
CA PHE A 147 1.43 -14.27 56.43
C PHE A 147 0.94 -15.15 57.60
N LYS A 148 0.61 -16.38 57.24
CA LYS A 148 0.32 -17.43 58.21
C LYS A 148 1.58 -18.14 58.69
N ILE A 149 2.75 -17.53 58.47
CA ILE A 149 4.02 -18.19 58.75
C ILE A 149 4.20 -18.48 60.23
N GLY A 150 3.58 -17.68 61.11
CA GLY A 150 3.73 -17.89 62.53
C GLY A 150 3.15 -19.22 62.99
N GLU A 151 1.94 -19.53 62.55
CA GLU A 151 1.31 -20.80 62.92
C GLU A 151 2.07 -21.99 62.33
N LEU A 152 2.53 -21.86 61.09
CA LEU A 152 3.31 -22.93 60.48
C LEU A 152 4.61 -23.17 61.24
N PHE A 153 5.30 -22.09 61.63
CA PHE A 153 6.53 -22.23 62.41
C PHE A 153 6.24 -22.86 63.76
N SER A 154 5.14 -22.46 64.41
CA SER A 154 4.81 -23.05 65.71
C SER A 154 4.54 -24.54 65.58
N LYS A 155 3.79 -24.95 64.55
CA LYS A 155 3.51 -26.36 64.33
C LYS A 155 4.79 -27.13 64.04
N PHE A 156 5.66 -26.58 63.18
CA PHE A 156 6.90 -27.27 62.82
C PHE A 156 7.83 -27.40 64.03
N TYR A 157 7.90 -26.37 64.86
CA TYR A 157 8.72 -26.44 66.07
C TYR A 157 8.11 -27.42 67.07
N GLY A 158 6.78 -27.53 67.11
CA GLY A 158 6.15 -28.56 67.92
C GLY A 158 6.48 -29.97 67.43
N GLU A 159 6.63 -30.14 66.12
CA GLU A 159 7.09 -31.43 65.59
C GLU A 159 8.52 -31.74 66.03
N LEU A 160 9.34 -30.71 66.25
CA LEU A 160 10.71 -30.93 66.71
C LEU A 160 10.78 -31.40 68.16
N ALA A 161 9.68 -31.35 68.90
CA ALA A 161 9.70 -31.78 70.29
C ALA A 161 9.85 -33.29 70.41
N LEU A 162 9.16 -34.04 69.56
CA LEU A 162 9.20 -35.51 69.61
C LEU A 162 10.60 -36.04 69.32
N LYS A 163 11.05 -35.88 68.08
CA LYS A 163 12.42 -36.21 67.66
C LYS A 163 12.84 -37.61 68.08
N LYS A 164 11.91 -38.56 67.97
CA LYS A 164 12.18 -39.93 68.41
C LYS A 164 12.17 -40.93 67.27
N LYS A 165 11.09 -41.01 66.49
CA LYS A 165 11.02 -42.00 65.42
C LYS A 165 10.41 -41.42 64.15
N ILE A 166 10.65 -40.15 63.88
CA ILE A 166 10.21 -39.56 62.61
C ILE A 166 11.01 -40.19 61.47
N PRO A 167 10.37 -40.61 60.38
CA PRO A 167 11.10 -41.28 59.29
C PRO A 167 12.16 -40.38 58.68
N ASP A 168 13.25 -41.00 58.24
CA ASP A 168 14.36 -40.26 57.64
C ASP A 168 13.94 -39.57 56.35
N THR A 169 13.14 -40.26 55.52
CA THR A 169 12.61 -39.62 54.31
C THR A 169 11.65 -38.48 54.62
N VAL A 170 11.04 -38.49 55.81
CA VAL A 170 10.15 -37.40 56.21
C VAL A 170 10.93 -36.28 56.89
N LEU A 171 11.93 -36.63 57.70
CA LEU A 171 12.68 -35.63 58.46
C LEU A 171 13.47 -34.70 57.54
N GLU A 172 14.06 -35.25 56.48
CA GLU A 172 14.83 -34.43 55.54
C GLU A 172 13.95 -33.38 54.87
N LYS A 173 12.77 -33.80 54.41
CA LYS A 173 11.85 -32.86 53.80
C LYS A 173 11.29 -31.88 54.83
N VAL A 174 11.10 -32.32 56.07
CA VAL A 174 10.65 -31.42 57.12
C VAL A 174 11.67 -30.31 57.35
N TYR A 175 12.95 -30.67 57.44
CA TYR A 175 13.96 -29.64 57.67
C TYR A 175 14.21 -28.79 56.44
N GLU A 176 14.02 -29.34 55.24
CA GLU A 176 14.06 -28.53 54.03
C GLU A 176 12.94 -27.49 54.04
N LEU A 177 11.74 -27.90 54.47
CA LEU A 177 10.63 -26.96 54.61
C LEU A 177 10.93 -25.91 55.68
N LEU A 178 11.57 -26.32 56.78
CA LEU A 178 11.97 -25.37 57.82
C LEU A 178 12.95 -24.34 57.27
N GLY A 179 13.91 -24.79 56.45
CA GLY A 179 14.80 -23.86 55.79
C GLY A 179 14.08 -22.95 54.80
N LEU A 180 13.05 -23.47 54.13
CA LEU A 180 12.31 -22.71 53.14
C LEU A 180 11.45 -21.60 53.75
N LEU A 181 11.27 -21.58 55.07
CA LEU A 181 10.48 -20.52 55.70
C LEU A 181 11.12 -19.14 55.55
N GLY A 182 12.43 -19.09 55.30
CA GLY A 182 13.08 -17.83 54.99
C GLY A 182 12.89 -17.42 53.55
N GLU A 183 13.37 -16.20 53.24
CA GLU A 183 13.27 -15.62 51.90
C GLU A 183 11.83 -15.56 51.41
N VAL A 184 10.89 -15.26 52.31
CA VAL A 184 9.48 -15.17 51.95
C VAL A 184 9.10 -13.69 51.89
N HIS A 185 9.28 -12.97 53.00
CA HIS A 185 8.97 -11.56 53.07
C HIS A 185 9.72 -10.97 54.25
N PRO A 186 10.21 -9.73 54.15
CA PRO A 186 10.93 -9.13 55.28
C PRO A 186 10.00 -8.87 56.46
N SER A 187 10.63 -8.43 57.56
CA SER A 187 9.97 -8.15 58.84
C SER A 187 9.30 -9.39 59.44
N GLU A 188 9.71 -10.58 59.01
CA GLU A 188 9.23 -11.84 59.55
C GLU A 188 10.41 -12.74 59.84
N MET A 189 10.21 -13.67 60.78
CA MET A 189 11.24 -14.62 61.21
C MET A 189 12.50 -13.90 61.70
N ILE A 190 12.30 -12.85 62.50
CA ILE A 190 13.41 -12.07 63.04
C ILE A 190 13.57 -12.23 64.54
N ASN A 191 12.54 -12.69 65.25
CA ASN A 191 12.61 -12.87 66.70
C ASN A 191 12.88 -14.31 67.10
N ASN A 192 12.25 -15.26 66.43
CA ASN A 192 12.49 -16.69 66.67
C ASN A 192 13.66 -17.22 65.87
N ALA A 193 14.32 -16.36 65.07
CA ALA A 193 15.40 -16.82 64.20
C ALA A 193 16.58 -17.35 65.01
N GLU A 194 16.90 -16.71 66.13
CA GLU A 194 18.03 -17.14 66.94
C GLU A 194 17.79 -18.54 67.51
N ASN A 195 16.61 -18.75 68.08
CA ASN A 195 16.28 -20.07 68.64
C ASN A 195 16.22 -21.13 67.55
N LEU A 196 15.64 -20.78 66.39
CA LEU A 196 15.57 -21.72 65.28
C LEU A 196 16.97 -22.10 64.80
N PHE A 197 17.86 -21.13 64.70
CA PHE A 197 19.22 -21.41 64.25
C PHE A 197 19.98 -22.24 65.28
N ARG A 198 19.78 -21.95 66.57
CA ARG A 198 20.43 -22.75 67.60
C ARG A 198 19.96 -24.20 67.55
N ALA A 199 18.65 -24.41 67.41
CA ALA A 199 18.12 -25.75 67.33
C ALA A 199 18.62 -26.48 66.08
N PHE A 200 18.67 -25.77 64.94
CA PHE A 200 19.16 -26.36 63.71
C PHE A 200 20.62 -26.77 63.83
N LEU A 201 21.46 -25.90 64.40
CA LEU A 201 22.88 -26.21 64.54
C LEU A 201 23.09 -27.36 65.52
N GLY A 202 22.35 -27.39 66.63
CA GLY A 202 22.47 -28.50 67.55
C GLY A 202 22.02 -29.81 66.94
N GLU A 203 20.93 -29.78 66.17
CA GLU A 203 20.46 -30.99 65.50
C GLU A 203 21.47 -31.50 64.49
N LEU A 204 22.07 -30.58 63.72
CA LEU A 204 23.09 -30.99 62.75
C LEU A 204 24.32 -31.57 63.44
N LYS A 205 24.75 -30.95 64.56
CA LYS A 205 25.87 -31.45 65.32
C LYS A 205 25.59 -32.85 65.87
N THR A 206 24.38 -33.09 66.34
CA THR A 206 24.00 -34.43 66.75
C THR A 206 23.88 -35.38 65.56
N GLN A 207 23.58 -34.84 64.37
CA GLN A 207 23.50 -35.68 63.18
C GLN A 207 24.85 -36.26 62.82
N MET A 208 25.89 -35.43 62.73
CA MET A 208 27.22 -35.99 62.51
C MET A 208 27.74 -36.69 63.77
N THR A 209 27.61 -36.04 64.93
CA THR A 209 27.97 -36.56 66.25
C THR A 209 29.48 -36.76 66.41
N SER A 210 30.24 -36.58 65.33
CA SER A 210 31.71 -36.73 65.31
C SER A 210 32.15 -38.04 65.96
N ALA A 211 31.45 -39.12 65.65
CA ALA A 211 31.73 -40.41 66.28
C ALA A 211 31.36 -41.52 65.29
N VAL A 212 31.26 -42.75 65.79
CA VAL A 212 30.92 -43.90 64.96
C VAL A 212 29.42 -44.15 65.03
N ARG A 213 28.68 -43.17 65.51
CA ARG A 213 27.23 -43.27 65.58
C ARG A 213 26.62 -43.20 64.18
N GLU A 214 25.33 -43.49 64.10
CA GLU A 214 24.63 -43.49 62.82
C GLU A 214 24.61 -42.08 62.24
N PRO A 215 25.09 -41.89 61.01
CA PRO A 215 25.18 -40.52 60.46
C PRO A 215 23.86 -39.95 59.98
N LYS A 216 22.89 -40.81 59.61
CA LYS A 216 21.61 -40.38 59.05
C LYS A 216 21.84 -39.48 57.83
N LEU A 217 22.42 -40.08 56.79
CA LEU A 217 22.83 -39.33 55.60
C LEU A 217 21.69 -38.57 54.91
N PRO A 218 20.48 -39.11 54.72
CA PRO A 218 19.41 -38.28 54.16
C PRO A 218 19.07 -37.07 55.02
N VAL A 219 19.18 -37.17 56.34
CA VAL A 219 18.87 -36.04 57.20
C VAL A 219 19.91 -34.93 57.05
N LEU A 220 21.18 -35.31 56.88
CA LEU A 220 22.25 -34.32 56.79
C LEU A 220 22.11 -33.47 55.53
N ALA A 221 21.72 -34.08 54.41
CA ALA A 221 21.53 -33.33 53.18
C ALA A 221 20.42 -32.30 53.31
N GLY A 222 19.30 -32.69 53.91
CA GLY A 222 18.23 -31.73 54.17
C GLY A 222 18.64 -30.64 55.14
N CYS A 223 19.45 -31.00 56.13
CA CYS A 223 19.95 -29.99 57.07
C CYS A 223 20.83 -28.97 56.36
N LEU A 224 21.71 -29.43 55.48
CA LEU A 224 22.56 -28.50 54.72
C LEU A 224 21.73 -27.65 53.76
N LYS A 225 20.70 -28.24 53.15
CA LYS A 225 19.83 -27.47 52.26
C LYS A 225 19.09 -26.38 53.02
N GLY A 226 18.56 -26.71 54.20
CA GLY A 226 17.92 -25.70 55.03
C GLY A 226 18.90 -24.64 55.52
N LEU A 227 20.14 -25.05 55.80
CA LEU A 227 21.17 -24.09 56.18
C LEU A 227 21.46 -23.11 55.06
N SER A 228 21.57 -23.61 53.82
CA SER A 228 21.78 -22.72 52.69
C SER A 228 20.59 -21.80 52.47
N SER A 229 19.38 -22.33 52.62
CA SER A 229 18.19 -21.50 52.47
C SER A 229 18.14 -20.40 53.52
N LEU A 230 18.51 -20.71 54.77
CA LEU A 230 18.54 -19.69 55.82
C LEU A 230 19.62 -18.65 55.55
N LEU A 231 20.81 -19.09 55.11
CA LEU A 231 21.89 -18.16 54.83
C LEU A 231 21.65 -17.34 53.58
N CYS A 232 20.72 -17.76 52.72
CA CYS A 232 20.45 -17.01 51.49
C CYS A 232 19.88 -15.63 51.79
N ASN A 233 18.96 -15.54 52.75
CA ASN A 233 18.32 -14.27 53.08
C ASN A 233 19.02 -13.56 54.22
N PHE A 234 19.10 -14.19 55.39
CA PHE A 234 19.82 -13.60 56.52
C PHE A 234 21.32 -13.61 56.25
N THR A 235 22.00 -12.56 56.69
CA THR A 235 23.42 -12.41 56.37
C THR A 235 24.27 -13.45 57.12
N LYS A 236 24.25 -13.42 58.46
CA LYS A 236 25.08 -14.28 59.31
C LYS A 236 26.54 -14.24 58.83
N SER A 237 27.06 -13.02 58.67
CA SER A 237 28.44 -12.86 58.23
C SER A 237 29.39 -13.11 59.39
N MET A 238 30.37 -13.98 59.17
CA MET A 238 31.30 -14.36 60.21
C MET A 238 32.29 -13.24 60.58
N GLU A 239 32.40 -12.21 59.72
CA GLU A 239 33.23 -11.05 60.04
C GLU A 239 32.85 -10.44 61.39
N GLU A 240 31.57 -10.47 61.74
CA GLU A 240 31.11 -10.13 63.08
C GLU A 240 30.84 -11.36 63.95
N ASP A 241 30.96 -12.57 63.39
CA ASP A 241 30.64 -13.80 64.12
C ASP A 241 31.87 -14.70 64.19
N PRO A 242 32.65 -14.64 65.27
CA PRO A 242 33.92 -15.39 65.29
C PRO A 242 33.79 -16.86 65.64
N GLN A 243 32.67 -17.30 66.21
CA GLN A 243 32.62 -18.69 66.67
C GLN A 243 31.51 -19.50 66.05
N THR A 244 30.31 -18.94 65.89
CA THR A 244 29.17 -19.73 65.47
C THR A 244 29.07 -19.88 63.95
N SER A 245 29.99 -19.29 63.19
CA SER A 245 30.05 -19.49 61.75
C SER A 245 31.31 -20.19 61.27
N ARG A 246 32.39 -20.19 62.07
CA ARG A 246 33.51 -21.06 61.76
C ARG A 246 33.08 -22.52 61.76
N GLU A 247 32.22 -22.89 62.72
CA GLU A 247 31.66 -24.24 62.73
C GLU A 247 30.66 -24.45 61.59
N ILE A 248 29.92 -23.42 61.20
CA ILE A 248 28.96 -23.59 60.11
C ILE A 248 29.69 -23.75 58.78
N PHE A 249 30.95 -23.36 58.69
CA PHE A 249 31.71 -23.63 57.45
C PHE A 249 32.44 -24.97 57.63
N ASN A 250 32.87 -25.26 58.85
CA ASN A 250 33.49 -26.57 59.05
C ASN A 250 32.52 -27.71 58.74
N PHE A 251 31.24 -27.53 59.05
CA PHE A 251 30.22 -28.53 58.70
C PHE A 251 30.21 -28.78 57.20
N VAL A 252 30.22 -27.70 56.42
CA VAL A 252 30.30 -27.82 54.97
C VAL A 252 31.61 -28.49 54.58
N LEU A 253 32.72 -28.09 55.21
CA LEU A 253 34.03 -28.61 54.84
C LEU A 253 34.11 -30.12 55.00
N LYS A 254 33.55 -30.66 56.09
CA LYS A 254 33.49 -32.11 56.19
C LYS A 254 32.38 -32.71 55.34
N ALA A 255 31.41 -31.91 54.92
CA ALA A 255 30.42 -32.40 53.96
C ALA A 255 31.04 -32.57 52.57
N ILE A 256 31.97 -31.68 52.19
CA ILE A 256 32.61 -31.77 50.88
C ILE A 256 33.51 -33.00 50.81
N ARG A 257 33.99 -33.50 51.96
CA ARG A 257 34.95 -34.59 52.10
C ARG A 257 34.53 -35.82 51.30
N PRO A 258 35.26 -36.17 50.24
CA PRO A 258 34.88 -37.32 49.42
C PRO A 258 35.13 -38.65 50.14
N GLN A 259 34.44 -39.67 49.65
CA GLN A 259 34.61 -41.03 50.14
C GLN A 259 34.24 -41.99 49.02
N ILE A 260 34.50 -43.29 49.26
CA ILE A 260 34.24 -44.30 48.24
C ILE A 260 32.75 -44.49 48.03
N ASP A 261 31.97 -44.51 49.11
CA ASP A 261 30.53 -44.75 49.02
C ASP A 261 29.84 -43.50 48.48
N LEU A 262 29.14 -43.65 47.36
CA LEU A 262 28.42 -42.51 46.78
C LEU A 262 27.17 -42.17 47.57
N LYS A 263 26.44 -43.18 48.02
CA LYS A 263 25.20 -43.02 48.82
C LYS A 263 24.20 -42.10 48.10
N ARG A 264 24.12 -42.25 46.78
CA ARG A 264 23.23 -41.47 45.92
C ARG A 264 23.46 -39.96 46.05
N TYR A 265 24.69 -39.58 46.42
CA TYR A 265 25.11 -38.17 46.54
C TYR A 265 24.24 -37.46 47.55
N ALA A 266 23.58 -36.35 47.19
CA ALA A 266 22.77 -35.51 48.08
C ALA A 266 23.58 -34.84 49.17
N VAL A 267 24.19 -35.62 50.08
CA VAL A 267 24.96 -35.04 51.17
C VAL A 267 26.32 -34.48 50.71
N PRO A 268 27.00 -34.98 49.67
CA PRO A 268 28.09 -34.20 49.10
C PRO A 268 27.68 -33.26 47.98
N SER A 269 26.40 -32.94 47.85
CA SER A 269 25.92 -31.97 46.87
C SER A 269 25.34 -30.73 47.52
N ALA A 270 24.60 -30.90 48.63
CA ALA A 270 24.05 -29.75 49.34
C ALA A 270 25.16 -28.88 49.91
N GLY A 271 26.24 -29.50 50.38
CA GLY A 271 27.37 -28.73 50.89
C GLY A 271 28.03 -27.89 49.82
N LEU A 272 28.24 -28.46 48.63
CA LEU A 272 28.80 -27.69 47.53
C LEU A 272 27.84 -26.59 47.08
N ARG A 273 26.53 -26.85 47.12
CA ARG A 273 25.57 -25.80 46.80
C ARG A 273 25.68 -24.64 47.79
N LEU A 274 25.77 -24.96 49.09
CA LEU A 274 25.90 -23.93 50.11
C LEU A 274 27.20 -23.14 49.91
N PHE A 275 28.32 -23.84 49.70
CA PHE A 275 29.58 -23.12 49.45
C PHE A 275 29.40 -22.20 48.26
N ALA A 276 28.90 -22.73 47.13
CA ALA A 276 28.80 -21.92 45.93
C ALA A 276 27.95 -20.67 46.18
N LEU A 277 26.85 -20.80 46.91
CA LEU A 277 25.99 -19.65 47.16
C LEU A 277 26.48 -18.77 48.31
N HIS A 278 27.42 -19.25 49.13
CA HIS A 278 27.86 -18.51 50.31
C HIS A 278 29.37 -18.57 50.47
N ALA A 279 30.12 -18.46 49.39
CA ALA A 279 31.58 -18.43 49.62
C ALA A 279 31.96 -17.08 50.22
N SER A 280 31.22 -16.01 49.89
CA SER A 280 31.59 -14.68 50.35
C SER A 280 31.49 -14.57 51.87
N GLN A 281 30.93 -15.58 52.52
CA GLN A 281 30.64 -15.53 53.95
C GLN A 281 31.67 -16.30 54.78
N PHE A 282 32.68 -16.86 54.11
CA PHE A 282 33.75 -17.57 54.83
C PHE A 282 35.07 -16.92 54.43
N SER A 283 35.32 -15.71 54.94
CA SER A 283 36.54 -15.00 54.48
C SER A 283 37.71 -15.43 55.33
N THR A 284 38.70 -16.05 54.70
CA THR A 284 39.94 -16.54 55.35
C THR A 284 39.67 -17.97 55.82
N CYS A 285 38.40 -18.36 55.88
CA CYS A 285 38.15 -19.79 56.15
C CYS A 285 38.67 -20.55 54.93
N LEU A 286 38.34 -20.02 53.74
CA LEU A 286 38.83 -20.61 52.47
C LEU A 286 40.34 -20.44 52.41
N LEU A 287 40.82 -19.27 52.82
CA LEU A 287 42.27 -18.96 52.72
C LEU A 287 43.12 -19.89 53.58
N ASP A 288 42.67 -20.21 54.80
CA ASP A 288 43.54 -20.97 55.74
C ASP A 288 43.75 -22.42 55.29
N ASN A 289 43.02 -22.88 54.28
CA ASN A 289 43.14 -24.28 53.84
C ASN A 289 42.91 -24.32 52.33
N TYR A 290 43.57 -23.40 51.62
CA TYR A 290 43.30 -23.26 50.16
C TYR A 290 43.72 -24.51 49.40
N VAL A 291 44.88 -25.08 49.70
CA VAL A 291 45.37 -26.20 48.90
C VAL A 291 44.37 -27.36 48.93
N SER A 292 43.94 -27.75 50.13
CA SER A 292 43.00 -28.87 50.26
C SER A 292 41.66 -28.54 49.64
N LEU A 293 41.21 -27.29 49.83
CA LEU A 293 39.90 -26.87 49.27
C LEU A 293 39.98 -26.93 47.76
N PHE A 294 41.05 -26.39 47.19
CA PHE A 294 41.21 -26.37 45.74
C PHE A 294 41.28 -27.78 45.17
N GLU A 295 42.04 -28.67 45.81
CA GLU A 295 42.19 -30.02 45.28
C GLU A 295 40.88 -30.80 45.41
N VAL A 296 40.13 -30.59 46.48
CA VAL A 296 38.86 -31.29 46.63
C VAL A 296 37.82 -30.78 45.63
N LEU A 297 37.78 -29.47 45.42
CA LEU A 297 36.86 -28.93 44.41
C LEU A 297 37.25 -29.38 43.01
N LEU A 298 38.54 -29.50 42.72
CA LEU A 298 38.96 -30.04 41.44
C LEU A 298 38.55 -31.50 41.29
N LYS A 299 38.69 -32.28 42.37
CA LYS A 299 38.29 -33.69 42.32
C LYS A 299 36.79 -33.82 42.07
N TRP A 300 35.98 -32.97 42.71
CA TRP A 300 34.55 -32.97 42.44
C TRP A 300 34.24 -32.47 41.03
N CYS A 301 35.05 -31.55 40.49
CA CYS A 301 34.88 -31.12 39.11
C CYS A 301 35.25 -32.21 38.12
N ALA A 302 36.07 -33.18 38.53
CA ALA A 302 36.39 -34.33 37.68
C ALA A 302 35.58 -35.52 38.16
N HIS A 303 34.34 -35.61 37.67
CA HIS A 303 33.44 -36.70 38.03
C HIS A 303 32.59 -37.04 36.81
N THR A 304 31.56 -37.86 37.02
CA THR A 304 30.68 -38.31 35.95
C THR A 304 29.23 -37.87 36.11
N ASN A 305 28.81 -37.42 37.29
CA ASN A 305 27.45 -36.95 37.49
C ASN A 305 27.29 -35.61 36.77
N VAL A 306 26.04 -35.20 36.57
CA VAL A 306 25.72 -33.97 35.86
C VAL A 306 25.39 -32.84 36.83
N GLU A 307 24.43 -33.06 37.75
CA GLU A 307 24.10 -32.04 38.74
C GLU A 307 25.27 -31.80 39.68
N LEU A 308 25.97 -32.86 40.07
CA LEU A 308 27.17 -32.70 40.88
C LEU A 308 28.27 -31.99 40.09
N LYS A 309 28.34 -32.21 38.78
CA LYS A 309 29.28 -31.47 37.94
C LYS A 309 28.98 -29.98 37.96
N LYS A 310 27.70 -29.62 37.82
CA LYS A 310 27.32 -28.21 37.85
C LYS A 310 27.60 -27.60 39.22
N ALA A 311 27.29 -28.34 40.29
CA ALA A 311 27.55 -27.85 41.64
C ALA A 311 29.04 -27.64 41.87
N ALA A 312 29.87 -28.58 41.42
CA ALA A 312 31.31 -28.46 41.58
C ALA A 312 31.86 -27.27 40.78
N LEU A 313 31.37 -27.09 39.55
CA LEU A 313 31.82 -25.96 38.75
C LEU A 313 31.44 -24.63 39.40
N SER A 314 30.21 -24.51 39.89
CA SER A 314 29.80 -23.27 40.54
C SER A 314 30.58 -23.02 41.83
N ALA A 315 30.82 -24.08 42.62
CA ALA A 315 31.57 -23.92 43.85
C ALA A 315 33.01 -23.50 43.57
N LEU A 316 33.64 -24.12 42.56
CA LEU A 316 35.00 -23.73 42.20
C LEU A 316 35.06 -22.30 41.68
N GLU A 317 34.04 -21.90 40.90
CA GLU A 317 33.99 -20.53 40.40
C GLU A 317 33.88 -19.53 41.54
N SER A 318 33.00 -19.80 42.50
CA SER A 318 32.85 -18.89 43.64
C SER A 318 34.12 -18.85 44.49
N PHE A 319 34.71 -20.00 44.77
CA PHE A 319 35.99 -20.05 45.51
C PHE A 319 37.01 -19.17 44.78
N LEU A 320 37.25 -19.45 43.49
CA LEU A 320 38.28 -18.72 42.77
C LEU A 320 37.99 -17.22 42.75
N LYS A 321 36.71 -16.85 42.61
CA LYS A 321 36.36 -15.43 42.64
C LYS A 321 36.70 -14.80 43.98
N GLN A 322 36.40 -15.48 45.08
CA GLN A 322 36.69 -14.90 46.41
C GLN A 322 38.20 -14.76 46.53
N VAL A 323 38.93 -15.86 46.32
CA VAL A 323 40.38 -15.82 46.49
C VAL A 323 40.97 -14.70 45.64
N SER A 324 40.50 -14.58 44.39
CA SER A 324 40.99 -13.52 43.52
C SER A 324 40.69 -12.14 44.09
N ASN A 325 39.51 -11.97 44.67
CA ASN A 325 39.16 -10.68 45.26
C ASN A 325 40.09 -10.33 46.43
N MET A 326 40.29 -11.28 47.35
CA MET A 326 41.15 -10.98 48.50
C MET A 326 42.60 -10.76 48.08
N VAL A 327 43.11 -11.55 47.14
CA VAL A 327 44.49 -11.34 46.68
C VAL A 327 44.62 -10.01 45.96
N ALA A 328 43.67 -9.66 45.09
CA ALA A 328 43.73 -8.36 44.42
C ALA A 328 43.63 -7.21 45.41
N LYS A 329 42.97 -7.43 46.54
CA LYS A 329 42.91 -6.40 47.58
C LYS A 329 44.23 -6.31 48.34
N ASN A 330 44.90 -7.43 48.57
CA ASN A 330 46.07 -7.49 49.45
C ASN A 330 47.21 -8.27 48.80
N ALA A 331 47.55 -7.89 47.56
CA ALA A 331 48.55 -8.63 46.78
C ALA A 331 49.97 -8.50 47.30
N GLU A 332 50.25 -7.59 48.24
CA GLU A 332 51.61 -7.41 48.71
C GLU A 332 52.06 -8.59 49.57
N MET A 333 51.38 -8.83 50.69
CA MET A 333 51.75 -9.93 51.57
C MET A 333 51.30 -11.28 51.03
N HIS A 334 50.24 -11.33 50.23
CA HIS A 334 49.75 -12.60 49.67
C HIS A 334 50.52 -12.88 48.39
N LYS A 335 51.54 -13.73 48.49
CA LYS A 335 52.37 -14.09 47.35
C LYS A 335 52.48 -15.60 47.15
N ASN A 336 52.56 -16.37 48.23
CA ASN A 336 52.67 -17.83 48.09
C ASN A 336 51.39 -18.43 47.53
N LYS A 337 50.23 -17.93 47.96
CA LYS A 337 48.96 -18.41 47.44
C LYS A 337 48.84 -18.12 45.94
N LEU A 338 49.19 -16.90 45.54
CA LEU A 338 49.17 -16.56 44.12
C LEU A 338 50.15 -17.42 43.33
N GLN A 339 51.34 -17.65 43.89
CA GLN A 339 52.32 -18.50 43.22
C GLN A 339 51.80 -19.91 43.01
N TYR A 340 51.17 -20.49 44.04
CA TYR A 340 50.62 -21.84 43.92
C TYR A 340 49.51 -21.90 42.89
N PHE A 341 48.55 -20.97 42.98
CA PHE A 341 47.41 -20.97 42.07
C PHE A 341 47.86 -20.79 40.63
N MET A 342 48.76 -19.83 40.39
CA MET A 342 49.19 -19.58 39.02
C MET A 342 50.14 -20.64 38.51
N GLU A 343 50.88 -21.33 39.39
CA GLU A 343 51.68 -22.47 38.95
C GLU A 343 50.78 -23.61 38.51
N GLN A 344 49.70 -23.86 39.26
CA GLN A 344 48.74 -24.88 38.83
C GLN A 344 48.10 -24.51 37.50
N PHE A 345 47.72 -23.24 37.34
CA PHE A 345 47.13 -22.79 36.08
C PHE A 345 48.12 -22.90 34.93
N TYR A 346 49.38 -22.53 35.17
CA TYR A 346 50.41 -22.67 34.14
C TYR A 346 50.60 -24.12 33.72
N GLY A 347 50.65 -25.02 34.70
CA GLY A 347 50.81 -26.44 34.37
C GLY A 347 49.64 -26.98 33.59
N ILE A 348 48.42 -26.61 33.98
CA ILE A 348 47.24 -27.07 33.27
C ILE A 348 47.22 -26.54 31.84
N ILE A 349 47.51 -25.25 31.67
CA ILE A 349 47.46 -24.64 30.35
C ILE A 349 48.53 -25.21 29.44
N ARG A 350 49.76 -25.35 29.94
CA ARG A 350 50.85 -25.88 29.12
C ARG A 350 50.73 -27.39 28.91
N ASN A 351 49.94 -28.08 29.74
CA ASN A 351 49.67 -29.49 29.51
C ASN A 351 48.84 -29.64 28.25
N VAL A 352 49.45 -30.14 27.17
CA VAL A 352 48.77 -30.24 25.89
C VAL A 352 47.71 -31.34 25.90
N ASP A 353 47.80 -32.29 26.82
CA ASP A 353 46.81 -33.36 26.94
C ASP A 353 45.75 -32.99 27.98
N SER A 354 45.07 -31.88 27.72
CA SER A 354 44.05 -31.35 28.60
C SER A 354 42.66 -31.54 27.99
N ASN A 355 41.64 -31.37 28.82
CA ASN A 355 40.25 -31.47 28.41
C ASN A 355 39.62 -30.08 28.37
N ASN A 356 38.35 -30.04 27.99
CA ASN A 356 37.67 -28.75 27.81
C ASN A 356 37.33 -28.11 29.15
N LYS A 357 36.87 -28.91 30.12
CA LYS A 357 36.49 -28.34 31.42
C LYS A 357 37.71 -27.84 32.17
N GLU A 358 38.80 -28.61 32.16
CA GLU A 358 40.03 -28.19 32.83
C GLU A 358 40.60 -26.93 32.19
N LEU A 359 40.56 -26.86 30.85
CA LEU A 359 40.99 -25.65 30.16
C LEU A 359 40.10 -24.47 30.52
N SER A 360 38.80 -24.69 30.66
CA SER A 360 37.87 -23.62 31.01
C SER A 360 38.19 -23.06 32.41
N ILE A 361 38.40 -23.95 33.37
CA ILE A 361 38.72 -23.47 34.73
C ILE A 361 40.09 -22.80 34.75
N ALA A 362 41.05 -23.28 33.96
CA ALA A 362 42.36 -22.63 33.89
C ALA A 362 42.24 -21.23 33.29
N ILE A 363 41.43 -21.08 32.26
CA ILE A 363 41.27 -19.78 31.62
C ILE A 363 40.54 -18.82 32.54
N ARG A 364 39.55 -19.33 33.30
CA ARG A 364 38.88 -18.51 34.31
C ARG A 364 39.87 -18.04 35.38
N GLY A 365 40.75 -18.94 35.82
CA GLY A 365 41.77 -18.54 36.78
C GLY A 365 42.76 -17.54 36.21
N TYR A 366 43.08 -17.68 34.92
CA TYR A 366 43.91 -16.69 34.23
C TYR A 366 43.25 -15.32 34.26
N GLY A 367 41.95 -15.28 33.95
CA GLY A 367 41.24 -14.01 33.93
C GLY A 367 41.11 -13.39 35.30
N LEU A 368 40.87 -14.20 36.33
CA LEU A 368 40.66 -13.65 37.66
C LEU A 368 41.96 -13.16 38.28
N PHE A 369 43.05 -13.92 38.12
CA PHE A 369 44.33 -13.60 38.75
C PHE A 369 45.23 -12.92 37.72
N ALA A 370 44.97 -11.63 37.48
CA ALA A 370 45.77 -10.84 36.56
C ALA A 370 46.43 -9.64 37.25
N GLY A 371 45.68 -8.88 38.04
CA GLY A 371 46.21 -7.72 38.72
C GLY A 371 47.32 -8.02 39.72
N PRO A 372 47.10 -8.98 40.61
CA PRO A 372 48.22 -9.41 41.49
C PRO A 372 49.43 -9.89 40.72
N CYS A 373 49.23 -10.61 39.61
CA CYS A 373 50.36 -11.04 38.80
C CYS A 373 51.10 -9.84 38.23
N LYS A 374 50.37 -8.81 37.81
CA LYS A 374 51.01 -7.60 37.31
C LYS A 374 51.82 -6.90 38.40
N VAL A 375 51.26 -6.80 39.61
CA VAL A 375 51.97 -6.06 40.66
C VAL A 375 53.18 -6.84 41.16
N ILE A 376 53.15 -8.17 41.13
CA ILE A 376 54.34 -8.93 41.52
C ILE A 376 55.44 -8.78 40.45
N ASN A 377 55.07 -8.90 39.18
CA ASN A 377 56.05 -8.80 38.10
C ASN A 377 55.35 -8.39 36.81
N ALA A 378 56.00 -7.50 36.06
CA ALA A 378 55.37 -6.95 34.86
C ALA A 378 55.34 -7.94 33.70
N LYS A 379 56.30 -8.87 33.64
CA LYS A 379 56.46 -9.74 32.48
C LYS A 379 55.56 -10.96 32.48
N ASP A 380 54.80 -11.21 33.54
CA ASP A 380 53.96 -12.40 33.58
C ASP A 380 52.75 -12.26 32.68
N VAL A 381 52.13 -11.08 32.67
CA VAL A 381 50.88 -10.88 31.94
C VAL A 381 51.08 -11.06 30.45
N ASP A 382 52.29 -10.76 29.95
CA ASP A 382 52.57 -10.97 28.52
C ASP A 382 52.52 -12.46 28.17
N PHE A 383 53.12 -13.30 29.01
CA PHE A 383 53.06 -14.75 28.78
C PHE A 383 51.64 -15.26 28.90
N MET A 384 50.89 -14.77 29.90
CA MET A 384 49.48 -15.17 30.01
C MET A 384 48.71 -14.78 28.77
N TYR A 385 48.91 -13.56 28.26
CA TYR A 385 48.20 -13.09 27.08
C TYR A 385 48.53 -13.94 25.85
N VAL A 386 49.81 -14.23 25.64
CA VAL A 386 50.18 -14.96 24.42
C VAL A 386 49.69 -16.40 24.50
N GLU A 387 49.77 -17.03 25.69
CA GLU A 387 49.27 -18.40 25.83
C GLU A 387 47.75 -18.44 25.63
N LEU A 388 47.02 -17.49 26.22
CA LEU A 388 45.57 -17.46 26.08
C LEU A 388 45.17 -17.23 24.63
N ILE A 389 45.86 -16.32 23.93
CA ILE A 389 45.54 -16.04 22.53
C ILE A 389 45.83 -17.25 21.66
N GLN A 390 46.94 -17.94 21.91
CA GLN A 390 47.25 -19.14 21.13
C GLN A 390 46.21 -20.23 21.36
N ARG A 391 45.78 -20.43 22.61
CA ARG A 391 44.74 -21.41 22.88
C ARG A 391 43.42 -21.04 22.20
N CYS A 392 43.06 -19.76 22.24
CA CYS A 392 41.82 -19.32 21.60
C CYS A 392 41.89 -19.50 20.09
N LYS A 393 43.04 -19.23 19.49
CA LYS A 393 43.21 -19.48 18.05
C LYS A 393 43.12 -20.96 17.74
N GLN A 394 43.70 -21.81 18.59
CA GLN A 394 43.65 -23.25 18.37
C GLN A 394 42.23 -23.78 18.42
N MET A 395 41.44 -23.32 19.40
CA MET A 395 40.14 -23.94 19.64
C MET A 395 39.01 -23.31 18.84
N PHE A 396 39.04 -22.00 18.61
CA PHE A 396 37.92 -21.33 17.96
C PHE A 396 38.14 -21.08 16.47
N LEU A 397 39.27 -20.48 16.09
CA LEU A 397 39.53 -20.14 14.70
C LEU A 397 40.08 -21.34 13.93
N THR A 398 39.28 -22.41 13.90
CA THR A 398 39.63 -23.65 13.23
C THR A 398 38.47 -24.13 12.38
N GLN A 399 38.81 -24.92 11.36
CA GLN A 399 37.83 -25.50 10.44
C GLN A 399 37.43 -26.92 10.82
N THR A 400 38.07 -27.51 11.83
CA THR A 400 37.92 -28.92 12.16
C THR A 400 36.50 -29.30 12.53
N ASP A 401 36.03 -28.81 13.68
CA ASP A 401 34.65 -29.01 14.16
C ASP A 401 34.26 -30.49 14.16
N THR A 402 34.96 -31.26 15.01
CA THR A 402 34.62 -32.66 15.19
C THR A 402 33.20 -32.81 15.71
N GLY A 403 32.81 -31.96 16.65
CA GLY A 403 31.48 -31.93 17.22
C GLY A 403 31.54 -31.79 18.72
N ASP A 404 30.99 -30.68 19.21
CA ASP A 404 31.00 -30.27 20.60
C ASP A 404 30.15 -29.02 20.71
N ASP A 405 30.13 -28.37 21.87
CA ASP A 405 29.52 -27.05 21.91
C ASP A 405 30.39 -26.08 21.13
N ARG A 406 31.61 -25.83 21.63
CA ARG A 406 32.65 -25.05 20.96
C ARG A 406 32.23 -23.60 20.70
N VAL A 407 31.00 -23.25 21.09
CA VAL A 407 30.52 -21.88 21.00
C VAL A 407 29.87 -21.40 22.29
N TYR A 408 29.48 -22.30 23.19
CA TYR A 408 28.93 -21.93 24.50
C TYR A 408 30.04 -21.55 25.48
N GLN A 409 31.30 -21.60 25.05
CA GLN A 409 32.43 -21.28 25.91
C GLN A 409 33.21 -20.05 25.44
N MET A 410 32.91 -19.51 24.26
CA MET A 410 33.65 -18.34 23.76
C MET A 410 33.47 -17.10 24.62
N PRO A 411 32.26 -16.71 25.06
CA PRO A 411 32.17 -15.55 25.96
C PRO A 411 32.94 -15.72 27.26
N SER A 412 32.94 -16.93 27.81
CA SER A 412 33.69 -17.19 29.04
C SER A 412 35.20 -17.04 28.81
N PHE A 413 35.65 -17.20 27.57
CA PHE A 413 37.05 -17.02 27.22
C PHE A 413 37.34 -15.58 26.83
N LEU A 414 36.38 -14.90 26.20
CA LEU A 414 36.54 -13.51 25.82
C LEU A 414 36.61 -12.61 27.06
N GLN A 415 35.77 -12.89 28.06
CA GLN A 415 35.83 -12.12 29.30
C GLN A 415 37.17 -12.32 30.01
N SER A 416 37.81 -13.47 29.81
CA SER A 416 39.08 -13.73 30.46
C SER A 416 40.25 -13.10 29.71
N VAL A 417 40.19 -13.08 28.37
CA VAL A 417 41.25 -12.41 27.63
C VAL A 417 41.12 -10.90 27.76
N ALA A 418 39.91 -10.40 28.01
CA ALA A 418 39.72 -8.96 28.17
C ALA A 418 40.47 -8.43 29.39
N SER A 419 40.48 -9.19 30.48
CA SER A 419 41.19 -8.74 31.69
C SER A 419 42.70 -8.67 31.44
N VAL A 420 43.27 -9.69 30.80
CA VAL A 420 44.70 -9.68 30.52
C VAL A 420 45.04 -8.57 29.54
N LEU A 421 44.15 -8.29 28.58
CA LEU A 421 44.37 -7.14 27.70
C LEU A 421 44.31 -5.83 28.48
N LEU A 422 43.45 -5.76 29.49
CA LEU A 422 43.36 -4.55 30.32
C LEU A 422 44.63 -4.35 31.14
N TYR A 423 45.22 -5.43 31.64
CA TYR A 423 46.39 -5.34 32.52
C TYR A 423 47.71 -5.50 31.75
N LEU A 424 47.78 -5.00 30.53
CA LEU A 424 48.99 -5.08 29.72
C LEU A 424 49.55 -3.69 29.48
N ASP A 425 50.85 -3.52 29.78
CA ASP A 425 51.49 -2.24 29.50
C ASP A 425 51.62 -2.01 28.00
N THR A 426 52.11 -3.01 27.27
CA THR A 426 52.20 -2.97 25.83
C THR A 426 51.54 -4.21 25.24
N VAL A 427 51.08 -4.10 24.01
CA VAL A 427 50.32 -5.13 23.33
C VAL A 427 51.17 -5.69 22.19
N PRO A 428 51.36 -7.00 22.10
CA PRO A 428 52.03 -7.57 20.93
C PRO A 428 51.25 -7.28 19.66
N GLU A 429 51.96 -6.73 18.66
CA GLU A 429 51.32 -6.26 17.44
C GLU A 429 50.88 -7.37 16.51
N VAL A 430 51.26 -8.62 16.78
CA VAL A 430 51.01 -9.72 15.85
C VAL A 430 49.75 -10.51 16.19
N TYR A 431 49.24 -10.41 17.42
CA TYR A 431 48.04 -11.13 17.81
C TYR A 431 46.78 -10.27 17.71
N THR A 432 46.92 -9.01 17.33
CA THR A 432 45.76 -8.16 17.08
C THR A 432 44.82 -8.71 16.01
N PRO A 433 45.28 -9.23 14.86
CA PRO A 433 44.33 -9.88 13.93
C PRO A 433 43.61 -11.06 14.55
N VAL A 434 44.28 -11.84 15.40
CA VAL A 434 43.62 -12.96 16.08
C VAL A 434 42.51 -12.46 16.99
N LEU A 435 42.80 -11.40 17.75
CA LEU A 435 41.78 -10.82 18.62
C LEU A 435 40.60 -10.27 17.81
N GLU A 436 40.90 -9.59 16.70
CA GLU A 436 39.84 -9.06 15.86
C GLU A 436 38.96 -10.18 15.29
N HIS A 437 39.58 -11.27 14.83
CA HIS A 437 38.82 -12.40 14.32
C HIS A 437 37.98 -13.02 15.42
N LEU A 438 38.53 -13.11 16.64
CA LEU A 438 37.77 -13.68 17.76
C LEU A 438 36.53 -12.85 18.05
N VAL A 439 36.68 -11.52 18.09
CA VAL A 439 35.53 -10.66 18.41
C VAL A 439 34.51 -10.69 17.27
N VAL A 440 34.98 -10.71 16.02
CA VAL A 440 34.06 -10.75 14.88
C VAL A 440 33.27 -12.06 14.88
N MET A 441 33.94 -13.19 15.17
CA MET A 441 33.25 -14.47 15.22
C MET A 441 32.28 -14.53 16.41
N GLN A 442 32.64 -13.90 17.53
CA GLN A 442 31.72 -13.81 18.66
C GLN A 442 30.46 -13.03 18.29
N ILE A 443 30.63 -11.92 17.57
CA ILE A 443 29.48 -11.14 17.11
C ILE A 443 28.64 -11.98 16.15
N ASP A 444 29.28 -12.74 15.26
CA ASP A 444 28.54 -13.54 14.25
C ASP A 444 27.78 -14.67 14.92
N SER A 445 28.33 -15.26 15.98
CA SER A 445 27.71 -16.40 16.64
C SER A 445 26.65 -16.01 17.67
N PHE A 446 26.11 -14.79 17.60
CA PHE A 446 25.12 -14.35 18.58
C PHE A 446 23.85 -15.19 18.61
N PRO A 447 23.12 -15.46 17.46
CA PRO A 447 21.83 -16.16 17.54
C PRO A 447 21.94 -17.68 17.69
N GLN A 448 22.82 -18.12 18.59
CA GLN A 448 22.99 -19.53 18.89
C GLN A 448 22.97 -19.78 20.40
N TYR A 449 22.40 -18.86 21.17
CA TYR A 449 22.47 -18.91 22.62
C TYR A 449 21.09 -18.74 23.23
N SER A 450 20.97 -19.19 24.49
CA SER A 450 19.85 -18.82 25.32
C SER A 450 19.97 -17.34 25.71
N PRO A 451 18.86 -16.70 26.10
CA PRO A 451 18.92 -15.25 26.39
C PRO A 451 19.94 -14.87 27.47
N LYS A 452 20.11 -15.67 28.51
CA LYS A 452 21.11 -15.35 29.52
C LYS A 452 22.52 -15.46 28.96
N MET A 453 22.78 -16.51 28.17
CA MET A 453 24.07 -16.62 27.50
C MET A 453 24.24 -15.52 26.46
N GLN A 454 23.15 -15.05 25.86
CA GLN A 454 23.24 -13.91 24.96
C GLN A 454 23.69 -12.65 25.71
N LEU A 455 23.11 -12.41 26.89
CA LEU A 455 23.53 -11.27 27.70
C LEU A 455 24.99 -11.41 28.12
N VAL A 456 25.41 -12.63 28.44
CA VAL A 456 26.83 -12.88 28.74
C VAL A 456 27.70 -12.52 27.53
N CYS A 457 27.24 -12.87 26.33
CA CYS A 457 28.01 -12.57 25.11
C CYS A 457 28.14 -11.06 24.90
N CYS A 458 27.03 -10.32 25.05
CA CYS A 458 27.12 -8.87 24.91
C CYS A 458 27.99 -8.24 25.99
N ARG A 459 27.94 -8.76 27.22
CA ARG A 459 28.80 -8.24 28.26
C ARG A 459 30.27 -8.50 27.94
N ALA A 460 30.58 -9.68 27.38
CA ALA A 460 31.94 -9.98 26.94
C ALA A 460 32.39 -9.02 25.86
N ILE A 461 31.52 -8.75 24.88
CA ILE A 461 31.86 -7.83 23.80
C ILE A 461 32.10 -6.43 24.35
N VAL A 462 31.27 -5.99 25.30
CA VAL A 462 31.44 -4.68 25.91
C VAL A 462 32.77 -4.59 26.65
N LYS A 463 33.11 -5.63 27.42
CA LYS A 463 34.36 -5.63 28.16
C LYS A 463 35.56 -5.60 27.21
N VAL A 464 35.50 -6.37 26.13
CA VAL A 464 36.61 -6.37 25.16
C VAL A 464 36.71 -5.01 24.47
N PHE A 465 35.57 -4.37 24.18
CA PHE A 465 35.61 -3.05 23.58
C PHE A 465 36.23 -2.02 24.52
N LEU A 466 35.90 -2.09 25.82
CA LEU A 466 36.53 -1.19 26.77
C LEU A 466 38.03 -1.43 26.87
N ALA A 467 38.44 -2.71 26.91
CA ALA A 467 39.86 -3.03 26.98
C ALA A 467 40.60 -2.54 25.74
N LEU A 468 39.95 -2.65 24.57
CA LEU A 468 40.57 -2.22 23.34
C LEU A 468 40.67 -0.70 23.28
N ALA A 469 39.61 0.01 23.66
CA ALA A 469 39.58 1.45 23.58
C ALA A 469 40.41 2.13 24.66
N ALA A 470 40.74 1.43 25.75
CA ALA A 470 41.53 2.00 26.83
C ALA A 470 43.02 1.76 26.66
N LYS A 471 43.50 1.60 25.42
CA LYS A 471 44.90 1.28 25.16
C LYS A 471 45.59 2.26 24.24
N GLY A 472 44.94 2.71 23.17
CA GLY A 472 45.56 3.62 22.23
C GLY A 472 44.69 3.90 21.02
N PRO A 473 45.07 4.92 20.25
CA PRO A 473 44.28 5.29 19.05
C PRO A 473 44.21 4.19 18.00
N VAL A 474 45.26 3.38 17.84
CA VAL A 474 45.26 2.35 16.82
C VAL A 474 44.26 1.26 17.16
N LEU A 475 44.13 0.92 18.44
CA LEU A 475 43.17 -0.09 18.86
C LEU A 475 41.74 0.40 18.73
N ARG A 476 41.52 1.72 18.73
CA ARG A 476 40.22 2.25 18.35
C ARG A 476 39.92 1.95 16.87
N ASN A 477 40.94 2.05 16.01
CA ASN A 477 40.78 1.63 14.63
C ASN A 477 40.51 0.14 14.52
N CYS A 478 41.11 -0.66 15.42
CA CYS A 478 40.78 -2.08 15.47
C CYS A 478 39.32 -2.30 15.84
N ILE A 479 38.81 -1.52 16.79
CA ILE A 479 37.39 -1.56 17.14
C ILE A 479 36.53 -1.23 15.92
N SER A 480 36.93 -0.20 15.17
CA SER A 480 36.19 0.20 13.98
C SER A 480 36.16 -0.92 12.95
N THR A 481 37.30 -1.57 12.72
CA THR A 481 37.36 -2.68 11.77
C THR A 481 36.49 -3.84 12.23
N VAL A 482 36.48 -4.12 13.54
CA VAL A 482 35.66 -5.20 14.07
C VAL A 482 34.18 -4.91 13.83
N VAL A 483 33.75 -3.68 14.11
CA VAL A 483 32.36 -3.30 13.90
C VAL A 483 31.99 -3.38 12.43
N HIS A 484 32.86 -2.89 11.55
CA HIS A 484 32.58 -2.91 10.12
C HIS A 484 32.46 -4.34 9.60
N GLN A 485 33.37 -5.22 10.01
CA GLN A 485 33.33 -6.61 9.58
C GLN A 485 32.09 -7.32 10.11
N GLY A 486 31.71 -7.06 11.36
CA GLY A 486 30.50 -7.64 11.89
C GLY A 486 29.26 -7.18 11.14
N LEU A 487 29.21 -5.90 10.81
CA LEU A 487 28.08 -5.40 10.02
C LEU A 487 28.03 -6.04 8.64
N ILE A 488 29.19 -6.20 8.00
CA ILE A 488 29.23 -6.86 6.69
C ILE A 488 28.72 -8.29 6.79
N ARG A 489 29.19 -9.03 7.81
CA ARG A 489 28.78 -10.41 7.96
C ARG A 489 27.29 -10.53 8.25
N ILE A 490 26.73 -9.60 9.03
CA ILE A 490 25.30 -9.61 9.29
C ILE A 490 24.51 -9.28 8.02
N CYS A 491 25.00 -8.33 7.23
CA CYS A 491 24.30 -7.94 6.01
C CYS A 491 24.37 -9.02 4.94
N SER A 492 25.40 -9.87 4.97
CA SER A 492 25.56 -10.88 3.93
C SER A 492 24.67 -12.09 4.13
N LYS A 493 23.95 -12.18 5.24
CA LYS A 493 23.05 -13.30 5.48
C LYS A 493 21.85 -13.21 4.53
N PRO A 494 21.22 -14.35 4.22
CA PRO A 494 20.12 -14.33 3.23
C PRO A 494 18.92 -13.53 3.70
N VAL A 495 18.23 -12.94 2.73
CA VAL A 495 17.15 -11.99 2.97
C VAL A 495 15.91 -12.73 3.45
N VAL A 496 15.23 -12.16 4.45
CA VAL A 496 13.95 -12.69 4.92
C VAL A 496 12.95 -12.70 3.77
N LEU A 497 12.34 -13.85 3.53
CA LEU A 497 11.39 -13.98 2.43
C LEU A 497 10.15 -13.13 2.70
N PRO A 498 9.71 -12.30 1.74
CA PRO A 498 8.51 -11.49 1.98
C PRO A 498 7.25 -12.29 2.20
N LYS A 499 7.19 -13.52 1.68
CA LYS A 499 6.03 -14.37 1.87
C LYS A 499 5.94 -14.82 3.33
N GLY A 500 4.72 -15.18 3.73
CA GLY A 500 4.47 -15.64 5.08
C GLY A 500 5.19 -16.94 5.39
N PRO A 501 5.66 -17.07 6.63
CA PRO A 501 6.39 -18.29 7.04
C PRO A 501 5.50 -19.45 7.43
N GLU A 502 4.20 -19.39 7.10
CA GLU A 502 3.23 -20.44 7.39
C GLU A 502 3.15 -20.72 8.89
N SER A 503 2.63 -21.89 9.26
CA SER A 503 2.53 -22.25 10.67
C SER A 503 3.91 -22.57 11.23
N GLU A 504 4.23 -22.01 12.40
CA GLU A 504 5.51 -22.25 13.03
C GLU A 504 5.58 -23.68 13.57
N SER A 505 6.78 -24.27 13.48
CA SER A 505 7.04 -25.64 13.93
C SER A 505 6.08 -26.63 13.25
N GLU A 506 5.93 -26.47 11.93
CA GLU A 506 5.00 -27.33 11.19
C GLU A 506 5.51 -28.76 11.09
N ASP A 507 6.83 -28.97 11.16
CA ASP A 507 7.42 -30.30 11.13
C ASP A 507 8.83 -30.20 11.68
N HIS A 508 9.60 -31.27 11.50
CA HIS A 508 11.00 -31.34 11.94
C HIS A 508 11.94 -31.45 10.75
N ARG A 509 11.69 -30.66 9.71
CA ARG A 509 12.49 -30.60 8.49
C ARG A 509 12.49 -31.93 7.75
N ALA A 510 13.35 -32.05 6.74
CA ALA A 510 13.39 -33.27 5.93
C ALA A 510 13.93 -34.45 6.72
N SER A 511 14.83 -34.21 7.68
CA SER A 511 15.45 -35.25 8.50
C SER A 511 16.16 -36.29 7.62
N GLY A 512 17.18 -35.82 6.91
CA GLY A 512 17.96 -36.66 6.01
C GLY A 512 18.92 -37.56 6.75
N GLU A 513 20.07 -37.80 6.12
CA GLU A 513 21.11 -38.67 6.69
C GLU A 513 21.75 -37.95 7.86
N VAL A 514 21.32 -38.28 9.07
CA VAL A 514 21.77 -37.68 10.33
C VAL A 514 21.69 -36.16 10.24
N ARG A 515 20.48 -35.63 10.11
CA ARG A 515 20.25 -34.19 10.05
C ARG A 515 20.03 -33.68 11.47
N THR A 516 21.12 -33.22 12.10
CA THR A 516 21.07 -32.72 13.46
C THR A 516 21.90 -31.45 13.54
N GLY A 517 22.14 -30.96 14.75
CA GLY A 517 22.90 -29.75 14.95
C GLY A 517 22.05 -28.57 15.37
N LYS A 518 20.85 -28.47 14.77
CA LYS A 518 19.91 -27.38 15.04
C LYS A 518 20.57 -26.01 14.81
N TRP A 519 21.33 -25.91 13.73
CA TRP A 519 22.01 -24.65 13.37
C TRP A 519 21.03 -23.80 12.59
N LYS A 520 20.20 -23.05 13.33
CA LYS A 520 19.23 -22.15 12.71
C LYS A 520 19.93 -21.06 11.93
N VAL A 521 19.46 -20.80 10.72
CA VAL A 521 20.08 -19.79 9.87
C VAL A 521 19.72 -18.40 10.40
N PRO A 522 20.69 -17.53 10.64
CA PRO A 522 20.39 -16.19 11.14
C PRO A 522 19.78 -15.31 10.07
N THR A 523 19.11 -14.26 10.52
CA THR A 523 18.56 -13.22 9.66
C THR A 523 18.97 -11.86 10.22
N TYR A 524 18.46 -10.80 9.62
CA TYR A 524 18.81 -9.45 10.09
C TYR A 524 18.17 -9.16 11.44
N LYS A 525 16.99 -9.72 11.71
CA LYS A 525 16.28 -9.47 12.95
C LYS A 525 16.83 -10.26 14.12
N ASP A 526 17.67 -11.26 13.86
CA ASP A 526 18.28 -12.05 14.94
C ASP A 526 19.41 -11.29 15.63
N TYR A 527 19.99 -10.29 14.97
CA TYR A 527 21.11 -9.53 15.50
C TYR A 527 20.68 -8.18 16.07
N VAL A 528 19.37 -7.93 16.17
CA VAL A 528 18.88 -6.62 16.58
C VAL A 528 19.19 -6.36 18.06
N ASP A 529 19.00 -7.38 18.91
CA ASP A 529 19.20 -7.20 20.34
C ASP A 529 20.66 -6.88 20.67
N LEU A 530 21.60 -7.49 19.95
CA LEU A 530 23.02 -7.31 20.24
C LEU A 530 23.43 -5.85 20.07
N PHE A 531 23.01 -5.22 18.97
CA PHE A 531 23.41 -3.83 18.74
C PHE A 531 22.65 -2.87 19.65
N ARG A 532 21.41 -3.19 20.02
CA ARG A 532 20.69 -2.39 21.01
C ARG A 532 21.45 -2.41 22.35
N HIS A 533 21.89 -3.60 22.77
CA HIS A 533 22.67 -3.70 24.00
C HIS A 533 24.02 -3.01 23.87
N LEU A 534 24.61 -3.04 22.68
CA LEU A 534 25.88 -2.34 22.47
C LEU A 534 25.71 -0.83 22.62
N LEU A 535 24.66 -0.27 22.00
CA LEU A 535 24.42 1.16 22.10
C LEU A 535 23.81 1.57 23.43
N SER A 536 23.36 0.63 24.26
CA SER A 536 22.89 0.91 25.61
C SER A 536 23.73 0.07 26.57
N SER A 537 24.90 0.58 26.95
CA SER A 537 25.88 -0.18 27.72
C SER A 537 26.03 0.29 29.16
N ASP A 538 25.14 1.17 29.63
CA ASP A 538 25.30 1.72 30.98
C ASP A 538 25.11 0.65 32.05
N GLN A 539 24.08 -0.20 31.90
CA GLN A 539 23.85 -1.26 32.88
C GLN A 539 25.02 -2.23 32.92
N MET A 540 25.52 -2.64 31.75
CA MET A 540 26.70 -3.49 31.70
C MET A 540 27.93 -2.76 32.23
N MET A 541 28.00 -1.44 32.03
CA MET A 541 29.11 -0.67 32.57
C MET A 541 29.15 -0.76 34.09
N ASP A 542 28.02 -0.48 34.75
CA ASP A 542 28.02 -0.55 36.21
C ASP A 542 28.14 -1.98 36.71
N SER A 543 27.65 -2.96 35.95
CA SER A 543 27.82 -4.36 36.34
C SER A 543 29.31 -4.75 36.35
N ILE A 544 30.03 -4.37 35.30
CA ILE A 544 31.46 -4.67 35.23
C ILE A 544 32.21 -3.89 36.32
N LEU A 545 31.81 -2.64 36.56
CA LEU A 545 32.48 -1.84 37.59
C LEU A 545 32.27 -2.45 38.98
N ALA A 546 31.07 -2.97 39.25
CA ALA A 546 30.82 -3.63 40.53
C ALA A 546 31.54 -4.98 40.62
N ASP A 547 31.66 -5.70 39.49
CA ASP A 547 32.30 -7.01 39.53
C ASP A 547 33.80 -6.89 39.72
N GLU A 548 34.49 -6.23 38.80
CA GLU A 548 35.94 -6.12 38.83
C GLU A 548 36.37 -4.82 39.49
N ALA A 549 37.60 -4.82 40.00
CA ALA A 549 38.21 -3.67 40.65
C ALA A 549 39.21 -3.05 39.67
N PHE A 550 38.87 -1.89 39.11
CA PHE A 550 39.71 -1.25 38.13
C PHE A 550 39.38 0.24 38.11
N PHE A 551 40.33 1.04 37.61
CA PHE A 551 40.17 2.49 37.55
C PHE A 551 39.26 2.83 36.39
N SER A 552 37.95 2.75 36.65
CA SER A 552 36.94 3.04 35.65
C SER A 552 35.81 3.91 36.19
N VAL A 553 36.03 4.59 37.31
CA VAL A 553 34.99 5.42 37.93
C VAL A 553 35.11 6.81 37.32
N ASN A 554 34.54 6.97 36.14
CA ASN A 554 34.50 8.23 35.41
C ASN A 554 33.56 8.08 34.21
N SER A 555 32.93 9.18 33.82
CA SER A 555 32.01 9.18 32.70
C SER A 555 32.72 9.20 31.34
N SER A 556 34.02 9.50 31.31
CA SER A 556 34.74 9.53 30.04
C SER A 556 34.90 8.14 29.46
N SER A 557 35.32 7.17 30.29
CA SER A 557 35.39 5.78 29.84
C SER A 557 34.01 5.17 29.66
N GLU A 558 33.00 5.69 30.35
CA GLU A 558 31.64 5.21 30.20
C GLU A 558 31.08 5.49 28.80
N SER A 559 31.60 6.50 28.11
CA SER A 559 31.05 6.95 26.84
C SER A 559 31.46 6.02 25.69
N LEU A 560 31.13 4.75 25.86
CA LEU A 560 31.23 3.78 24.77
C LEU A 560 30.05 3.88 23.82
N ASN A 561 28.94 4.48 24.27
CA ASN A 561 27.75 4.61 23.42
C ASN A 561 28.04 5.50 22.21
N HIS A 562 28.68 6.65 22.45
CA HIS A 562 29.02 7.55 21.36
C HIS A 562 29.98 6.89 20.39
N LEU A 563 31.00 6.18 20.91
CA LEU A 563 31.97 5.52 20.06
C LEU A 563 31.29 4.47 19.18
N LEU A 564 30.48 3.60 19.78
CA LEU A 564 29.84 2.53 19.02
C LEU A 564 28.84 3.09 18.02
N TYR A 565 28.12 4.16 18.39
CA TYR A 565 27.19 4.77 17.45
C TYR A 565 27.93 5.37 16.26
N ASP A 566 29.04 6.06 16.50
CA ASP A 566 29.83 6.61 15.41
C ASP A 566 30.37 5.52 14.50
N GLU A 567 30.84 4.41 15.10
CA GLU A 567 31.31 3.29 14.29
C GLU A 567 30.18 2.71 13.45
N PHE A 568 28.98 2.62 14.02
CA PHE A 568 27.84 2.10 13.27
C PHE A 568 27.51 2.97 12.07
N VAL A 569 27.45 4.29 12.27
CA VAL A 569 27.13 5.17 11.14
C VAL A 569 28.24 5.15 10.09
N LYS A 570 29.51 5.11 10.54
CA LYS A 570 30.61 5.05 9.57
C LYS A 570 30.57 3.75 8.77
N SER A 571 30.28 2.63 9.43
CA SER A 571 30.18 1.36 8.72
C SER A 571 29.02 1.34 7.75
N VAL A 572 27.88 1.94 8.14
CA VAL A 572 26.72 2.00 7.26
C VAL A 572 27.05 2.82 6.01
N LEU A 573 27.69 3.97 6.20
CA LEU A 573 28.07 4.80 5.05
C LEU A 573 29.10 4.09 4.17
N LYS A 574 30.05 3.38 4.79
CA LYS A 574 31.06 2.66 4.02
C LYS A 574 30.42 1.56 3.16
N ILE A 575 29.50 0.79 3.75
CA ILE A 575 28.84 -0.28 3.00
C ILE A 575 27.96 0.31 1.89
N VAL A 576 27.28 1.43 2.17
CA VAL A 576 26.45 2.07 1.16
C VAL A 576 27.31 2.55 -0.02
N GLU A 577 28.44 3.19 0.28
CA GLU A 577 29.31 3.68 -0.78
C GLU A 577 29.93 2.54 -1.58
N LYS A 578 30.36 1.48 -0.91
CA LYS A 578 31.08 0.40 -1.58
C LYS A 578 30.17 -0.50 -2.40
N LEU A 579 28.88 -0.59 -2.05
CA LEU A 579 27.97 -1.49 -2.75
C LEU A 579 27.69 -0.98 -4.16
N ASP A 580 27.50 -1.93 -5.08
CA ASP A 580 27.20 -1.64 -6.48
C ASP A 580 25.75 -1.98 -6.74
N LEU A 581 24.93 -0.95 -6.96
CA LEU A 581 23.49 -1.12 -7.10
C LEU A 581 22.98 -0.80 -8.50
N THR A 582 23.87 -0.71 -9.49
CA THR A 582 23.42 -0.47 -10.85
C THR A 582 22.69 -1.69 -11.40
N LEU A 583 21.82 -1.46 -12.39
CA LEU A 583 20.98 -2.51 -12.94
C LEU A 583 20.87 -2.33 -14.44
N GLU A 584 20.69 -3.44 -15.14
CA GLU A 584 20.71 -3.47 -16.60
C GLU A 584 19.59 -4.40 -17.08
N ILE A 585 19.59 -4.71 -18.38
CA ILE A 585 18.62 -5.60 -18.98
C ILE A 585 19.39 -6.75 -19.64
N GLN A 586 19.00 -7.98 -19.32
CA GLN A 586 19.69 -9.15 -19.83
C GLN A 586 18.85 -10.02 -20.77
N THR A 587 17.55 -9.75 -20.91
CA THR A 587 16.73 -10.53 -21.82
C THR A 587 16.98 -10.20 -23.28
N VAL A 588 17.68 -9.10 -23.56
CA VAL A 588 18.00 -8.72 -24.94
C VAL A 588 19.50 -8.79 -25.15
N GLY A 589 19.96 -8.54 -26.38
CA GLY A 589 21.37 -8.57 -26.70
C GLY A 589 21.72 -7.50 -27.71
N GLU A 590 23.03 -7.30 -27.86
CA GLU A 590 23.56 -6.34 -28.82
C GLU A 590 23.94 -7.04 -30.12
N GLN A 591 24.45 -6.25 -31.07
CA GLN A 591 24.90 -6.74 -32.38
C GLN A 591 23.75 -7.43 -33.12
N GLU A 592 22.71 -6.65 -33.42
CA GLU A 592 21.52 -7.13 -34.10
C GLU A 592 21.50 -6.56 -35.51
N ASN A 593 21.47 -7.43 -36.52
CA ASN A 593 21.47 -7.00 -37.91
C ASN A 593 20.76 -8.08 -38.74
N GLY A 594 19.49 -7.85 -39.04
CA GLY A 594 18.74 -8.76 -39.90
C GLY A 594 18.54 -10.14 -39.33
N ASP A 595 18.18 -10.24 -38.06
CA ASP A 595 17.92 -11.52 -37.40
C ASP A 595 16.42 -11.65 -37.14
N GLU A 596 16.04 -12.71 -36.42
CA GLU A 596 14.64 -12.95 -36.11
C GLU A 596 14.08 -11.82 -35.25
N ALA A 597 12.85 -11.41 -35.58
CA ALA A 597 12.26 -10.23 -34.93
C ALA A 597 12.14 -10.34 -33.42
N PRO A 598 11.70 -11.44 -32.81
CA PRO A 598 11.77 -11.53 -31.34
C PRO A 598 13.19 -11.45 -30.80
N GLY A 599 14.19 -11.82 -31.60
CA GLY A 599 15.57 -11.77 -31.14
C GLY A 599 16.27 -10.43 -31.28
N VAL A 600 15.62 -9.44 -31.90
CA VAL A 600 16.23 -8.13 -32.06
C VAL A 600 15.98 -7.29 -30.82
N TRP A 601 14.70 -7.03 -30.54
CA TRP A 601 14.36 -6.19 -29.36
C TRP A 601 12.91 -6.37 -28.90
N MET A 602 12.64 -6.18 -27.61
CA MET A 602 11.27 -6.28 -27.04
C MET A 602 10.46 -5.05 -27.47
N ILE A 603 9.13 -5.15 -27.40
CA ILE A 603 8.26 -4.03 -27.88
C ILE A 603 8.60 -2.83 -27.01
N PRO A 604 8.64 -1.60 -27.56
CA PRO A 604 9.10 -0.46 -26.78
C PRO A 604 8.22 -0.21 -25.56
N THR A 605 8.83 0.15 -24.42
CA THR A 605 8.06 0.40 -23.19
C THR A 605 8.40 1.79 -22.63
N SER A 606 7.41 2.53 -22.15
CA SER A 606 7.63 3.85 -21.58
C SER A 606 7.81 3.82 -20.06
N ASP A 607 7.51 2.71 -19.42
CA ASP A 607 7.69 2.61 -17.98
C ASP A 607 9.18 2.44 -17.67
N PRO A 608 9.74 3.26 -16.77
CA PRO A 608 11.18 3.17 -16.51
C PRO A 608 11.59 1.89 -15.81
N ALA A 609 10.81 1.43 -14.83
CA ALA A 609 11.17 0.25 -14.04
C ALA A 609 10.53 -1.01 -14.64
N ALA A 610 10.85 -1.27 -15.90
CA ALA A 610 10.32 -2.40 -16.62
C ALA A 610 11.42 -3.11 -17.38
N ASN A 611 11.42 -4.44 -17.33
CA ASN A 611 12.40 -5.28 -18.03
C ASN A 611 13.82 -4.91 -17.66
N LEU A 612 14.06 -4.65 -16.38
CA LEU A 612 15.36 -4.21 -15.88
C LEU A 612 15.71 -5.02 -14.65
N HIS A 613 16.91 -5.59 -14.62
CA HIS A 613 17.34 -6.44 -13.53
C HIS A 613 18.69 -6.00 -13.00
N PRO A 614 18.96 -6.23 -11.71
CA PRO A 614 20.27 -5.90 -11.16
C PRO A 614 21.39 -6.71 -11.80
N ALA A 615 22.54 -6.08 -11.98
CA ALA A 615 23.72 -6.79 -12.48
C ALA A 615 24.23 -7.80 -11.46
N LYS A 616 24.25 -7.42 -10.18
CA LYS A 616 24.68 -8.30 -9.10
C LYS A 616 23.53 -8.48 -8.12
N PRO A 617 22.81 -9.60 -8.19
CA PRO A 617 21.65 -9.78 -7.28
C PRO A 617 22.04 -9.84 -5.81
N LYS A 618 23.28 -10.21 -5.49
CA LYS A 618 23.69 -10.30 -4.10
C LYS A 618 23.81 -8.93 -3.45
N ASP A 619 24.27 -7.94 -4.23
CA ASP A 619 24.44 -6.58 -3.69
C ASP A 619 23.08 -5.97 -3.33
N PHE A 620 22.05 -6.25 -4.13
CA PHE A 620 20.71 -5.76 -3.79
C PHE A 620 20.20 -6.39 -2.50
N SER A 621 20.46 -7.69 -2.31
CA SER A 621 20.07 -8.34 -1.06
C SER A 621 20.81 -7.73 0.13
N ALA A 622 22.10 -7.45 -0.06
CA ALA A 622 22.87 -6.80 1.01
C ALA A 622 22.32 -5.41 1.33
N PHE A 623 21.95 -4.65 0.30
CA PHE A 623 21.38 -3.33 0.54
C PHE A 623 20.03 -3.42 1.25
N ILE A 624 19.20 -4.39 0.88
CA ILE A 624 17.90 -4.57 1.53
C ILE A 624 18.10 -4.92 3.00
N ASN A 625 19.03 -5.83 3.28
CA ASN A 625 19.32 -6.19 4.67
C ASN A 625 19.85 -5.00 5.45
N LEU A 626 20.72 -4.20 4.84
CA LEU A 626 21.26 -3.01 5.51
C LEU A 626 20.16 -2.00 5.82
N VAL A 627 19.25 -1.77 4.88
CA VAL A 627 18.15 -0.83 5.11
C VAL A 627 17.24 -1.34 6.22
N GLU A 628 16.92 -2.64 6.21
CA GLU A 628 16.06 -3.20 7.24
C GLU A 628 16.73 -3.13 8.61
N PHE A 629 18.03 -3.33 8.66
CA PHE A 629 18.77 -3.21 9.92
C PHE A 629 18.78 -1.76 10.41
N CYS A 630 18.96 -0.81 9.48
CA CYS A 630 18.97 0.60 9.86
C CYS A 630 17.60 1.07 10.32
N ARG A 631 16.53 0.41 9.86
CA ARG A 631 15.21 0.72 10.41
C ARG A 631 15.15 0.47 11.91
N GLU A 632 15.75 -0.62 12.38
CA GLU A 632 15.68 -1.00 13.78
C GLU A 632 16.73 -0.32 14.65
N ILE A 633 17.94 -0.10 14.12
CA ILE A 633 19.04 0.35 14.97
C ILE A 633 19.13 1.87 15.02
N LEU A 634 19.04 2.53 13.85
CA LEU A 634 19.34 3.96 13.77
C LEU A 634 18.44 4.85 14.62
N PRO A 635 17.09 4.70 14.66
CA PRO A 635 16.28 5.67 15.42
C PRO A 635 16.37 5.51 16.93
N GLU A 636 17.28 4.68 17.43
CA GLU A 636 17.39 4.43 18.86
C GLU A 636 18.17 5.56 19.54
N LYS A 637 18.25 5.47 20.87
CA LYS A 637 19.00 6.39 21.72
C LYS A 637 18.54 7.84 21.57
N GLN A 638 17.25 8.02 21.26
CA GLN A 638 16.65 9.39 21.23
C GLN A 638 17.26 10.29 20.14
N ALA A 639 18.26 9.81 19.41
CA ALA A 639 18.83 10.60 18.28
C ALA A 639 19.68 11.75 18.81
N GLU A 640 20.03 11.72 20.10
CA GLU A 640 20.95 12.74 20.66
C GLU A 640 22.28 12.61 19.94
N PHE A 641 22.69 11.39 19.63
CA PHE A 641 23.96 11.11 18.97
C PHE A 641 23.86 11.29 17.46
N PHE A 642 22.64 11.33 16.91
CA PHE A 642 22.43 11.56 15.49
C PHE A 642 22.54 13.04 15.11
N GLU A 643 22.79 13.90 16.10
CA GLU A 643 22.82 15.34 15.81
C GLU A 643 23.90 15.65 14.78
N PRO A 644 25.19 15.26 14.95
CA PRO A 644 26.24 15.67 14.01
C PRO A 644 26.29 14.85 12.73
N TRP A 645 25.31 14.00 12.45
CA TRP A 645 25.34 13.15 11.27
C TRP A 645 24.23 13.42 10.28
N VAL A 646 23.37 14.41 10.54
CA VAL A 646 22.22 14.65 9.66
C VAL A 646 22.68 15.06 8.27
N TYR A 647 23.58 16.06 8.20
CA TYR A 647 24.05 16.53 6.90
C TYR A 647 24.91 15.48 6.20
N SER A 648 25.81 14.83 6.95
CA SER A 648 26.70 13.84 6.35
C SER A 648 25.94 12.63 5.83
N PHE A 649 24.80 12.31 6.45
CA PHE A 649 23.97 11.22 5.94
C PHE A 649 23.13 11.67 4.76
N SER A 650 22.48 12.84 4.88
CA SER A 650 21.54 13.30 3.87
C SER A 650 22.23 13.60 2.55
N TYR A 651 23.42 14.21 2.59
CA TYR A 651 24.11 14.57 1.34
C TYR A 651 24.47 13.32 0.55
N GLU A 652 25.07 12.33 1.21
CA GLU A 652 25.45 11.10 0.52
C GLU A 652 24.23 10.34 0.03
N LEU A 653 23.19 10.25 0.85
CA LEU A 653 22.00 9.52 0.45
C LEU A 653 21.31 10.19 -0.74
N ILE A 654 21.24 11.52 -0.73
CA ILE A 654 20.60 12.25 -1.82
C ILE A 654 21.41 12.12 -3.10
N LEU A 655 22.75 12.19 -3.00
CA LEU A 655 23.59 11.99 -4.18
C LEU A 655 23.40 10.61 -4.77
N GLN A 656 23.38 9.57 -3.91
CA GLN A 656 23.22 8.21 -4.42
C GLN A 656 21.82 7.99 -4.99
N SER A 657 20.80 8.59 -4.39
CA SER A 657 19.43 8.46 -4.91
C SER A 657 19.27 9.19 -6.23
N THR A 658 19.94 10.34 -6.38
CA THR A 658 19.92 11.05 -7.66
C THR A 658 20.61 10.22 -8.74
N ARG A 659 21.74 9.59 -8.39
CA ARG A 659 22.42 8.74 -9.38
C ARG A 659 21.61 7.50 -9.72
N LEU A 660 20.89 6.93 -8.76
CA LEU A 660 20.10 5.72 -8.95
C LEU A 660 18.68 5.97 -8.47
N PRO A 661 17.81 6.51 -9.33
CA PRO A 661 16.47 6.92 -8.88
C PRO A 661 15.44 5.81 -8.82
N LEU A 662 15.81 4.57 -9.14
CA LEU A 662 14.86 3.47 -9.16
C LEU A 662 15.01 2.53 -7.97
N ILE A 663 15.75 2.94 -6.94
CA ILE A 663 15.96 2.13 -5.75
C ILE A 663 15.26 2.80 -4.58
N SER A 664 14.36 2.06 -3.92
CA SER A 664 13.58 2.62 -2.82
C SER A 664 14.33 2.62 -1.50
N GLY A 665 15.44 1.88 -1.39
CA GLY A 665 16.17 1.84 -0.14
C GLY A 665 16.76 3.19 0.23
N PHE A 666 17.22 3.95 -0.76
CA PHE A 666 17.70 5.30 -0.50
C PHE A 666 16.59 6.19 0.04
N TYR A 667 15.38 6.07 -0.52
CA TYR A 667 14.25 6.84 -0.03
C TYR A 667 13.89 6.45 1.40
N LYS A 668 13.94 5.15 1.71
CA LYS A 668 13.64 4.71 3.07
C LYS A 668 14.68 5.23 4.06
N LEU A 669 15.96 5.15 3.70
CA LEU A 669 17.01 5.66 4.57
C LEU A 669 16.89 7.17 4.78
N LEU A 670 16.56 7.91 3.72
CA LEU A 670 16.30 9.33 3.86
C LEU A 670 15.08 9.58 4.73
N SER A 671 14.08 8.71 4.68
CA SER A 671 12.91 8.85 5.55
C SER A 671 13.30 8.75 7.02
N ILE A 672 14.13 7.76 7.35
CA ILE A 672 14.63 7.66 8.73
C ILE A 672 15.43 8.90 9.09
N THR A 673 16.23 9.41 8.14
CA THR A 673 17.03 10.59 8.40
C THR A 673 16.16 11.80 8.76
N VAL A 674 15.14 12.07 7.95
CA VAL A 674 14.27 13.22 8.22
C VAL A 674 13.45 13.01 9.49
N ARG A 675 13.03 11.78 9.78
CA ARG A 675 12.29 11.54 11.02
C ARG A 675 13.16 11.81 12.25
N ASN A 676 14.43 11.39 12.23
CA ASN A 676 15.25 11.58 13.46
C ASN A 676 15.54 13.06 13.66
N ALA A 677 15.66 13.81 12.57
CA ALA A 677 15.98 15.26 12.63
C ALA A 677 14.86 16.02 13.35
N LYS A 678 13.60 15.66 13.09
CA LYS A 678 12.44 16.38 13.67
C LYS A 678 12.44 16.26 15.19
N LYS A 679 12.78 15.10 15.73
CA LYS A 679 12.87 15.01 17.22
C LYS A 679 13.98 15.97 17.67
N ILE A 680 15.08 16.02 16.93
CA ILE A 680 16.20 16.98 17.21
C ILE A 680 15.68 18.43 17.05
N LYS A 681 14.79 18.69 16.08
CA LYS A 681 14.27 20.06 15.78
C LYS A 681 15.16 20.76 14.74
N TYR A 682 16.11 20.04 14.18
CA TYR A 682 17.03 20.58 13.14
C TYR A 682 16.47 21.71 12.27
N PHE A 683 15.18 21.71 11.88
CA PHE A 683 14.79 22.74 10.92
C PHE A 683 13.80 23.73 11.50
N GLU A 684 14.06 24.21 12.72
CA GLU A 684 13.13 25.12 13.37
C GLU A 684 13.45 26.59 13.15
N GLY A 685 14.58 26.91 12.52
CA GLY A 685 14.95 28.31 12.34
C GLY A 685 15.54 28.67 11.00
N VAL A 686 15.15 27.95 9.95
CA VAL A 686 15.69 28.16 8.62
C VAL A 686 14.63 28.66 7.64
N SER A 687 13.41 28.91 8.12
CA SER A 687 12.34 29.37 7.24
C SER A 687 12.66 30.67 6.49
N PRO A 688 13.31 31.69 7.07
CA PRO A 688 13.67 32.86 6.25
C PRO A 688 14.57 32.56 5.06
N LYS A 689 15.36 31.50 5.12
CA LYS A 689 16.20 31.02 4.01
C LYS A 689 17.24 32.10 3.70
N SER A 690 17.32 32.60 2.47
CA SER A 690 18.39 33.49 2.03
C SER A 690 18.24 34.92 2.56
N LEU A 691 17.26 35.19 3.42
CA LEU A 691 17.19 36.51 4.04
C LEU A 691 18.41 36.79 4.90
N LYS A 692 18.84 35.78 5.67
CA LYS A 692 20.08 35.85 6.43
C LYS A 692 20.99 34.70 6.01
N HIS A 693 22.27 34.99 5.84
CA HIS A 693 23.23 34.00 5.34
C HIS A 693 23.38 32.82 6.29
N SER A 694 23.89 33.06 7.50
CA SER A 694 24.08 32.02 8.49
C SER A 694 24.22 32.61 9.88
N PRO A 695 23.11 33.01 10.52
CA PRO A 695 23.22 33.56 11.88
C PRO A 695 23.78 32.58 12.90
N GLU A 696 23.48 31.28 12.76
CA GLU A 696 23.93 30.28 13.72
C GLU A 696 24.81 29.22 13.09
N ASP A 697 24.39 28.61 11.98
CA ASP A 697 25.13 27.51 11.39
C ASP A 697 24.80 27.36 9.91
N PRO A 698 25.80 27.45 9.03
CA PRO A 698 25.53 27.26 7.59
C PRO A 698 25.24 25.82 7.20
N GLU A 699 25.63 24.84 8.03
CA GLU A 699 25.35 23.45 7.72
C GLU A 699 23.86 23.18 7.70
N LYS A 700 23.13 23.71 8.68
CA LYS A 700 21.68 23.51 8.73
C LYS A 700 21.00 24.18 7.54
N TYR A 701 21.46 25.37 7.15
CA TYR A 701 20.87 26.08 6.02
C TYR A 701 21.11 25.33 4.71
N SER A 702 22.33 24.83 4.51
CA SER A 702 22.64 24.06 3.30
C SER A 702 21.84 22.76 3.26
N CYS A 703 21.70 22.10 4.42
CA CYS A 703 20.87 20.89 4.49
C CYS A 703 19.42 21.20 4.16
N PHE A 704 18.90 22.33 4.66
CA PHE A 704 17.53 22.74 4.36
C PHE A 704 17.35 22.98 2.86
N ALA A 705 18.27 23.71 2.24
CA ALA A 705 18.15 24.02 0.82
C ALA A 705 18.22 22.75 -0.02
N LEU A 706 19.16 21.86 0.32
CA LEU A 706 19.27 20.59 -0.40
C LEU A 706 18.02 19.75 -0.23
N PHE A 707 17.44 19.73 0.97
CA PHE A 707 16.22 18.97 1.20
C PHE A 707 15.05 19.53 0.40
N VAL A 708 14.98 20.85 0.30
CA VAL A 708 13.87 21.50 -0.45
C VAL A 708 13.95 21.06 -1.90
N LYS A 709 15.10 21.23 -2.54
CA LYS A 709 15.21 20.91 -3.99
C LYS A 709 14.96 19.42 -4.26
N PHE A 710 15.49 18.53 -3.42
CA PHE A 710 15.35 17.08 -3.68
C PHE A 710 13.88 16.68 -3.62
N GLY A 711 13.15 17.21 -2.64
CA GLY A 711 11.74 16.85 -2.49
C GLY A 711 10.90 17.29 -3.66
N LYS A 712 11.14 18.50 -4.14
CA LYS A 712 10.38 19.02 -5.31
C LYS A 712 10.67 18.18 -6.55
N GLU A 713 11.93 17.80 -6.77
CA GLU A 713 12.27 16.93 -7.91
C GLU A 713 11.61 15.55 -7.75
N VAL A 714 11.63 15.00 -6.54
CA VAL A 714 11.06 13.63 -6.34
C VAL A 714 9.58 13.69 -6.64
N ALA A 715 8.92 14.77 -6.20
CA ALA A 715 7.46 14.89 -6.40
C ALA A 715 7.20 14.93 -7.89
N VAL A 716 8.05 15.67 -8.60
CA VAL A 716 7.89 15.80 -10.07
C VAL A 716 8.27 14.48 -10.70
N LYS A 717 9.30 13.78 -10.17
CA LYS A 717 9.62 12.55 -10.88
C LYS A 717 8.77 11.35 -10.46
N MET A 718 8.09 11.40 -9.33
CA MET A 718 7.40 10.21 -8.84
C MET A 718 6.15 9.87 -9.63
N LYS A 719 5.70 10.74 -10.54
CA LYS A 719 4.43 10.56 -11.23
C LYS A 719 4.40 9.34 -12.15
N GLN A 720 5.57 8.75 -12.46
CA GLN A 720 5.63 7.58 -13.31
C GLN A 720 5.94 6.29 -12.55
N TYR A 721 6.35 6.37 -11.28
CA TYR A 721 6.63 5.18 -10.50
C TYR A 721 5.34 4.50 -10.05
N LYS A 722 5.49 3.32 -9.46
CA LYS A 722 4.31 2.57 -8.99
C LYS A 722 4.74 1.53 -7.96
N ASP A 723 3.78 0.90 -7.29
CA ASP A 723 4.08 -0.19 -6.34
C ASP A 723 5.01 0.23 -5.22
N GLU A 724 6.04 -0.57 -4.93
CA GLU A 724 6.94 -0.31 -3.77
C GLU A 724 7.70 1.00 -3.93
N LEU A 725 8.19 1.31 -5.13
CA LEU A 725 9.01 2.53 -5.28
C LEU A 725 8.14 3.74 -4.95
N LEU A 726 6.88 3.76 -5.43
CA LEU A 726 5.97 4.90 -5.16
C LEU A 726 5.67 5.02 -3.67
N ALA A 727 5.45 3.90 -2.99
CA ALA A 727 5.06 3.96 -1.57
C ALA A 727 6.21 4.57 -0.78
N SER A 728 7.45 4.26 -1.17
CA SER A 728 8.61 4.81 -0.48
C SER A 728 8.78 6.30 -0.77
N CYS A 729 8.58 6.70 -2.03
CA CYS A 729 8.68 8.12 -2.37
C CYS A 729 7.62 8.94 -1.65
N LEU A 730 6.39 8.43 -1.61
CA LEU A 730 5.31 9.13 -0.91
C LEU A 730 5.61 9.26 0.57
N THR A 731 6.12 8.18 1.18
CA THR A 731 6.48 8.23 2.60
C THR A 731 7.56 9.27 2.85
N PHE A 732 8.59 9.30 1.99
CA PHE A 732 9.69 10.25 2.18
C PHE A 732 9.20 11.69 2.05
N LEU A 733 8.36 11.97 1.03
CA LEU A 733 7.89 13.33 0.85
C LEU A 733 6.92 13.76 1.95
N LEU A 734 6.06 12.85 2.42
CA LEU A 734 5.12 13.21 3.46
C LEU A 734 5.75 13.17 4.86
N SER A 735 6.97 12.69 4.99
CA SER A 735 7.70 12.77 6.25
C SER A 735 8.53 14.05 6.37
N LEU A 736 8.42 14.96 5.40
CA LEU A 736 9.20 16.18 5.42
C LEU A 736 8.68 17.13 6.51
N PRO A 737 9.53 18.02 7.02
CA PRO A 737 9.08 18.99 8.03
C PRO A 737 8.09 19.99 7.43
N HIS A 738 7.33 20.62 8.33
CA HIS A 738 6.24 21.49 7.91
C HIS A 738 6.71 22.80 7.29
N ASN A 739 7.96 23.22 7.55
CA ASN A 739 8.45 24.45 6.95
C ASN A 739 8.61 24.30 5.43
N ILE A 740 9.15 23.16 4.98
CA ILE A 740 9.35 22.93 3.56
C ILE A 740 8.02 22.89 2.83
N ILE A 741 7.01 22.30 3.47
CA ILE A 741 5.67 22.23 2.83
C ILE A 741 5.07 23.63 2.85
N GLU A 742 5.30 24.38 3.93
CA GLU A 742 4.79 25.74 4.02
C GLU A 742 5.39 26.63 2.93
N LEU A 743 6.55 26.24 2.39
CA LEU A 743 7.09 27.01 1.25
C LEU A 743 6.08 26.90 0.10
N ASP A 744 6.11 25.82 -0.70
CA ASP A 744 5.04 25.66 -1.71
C ASP A 744 4.15 24.47 -1.35
N VAL A 745 2.89 24.72 -1.00
CA VAL A 745 1.91 23.64 -0.70
C VAL A 745 1.53 22.84 -1.94
N ARG A 746 1.38 23.46 -3.09
CA ARG A 746 0.78 22.77 -4.27
C ARG A 746 1.58 21.55 -4.75
N ALA A 747 2.90 21.62 -4.79
CA ALA A 747 3.67 20.49 -5.35
C ALA A 747 3.50 19.28 -4.46
N TYR A 748 3.13 19.50 -3.19
CA TYR A 748 3.02 18.40 -2.22
C TYR A 748 1.57 17.93 -2.12
N VAL A 749 0.62 18.77 -2.55
CA VAL A 749 -0.82 18.32 -2.56
C VAL A 749 -0.96 16.97 -3.28
N PRO A 750 -0.74 16.84 -4.60
CA PRO A 750 -0.92 15.55 -5.30
C PRO A 750 -0.27 14.38 -4.59
N ALA A 751 0.84 14.59 -3.89
CA ALA A 751 1.43 13.53 -3.10
C ALA A 751 0.47 13.05 -2.01
N LEU A 752 -0.18 14.00 -1.32
CA LEU A 752 -1.17 13.63 -0.30
C LEU A 752 -2.35 12.90 -0.92
N GLN A 753 -2.82 13.37 -2.08
CA GLN A 753 -3.96 12.72 -2.73
C GLN A 753 -3.62 11.28 -3.13
N MET A 754 -2.44 11.09 -3.75
CA MET A 754 -2.03 9.75 -4.14
C MET A 754 -1.82 8.85 -2.94
N ALA A 755 -1.24 9.40 -1.85
CA ALA A 755 -1.03 8.60 -0.65
C ALA A 755 -2.35 8.15 -0.05
N PHE A 756 -3.34 9.04 0.01
CA PHE A 756 -4.65 8.66 0.54
C PHE A 756 -5.33 7.63 -0.36
N LYS A 757 -5.29 7.85 -1.68
CA LYS A 757 -5.95 6.94 -2.60
C LYS A 757 -5.35 5.55 -2.55
N LEU A 758 -4.02 5.45 -2.46
CA LEU A 758 -3.38 4.15 -2.32
C LEU A 758 -3.57 3.58 -0.92
N GLY A 759 -3.76 4.46 0.08
CA GLY A 759 -4.04 4.01 1.43
C GLY A 759 -5.44 3.52 1.65
N LEU A 760 -6.34 3.75 0.68
CA LEU A 760 -7.63 3.08 0.70
C LEU A 760 -7.48 1.56 0.63
N SER A 761 -6.34 1.06 0.14
CA SER A 761 -6.04 -0.36 0.12
C SER A 761 -4.72 -0.72 0.79
N TYR A 762 -3.84 0.24 1.07
CA TYR A 762 -2.54 -0.02 1.68
C TYR A 762 -2.41 0.85 2.93
N THR A 763 -2.62 0.24 4.10
CA THR A 763 -2.75 0.96 5.37
C THR A 763 -1.59 1.91 5.71
N PRO A 764 -0.30 1.53 5.58
CA PRO A 764 0.75 2.48 6.00
C PRO A 764 0.71 3.81 5.26
N LEU A 765 0.35 3.80 3.98
CA LEU A 765 0.22 5.04 3.24
C LEU A 765 -0.92 5.89 3.80
N ALA A 766 -2.02 5.25 4.19
CA ALA A 766 -3.13 5.97 4.82
C ALA A 766 -2.70 6.61 6.13
N GLU A 767 -1.96 5.87 6.96
CA GLU A 767 -1.49 6.42 8.23
C GLU A 767 -0.52 7.59 8.00
N VAL A 768 0.38 7.45 7.03
CA VAL A 768 1.32 8.53 6.72
C VAL A 768 0.59 9.76 6.22
N GLY A 769 -0.40 9.57 5.35
CA GLY A 769 -1.18 10.71 4.87
C GLY A 769 -1.97 11.38 5.96
N LEU A 770 -2.55 10.60 6.88
CA LEU A 770 -3.28 11.18 8.00
C LEU A 770 -2.36 12.00 8.89
N ASN A 771 -1.17 11.49 9.20
CA ASN A 771 -0.23 12.23 10.02
C ASN A 771 0.22 13.51 9.33
N ALA A 772 0.49 13.43 8.02
CA ALA A 772 0.89 14.62 7.27
C ALA A 772 -0.21 15.67 7.25
N LEU A 773 -1.47 15.24 7.03
CA LEU A 773 -2.58 16.17 7.01
C LEU A 773 -2.78 16.81 8.37
N GLU A 774 -2.66 16.03 9.45
CA GLU A 774 -2.79 16.60 10.79
C GLU A 774 -1.70 17.64 11.06
N GLU A 775 -0.46 17.31 10.71
CA GLU A 775 0.64 18.26 10.92
C GLU A 775 0.43 19.53 10.12
N TRP A 776 0.01 19.39 8.85
CA TRP A 776 -0.21 20.57 8.01
C TRP A 776 -1.35 21.42 8.53
N SER A 777 -2.43 20.80 9.01
CA SER A 777 -3.55 21.57 9.52
C SER A 777 -3.22 22.23 10.85
N ILE A 778 -2.35 21.63 11.65
CA ILE A 778 -2.05 22.18 12.97
C ILE A 778 -1.03 23.32 12.87
N TYR A 779 0.05 23.11 12.12
CA TYR A 779 1.18 24.03 12.18
C TYR A 779 1.20 25.08 11.08
N ILE A 780 0.78 24.74 9.87
CA ILE A 780 0.78 25.70 8.77
C ILE A 780 -0.36 26.70 8.96
N ASP A 781 -0.12 27.94 8.54
CA ASP A 781 -1.11 29.00 8.71
C ASP A 781 -2.39 28.67 7.96
N ARG A 782 -3.53 29.09 8.52
CA ARG A 782 -4.83 28.75 7.96
C ARG A 782 -5.07 29.43 6.63
N HIS A 783 -4.56 30.66 6.45
CA HIS A 783 -4.85 31.41 5.24
C HIS A 783 -4.23 30.77 4.00
N VAL A 784 -3.05 30.18 4.18
CA VAL A 784 -2.30 29.55 3.05
C VAL A 784 -2.86 28.16 2.78
N MET A 785 -3.32 27.46 3.81
CA MET A 785 -3.80 26.06 3.65
C MET A 785 -5.28 26.05 3.25
N GLN A 786 -6.00 27.16 3.42
CA GLN A 786 -7.44 27.14 3.14
C GLN A 786 -7.81 26.73 1.72
N PRO A 787 -7.18 27.25 0.65
CA PRO A 787 -7.63 26.87 -0.70
C PRO A 787 -7.46 25.39 -1.04
N TYR A 788 -6.60 24.67 -0.34
CA TYR A 788 -6.28 23.28 -0.77
C TYR A 788 -7.19 22.22 -0.15
N TYR A 789 -8.05 22.61 0.78
CA TYR A 789 -8.85 21.60 1.47
C TYR A 789 -9.85 20.92 0.54
N LYS A 790 -10.36 21.64 -0.46
CA LYS A 790 -11.29 21.05 -1.42
C LYS A 790 -10.64 19.98 -2.28
N ASP A 791 -9.31 20.00 -2.41
CA ASP A 791 -8.59 18.95 -3.12
C ASP A 791 -8.24 17.77 -2.22
N ILE A 792 -8.20 17.97 -0.91
CA ILE A 792 -7.74 16.94 0.02
C ILE A 792 -8.91 16.15 0.61
N LEU A 793 -10.00 16.81 0.96
CA LEU A 793 -11.08 16.14 1.68
C LEU A 793 -11.87 15.09 0.89
N PRO A 794 -12.04 15.19 -0.44
CA PRO A 794 -12.75 14.12 -1.17
C PRO A 794 -12.20 12.72 -0.99
N CYS A 795 -10.88 12.53 -0.91
CA CYS A 795 -10.39 11.17 -0.72
C CYS A 795 -10.62 10.68 0.70
N LEU A 796 -10.67 11.59 1.68
CA LEU A 796 -11.14 11.22 3.01
C LEU A 796 -12.61 10.80 2.99
N ASP A 797 -13.41 11.46 2.16
CA ASP A 797 -14.78 10.99 1.95
C ASP A 797 -14.80 9.60 1.34
N GLY A 798 -13.90 9.34 0.40
CA GLY A 798 -13.78 8.00 -0.16
C GLY A 798 -13.43 6.96 0.89
N TYR A 799 -12.56 7.33 1.84
CA TYR A 799 -12.32 6.48 3.00
C TYR A 799 -13.60 6.23 3.78
N LEU A 800 -14.37 7.29 4.01
CA LEU A 800 -15.55 7.18 4.88
C LEU A 800 -16.65 6.35 4.23
N LYS A 801 -16.74 6.36 2.90
CA LYS A 801 -17.78 5.60 2.21
C LYS A 801 -17.59 4.09 2.35
N THR A 802 -16.37 3.63 2.64
CA THR A 802 -16.10 2.20 2.78
C THR A 802 -16.39 1.69 4.19
N SER A 803 -16.86 2.56 5.09
CA SER A 803 -17.15 2.13 6.45
C SER A 803 -18.33 1.16 6.53
N ALA A 804 -19.14 1.08 5.47
CA ALA A 804 -20.25 0.13 5.47
C ALA A 804 -19.74 -1.31 5.48
N LEU A 805 -18.68 -1.58 4.73
CA LEU A 805 -18.10 -2.93 4.68
C LEU A 805 -17.21 -3.17 5.89
N ALA A 845 0.51 -3.02 11.28
CA ALA A 845 -0.48 -2.33 10.47
C ALA A 845 -1.73 -2.01 11.28
N ILE A 846 -2.07 -0.72 11.34
CA ILE A 846 -3.25 -0.28 12.08
C ILE A 846 -4.49 -0.67 11.28
N SER A 847 -5.43 -1.34 11.95
CA SER A 847 -6.65 -1.78 11.28
C SER A 847 -7.47 -0.57 10.83
N LEU A 848 -8.31 -0.80 9.80
CA LEU A 848 -9.03 0.30 9.18
C LEU A 848 -10.05 0.95 10.10
N GLU A 849 -10.46 0.27 11.17
CA GLU A 849 -11.42 0.87 12.11
C GLU A 849 -10.82 2.10 12.79
N GLU A 850 -9.58 1.98 13.26
CA GLU A 850 -8.92 3.13 13.88
C GLU A 850 -8.57 4.20 12.85
N ILE A 851 -8.33 3.81 11.60
CA ILE A 851 -8.10 4.79 10.55
C ILE A 851 -9.36 5.62 10.31
N ARG A 852 -10.52 4.96 10.27
CA ARG A 852 -11.79 5.68 10.11
C ARG A 852 -12.09 6.53 11.33
N ILE A 853 -11.75 6.03 12.52
CA ILE A 853 -11.93 6.81 13.75
C ILE A 853 -11.08 8.10 13.68
N ARG A 854 -9.83 7.97 13.25
CA ARG A 854 -8.96 9.13 13.12
C ARG A 854 -9.47 10.08 12.05
N VAL A 855 -10.01 9.55 10.95
CA VAL A 855 -10.57 10.40 9.90
C VAL A 855 -11.77 11.19 10.45
N VAL A 856 -12.61 10.53 11.24
CA VAL A 856 -13.77 11.18 11.85
C VAL A 856 -13.32 12.30 12.80
N GLN A 857 -12.32 12.01 13.64
CA GLN A 857 -11.82 13.03 14.55
C GLN A 857 -11.17 14.19 13.82
N MET A 858 -10.43 13.91 12.74
CA MET A 858 -9.83 14.97 11.95
C MET A 858 -10.88 15.84 11.28
N LEU A 859 -11.94 15.22 10.76
CA LEU A 859 -13.03 15.99 10.16
C LEU A 859 -13.72 16.87 11.19
N GLY A 860 -13.98 16.33 12.37
CA GLY A 860 -14.63 17.12 13.40
C GLY A 860 -13.77 18.26 13.92
N SER A 861 -12.47 18.01 14.07
CA SER A 861 -11.56 19.04 14.58
C SER A 861 -11.30 20.13 13.57
N LEU A 862 -11.52 19.88 12.28
CA LEU A 862 -11.32 20.91 11.27
C LEU A 862 -12.33 22.04 11.43
N GLY A 863 -13.57 21.70 11.77
CA GLY A 863 -14.61 22.68 11.94
C GLY A 863 -15.60 22.67 10.80
N GLY A 864 -16.80 23.20 11.08
CA GLY A 864 -17.86 23.22 10.09
C GLY A 864 -17.59 24.10 8.89
N GLN A 865 -16.71 25.10 9.05
CA GLN A 865 -16.36 26.00 7.96
C GLN A 865 -15.40 25.37 6.95
N ILE A 866 -14.87 24.17 7.23
CA ILE A 866 -13.88 23.52 6.38
C ILE A 866 -14.38 22.18 5.88
N ASN A 867 -14.93 21.34 6.77
CA ASN A 867 -15.25 19.96 6.44
C ASN A 867 -16.35 19.84 5.39
N LYS A 868 -17.07 20.92 5.09
CA LYS A 868 -18.03 20.89 3.99
C LYS A 868 -17.35 20.58 2.67
N ASN A 869 -16.06 20.95 2.54
CA ASN A 869 -15.28 20.60 1.36
C ASN A 869 -15.14 19.10 1.16
N LEU A 870 -15.57 18.30 2.14
CA LEU A 870 -15.64 16.86 1.95
C LEU A 870 -16.61 16.47 0.83
N LEU A 871 -17.57 17.34 0.50
CA LEU A 871 -18.54 17.06 -0.55
C LEU A 871 -18.30 17.88 -1.80
N THR A 872 -17.09 18.42 -1.97
CA THR A 872 -16.81 19.30 -3.10
C THR A 872 -16.82 18.55 -4.43
N VAL A 873 -16.11 17.42 -4.47
CA VAL A 873 -16.00 16.67 -5.76
C VAL A 873 -17.38 16.09 -6.07
N THR A 874 -18.03 15.51 -5.08
CA THR A 874 -19.31 14.84 -5.31
C THR A 874 -20.35 15.84 -5.82
N SER A 875 -21.36 15.28 -6.50
CA SER A 875 -22.43 16.06 -7.14
C SER A 875 -21.87 17.07 -8.14
N SER A 876 -20.93 16.57 -8.97
CA SER A 876 -20.36 17.42 -10.06
C SER A 876 -19.48 16.56 -10.96
N ASP A 877 -19.42 16.86 -12.27
CA ASP A 877 -18.46 16.15 -13.17
C ASP A 877 -18.65 14.63 -13.16
N GLU A 878 -17.60 13.87 -12.88
CA GLU A 878 -17.60 12.39 -12.96
C GLU A 878 -18.64 11.78 -12.00
N MET A 879 -18.84 12.36 -10.83
CA MET A 879 -19.72 11.70 -9.83
C MET A 879 -21.10 11.51 -10.46
N MET A 880 -21.60 12.50 -11.22
CA MET A 880 -22.88 12.29 -11.95
C MET A 880 -22.68 11.18 -12.99
N LYS A 881 -21.49 11.07 -13.59
CA LYS A 881 -21.23 10.08 -14.69
C LYS A 881 -21.41 8.64 -14.22
N SER A 882 -21.23 7.67 -15.13
CA SER A 882 -21.51 6.27 -14.83
C SER A 882 -22.86 6.08 -14.14
N TYR A 883 -23.59 7.16 -13.85
CA TYR A 883 -24.97 7.09 -13.41
C TYR A 883 -25.96 7.31 -14.54
N VAL A 884 -25.47 7.51 -15.76
CA VAL A 884 -26.30 7.72 -16.93
C VAL A 884 -26.25 6.47 -17.80
N ALA A 885 -27.31 6.26 -18.57
CA ALA A 885 -27.41 5.06 -19.41
C ALA A 885 -26.38 5.12 -20.54
N TRP A 886 -25.87 3.94 -20.92
CA TRP A 886 -24.86 3.87 -22.01
C TRP A 886 -25.57 4.17 -23.33
N ASP A 887 -26.78 3.66 -23.51
CA ASP A 887 -27.55 3.93 -24.71
C ASP A 887 -28.98 4.25 -24.33
N ARG A 888 -29.57 5.23 -25.01
CA ARG A 888 -30.96 5.59 -24.75
C ARG A 888 -31.93 4.50 -25.19
N GLU A 889 -31.52 3.65 -26.12
CA GLU A 889 -32.31 2.51 -26.58
C GLU A 889 -31.67 1.22 -26.08
N LYS A 890 -32.33 0.11 -26.37
CA LYS A 890 -31.85 -1.22 -25.98
C LYS A 890 -31.55 -2.03 -27.23
N ARG A 891 -30.35 -2.58 -27.31
CA ARG A 891 -29.88 -3.30 -28.48
C ARG A 891 -29.79 -4.80 -28.27
N LEU A 892 -29.29 -5.26 -27.13
CA LEU A 892 -29.03 -6.68 -26.89
C LEU A 892 -30.29 -7.32 -26.33
N SER A 893 -31.14 -7.81 -27.23
CA SER A 893 -32.34 -8.52 -26.85
C SER A 893 -32.03 -10.02 -26.80
N PHE A 894 -32.19 -10.62 -25.61
CA PHE A 894 -31.90 -12.03 -25.39
C PHE A 894 -33.19 -12.75 -25.02
N ALA A 895 -33.47 -13.84 -25.72
CA ALA A 895 -34.65 -14.66 -25.47
C ALA A 895 -34.23 -15.87 -24.64
N VAL A 896 -34.56 -15.84 -23.36
CA VAL A 896 -34.21 -16.95 -22.47
C VAL A 896 -35.10 -18.16 -22.80
N PRO A 897 -34.52 -19.32 -23.09
CA PRO A 897 -35.35 -20.48 -23.46
C PRO A 897 -36.00 -21.15 -22.27
N PHE A 898 -37.25 -21.56 -22.48
CA PHE A 898 -37.97 -22.42 -21.55
C PHE A 898 -38.78 -23.40 -22.37
N ARG A 899 -39.23 -24.47 -21.71
CA ARG A 899 -40.01 -25.50 -22.41
C ARG A 899 -41.40 -25.02 -22.81
N GLU A 900 -41.85 -23.88 -22.31
CA GLU A 900 -43.19 -23.38 -22.63
C GLU A 900 -43.17 -22.05 -23.37
N MET A 901 -42.39 -21.08 -22.89
CA MET A 901 -42.33 -19.77 -23.52
C MET A 901 -40.89 -19.29 -23.58
N LYS A 902 -40.67 -18.17 -24.27
CA LYS A 902 -39.35 -17.57 -24.42
C LYS A 902 -39.42 -16.10 -24.00
N PRO A 903 -39.29 -15.82 -22.71
CA PRO A 903 -39.26 -14.43 -22.25
C PRO A 903 -38.02 -13.70 -22.74
N VAL A 904 -38.16 -12.40 -22.92
CA VAL A 904 -37.12 -11.56 -23.50
C VAL A 904 -36.52 -10.70 -22.39
N ILE A 905 -35.20 -10.78 -22.24
CA ILE A 905 -34.46 -9.93 -21.32
C ILE A 905 -33.39 -9.19 -22.11
N PHE A 906 -32.90 -8.11 -21.52
CA PHE A 906 -31.89 -7.26 -22.15
C PHE A 906 -30.61 -7.32 -21.34
N LEU A 907 -29.51 -7.65 -22.01
CA LEU A 907 -28.21 -7.82 -21.36
C LEU A 907 -27.40 -6.54 -21.28
N ASP A 908 -27.91 -5.43 -21.81
CA ASP A 908 -27.20 -4.17 -21.72
C ASP A 908 -27.44 -3.44 -20.41
N VAL A 909 -28.33 -3.95 -19.56
CA VAL A 909 -28.49 -3.41 -18.21
C VAL A 909 -27.48 -4.00 -17.23
N PHE A 910 -26.86 -5.13 -17.57
CA PHE A 910 -25.85 -5.75 -16.73
C PHE A 910 -24.45 -5.25 -17.05
N LEU A 911 -24.25 -4.60 -18.20
CA LEU A 911 -22.90 -4.29 -18.69
C LEU A 911 -22.09 -3.41 -17.76
N PRO A 912 -22.61 -2.29 -17.22
CA PRO A 912 -21.73 -1.45 -16.36
C PRO A 912 -21.21 -2.16 -15.13
N ARG A 913 -22.08 -2.84 -14.37
CA ARG A 913 -21.62 -3.53 -13.16
C ARG A 913 -20.70 -4.71 -13.51
N VAL A 914 -20.99 -5.41 -14.61
CA VAL A 914 -20.15 -6.54 -15.00
C VAL A 914 -18.75 -6.05 -15.37
N THR A 915 -18.66 -4.96 -16.13
CA THR A 915 -17.35 -4.41 -16.46
C THR A 915 -16.63 -3.89 -15.21
N GLU A 916 -17.38 -3.27 -14.30
CA GLU A 916 -16.77 -2.78 -13.06
C GLU A 916 -16.20 -3.93 -12.23
N LEU A 917 -16.94 -5.03 -12.13
CA LEU A 917 -16.45 -6.20 -11.39
C LEU A 917 -15.27 -6.84 -12.10
N ALA A 918 -15.32 -6.94 -13.42
CA ALA A 918 -14.21 -7.53 -14.16
C ALA A 918 -12.95 -6.69 -14.06
N LEU A 919 -13.10 -5.38 -13.91
CA LEU A 919 -11.94 -4.50 -13.78
C LEU A 919 -11.39 -4.49 -12.37
N THR A 920 -12.24 -4.16 -11.39
CA THR A 920 -11.81 -3.99 -10.00
C THR A 920 -12.76 -4.78 -9.09
N ALA A 921 -12.36 -6.00 -8.75
CA ALA A 921 -13.05 -6.81 -7.75
C ALA A 921 -12.02 -7.38 -6.78
N SER A 922 -12.29 -7.26 -5.49
CA SER A 922 -11.36 -7.77 -4.48
C SER A 922 -11.30 -9.30 -4.52
N ASP A 923 -12.46 -9.96 -4.52
CA ASP A 923 -12.51 -11.41 -4.53
C ASP A 923 -12.20 -11.94 -5.92
N ARG A 924 -11.47 -13.06 -5.97
CA ARG A 924 -11.03 -13.62 -7.25
C ARG A 924 -12.17 -14.34 -7.97
N GLN A 925 -13.03 -15.03 -7.23
CA GLN A 925 -14.08 -15.83 -7.85
C GLN A 925 -15.07 -14.96 -8.61
N THR A 926 -15.52 -13.86 -7.99
CA THR A 926 -16.43 -12.96 -8.69
C THR A 926 -15.75 -12.27 -9.86
N LYS A 927 -14.45 -12.00 -9.76
CA LYS A 927 -13.72 -11.43 -10.89
C LYS A 927 -13.68 -12.38 -12.07
N VAL A 928 -13.42 -13.67 -11.80
CA VAL A 928 -13.38 -14.66 -12.88
C VAL A 928 -14.75 -14.84 -13.50
N ALA A 929 -15.80 -14.90 -12.66
CA ALA A 929 -17.15 -15.05 -13.18
C ALA A 929 -17.55 -13.84 -14.02
N ALA A 930 -17.21 -12.63 -13.56
CA ALA A 930 -17.52 -11.43 -14.32
C ALA A 930 -16.76 -11.38 -15.63
N CYS A 931 -15.49 -11.81 -15.64
CA CYS A 931 -14.73 -11.83 -16.88
C CYS A 931 -15.32 -12.82 -17.88
N GLU A 932 -15.71 -14.00 -17.41
CA GLU A 932 -16.33 -14.99 -18.30
C GLU A 932 -17.65 -14.47 -18.85
N LEU A 933 -18.47 -13.84 -18.00
CA LEU A 933 -19.75 -13.30 -18.47
C LEU A 933 -19.54 -12.16 -19.45
N LEU A 934 -18.52 -11.33 -19.22
CA LEU A 934 -18.22 -10.25 -20.16
C LEU A 934 -17.76 -10.80 -21.51
N HIS A 935 -16.96 -11.87 -21.49
CA HIS A 935 -16.58 -12.53 -22.73
C HIS A 935 -17.80 -13.06 -23.48
N SER A 936 -18.72 -13.69 -22.74
CA SER A 936 -19.95 -14.19 -23.34
C SER A 936 -20.79 -13.07 -23.93
N MET A 937 -20.89 -11.94 -23.23
CA MET A 937 -21.68 -10.82 -23.74
C MET A 937 -21.01 -10.15 -24.94
N VAL A 938 -19.67 -10.15 -24.99
CA VAL A 938 -18.99 -9.65 -26.19
C VAL A 938 -19.29 -10.54 -27.38
N MET A 939 -19.28 -11.86 -27.17
CA MET A 939 -19.68 -12.78 -28.24
C MET A 939 -21.12 -12.55 -28.67
N PHE A 940 -22.01 -12.33 -27.70
CA PHE A 940 -23.42 -12.08 -28.02
C PHE A 940 -23.58 -10.78 -28.80
N MET A 941 -22.85 -9.73 -28.41
CA MET A 941 -22.90 -8.47 -29.12
C MET A 941 -22.42 -8.62 -30.56
N LEU A 942 -21.31 -9.34 -30.75
CA LEU A 942 -20.79 -9.55 -32.10
C LEU A 942 -21.77 -10.35 -32.96
N GLY A 943 -22.35 -11.40 -32.39
CA GLY A 943 -23.31 -12.20 -33.13
C GLY A 943 -24.56 -11.44 -33.49
N LYS A 944 -25.08 -10.64 -32.54
CA LYS A 944 -26.28 -9.84 -32.80
C LYS A 944 -26.01 -8.77 -33.86
N ALA A 945 -24.83 -8.14 -33.80
CA ALA A 945 -24.50 -7.13 -34.80
C ALA A 945 -24.35 -7.76 -36.19
N THR A 946 -23.69 -8.92 -36.28
CA THR A 946 -23.46 -9.55 -37.57
C THR A 946 -24.69 -10.25 -38.12
N GLN A 947 -25.72 -10.46 -37.30
CA GLN A 947 -26.89 -11.21 -37.73
C GLN A 947 -27.78 -10.34 -38.61
N MET A 948 -28.22 -10.90 -39.74
CA MET A 948 -29.11 -10.19 -40.64
C MET A 948 -30.49 -10.07 -40.00
N PRO A 949 -30.98 -8.86 -39.74
CA PRO A 949 -32.23 -8.71 -38.96
C PRO A 949 -33.44 -9.29 -39.69
N GLU A 950 -34.24 -10.05 -38.95
CA GLU A 950 -35.42 -10.67 -39.53
C GLU A 950 -36.45 -9.63 -39.95
N GLY A 951 -36.58 -8.56 -39.16
CA GLY A 951 -37.53 -7.52 -39.49
C GLY A 951 -37.07 -6.69 -40.67
N GLY A 952 -37.98 -5.84 -41.15
CA GLY A 952 -37.70 -4.99 -42.29
C GLY A 952 -36.71 -3.88 -42.00
N GLN A 953 -36.47 -3.61 -40.72
CA GLN A 953 -35.51 -2.59 -40.32
C GLN A 953 -34.08 -3.08 -40.56
N GLY A 954 -33.14 -2.15 -40.45
CA GLY A 954 -31.74 -2.45 -40.67
C GLY A 954 -31.10 -3.13 -39.48
N ALA A 955 -29.79 -3.34 -39.59
CA ALA A 955 -29.03 -3.97 -38.53
C ALA A 955 -29.01 -3.07 -37.29
N PRO A 956 -29.05 -3.66 -36.10
CA PRO A 956 -29.03 -2.84 -34.88
C PRO A 956 -27.67 -2.18 -34.68
N PRO A 957 -27.63 -0.85 -34.63
CA PRO A 957 -26.36 -0.15 -34.44
C PRO A 957 -25.82 -0.34 -33.04
N MET A 958 -24.59 -0.84 -32.94
CA MET A 958 -23.92 -1.10 -31.67
C MET A 958 -22.76 -0.13 -31.45
N TYR A 959 -22.84 1.06 -32.02
CA TYR A 959 -21.72 1.99 -31.97
C TYR A 959 -21.47 2.48 -30.55
N GLN A 960 -22.54 2.96 -29.91
CA GLN A 960 -22.44 3.48 -28.54
C GLN A 960 -21.92 2.38 -27.63
N LEU A 961 -22.54 1.19 -27.73
CA LEU A 961 -22.14 0.07 -26.84
C LEU A 961 -20.69 -0.32 -27.13
N TYR A 962 -20.29 -0.37 -28.40
CA TYR A 962 -18.92 -0.83 -28.73
C TYR A 962 -17.96 0.16 -28.11
N LYS A 963 -18.28 1.45 -28.23
CA LYS A 963 -17.36 2.50 -27.74
C LYS A 963 -17.17 2.38 -26.23
N ARG A 964 -18.21 2.14 -25.44
CA ARG A 964 -17.99 1.90 -23.99
C ARG A 964 -17.24 0.59 -23.72
N THR A 965 -17.61 -0.51 -24.38
CA THR A 965 -16.98 -1.85 -24.18
C THR A 965 -15.51 -1.94 -24.63
N PHE A 966 -15.15 -1.35 -25.78
CA PHE A 966 -13.80 -1.53 -26.36
C PHE A 966 -12.70 -0.99 -25.43
N PRO A 967 -12.87 0.17 -24.77
CA PRO A 967 -11.87 0.65 -23.82
C PRO A 967 -11.69 -0.32 -22.64
N VAL A 968 -12.78 -0.89 -22.13
CA VAL A 968 -12.71 -1.85 -20.99
C VAL A 968 -11.96 -3.09 -21.43
N LEU A 969 -12.24 -3.61 -22.63
CA LEU A 969 -11.52 -4.78 -23.13
C LEU A 969 -10.02 -4.52 -23.22
N LEU A 970 -9.63 -3.31 -23.66
CA LEU A 970 -8.22 -2.97 -23.72
C LEU A 970 -7.59 -2.96 -22.33
N ARG A 971 -8.29 -2.42 -21.34
CA ARG A 971 -7.79 -2.46 -19.97
C ARG A 971 -7.68 -3.88 -19.44
N LEU A 972 -8.67 -4.73 -19.77
CA LEU A 972 -8.68 -6.09 -19.25
C LEU A 972 -7.60 -6.95 -19.90
N ALA A 973 -7.25 -6.68 -21.15
CA ALA A 973 -6.26 -7.48 -21.85
C ALA A 973 -4.84 -7.27 -21.33
N CYS A 974 -4.61 -6.28 -20.48
CA CYS A 974 -3.30 -6.01 -19.91
C CYS A 974 -3.37 -5.95 -18.39
N ASP A 975 -4.18 -6.83 -17.80
CA ASP A 975 -4.34 -6.86 -16.35
C ASP A 975 -3.10 -7.46 -15.69
N VAL A 976 -2.99 -7.24 -14.38
CA VAL A 976 -1.89 -7.78 -13.59
C VAL A 976 -2.07 -9.28 -13.45
N ASP A 977 -3.30 -9.76 -13.64
CA ASP A 977 -3.60 -11.18 -13.63
C ASP A 977 -3.06 -11.83 -14.91
N GLN A 978 -3.03 -13.16 -14.91
CA GLN A 978 -2.67 -13.88 -16.11
C GLN A 978 -3.83 -14.63 -16.73
N VAL A 979 -4.80 -15.09 -15.94
CA VAL A 979 -6.00 -15.69 -16.52
C VAL A 979 -6.76 -14.65 -17.35
N THR A 980 -6.86 -13.42 -16.84
CA THR A 980 -7.50 -12.34 -17.58
C THR A 980 -6.70 -11.99 -18.82
N ARG A 981 -5.36 -11.96 -18.69
CA ARG A 981 -4.50 -11.61 -19.82
C ARG A 981 -4.58 -12.62 -20.95
N GLN A 982 -4.41 -13.92 -20.67
CA GLN A 982 -4.56 -14.93 -21.70
C GLN A 982 -6.00 -15.18 -22.12
N LEU A 983 -6.99 -14.67 -21.38
CA LEU A 983 -8.36 -14.74 -21.86
C LEU A 983 -8.70 -13.60 -22.80
N TYR A 984 -8.12 -12.41 -22.60
CA TYR A 984 -8.55 -11.22 -23.31
C TYR A 984 -7.60 -10.71 -24.38
N GLU A 985 -6.30 -11.00 -24.29
CA GLU A 985 -5.38 -10.62 -25.36
C GLU A 985 -5.73 -11.30 -26.69
N PRO A 986 -5.97 -12.62 -26.76
CA PRO A 986 -6.48 -13.18 -28.01
C PRO A 986 -7.81 -12.58 -28.44
N LEU A 987 -8.65 -12.17 -27.49
CA LEU A 987 -9.90 -11.51 -27.85
C LEU A 987 -9.65 -10.20 -28.57
N VAL A 988 -8.70 -9.39 -28.07
CA VAL A 988 -8.39 -8.13 -28.75
C VAL A 988 -7.78 -8.38 -30.11
N MET A 989 -6.89 -9.37 -30.22
CA MET A 989 -6.30 -9.69 -31.52
C MET A 989 -7.35 -10.16 -32.51
N GLN A 990 -8.28 -11.01 -32.07
CA GLN A 990 -9.35 -11.49 -32.93
C GLN A 990 -10.26 -10.34 -33.35
N LEU A 991 -10.56 -9.41 -32.42
CA LEU A 991 -11.39 -8.27 -32.77
C LEU A 991 -10.72 -7.39 -33.81
N ILE A 992 -9.40 -7.17 -33.68
CA ILE A 992 -8.68 -6.38 -34.69
C ILE A 992 -8.72 -7.09 -36.03
N HIS A 993 -8.51 -8.42 -36.03
CA HIS A 993 -8.53 -9.17 -37.29
C HIS A 993 -9.90 -9.13 -37.94
N TRP A 994 -10.97 -9.19 -37.14
CA TRP A 994 -12.32 -9.16 -37.69
C TRP A 994 -12.67 -7.78 -38.22
N PHE A 995 -12.35 -6.72 -37.48
CA PHE A 995 -12.68 -5.38 -37.92
C PHE A 995 -11.75 -4.86 -39.01
N THR A 996 -10.66 -5.57 -39.30
CA THR A 996 -9.82 -5.25 -40.45
C THR A 996 -10.15 -6.12 -41.67
N ASN A 997 -11.21 -6.94 -41.58
CA ASN A 997 -11.57 -7.84 -42.67
C ASN A 997 -12.19 -7.07 -43.82
N ASN A 998 -12.40 -7.79 -44.94
CA ASN A 998 -13.03 -7.19 -46.11
C ASN A 998 -14.51 -6.91 -45.86
N LYS A 999 -15.17 -7.77 -45.09
CA LYS A 999 -16.60 -7.58 -44.83
C LYS A 999 -16.85 -6.39 -43.94
N LYS A 1000 -16.29 -6.39 -42.73
CA LYS A 1000 -16.47 -5.30 -41.77
C LYS A 1000 -15.33 -4.31 -41.97
N PHE A 1001 -15.58 -3.30 -42.81
CA PHE A 1001 -14.60 -2.26 -43.08
C PHE A 1001 -15.35 -1.03 -43.57
N GLU A 1002 -14.65 0.12 -43.50
CA GLU A 1002 -15.22 1.42 -43.87
C GLU A 1002 -16.50 1.70 -43.09
N SER A 1003 -16.48 1.36 -41.80
CA SER A 1003 -17.64 1.51 -40.93
C SER A 1003 -17.22 2.20 -39.65
N GLN A 1004 -18.22 2.67 -38.90
CA GLN A 1004 -17.96 3.36 -37.64
C GLN A 1004 -17.49 2.42 -36.54
N ASP A 1005 -17.64 1.10 -36.74
CA ASP A 1005 -17.18 0.15 -35.73
C ASP A 1005 -15.65 0.07 -35.73
N THR A 1006 -15.06 -0.02 -36.91
CA THR A 1006 -13.60 0.03 -37.02
C THR A 1006 -13.07 1.37 -36.55
N VAL A 1007 -13.81 2.45 -36.83
CA VAL A 1007 -13.43 3.78 -36.35
C VAL A 1007 -13.43 3.80 -34.82
N ALA A 1008 -14.45 3.20 -34.20
CA ALA A 1008 -14.53 3.16 -32.75
C ALA A 1008 -13.37 2.35 -32.16
N LEU A 1009 -13.05 1.20 -32.77
CA LEU A 1009 -11.94 0.39 -32.29
C LEU A 1009 -10.61 1.15 -32.41
N LEU A 1010 -10.38 1.80 -33.56
CA LEU A 1010 -9.14 2.53 -33.77
C LEU A 1010 -9.02 3.71 -32.82
N GLU A 1011 -10.11 4.44 -32.60
CA GLU A 1011 -10.05 5.58 -31.70
C GLU A 1011 -9.91 5.13 -30.24
N ALA A 1012 -10.46 3.97 -29.90
CA ALA A 1012 -10.24 3.42 -28.57
C ALA A 1012 -8.77 3.08 -28.35
N ILE A 1013 -8.14 2.44 -29.34
CA ILE A 1013 -6.72 2.12 -29.22
C ILE A 1013 -5.88 3.39 -29.16
N LEU A 1014 -6.19 4.37 -29.99
CA LEU A 1014 -5.42 5.61 -30.01
C LEU A 1014 -5.66 6.48 -28.78
N ASP A 1015 -6.82 6.34 -28.13
CA ASP A 1015 -7.04 7.04 -26.87
C ASP A 1015 -6.33 6.32 -25.72
N GLY A 1016 -6.29 5.00 -25.76
CA GLY A 1016 -5.54 4.26 -24.76
C GLY A 1016 -4.05 4.49 -24.85
N ILE A 1017 -3.52 4.68 -26.06
CA ILE A 1017 -2.09 4.94 -26.21
C ILE A 1017 -1.66 6.30 -25.70
N VAL A 1018 -2.60 7.16 -25.32
CA VAL A 1018 -2.28 8.46 -24.74
C VAL A 1018 -2.78 8.49 -23.30
N ASP A 1019 -2.72 7.35 -22.62
CA ASP A 1019 -3.11 7.30 -21.21
C ASP A 1019 -2.01 7.94 -20.37
N PRO A 1020 -2.30 8.99 -19.61
CA PRO A 1020 -1.25 9.66 -18.83
C PRO A 1020 -0.95 9.02 -17.49
N VAL A 1021 -1.58 7.88 -17.17
CA VAL A 1021 -1.41 7.22 -15.88
C VAL A 1021 -0.89 5.80 -16.06
N ASP A 1022 -1.49 5.03 -16.96
CA ASP A 1022 -1.14 3.63 -17.15
C ASP A 1022 -0.16 3.51 -18.33
N SER A 1023 1.00 2.91 -18.06
CA SER A 1023 2.01 2.69 -19.10
C SER A 1023 1.91 1.31 -19.73
N THR A 1024 1.45 0.30 -18.97
CA THR A 1024 1.22 -1.02 -19.55
C THR A 1024 0.14 -0.95 -20.63
N LEU A 1025 -0.91 -0.17 -20.38
CA LEU A 1025 -1.93 0.04 -21.39
C LEU A 1025 -1.35 0.74 -22.62
N ARG A 1026 -0.42 1.66 -22.39
CA ARG A 1026 0.24 2.35 -23.50
C ARG A 1026 1.03 1.37 -24.37
N ASP A 1027 1.79 0.50 -23.71
CA ASP A 1027 2.56 -0.54 -24.44
C ASP A 1027 1.59 -1.41 -25.23
N PHE A 1028 0.57 -1.92 -24.57
CA PHE A 1028 -0.38 -2.81 -25.22
C PHE A 1028 -1.06 -2.12 -26.41
N CYS A 1029 -1.33 -0.82 -26.29
CA CYS A 1029 -1.94 -0.10 -27.39
C CYS A 1029 -0.96 0.08 -28.54
N GLY A 1030 0.33 0.26 -28.25
CA GLY A 1030 1.33 0.25 -29.30
C GLY A 1030 1.37 -1.07 -30.05
N ARG A 1031 1.28 -2.18 -29.31
CA ARG A 1031 1.26 -3.52 -29.95
C ARG A 1031 -0.03 -3.68 -30.74
N CYS A 1032 -1.14 -3.11 -30.27
CA CYS A 1032 -2.40 -3.15 -31.00
C CYS A 1032 -2.33 -2.35 -32.29
N ILE A 1033 -1.66 -1.20 -32.26
CA ILE A 1033 -1.49 -0.40 -33.48
C ILE A 1033 -0.64 -1.17 -34.49
N ARG A 1034 0.42 -1.82 -34.04
CA ARG A 1034 1.21 -2.65 -34.97
C ARG A 1034 0.27 -3.65 -35.61
N GLU A 1035 -0.38 -4.46 -34.78
CA GLU A 1035 -1.22 -5.53 -35.32
C GLU A 1035 -2.27 -4.97 -36.27
N PHE A 1036 -2.83 -3.80 -35.94
CA PHE A 1036 -3.86 -3.17 -36.77
C PHE A 1036 -3.32 -2.84 -38.14
N LEU A 1037 -2.14 -2.20 -38.21
CA LEU A 1037 -1.56 -1.90 -39.51
C LEU A 1037 -1.18 -3.17 -40.26
N LYS A 1038 -0.62 -4.15 -39.53
CA LYS A 1038 -0.16 -5.38 -40.18
C LYS A 1038 -1.31 -6.13 -40.84
N TRP A 1039 -2.45 -6.21 -40.17
CA TRP A 1039 -3.60 -6.89 -40.75
C TRP A 1039 -4.43 -5.99 -41.66
N SER A 1040 -4.23 -4.67 -41.60
CA SER A 1040 -4.92 -3.78 -42.54
C SER A 1040 -4.24 -3.79 -43.91
N ILE A 1041 -2.90 -3.86 -43.94
CA ILE A 1041 -2.21 -3.85 -45.22
C ILE A 1041 -2.31 -5.18 -45.96
N LYS A 1042 -2.68 -6.26 -45.27
CA LYS A 1042 -2.68 -7.58 -45.89
C LYS A 1042 -4.06 -8.02 -46.34
N GLN A 1043 -5.08 -7.88 -45.48
CA GLN A 1043 -6.41 -8.38 -45.78
C GLN A 1043 -7.04 -7.64 -46.95
N ILE A 1044 -6.87 -6.32 -47.01
CA ILE A 1044 -7.53 -5.52 -48.03
C ILE A 1044 -6.86 -5.77 -49.38
N THR A 1045 -7.65 -5.60 -50.46
CA THR A 1045 -7.13 -5.69 -51.80
C THR A 1045 -6.30 -4.44 -52.13
N PRO A 1046 -5.45 -4.51 -53.16
CA PRO A 1046 -4.78 -3.28 -53.61
C PRO A 1046 -5.75 -2.18 -54.01
N GLN A 1047 -6.93 -2.53 -54.51
CA GLN A 1047 -7.98 -1.56 -54.80
C GLN A 1047 -8.81 -1.33 -53.53
N GLN A 1048 -9.93 -0.62 -53.68
CA GLN A 1048 -10.86 -0.33 -52.59
C GLN A 1048 -10.16 0.38 -51.43
N GLN A 1049 -9.42 1.44 -51.75
CA GLN A 1049 -8.78 2.27 -50.75
C GLN A 1049 -8.98 3.76 -50.96
N GLU A 1050 -9.40 4.20 -52.14
CA GLU A 1050 -9.63 5.62 -52.39
C GLU A 1050 -10.89 6.07 -51.65
N LYS A 1051 -10.79 7.22 -50.97
CA LYS A 1051 -11.88 7.80 -50.20
C LYS A 1051 -12.42 6.82 -49.16
N SER A 1052 -11.51 6.06 -48.55
CA SER A 1052 -11.87 5.03 -47.58
C SER A 1052 -11.25 5.36 -46.24
N PRO A 1053 -12.05 5.61 -45.20
CA PRO A 1053 -11.49 5.82 -43.85
C PRO A 1053 -10.84 4.56 -43.32
N VAL A 1054 -10.06 4.74 -42.24
CA VAL A 1054 -9.30 3.68 -41.59
C VAL A 1054 -8.38 3.03 -42.62
N ASN A 1055 -7.41 3.79 -43.10
CA ASN A 1055 -6.42 3.31 -44.05
C ASN A 1055 -5.03 3.64 -43.52
N THR A 1056 -4.00 3.25 -44.26
CA THR A 1056 -2.64 3.58 -43.86
C THR A 1056 -2.42 5.09 -43.82
N LYS A 1057 -2.86 5.75 -44.89
CA LYS A 1057 -2.66 7.21 -44.95
C LYS A 1057 -3.36 7.81 -43.73
N SER A 1058 -4.59 7.39 -43.47
CA SER A 1058 -5.36 8.02 -42.36
C SER A 1058 -4.69 7.76 -41.02
N LEU A 1059 -4.19 6.54 -40.80
CA LEU A 1059 -3.55 6.20 -39.52
C LEU A 1059 -2.32 7.07 -39.33
N PHE A 1060 -1.55 7.25 -40.40
CA PHE A 1060 -0.34 8.08 -40.33
C PHE A 1060 -0.72 9.52 -40.00
N LYS A 1061 -1.78 10.01 -40.64
CA LYS A 1061 -2.22 11.41 -40.41
C LYS A 1061 -2.64 11.59 -38.95
N ARG A 1062 -3.34 10.61 -38.37
CA ARG A 1062 -3.69 10.69 -36.93
C ARG A 1062 -2.43 10.69 -36.07
N LEU A 1063 -1.46 9.84 -36.41
CA LEU A 1063 -0.18 9.79 -35.66
C LEU A 1063 0.55 11.13 -35.82
N TYR A 1064 0.53 11.71 -37.02
CA TYR A 1064 1.21 13.00 -37.29
C TYR A 1064 0.56 14.08 -36.44
N SER A 1065 -0.77 14.04 -36.32
CA SER A 1065 -1.51 15.03 -35.51
C SER A 1065 -1.12 14.83 -34.05
N LEU A 1066 -1.13 13.58 -33.58
CA LEU A 1066 -0.70 13.28 -32.22
C LEU A 1066 0.72 13.78 -31.97
N ALA A 1067 1.59 13.66 -32.97
CA ALA A 1067 2.99 14.03 -32.79
C ALA A 1067 3.18 15.53 -32.68
N LEU A 1068 2.29 16.33 -33.27
CA LEU A 1068 2.39 17.79 -33.19
C LEU A 1068 1.52 18.39 -32.10
N HIS A 1069 0.88 17.57 -31.27
CA HIS A 1069 0.06 18.08 -30.20
C HIS A 1069 0.94 18.61 -29.07
N PRO A 1070 0.66 19.81 -28.54
CA PRO A 1070 1.51 20.35 -27.46
C PRO A 1070 1.51 19.51 -26.19
N ASN A 1071 0.49 18.69 -25.96
CA ASN A 1071 0.48 17.82 -24.79
C ASN A 1071 1.62 16.81 -24.87
N ALA A 1072 2.28 16.59 -23.72
CA ALA A 1072 3.48 15.77 -23.70
C ALA A 1072 3.17 14.30 -24.00
N PHE A 1073 2.05 13.79 -23.50
CA PHE A 1073 1.73 12.38 -23.65
C PHE A 1073 1.27 12.02 -25.06
N LYS A 1074 0.73 12.97 -25.82
CA LYS A 1074 0.36 12.68 -27.21
C LYS A 1074 1.59 12.41 -28.06
N ARG A 1075 2.63 13.22 -27.88
CA ARG A 1075 3.88 13.01 -28.61
C ARG A 1075 4.51 11.68 -28.19
N LEU A 1076 4.45 11.35 -26.90
CA LEU A 1076 4.97 10.06 -26.43
C LEU A 1076 4.22 8.91 -27.06
N GLY A 1077 2.88 9.01 -27.14
CA GLY A 1077 2.09 7.96 -27.76
C GLY A 1077 2.38 7.80 -29.24
N ALA A 1078 2.54 8.93 -29.95
CA ALA A 1078 2.87 8.87 -31.36
C ALA A 1078 4.25 8.23 -31.58
N SER A 1079 5.22 8.59 -30.74
CA SER A 1079 6.55 8.01 -30.85
C SER A 1079 6.54 6.51 -30.56
N LEU A 1080 5.80 6.09 -29.53
CA LEU A 1080 5.67 4.66 -29.24
C LEU A 1080 5.00 3.94 -30.39
N ALA A 1081 3.95 4.54 -30.96
CA ALA A 1081 3.27 3.93 -32.11
C ALA A 1081 4.24 3.71 -33.26
N PHE A 1082 4.98 4.75 -33.63
CA PHE A 1082 5.93 4.60 -34.75
C PHE A 1082 7.01 3.57 -34.41
N ASN A 1083 7.48 3.55 -33.17
CA ASN A 1083 8.44 2.55 -32.75
C ASN A 1083 7.89 1.13 -32.83
N ASN A 1084 6.56 0.99 -32.90
CA ASN A 1084 5.95 -0.36 -32.97
C ASN A 1084 5.61 -0.70 -34.42
N ILE A 1085 5.62 0.28 -35.33
CA ILE A 1085 5.21 0.03 -36.71
C ILE A 1085 6.40 -0.16 -37.64
N TYR A 1086 7.55 0.41 -37.29
CA TYR A 1086 8.63 0.61 -38.27
C TYR A 1086 9.08 -0.69 -38.93
N ARG A 1087 8.98 -1.82 -38.22
CA ARG A 1087 9.33 -3.11 -38.81
C ARG A 1087 8.40 -3.46 -39.98
N GLU A 1088 7.10 -3.25 -39.81
CA GLU A 1088 6.16 -3.46 -40.89
C GLU A 1088 6.23 -2.34 -41.93
N PHE A 1089 6.64 -1.14 -41.49
CA PHE A 1089 6.68 0.00 -42.39
C PHE A 1089 7.83 -0.11 -43.39
N ARG A 1090 8.96 -0.66 -42.96
CA ARG A 1090 10.12 -0.74 -43.85
C ARG A 1090 9.98 -1.83 -44.90
N GLU A 1091 9.07 -2.80 -44.70
CA GLU A 1091 8.97 -3.91 -45.64
C GLU A 1091 8.30 -3.50 -46.94
N GLU A 1092 7.26 -2.67 -46.87
CA GLU A 1092 6.53 -2.24 -48.05
C GLU A 1092 7.34 -1.19 -48.79
N GLU A 1093 7.95 -1.58 -49.90
CA GLU A 1093 8.83 -0.68 -50.63
C GLU A 1093 8.08 0.52 -51.20
N SER A 1094 6.88 0.30 -51.73
CA SER A 1094 6.11 1.40 -52.30
C SER A 1094 5.66 2.38 -51.22
N LEU A 1095 5.37 1.89 -50.01
CA LEU A 1095 4.95 2.77 -48.94
C LEU A 1095 6.10 3.61 -48.40
N VAL A 1096 7.33 3.07 -48.47
CA VAL A 1096 8.49 3.78 -47.94
C VAL A 1096 8.79 5.03 -48.76
N GLU A 1097 8.81 4.88 -50.09
CA GLU A 1097 9.29 5.93 -50.99
C GLU A 1097 8.41 7.19 -50.99
N GLN A 1098 7.36 7.20 -50.17
CA GLN A 1098 6.49 8.35 -50.06
C GLN A 1098 6.19 8.73 -48.61
N PHE A 1099 6.84 8.08 -47.64
CA PHE A 1099 6.46 8.27 -46.24
C PHE A 1099 7.67 8.33 -45.32
N VAL A 1100 8.82 8.77 -45.81
CA VAL A 1100 10.05 8.81 -45.02
C VAL A 1100 10.49 10.24 -44.72
N PHE A 1101 10.46 11.11 -45.72
CA PHE A 1101 10.87 12.50 -45.50
C PHE A 1101 9.86 13.24 -44.64
N GLU A 1102 8.56 13.05 -44.93
CA GLU A 1102 7.52 13.70 -44.14
C GLU A 1102 7.54 13.23 -42.70
N ALA A 1103 7.70 11.92 -42.48
CA ALA A 1103 7.76 11.39 -41.12
C ALA A 1103 9.00 11.91 -40.38
N LEU A 1104 10.13 11.98 -41.08
CA LEU A 1104 11.35 12.49 -40.47
C LEU A 1104 11.17 13.94 -40.02
N VAL A 1105 10.60 14.78 -40.88
CA VAL A 1105 10.38 16.18 -40.52
C VAL A 1105 9.39 16.29 -39.37
N ILE A 1106 8.33 15.48 -39.41
CA ILE A 1106 7.30 15.52 -38.37
C ILE A 1106 7.91 15.17 -37.02
N TYR A 1107 8.72 14.12 -36.97
CA TYR A 1107 9.29 13.70 -35.69
C TYR A 1107 10.43 14.60 -35.23
N MET A 1108 11.18 15.21 -36.15
CA MET A 1108 12.15 16.21 -35.71
C MET A 1108 11.46 17.43 -35.12
N GLU A 1109 10.34 17.86 -35.71
CA GLU A 1109 9.60 18.97 -35.13
C GLU A 1109 8.97 18.58 -33.79
N SER A 1110 8.57 17.31 -33.65
CA SER A 1110 8.10 16.84 -32.35
C SER A 1110 9.20 16.88 -31.30
N LEU A 1111 10.42 16.47 -31.68
CA LEU A 1111 11.55 16.56 -30.77
C LEU A 1111 11.85 18.00 -30.38
N ALA A 1112 11.75 18.92 -31.35
CA ALA A 1112 11.91 20.34 -31.03
C ALA A 1112 10.81 20.83 -30.10
N LEU A 1113 9.59 20.32 -30.28
CA LEU A 1113 8.47 20.67 -29.42
C LEU A 1113 8.61 20.12 -28.02
N ALA A 1114 9.38 19.04 -27.84
CA ALA A 1114 9.59 18.43 -26.53
C ALA A 1114 10.69 19.12 -25.73
N HIS A 1115 11.07 20.35 -26.11
CA HIS A 1115 12.12 21.05 -25.40
C HIS A 1115 11.69 21.40 -23.99
N ALA A 1116 10.52 22.02 -23.83
CA ALA A 1116 10.03 22.43 -22.52
C ALA A 1116 9.31 21.30 -21.80
N ASP A 1117 10.03 20.18 -21.62
CA ASP A 1117 9.50 18.99 -20.98
C ASP A 1117 10.42 18.59 -19.83
N GLU A 1118 10.13 17.44 -19.23
CA GLU A 1118 10.96 16.86 -18.18
C GLU A 1118 11.49 15.51 -18.64
N LYS A 1119 12.69 15.18 -18.16
CA LYS A 1119 13.36 13.95 -18.58
C LYS A 1119 12.68 12.69 -18.05
N SER A 1120 11.78 12.82 -17.07
CA SER A 1120 11.14 11.65 -16.50
C SER A 1120 10.04 11.07 -17.39
N LEU A 1121 9.51 11.85 -18.33
CA LEU A 1121 8.42 11.36 -19.15
C LEU A 1121 8.89 10.35 -20.19
N GLY A 1122 10.02 10.62 -20.84
CA GLY A 1122 10.54 9.74 -21.87
C GLY A 1122 10.27 10.17 -23.29
N THR A 1123 9.69 11.36 -23.49
CA THR A 1123 9.38 11.84 -24.82
C THR A 1123 10.65 12.01 -25.65
N ILE A 1124 11.70 12.57 -25.05
CA ILE A 1124 12.97 12.76 -25.75
C ILE A 1124 13.53 11.41 -26.19
N GLN A 1125 13.51 10.43 -25.29
CA GLN A 1125 14.06 9.10 -25.60
C GLN A 1125 13.28 8.44 -26.72
N GLN A 1126 11.95 8.43 -26.63
CA GLN A 1126 11.15 7.76 -27.66
C GLN A 1126 11.27 8.46 -29.01
N CYS A 1127 11.27 9.79 -29.02
CA CYS A 1127 11.43 10.52 -30.27
C CYS A 1127 12.80 10.27 -30.87
N CYS A 1128 13.85 10.21 -30.03
CA CYS A 1128 15.17 9.91 -30.54
C CYS A 1128 15.24 8.52 -31.15
N ASP A 1129 14.65 7.52 -30.49
CA ASP A 1129 14.62 6.18 -31.07
C ASP A 1129 13.89 6.14 -32.40
N ALA A 1130 12.77 6.88 -32.50
CA ALA A 1130 12.06 6.96 -33.77
C ALA A 1130 12.93 7.59 -34.85
N ILE A 1131 13.68 8.63 -34.50
CA ILE A 1131 14.55 9.29 -35.48
C ILE A 1131 15.68 8.36 -35.91
N ASP A 1132 16.25 7.58 -34.97
CA ASP A 1132 17.27 6.61 -35.36
C ASP A 1132 16.70 5.53 -36.28
N HIS A 1133 15.50 5.05 -36.00
CA HIS A 1133 14.88 4.07 -36.90
C HIS A 1133 14.69 4.64 -38.30
N LEU A 1134 14.18 5.87 -38.38
CA LEU A 1134 14.04 6.53 -39.68
C LEU A 1134 15.40 6.66 -40.36
N CYS A 1135 16.40 7.17 -39.63
CA CYS A 1135 17.75 7.33 -40.16
C CYS A 1135 18.28 6.04 -40.76
N ARG A 1136 18.08 4.92 -40.06
CA ARG A 1136 18.47 3.63 -40.62
C ARG A 1136 17.69 3.31 -41.88
N ILE A 1137 16.41 3.73 -41.95
CA ILE A 1137 15.62 3.49 -43.15
C ILE A 1137 16.21 4.21 -44.36
N ILE A 1138 16.58 5.50 -44.19
CA ILE A 1138 17.23 6.16 -45.34
C ILE A 1138 18.63 5.58 -45.59
N GLU A 1139 19.38 5.24 -44.55
CA GLU A 1139 20.72 4.70 -44.75
C GLU A 1139 20.70 3.36 -45.48
N LYS A 1140 19.61 2.60 -45.40
CA LYS A 1140 19.52 1.35 -46.14
C LYS A 1140 18.88 1.51 -47.51
N LYS A 1141 18.38 2.71 -47.85
CA LYS A 1141 17.66 2.92 -49.10
C LYS A 1141 18.02 4.23 -49.76
N HIS A 1142 19.27 4.67 -49.62
CA HIS A 1142 19.64 6.01 -50.11
C HIS A 1142 19.73 6.07 -51.63
N VAL A 1143 20.15 4.97 -52.28
CA VAL A 1143 20.30 4.98 -53.73
C VAL A 1143 18.96 5.11 -54.44
N SER A 1144 17.86 4.69 -53.81
CA SER A 1144 16.54 4.85 -54.40
C SER A 1144 15.90 6.18 -54.05
N LEU A 1145 16.29 6.77 -52.91
CA LEU A 1145 15.80 8.08 -52.52
C LEU A 1145 16.62 9.24 -53.10
N ASN A 1146 17.74 8.93 -53.75
CA ASN A 1146 18.56 10.00 -54.34
C ASN A 1146 17.91 10.57 -55.59
N LYS A 1147 17.30 9.72 -56.42
CA LYS A 1147 16.67 10.19 -57.63
C LYS A 1147 15.47 11.06 -57.31
N ALA A 1148 15.25 12.09 -58.13
CA ALA A 1148 14.21 13.09 -57.87
C ALA A 1148 12.87 12.56 -58.38
N LYS A 1149 12.20 11.78 -57.53
CA LYS A 1149 10.86 11.33 -57.81
C LYS A 1149 9.85 12.34 -57.27
N LYS A 1150 8.57 12.01 -57.39
CA LYS A 1150 7.49 12.86 -56.86
C LYS A 1150 6.98 12.23 -55.58
N ARG A 1151 7.22 12.90 -54.46
CA ARG A 1151 6.88 12.39 -53.14
C ARG A 1151 6.07 13.43 -52.39
N ARG A 1152 5.51 13.01 -51.25
CA ARG A 1152 4.68 13.91 -50.45
C ARG A 1152 5.51 15.05 -49.87
N LEU A 1153 4.92 16.23 -49.83
CA LEU A 1153 5.63 17.45 -49.43
C LEU A 1153 5.54 17.60 -47.92
N PRO A 1154 6.64 17.53 -47.18
CA PRO A 1154 6.59 17.68 -45.73
C PRO A 1154 6.33 19.11 -45.32
N ARG A 1155 5.75 19.28 -44.13
CA ARG A 1155 5.44 20.61 -43.64
C ARG A 1155 6.72 21.40 -43.39
N GLY A 1156 6.69 22.68 -43.71
CA GLY A 1156 7.83 23.56 -43.60
C GLY A 1156 8.71 23.63 -44.83
N PHE A 1157 8.58 22.67 -45.75
CA PHE A 1157 9.36 22.69 -46.98
C PHE A 1157 8.75 23.66 -47.99
N PRO A 1158 9.58 24.29 -48.82
CA PRO A 1158 9.03 25.12 -49.89
C PRO A 1158 8.29 24.28 -50.91
N PRO A 1159 7.27 24.83 -51.56
CA PRO A 1159 6.55 24.07 -52.58
C PRO A 1159 7.46 23.70 -53.75
N SER A 1160 7.26 22.48 -54.26
CA SER A 1160 8.06 21.97 -55.37
C SER A 1160 7.32 20.78 -55.97
N ALA A 1161 7.88 20.23 -57.05
CA ALA A 1161 7.31 19.08 -57.74
C ALA A 1161 8.06 17.78 -57.44
N SER A 1162 9.37 17.85 -57.28
CA SER A 1162 10.19 16.67 -57.03
C SER A 1162 11.01 16.86 -55.76
N LEU A 1163 11.13 15.80 -54.97
CA LEU A 1163 11.86 15.82 -53.72
C LEU A 1163 13.07 14.90 -53.81
N CYS A 1164 14.23 15.41 -53.39
CA CYS A 1164 15.46 14.65 -53.32
C CYS A 1164 15.98 14.64 -51.89
N LEU A 1165 16.94 13.74 -51.63
CA LEU A 1165 17.59 13.72 -50.33
C LEU A 1165 18.43 14.97 -50.11
N LEU A 1166 18.91 15.59 -51.20
CA LEU A 1166 19.68 16.82 -51.09
C LEU A 1166 18.83 17.94 -50.48
N ASP A 1167 17.55 18.00 -50.82
CA ASP A 1167 16.66 18.97 -50.21
C ASP A 1167 16.53 18.72 -48.71
N LEU A 1168 16.48 17.44 -48.30
CA LEU A 1168 16.41 17.11 -46.89
C LEU A 1168 17.66 17.54 -46.15
N VAL A 1169 18.84 17.28 -46.73
CA VAL A 1169 20.07 17.67 -46.04
C VAL A 1169 20.24 19.19 -46.02
N LYS A 1170 19.75 19.89 -47.06
CA LYS A 1170 19.75 21.35 -47.01
C LYS A 1170 18.82 21.87 -45.91
N TRP A 1171 17.66 21.23 -45.74
CA TRP A 1171 16.76 21.61 -44.65
C TRP A 1171 17.42 21.37 -43.29
N LEU A 1172 18.10 20.23 -43.14
CA LEU A 1172 18.80 19.95 -41.89
C LEU A 1172 19.89 20.98 -41.62
N LEU A 1173 20.68 21.33 -42.65
CA LEU A 1173 21.72 22.34 -42.48
C LEU A 1173 21.13 23.69 -42.11
N ALA A 1174 20.02 24.07 -42.75
CA ALA A 1174 19.38 25.34 -42.44
C ALA A 1174 18.85 25.37 -41.03
N HIS A 1175 18.29 24.25 -40.55
CA HIS A 1175 17.74 24.17 -39.21
C HIS A 1175 18.78 23.73 -38.17
N CYS A 1176 20.05 23.64 -38.56
CA CYS A 1176 21.10 23.28 -37.61
C CYS A 1176 21.24 24.33 -36.51
N GLY A 1177 20.85 25.58 -36.76
CA GLY A 1177 20.96 26.62 -35.77
C GLY A 1177 19.73 26.76 -34.90
N ARG A 1178 19.11 25.63 -34.57
CA ARG A 1178 17.87 25.66 -33.80
C ARG A 1178 18.16 26.02 -32.34
N PRO A 1179 17.36 26.91 -31.74
CA PRO A 1179 17.53 27.20 -30.31
C PRO A 1179 17.30 26.00 -29.41
N GLN A 1180 16.47 25.04 -29.83
CA GLN A 1180 16.24 23.84 -29.04
C GLN A 1180 17.48 22.96 -29.06
N THR A 1181 17.74 22.28 -27.94
CA THR A 1181 19.02 21.61 -27.75
C THR A 1181 19.06 20.25 -28.45
N GLU A 1182 18.17 19.33 -28.05
CA GLU A 1182 18.21 17.98 -28.58
C GLU A 1182 17.92 17.95 -30.07
N CYS A 1183 16.99 18.79 -30.53
CA CYS A 1183 16.68 18.85 -31.96
C CYS A 1183 17.86 19.36 -32.76
N ARG A 1184 18.61 20.33 -32.23
CA ARG A 1184 19.80 20.82 -32.92
C ARG A 1184 20.91 19.77 -32.94
N HIS A 1185 21.11 19.07 -31.83
CA HIS A 1185 22.07 17.97 -31.80
C HIS A 1185 21.74 16.93 -32.85
N LYS A 1186 20.47 16.52 -32.91
CA LYS A 1186 20.05 15.55 -33.91
C LYS A 1186 20.15 16.12 -35.32
N SER A 1187 19.92 17.43 -35.49
CA SER A 1187 20.06 18.04 -36.80
C SER A 1187 21.48 17.91 -37.31
N ILE A 1188 22.46 18.20 -36.46
CA ILE A 1188 23.86 18.03 -36.85
C ILE A 1188 24.18 16.55 -37.08
N GLU A 1189 23.61 15.67 -36.26
CA GLU A 1189 23.85 14.23 -36.43
C GLU A 1189 23.36 13.73 -37.77
N LEU A 1190 22.10 14.01 -38.12
CA LEU A 1190 21.56 13.66 -39.44
C LEU A 1190 22.34 14.32 -40.57
N PHE A 1191 22.77 15.58 -40.39
CA PHE A 1191 23.52 16.24 -41.45
C PHE A 1191 24.82 15.51 -41.73
N TYR A 1192 25.61 15.22 -40.70
CA TYR A 1192 26.88 14.53 -40.90
C TYR A 1192 26.68 13.10 -41.37
N LYS A 1193 25.59 12.44 -40.94
CA LYS A 1193 25.36 11.06 -41.37
C LYS A 1193 24.78 10.97 -42.77
N PHE A 1194 24.19 12.05 -43.30
CA PHE A 1194 23.53 12.01 -44.59
C PHE A 1194 24.31 12.70 -45.71
N VAL A 1195 25.28 13.54 -45.39
CA VAL A 1195 26.13 14.12 -46.44
C VAL A 1195 26.84 13.06 -47.28
N PRO A 1196 27.44 12.00 -46.72
CA PRO A 1196 28.10 11.01 -47.60
C PRO A 1196 27.17 10.31 -48.56
N LEU A 1197 25.87 10.22 -48.28
CA LEU A 1197 24.94 9.48 -49.12
C LEU A 1197 24.40 10.29 -50.29
N LEU A 1198 25.05 11.39 -50.65
CA LEU A 1198 24.70 12.22 -51.80
C LEU A 1198 25.10 11.47 -53.08
N PRO A 1199 24.79 12.00 -54.28
CA PRO A 1199 25.31 11.37 -55.50
C PRO A 1199 26.83 11.21 -55.51
N GLY A 1200 27.57 12.17 -54.95
CA GLY A 1200 28.98 12.00 -54.75
C GLY A 1200 29.29 11.31 -53.43
N ASN A 1201 30.58 11.07 -53.19
CA ASN A 1201 31.06 10.50 -51.95
C ASN A 1201 31.96 11.50 -51.21
N ARG A 1202 31.75 12.78 -51.46
CA ARG A 1202 32.59 13.83 -50.90
C ARG A 1202 32.34 14.00 -49.40
N SER A 1203 33.41 14.34 -48.69
CA SER A 1203 33.31 14.62 -47.26
C SER A 1203 32.55 15.91 -47.03
N PRO A 1204 32.01 16.11 -45.82
CA PRO A 1204 31.31 17.38 -45.53
C PRO A 1204 32.17 18.61 -45.70
N ASN A 1205 33.49 18.49 -45.51
CA ASN A 1205 34.39 19.62 -45.73
C ASN A 1205 34.35 20.07 -47.19
N LEU A 1206 34.52 19.13 -48.11
CA LEU A 1206 34.49 19.46 -49.54
C LEU A 1206 33.11 19.95 -49.97
N TRP A 1207 32.05 19.32 -49.44
CA TRP A 1207 30.70 19.73 -49.78
C TRP A 1207 30.42 21.16 -49.34
N LEU A 1208 30.82 21.50 -48.11
CA LEU A 1208 30.61 22.86 -47.63
C LEU A 1208 31.52 23.85 -48.36
N LYS A 1209 32.65 23.37 -48.84
CA LYS A 1209 33.51 24.28 -49.65
C LYS A 1209 32.66 24.75 -50.83
N ASP A 1210 32.20 23.82 -51.67
CA ASP A 1210 31.46 24.23 -52.89
C ASP A 1210 30.15 24.95 -52.55
N VAL A 1211 29.41 24.45 -51.56
CA VAL A 1211 28.16 25.15 -51.12
C VAL A 1211 28.52 26.53 -50.57
N LEU A 1212 29.59 26.62 -49.77
CA LEU A 1212 30.02 27.98 -49.31
C LEU A 1212 30.45 28.78 -50.53
N LYS A 1213 31.15 28.14 -51.48
CA LYS A 1213 31.68 28.88 -52.65
C LYS A 1213 30.51 29.44 -53.48
N GLU A 1214 29.47 28.65 -53.66
CA GLU A 1214 28.30 29.10 -54.46
C GLU A 1214 27.65 30.30 -53.77
N GLU A 1215 27.55 30.27 -52.44
CA GLU A 1215 26.79 31.35 -51.75
C GLU A 1215 27.65 32.14 -50.76
N GLY A 1216 28.99 32.11 -50.86
CA GLY A 1216 29.73 32.92 -49.92
C GLY A 1216 29.62 32.43 -48.49
N VAL A 1217 30.45 33.02 -47.64
CA VAL A 1217 30.47 32.68 -46.22
C VAL A 1217 29.22 33.19 -45.51
N SER A 1218 28.58 34.24 -46.05
CA SER A 1218 27.43 34.84 -45.38
C SER A 1218 26.27 33.86 -45.25
N PHE A 1219 26.16 32.91 -46.18
CA PHE A 1219 25.15 31.85 -46.05
C PHE A 1219 25.38 31.04 -44.78
N LEU A 1220 26.64 30.63 -44.54
CA LEU A 1220 26.95 29.86 -43.34
C LEU A 1220 26.78 30.71 -42.08
N ILE A 1221 27.15 31.99 -42.15
CA ILE A 1221 26.98 32.87 -40.99
C ILE A 1221 25.51 33.03 -40.65
N ASN A 1222 24.65 33.23 -41.65
CA ASN A 1222 23.22 33.35 -41.39
C ASN A 1222 22.63 32.02 -40.93
N THR A 1223 23.17 30.90 -41.40
CA THR A 1223 22.71 29.60 -40.92
C THR A 1223 23.04 29.41 -39.45
N PHE A 1224 24.26 29.77 -39.04
CA PHE A 1224 24.67 29.55 -37.66
C PHE A 1224 24.02 30.55 -36.71
N GLU A 1225 23.94 31.82 -37.10
CA GLU A 1225 23.46 32.88 -36.22
C GLU A 1225 21.99 33.22 -36.45
N GLY A 1226 21.28 32.47 -37.29
CA GLY A 1226 19.91 32.82 -37.61
C GLY A 1226 18.90 32.52 -36.52
N GLY A 1227 19.28 31.74 -35.51
CA GLY A 1227 18.35 31.40 -34.44
C GLY A 1227 17.17 30.58 -34.92
N GLY A 1228 17.41 29.61 -35.78
CA GLY A 1228 16.34 28.80 -36.34
C GLY A 1228 16.30 28.86 -37.86
N CYS A 1229 15.21 29.37 -38.41
CA CYS A 1229 15.05 29.47 -39.86
C CYS A 1229 13.98 30.50 -40.17
N GLY A 1230 13.93 30.91 -41.43
CA GLY A 1230 12.92 31.84 -41.90
C GLY A 1230 13.20 33.29 -41.55
N GLN A 1231 12.39 33.84 -40.64
CA GLN A 1231 12.54 35.23 -40.26
C GLN A 1231 13.87 35.46 -39.55
N PRO A 1232 14.57 36.55 -39.84
CA PRO A 1232 15.85 36.82 -39.19
C PRO A 1232 15.68 37.00 -37.68
N SER A 1233 16.45 36.24 -36.91
CA SER A 1233 16.38 36.25 -35.46
C SER A 1233 17.71 35.74 -34.92
N GLY A 1234 17.72 35.34 -33.66
CA GLY A 1234 18.94 34.86 -33.04
C GLY A 1234 19.86 35.99 -32.65
N ILE A 1235 21.11 35.64 -32.32
CA ILE A 1235 22.06 36.69 -31.84
C ILE A 1235 22.29 37.72 -32.97
N LEU A 1236 22.14 37.33 -34.24
CA LEU A 1236 22.30 38.38 -35.28
C LEU A 1236 21.21 39.45 -35.10
N ALA A 1237 19.95 39.07 -34.88
CA ALA A 1237 18.87 40.04 -34.58
C ALA A 1237 19.11 40.73 -33.24
N GLN A 1238 19.55 39.96 -32.24
CA GLN A 1238 19.69 40.49 -30.87
C GLN A 1238 21.07 40.15 -30.33
N PRO A 1239 22.16 40.85 -30.71
CA PRO A 1239 23.49 40.44 -30.27
C PRO A 1239 23.59 40.51 -28.75
N THR A 1240 23.01 41.54 -28.15
CA THR A 1240 23.05 41.72 -26.67
C THR A 1240 21.62 41.70 -26.14
N LEU A 1241 21.46 41.56 -24.82
CA LEU A 1241 20.11 41.60 -24.23
C LEU A 1241 19.60 43.05 -24.15
N LEU A 1242 20.31 44.01 -24.78
CA LEU A 1242 19.78 45.37 -24.79
C LEU A 1242 18.83 45.61 -25.94
N TYR A 1243 18.80 44.68 -26.90
CA TYR A 1243 17.97 44.84 -28.12
C TYR A 1243 16.51 44.45 -27.86
N LEU A 1244 16.25 43.73 -26.77
CA LEU A 1244 14.90 43.27 -26.49
C LEU A 1244 14.02 44.43 -26.03
N ARG A 1245 12.71 44.22 -26.15
CA ARG A 1245 11.72 45.23 -25.79
C ARG A 1245 10.60 44.58 -25.00
N GLY A 1246 9.95 45.40 -24.17
CA GLY A 1246 8.84 44.93 -23.36
C GLY A 1246 9.23 44.72 -21.91
N PRO A 1247 8.26 44.35 -21.07
CA PRO A 1247 8.58 44.08 -19.67
C PRO A 1247 9.40 42.80 -19.53
N PHE A 1248 10.49 42.90 -18.80
CA PHE A 1248 11.42 41.77 -18.66
C PHE A 1248 10.80 40.70 -17.76
N SER A 1249 10.90 39.44 -18.22
CA SER A 1249 10.36 38.31 -17.49
C SER A 1249 11.38 37.17 -17.53
N LEU A 1250 11.23 36.25 -16.58
CA LEU A 1250 12.16 35.13 -16.49
C LEU A 1250 12.07 34.21 -17.71
N GLN A 1251 10.91 34.15 -18.35
CA GLN A 1251 10.77 33.32 -19.55
C GLN A 1251 11.50 33.93 -20.73
N ALA A 1252 11.43 35.25 -20.88
CA ALA A 1252 11.99 35.92 -22.06
C ALA A 1252 13.50 36.03 -22.01
N THR A 1253 14.09 36.19 -20.82
CA THR A 1253 15.53 36.39 -20.74
C THR A 1253 16.33 35.15 -21.08
N LEU A 1254 15.75 33.96 -20.85
CA LEU A 1254 16.45 32.72 -21.13
C LEU A 1254 16.55 32.44 -22.62
N CYS A 1255 15.70 33.06 -23.44
CA CYS A 1255 15.73 32.80 -24.88
C CYS A 1255 17.02 33.29 -25.51
N TRP A 1256 17.50 34.44 -25.04
CA TRP A 1256 18.78 34.98 -25.56
C TRP A 1256 19.87 33.94 -25.26
N LEU A 1257 19.93 33.47 -24.01
CA LEU A 1257 20.94 32.49 -23.62
C LEU A 1257 20.83 31.22 -24.45
N ASP A 1258 19.61 30.79 -24.75
CA ASP A 1258 19.42 29.61 -25.61
C ASP A 1258 19.95 29.86 -27.02
N LEU A 1259 19.71 31.05 -27.57
CA LEU A 1259 20.23 31.38 -28.89
C LEU A 1259 21.76 31.42 -28.89
N LEU A 1260 22.35 31.98 -27.84
CA LEU A 1260 23.81 31.97 -27.72
C LEU A 1260 24.34 30.55 -27.61
N LEU A 1261 23.66 29.70 -26.84
CA LEU A 1261 24.04 28.30 -26.71
C LEU A 1261 24.00 27.61 -28.07
N ALA A 1262 22.95 27.84 -28.84
CA ALA A 1262 22.83 27.23 -30.16
C ALA A 1262 23.96 27.68 -31.07
N ALA A 1263 24.24 28.99 -31.10
CA ALA A 1263 25.31 29.50 -31.96
C ALA A 1263 26.66 28.91 -31.56
N LEU A 1264 26.94 28.86 -30.26
CA LEU A 1264 28.19 28.27 -29.79
C LEU A 1264 28.28 26.80 -30.18
N GLU A 1265 27.17 26.06 -30.06
CA GLU A 1265 27.18 24.64 -30.38
C GLU A 1265 27.46 24.41 -31.86
N CYS A 1266 26.76 25.12 -32.74
CA CYS A 1266 27.01 24.93 -34.18
C CYS A 1266 28.42 25.34 -34.57
N TYR A 1267 28.91 26.46 -34.03
CA TYR A 1267 30.27 26.89 -34.38
C TYR A 1267 31.32 25.89 -33.88
N ASN A 1268 31.16 25.41 -32.65
CA ASN A 1268 32.11 24.44 -32.10
C ASN A 1268 32.07 23.15 -32.90
N THR A 1269 30.87 22.67 -33.25
CA THR A 1269 30.75 21.41 -33.96
C THR A 1269 31.31 21.52 -35.37
N PHE A 1270 31.12 22.66 -36.04
CA PHE A 1270 31.59 22.81 -37.40
C PHE A 1270 33.05 23.26 -37.48
N ILE A 1271 33.66 23.66 -36.37
CA ILE A 1271 35.07 24.00 -36.35
C ILE A 1271 35.93 22.82 -35.87
N GLY A 1272 35.49 22.11 -34.84
CA GLY A 1272 36.30 21.06 -34.25
C GLY A 1272 36.43 19.81 -35.09
N GLU A 1273 35.52 19.59 -36.03
CA GLU A 1273 35.54 18.42 -36.89
C GLU A 1273 36.21 18.69 -38.23
N ARG A 1274 36.94 19.80 -38.34
CA ARG A 1274 37.68 20.17 -39.56
C ARG A 1274 36.74 20.27 -40.76
N THR A 1275 35.58 20.89 -40.56
CA THR A 1275 34.61 21.09 -41.63
C THR A 1275 34.82 22.42 -42.34
N VAL A 1276 34.94 23.51 -41.59
CA VAL A 1276 35.23 24.82 -42.13
C VAL A 1276 36.31 25.47 -41.29
N GLY A 1277 37.25 26.15 -41.95
CA GLY A 1277 38.32 26.83 -41.22
C GLY A 1277 37.78 27.97 -40.37
N ALA A 1278 38.39 28.15 -39.20
CA ALA A 1278 37.94 29.18 -38.28
C ALA A 1278 38.14 30.58 -38.87
N LEU A 1279 39.28 30.81 -39.53
CA LEU A 1279 39.52 32.11 -40.14
C LEU A 1279 38.53 32.38 -41.27
N GLN A 1280 38.18 31.34 -42.02
CA GLN A 1280 37.22 31.51 -43.11
C GLN A 1280 35.81 31.81 -42.59
N VAL A 1281 35.44 31.21 -41.45
CA VAL A 1281 34.05 31.25 -41.01
C VAL A 1281 33.77 32.39 -40.02
N LEU A 1282 34.77 32.84 -39.27
CA LEU A 1282 34.56 33.88 -38.26
C LEU A 1282 35.67 34.93 -38.30
N GLY A 1283 36.25 35.14 -39.49
CA GLY A 1283 37.30 36.12 -39.62
C GLY A 1283 36.76 37.54 -39.80
N THR A 1284 37.30 38.28 -40.76
CA THR A 1284 36.89 39.65 -41.02
C THR A 1284 36.13 39.79 -42.34
N GLU A 1285 35.57 38.69 -42.86
CA GLU A 1285 34.90 38.74 -44.14
C GLU A 1285 33.57 39.47 -44.06
N ALA A 1286 32.79 39.21 -43.02
CA ALA A 1286 31.48 39.83 -42.89
C ALA A 1286 31.11 39.89 -41.41
N GLN A 1287 29.89 40.33 -41.14
CA GLN A 1287 29.40 40.42 -39.77
C GLN A 1287 29.25 39.04 -39.17
N SER A 1288 29.67 38.90 -37.90
CA SER A 1288 29.60 37.63 -37.19
C SER A 1288 28.71 37.70 -35.96
N SER A 1289 28.92 38.70 -35.10
CA SER A 1289 28.04 38.89 -33.91
C SER A 1289 28.27 37.80 -32.85
N LEU A 1290 29.11 36.80 -33.14
CA LEU A 1290 29.40 35.75 -32.16
C LEU A 1290 30.41 36.24 -31.13
N LEU A 1291 31.49 36.86 -31.59
CA LEU A 1291 32.47 37.42 -30.67
C LEU A 1291 31.87 38.54 -29.83
N LYS A 1292 30.99 39.36 -30.44
CA LYS A 1292 30.33 40.42 -29.70
C LYS A 1292 29.44 39.87 -28.60
N ALA A 1293 28.68 38.81 -28.91
CA ALA A 1293 27.79 38.21 -27.89
C ALA A 1293 28.63 37.57 -26.79
N VAL A 1294 29.72 36.89 -27.17
CA VAL A 1294 30.57 36.24 -26.18
C VAL A 1294 31.19 37.28 -25.25
N ALA A 1295 31.67 38.39 -25.82
CA ALA A 1295 32.28 39.44 -25.01
C ALA A 1295 31.26 40.11 -24.11
N PHE A 1296 30.04 40.32 -24.62
CA PHE A 1296 28.99 40.93 -23.80
C PHE A 1296 28.58 40.02 -22.64
N PHE A 1297 28.48 38.72 -22.89
CA PHE A 1297 28.10 37.79 -21.83
C PHE A 1297 29.22 37.63 -20.81
N LEU A 1298 30.47 37.51 -21.26
CA LEU A 1298 31.58 37.27 -20.36
C LEU A 1298 31.85 38.48 -19.46
N GLU A 1299 31.76 39.68 -20.00
CA GLU A 1299 32.12 40.88 -19.25
C GLU A 1299 30.96 41.43 -18.42
N SER A 1300 29.77 41.52 -19.01
CA SER A 1300 28.67 42.23 -18.37
C SER A 1300 27.68 41.32 -17.65
N ILE A 1301 27.54 40.07 -18.05
CA ILE A 1301 26.57 39.15 -17.47
C ILE A 1301 27.24 38.12 -16.57
N ALA A 1302 28.40 37.59 -16.98
CA ALA A 1302 29.11 36.62 -16.15
C ALA A 1302 29.62 37.28 -14.88
N MET A 1303 29.84 36.45 -13.86
CA MET A 1303 30.24 36.90 -12.51
C MET A 1303 29.23 37.88 -11.93
N HIS A 1304 27.95 37.63 -12.19
CA HIS A 1304 26.88 38.49 -11.70
C HIS A 1304 25.68 37.63 -11.37
N ASP A 1305 24.57 38.28 -11.00
CA ASP A 1305 23.33 37.61 -10.63
C ASP A 1305 22.21 38.11 -11.54
N ILE A 1306 20.97 37.69 -11.23
CA ILE A 1306 19.83 38.12 -12.02
C ILE A 1306 19.54 39.61 -11.85
N ILE A 1307 19.94 40.20 -10.73
CA ILE A 1307 19.72 41.63 -10.52
C ILE A 1307 20.58 42.45 -11.48
N ALA A 1308 21.72 41.88 -11.91
CA ALA A 1308 22.52 42.54 -12.94
C ALA A 1308 22.02 42.20 -14.34
N ALA A 1309 21.38 41.02 -14.49
CA ALA A 1309 20.76 40.68 -15.76
C ALA A 1309 19.61 41.62 -16.08
N GLU A 1310 18.85 42.01 -15.07
CA GLU A 1310 17.77 42.99 -15.23
C GLU A 1310 18.27 44.43 -15.25
N LYS A 1311 19.59 44.62 -15.27
CA LYS A 1311 20.25 45.94 -15.32
C LYS A 1311 19.83 46.71 -14.05
N CYS A 1312 19.54 48.01 -14.18
CA CYS A 1312 19.12 48.81 -13.02
C CYS A 1312 18.15 49.88 -13.53
N PHE A 1313 16.85 49.56 -13.47
CA PHE A 1313 15.77 50.44 -13.89
C PHE A 1313 15.96 50.92 -15.33
N GLY A 1314 15.94 49.95 -16.25
CA GLY A 1314 16.08 50.24 -17.66
C GLY A 1314 14.82 50.77 -18.29
N THR A 1315 14.55 50.36 -19.54
CA THR A 1315 13.34 50.81 -20.22
C THR A 1315 12.08 50.18 -19.63
N GLY A 1316 12.22 49.10 -18.86
CA GLY A 1316 11.05 48.52 -18.20
C GLY A 1316 10.47 49.42 -17.13
N ALA A 1317 11.34 50.08 -16.36
CA ALA A 1317 10.95 51.00 -15.28
C ALA A 1317 10.03 50.31 -14.27
N ALA A 1318 10.42 49.12 -13.84
CA ALA A 1318 9.65 48.36 -12.86
C ALA A 1318 10.60 47.50 -12.04
N GLY A 1319 10.61 47.72 -10.72
CA GLY A 1319 11.44 46.90 -9.86
C GLY A 1319 10.98 45.45 -9.81
N ASN A 1320 9.67 45.25 -9.71
CA ASN A 1320 9.02 43.93 -9.68
C ASN A 1320 9.59 43.11 -8.52
N ARG A 1321 9.61 41.79 -8.64
CA ARG A 1321 10.11 40.91 -7.60
C ARG A 1321 10.94 39.82 -8.28
N THR A 1322 11.35 38.81 -7.51
CA THR A 1322 12.12 37.69 -8.04
C THR A 1322 11.89 36.48 -7.16
N SER A 1323 11.31 35.42 -7.72
CA SER A 1323 11.07 34.21 -6.96
C SER A 1323 12.39 33.49 -6.66
N PRO A 1324 12.46 32.77 -5.53
CA PRO A 1324 13.70 32.04 -5.22
C PRO A 1324 14.08 31.00 -6.26
N GLN A 1325 13.11 30.31 -6.85
CA GLN A 1325 13.41 29.35 -7.90
C GLN A 1325 13.78 30.01 -9.22
N GLU A 1326 13.35 31.26 -9.43
CA GLU A 1326 13.75 32.00 -10.62
C GLU A 1326 15.25 32.21 -10.66
N GLY A 1327 15.86 32.45 -9.49
CA GLY A 1327 17.31 32.61 -9.44
C GLY A 1327 18.05 31.35 -9.87
N GLU A 1328 17.60 30.19 -9.39
CA GLU A 1328 18.22 28.93 -9.79
C GLU A 1328 17.99 28.64 -11.27
N ARG A 1329 16.78 28.94 -11.76
CA ARG A 1329 16.47 28.70 -13.17
C ARG A 1329 17.33 29.58 -14.08
N TYR A 1330 17.56 30.83 -13.68
CA TYR A 1330 18.46 31.71 -14.43
C TYR A 1330 19.90 31.24 -14.31
N ASN A 1331 20.31 30.79 -13.12
CA ASN A 1331 21.70 30.42 -12.89
C ASN A 1331 22.10 29.17 -13.65
N TYR A 1332 21.17 28.23 -13.83
CA TYR A 1332 21.47 27.04 -14.63
C TYR A 1332 21.82 27.42 -16.06
N SER A 1333 20.98 28.25 -16.68
CA SER A 1333 21.24 28.68 -18.05
C SER A 1333 22.47 29.58 -18.12
N LYS A 1334 22.73 30.37 -17.07
CA LYS A 1334 23.93 31.22 -17.07
C LYS A 1334 25.20 30.38 -17.03
N CYS A 1335 25.24 29.36 -16.16
CA CYS A 1335 26.41 28.51 -16.05
C CYS A 1335 26.54 27.55 -17.22
N THR A 1336 25.46 27.30 -17.95
CA THR A 1336 25.57 26.45 -19.14
C THR A 1336 26.37 27.12 -20.25
N VAL A 1337 26.35 28.46 -20.32
CA VAL A 1337 27.00 29.13 -21.45
C VAL A 1337 28.49 29.32 -21.21
N VAL A 1338 28.93 29.53 -19.96
CA VAL A 1338 30.35 29.75 -19.71
C VAL A 1338 31.14 28.48 -20.03
N VAL A 1339 30.57 27.31 -19.76
CA VAL A 1339 31.22 26.05 -20.07
C VAL A 1339 31.44 25.93 -21.58
N ARG A 1340 30.37 26.16 -22.34
CA ARG A 1340 30.47 26.08 -23.80
C ARG A 1340 31.46 27.11 -24.34
N ILE A 1341 31.57 28.27 -23.70
CA ILE A 1341 32.60 29.24 -24.06
C ILE A 1341 33.99 28.65 -23.84
N MET A 1342 34.18 27.93 -22.73
CA MET A 1342 35.49 27.32 -22.46
C MET A 1342 35.85 26.26 -23.50
N GLU A 1343 34.92 25.35 -23.84
CA GLU A 1343 35.23 24.43 -24.95
C GLU A 1343 35.39 25.14 -26.29
N PHE A 1344 34.68 26.25 -26.51
CA PHE A 1344 34.89 26.99 -27.75
C PHE A 1344 36.31 27.52 -27.84
N THR A 1345 36.79 28.14 -26.75
CA THR A 1345 38.15 28.66 -26.72
C THR A 1345 39.17 27.53 -26.85
N THR A 1346 38.94 26.41 -26.17
CA THR A 1346 39.84 25.26 -26.28
C THR A 1346 39.89 24.74 -27.70
N THR A 1347 38.74 24.62 -28.36
CA THR A 1347 38.68 24.13 -29.73
C THR A 1347 39.40 25.07 -30.68
N LEU A 1348 39.19 26.38 -30.53
CA LEU A 1348 39.86 27.35 -31.39
C LEU A 1348 41.37 27.25 -31.22
N LEU A 1349 41.85 27.23 -29.97
CA LEU A 1349 43.29 27.18 -29.73
C LEU A 1349 43.91 25.89 -30.23
N ASN A 1350 43.23 24.75 -30.03
CA ASN A 1350 43.79 23.47 -30.43
C ASN A 1350 43.73 23.25 -31.94
N THR A 1351 42.73 23.80 -32.61
CA THR A 1351 42.55 23.55 -34.04
C THR A 1351 43.29 24.56 -34.91
N SER A 1352 43.26 25.84 -34.54
CA SER A 1352 43.84 26.87 -35.41
C SER A 1352 45.19 27.29 -34.87
N PRO A 1353 46.29 26.97 -35.56
CA PRO A 1353 47.60 27.49 -35.12
C PRO A 1353 47.68 29.01 -35.15
N GLU A 1354 46.99 29.66 -36.09
CA GLU A 1354 46.89 31.11 -36.14
C GLU A 1354 45.65 31.63 -35.45
N GLY A 1355 45.06 30.84 -34.53
CA GLY A 1355 43.83 31.22 -33.88
C GLY A 1355 43.95 32.27 -32.80
N TRP A 1356 45.18 32.64 -32.41
CA TRP A 1356 45.33 33.67 -31.39
C TRP A 1356 44.92 35.04 -31.92
N LYS A 1357 45.13 35.29 -33.22
CA LYS A 1357 44.69 36.55 -33.80
C LYS A 1357 43.17 36.68 -33.76
N LEU A 1358 42.47 35.59 -34.07
CA LEU A 1358 41.01 35.60 -33.95
C LEU A 1358 40.57 35.65 -32.49
N LEU A 1359 41.36 35.06 -31.58
CA LEU A 1359 41.05 35.14 -30.17
C LEU A 1359 41.20 36.57 -29.65
N LYS A 1360 42.08 37.36 -30.27
CA LYS A 1360 42.19 38.76 -29.89
C LYS A 1360 40.91 39.54 -30.20
N LYS A 1361 40.07 39.05 -31.10
CA LYS A 1361 38.79 39.68 -31.37
C LYS A 1361 37.79 39.50 -30.23
N ASP A 1362 38.10 38.65 -29.24
CA ASP A 1362 37.25 38.53 -28.06
C ASP A 1362 37.15 39.86 -27.32
N LEU A 1363 38.26 40.61 -27.27
CA LEU A 1363 38.37 41.92 -26.62
C LEU A 1363 38.12 41.85 -25.12
N CYS A 1364 37.97 40.65 -24.55
CA CYS A 1364 37.69 40.47 -23.13
C CYS A 1364 38.49 39.30 -22.57
N ASN A 1365 39.70 39.07 -23.08
CA ASN A 1365 40.54 37.98 -22.58
C ASN A 1365 40.83 38.13 -21.10
N THR A 1366 40.91 39.37 -20.60
CA THR A 1366 41.02 39.57 -19.17
C THR A 1366 39.80 39.05 -18.43
N HIS A 1367 38.60 39.29 -18.99
CA HIS A 1367 37.39 38.75 -18.38
C HIS A 1367 37.29 37.24 -18.52
N LEU A 1368 37.82 36.68 -19.62
CA LEU A 1368 37.87 35.23 -19.75
C LEU A 1368 38.77 34.61 -18.68
N MET A 1369 39.94 35.21 -18.45
CA MET A 1369 40.79 34.75 -17.36
C MET A 1369 40.11 34.95 -16.01
N ARG A 1370 39.32 36.02 -15.87
CA ARG A 1370 38.58 36.26 -14.63
C ARG A 1370 37.60 35.11 -14.35
N VAL A 1371 36.79 34.76 -15.34
CA VAL A 1371 35.82 33.69 -15.10
C VAL A 1371 36.53 32.35 -14.91
N LEU A 1372 37.64 32.13 -15.62
CA LEU A 1372 38.39 30.89 -15.44
C LEU A 1372 38.92 30.75 -14.01
N VAL A 1373 39.61 31.78 -13.51
CA VAL A 1373 40.17 31.71 -12.17
C VAL A 1373 39.11 31.81 -11.09
N GLN A 1374 37.93 32.36 -11.40
CA GLN A 1374 36.84 32.34 -10.44
C GLN A 1374 36.19 30.97 -10.38
N THR A 1375 36.10 30.27 -11.52
CA THR A 1375 35.66 28.89 -11.52
C THR A 1375 36.67 28.00 -10.80
N LEU A 1376 37.95 28.37 -10.83
CA LEU A 1376 38.96 27.64 -10.08
C LEU A 1376 38.72 27.71 -8.58
N CYS A 1377 38.80 28.92 -8.03
CA CYS A 1377 38.87 29.08 -6.58
C CYS A 1377 37.56 28.68 -5.91
N GLU A 1378 36.43 29.14 -6.42
CA GLU A 1378 35.13 28.83 -5.83
C GLU A 1378 34.10 28.88 -6.94
N PRO A 1379 33.67 27.71 -7.44
CA PRO A 1379 32.69 27.70 -8.53
C PRO A 1379 31.32 28.23 -8.13
N ALA A 1380 30.94 28.08 -6.85
CA ALA A 1380 29.60 28.47 -6.43
C ALA A 1380 29.42 29.98 -6.34
N SER A 1381 30.50 30.76 -6.42
CA SER A 1381 30.36 32.21 -6.44
C SER A 1381 29.72 32.67 -7.73
N ILE A 1382 30.08 32.06 -8.86
CA ILE A 1382 29.49 32.43 -10.14
C ILE A 1382 28.02 32.06 -10.18
N GLY A 1383 27.66 30.91 -9.63
CA GLY A 1383 26.28 30.45 -9.69
C GLY A 1383 26.14 28.95 -9.83
N PHE A 1384 27.27 28.25 -9.98
CA PHE A 1384 27.27 26.79 -10.06
C PHE A 1384 26.65 26.19 -8.81
N ASN A 1385 25.50 25.55 -8.96
CA ASN A 1385 24.71 25.07 -7.84
C ASN A 1385 25.13 23.66 -7.46
N ILE A 1386 25.32 23.42 -6.16
CA ILE A 1386 25.62 22.08 -5.67
C ILE A 1386 24.35 21.24 -5.66
N GLY A 1387 24.53 19.92 -5.65
CA GLY A 1387 23.40 19.02 -5.61
C GLY A 1387 23.45 17.94 -6.67
N ASP A 1388 23.94 18.28 -7.85
CA ASP A 1388 24.07 17.34 -8.96
C ASP A 1388 25.54 17.13 -9.26
N VAL A 1389 25.98 15.88 -9.25
CA VAL A 1389 27.38 15.56 -9.54
C VAL A 1389 27.68 15.68 -11.03
N GLN A 1390 26.67 15.54 -11.90
CA GLN A 1390 26.91 15.54 -13.34
C GLN A 1390 27.44 16.88 -13.83
N VAL A 1391 26.86 17.99 -13.35
CA VAL A 1391 27.29 19.30 -13.82
C VAL A 1391 28.68 19.65 -13.31
N MET A 1392 28.95 19.37 -12.04
CA MET A 1392 30.22 19.75 -11.43
C MET A 1392 31.35 18.78 -11.75
N ALA A 1393 31.05 17.59 -12.27
CA ALA A 1393 32.11 16.66 -12.66
C ALA A 1393 32.81 17.11 -13.94
N HIS A 1394 32.07 17.70 -14.87
CA HIS A 1394 32.65 18.14 -16.13
C HIS A 1394 33.49 19.40 -15.97
N LEU A 1395 33.29 20.16 -14.90
CA LEU A 1395 34.00 21.43 -14.73
C LEU A 1395 35.52 21.29 -14.64
N PRO A 1396 36.09 20.41 -13.78
CA PRO A 1396 37.56 20.31 -13.76
C PRO A 1396 38.16 19.84 -15.08
N ASP A 1397 37.47 18.95 -15.80
CA ASP A 1397 37.99 18.45 -17.06
C ASP A 1397 38.10 19.55 -18.10
N VAL A 1398 37.03 20.35 -18.25
CA VAL A 1398 37.07 21.43 -19.22
C VAL A 1398 38.03 22.53 -18.78
N CYS A 1399 38.14 22.77 -17.46
CA CYS A 1399 39.12 23.75 -16.97
C CYS A 1399 40.55 23.32 -17.31
N VAL A 1400 40.86 22.03 -17.08
CA VAL A 1400 42.20 21.53 -17.37
C VAL A 1400 42.49 21.56 -18.87
N ASN A 1401 41.49 21.19 -19.69
CA ASN A 1401 41.68 21.23 -21.14
C ASN A 1401 41.90 22.66 -21.63
N LEU A 1402 41.15 23.62 -21.08
CA LEU A 1402 41.37 25.02 -21.44
C LEU A 1402 42.76 25.49 -21.02
N MET A 1403 43.21 25.05 -19.84
CA MET A 1403 44.55 25.43 -19.38
C MET A 1403 45.62 24.89 -20.30
N LYS A 1404 45.50 23.61 -20.68
CA LYS A 1404 46.49 23.02 -21.59
C LYS A 1404 46.42 23.64 -22.98
N ALA A 1405 45.26 24.17 -23.38
CA ALA A 1405 45.17 24.89 -24.64
C ALA A 1405 45.86 26.24 -24.55
N LEU A 1406 45.63 26.99 -23.46
CA LEU A 1406 46.27 28.29 -23.31
C LEU A 1406 47.77 28.18 -23.11
N LYS A 1407 48.25 27.10 -22.49
CA LYS A 1407 49.68 26.98 -22.23
C LYS A 1407 50.48 26.82 -23.52
N MET A 1408 49.90 26.17 -24.53
CA MET A 1408 50.57 25.97 -25.82
C MET A 1408 50.19 27.05 -26.83
N SER A 1409 49.90 28.25 -26.35
CA SER A 1409 49.47 29.38 -27.14
C SER A 1409 50.16 30.63 -26.63
N PRO A 1410 50.23 31.70 -27.44
CA PRO A 1410 50.81 32.96 -26.93
C PRO A 1410 49.90 33.69 -25.96
N TYR A 1411 49.43 32.98 -24.93
CA TYR A 1411 48.64 33.57 -23.85
C TYR A 1411 49.09 33.03 -22.50
N LYS A 1412 50.27 32.38 -22.44
CA LYS A 1412 50.76 31.81 -21.19
C LYS A 1412 51.04 32.89 -20.16
N ASP A 1413 51.63 34.01 -20.57
CA ASP A 1413 52.04 35.05 -19.63
C ASP A 1413 50.83 35.68 -18.95
N ILE A 1414 49.79 36.01 -19.72
CA ILE A 1414 48.61 36.66 -19.13
C ILE A 1414 47.86 35.68 -18.23
N LEU A 1415 47.80 34.41 -18.63
CA LEU A 1415 47.14 33.40 -17.79
C LEU A 1415 47.87 33.25 -16.46
N GLU A 1416 49.21 33.14 -16.51
CA GLU A 1416 49.99 33.02 -15.28
C GLU A 1416 49.84 34.25 -14.41
N THR A 1417 49.91 35.44 -15.02
CA THR A 1417 49.79 36.68 -14.25
C THR A 1417 48.45 36.78 -13.56
N HIS A 1418 47.36 36.50 -14.29
CA HIS A 1418 46.04 36.52 -13.67
C HIS A 1418 45.88 35.40 -12.64
N LEU A 1419 46.68 34.34 -12.74
CA LEU A 1419 46.49 33.17 -11.86
C LEU A 1419 47.15 33.40 -10.51
N ARG A 1420 48.36 33.99 -10.52
CA ARG A 1420 49.14 34.18 -9.27
C ARG A 1420 48.34 34.89 -8.17
N GLU A 1421 47.66 36.01 -8.44
CA GLU A 1421 46.96 36.63 -7.31
C GLU A 1421 45.94 35.69 -6.69
N LYS A 1422 45.32 34.82 -7.50
CA LYS A 1422 44.30 33.92 -6.97
C LYS A 1422 44.92 32.80 -6.15
N ILE A 1423 46.04 32.25 -6.63
CA ILE A 1423 46.78 31.16 -5.93
C ILE A 1423 48.20 31.64 -5.70
N THR A 1424 48.60 31.85 -4.45
CA THR A 1424 49.90 32.40 -4.12
C THR A 1424 50.54 31.55 -3.03
N ALA A 1425 51.86 31.33 -3.15
CA ALA A 1425 52.57 30.49 -2.20
C ALA A 1425 52.55 31.04 -0.78
N GLN A 1426 52.29 32.33 -0.61
CA GLN A 1426 52.21 32.92 0.72
C GLN A 1426 50.79 32.86 1.29
N SER A 1427 49.77 32.94 0.43
CA SER A 1427 48.40 32.85 0.92
C SER A 1427 48.11 31.48 1.51
N ILE A 1428 48.58 30.41 0.85
CA ILE A 1428 48.40 29.06 1.38
C ILE A 1428 49.16 28.90 2.69
N GLU A 1429 50.34 29.52 2.79
CA GLU A 1429 51.11 29.45 4.03
C GLU A 1429 50.39 30.15 5.17
N GLU A 1430 49.80 31.32 4.90
CA GLU A 1430 49.12 32.07 5.95
C GLU A 1430 47.72 31.55 6.25
N LEU A 1431 47.14 30.73 5.38
CA LEU A 1431 45.80 30.21 5.59
C LEU A 1431 45.79 28.75 6.04
N CYS A 1432 46.87 28.01 5.83
CA CYS A 1432 46.86 26.56 6.06
C CYS A 1432 46.77 26.20 7.54
N ALA A 1433 47.17 27.09 8.45
CA ALA A 1433 47.13 26.82 9.89
C ALA A 1433 46.51 28.02 10.59
N VAL A 1434 45.18 28.04 10.68
CA VAL A 1434 44.44 29.05 11.43
C VAL A 1434 43.39 28.31 12.23
N ASN A 1435 43.69 28.01 13.50
CA ASN A 1435 42.78 27.33 14.42
C ASN A 1435 42.23 26.03 13.84
N LEU A 1436 43.13 25.23 13.29
CA LEU A 1436 42.74 24.00 12.63
C LEU A 1436 42.27 22.95 13.65
N TYR A 1437 41.57 21.94 13.14
CA TYR A 1437 41.06 20.81 13.92
C TYR A 1437 40.11 21.24 15.03
N GLY A 1438 39.39 22.33 14.83
CA GLY A 1438 38.47 22.83 15.83
C GLY A 1438 37.03 22.47 15.54
N PRO A 1439 36.20 22.48 16.58
CA PRO A 1439 34.76 22.19 16.38
C PRO A 1439 34.03 23.26 15.59
N ASP A 1440 34.60 24.46 15.46
CA ASP A 1440 33.97 25.57 14.76
C ASP A 1440 34.89 26.08 13.66
N ALA A 1441 34.51 27.22 13.07
CA ALA A 1441 35.26 27.87 11.99
C ALA A 1441 35.40 26.94 10.79
N GLN A 1442 34.26 26.45 10.30
CA GLN A 1442 34.25 25.60 9.11
C GLN A 1442 34.55 26.37 7.83
N VAL A 1443 34.45 27.70 7.87
CA VAL A 1443 34.72 28.49 6.67
C VAL A 1443 36.20 28.41 6.29
N ASP A 1444 37.09 28.40 7.29
CA ASP A 1444 38.51 28.22 7.01
C ASP A 1444 38.76 26.84 6.40
N ARG A 1445 38.09 25.81 6.91
CA ARG A 1445 38.24 24.47 6.36
C ARG A 1445 37.77 24.42 4.91
N SER A 1446 36.63 25.06 4.61
CA SER A 1446 36.12 25.07 3.25
C SER A 1446 37.05 25.85 2.31
N ARG A 1447 37.60 26.97 2.78
CA ARG A 1447 38.52 27.74 1.95
C ARG A 1447 39.80 26.95 1.68
N LEU A 1448 40.32 26.25 2.69
CA LEU A 1448 41.50 25.43 2.49
C LEU A 1448 41.22 24.28 1.52
N ALA A 1449 40.04 23.68 1.61
CA ALA A 1449 39.67 22.62 0.67
C ALA A 1449 39.57 23.17 -0.75
N ALA A 1450 38.98 24.36 -0.91
CA ALA A 1450 38.90 24.96 -2.24
C ALA A 1450 40.29 25.27 -2.79
N VAL A 1451 41.18 25.78 -1.94
CA VAL A 1451 42.54 26.09 -2.39
C VAL A 1451 43.28 24.83 -2.80
N VAL A 1452 43.16 23.76 -2.00
CA VAL A 1452 43.87 22.52 -2.33
C VAL A 1452 43.27 21.88 -3.60
N SER A 1453 41.95 22.00 -3.80
CA SER A 1453 41.35 21.49 -5.03
C SER A 1453 41.84 22.27 -6.25
N ALA A 1454 41.96 23.60 -6.12
CA ALA A 1454 42.52 24.40 -7.20
C ALA A 1454 43.96 24.00 -7.48
N CYS A 1455 44.73 23.69 -6.43
CA CYS A 1455 46.10 23.24 -6.62
C CYS A 1455 46.15 21.90 -7.35
N LYS A 1456 45.24 20.97 -7.01
CA LYS A 1456 45.18 19.71 -7.74
C LYS A 1456 44.83 19.93 -9.20
N GLN A 1457 43.86 20.82 -9.48
CA GLN A 1457 43.50 21.09 -10.87
C GLN A 1457 44.65 21.74 -11.63
N LEU A 1458 45.47 22.52 -10.92
CA LEU A 1458 46.66 23.17 -11.56
C LEU A 1458 47.70 22.09 -11.83
N HIS A 1459 47.81 21.11 -10.94
CA HIS A 1459 48.75 20.01 -11.15
C HIS A 1459 48.32 19.16 -12.35
N ARG A 1460 47.00 18.98 -12.53
CA ARG A 1460 46.52 18.22 -13.67
C ARG A 1460 46.93 18.84 -14.99
N ALA A 1461 46.84 20.17 -15.10
CA ALA A 1461 47.25 20.87 -16.30
C ALA A 1461 48.76 20.99 -16.43
N GLY A 1462 49.50 20.84 -15.33
CA GLY A 1462 50.95 20.98 -15.36
C GLY A 1462 51.41 22.42 -15.28
N LEU A 1463 50.92 23.13 -14.27
CA LEU A 1463 51.37 24.53 -14.05
C LEU A 1463 51.57 24.74 -12.54
N LEU A 1464 51.55 23.69 -11.74
CA LEU A 1464 51.61 23.86 -10.26
C LEU A 1464 52.95 24.50 -9.90
N HIS A 1465 54.02 24.05 -10.52
CA HIS A 1465 55.33 24.60 -10.12
C HIS A 1465 55.37 26.10 -10.44
N ASN A 1466 54.88 26.49 -11.62
CA ASN A 1466 55.00 27.92 -12.03
C ASN A 1466 54.18 28.83 -11.11
N ILE A 1467 52.95 28.44 -10.76
CA ILE A 1467 52.10 29.27 -9.87
C ILE A 1467 52.76 29.36 -8.50
N LEU A 1468 53.32 28.25 -8.03
CA LEU A 1468 53.90 28.19 -6.66
C LEU A 1468 55.30 27.61 -6.77
N PRO A 1469 56.32 28.34 -7.26
CA PRO A 1469 57.66 27.78 -7.48
C PRO A 1469 58.56 27.64 -6.24
N SER A 1470 59.69 26.93 -6.36
CA SER A 1470 60.54 26.71 -5.20
C SER A 1470 61.23 28.02 -4.80
N GLN A 1471 61.32 28.26 -3.49
CA GLN A 1471 61.95 29.45 -2.96
C GLN A 1471 63.16 29.16 -2.10
N SER A 1472 63.53 27.89 -1.91
CA SER A 1472 64.70 27.51 -1.13
C SER A 1472 65.84 26.97 -1.98
N THR A 1473 65.52 26.26 -3.08
CA THR A 1473 66.51 25.70 -4.00
C THR A 1473 67.55 24.85 -3.27
N ASP A 1474 67.04 23.89 -2.50
CA ASP A 1474 67.87 22.95 -1.76
C ASP A 1474 67.39 21.52 -1.97
N LEU A 1475 66.96 21.21 -3.19
CA LEU A 1475 66.47 19.90 -3.63
C LEU A 1475 65.23 19.44 -2.86
N HIS A 1476 64.59 20.37 -2.13
CA HIS A 1476 63.37 20.04 -1.35
C HIS A 1476 62.31 21.13 -1.51
N HIS A 1477 61.12 20.79 -2.02
CA HIS A 1477 60.10 21.80 -2.29
C HIS A 1477 59.72 22.53 -1.02
N SER A 1478 59.69 23.86 -1.07
CA SER A 1478 59.45 24.66 0.13
C SER A 1478 58.02 24.48 0.63
N VAL A 1479 57.04 24.63 -0.25
CA VAL A 1479 55.64 24.60 0.18
C VAL A 1479 55.22 23.19 0.57
N GLY A 1480 55.66 22.18 -0.19
CA GLY A 1480 55.32 20.81 0.14
C GLY A 1480 55.89 20.36 1.46
N THR A 1481 57.12 20.75 1.75
CA THR A 1481 57.70 20.38 3.06
C THR A 1481 56.79 20.97 4.15
N GLU A 1482 56.52 22.28 4.12
CA GLU A 1482 55.71 22.87 5.18
C GLU A 1482 54.34 22.22 5.28
N LEU A 1483 53.73 21.85 4.16
CA LEU A 1483 52.45 21.15 4.22
C LEU A 1483 52.60 19.79 4.90
N LEU A 1484 53.67 19.07 4.56
CA LEU A 1484 53.92 17.76 5.22
C LEU A 1484 54.05 18.02 6.73
N SER A 1485 54.92 18.97 7.11
CA SER A 1485 55.16 19.21 8.53
C SER A 1485 53.88 19.60 9.24
N LEU A 1486 53.04 20.41 8.60
CA LEU A 1486 51.76 20.81 9.18
C LEU A 1486 50.86 19.61 9.40
N VAL A 1487 50.79 18.70 8.43
CA VAL A 1487 49.95 17.52 8.59
C VAL A 1487 50.52 16.59 9.65
N TYR A 1488 51.84 16.43 9.68
CA TYR A 1488 52.48 15.48 10.59
C TYR A 1488 52.45 15.98 12.03
N LYS A 1489 52.42 17.29 12.24
CA LYS A 1489 52.38 17.86 13.59
C LYS A 1489 50.97 18.27 14.02
N GLY A 1490 50.01 18.35 13.09
CA GLY A 1490 48.65 18.70 13.45
C GLY A 1490 47.90 17.60 14.17
N ILE A 1491 48.32 16.34 13.98
CA ILE A 1491 47.71 15.23 14.72
C ILE A 1491 48.31 15.08 16.10
N ALA A 1492 49.42 15.74 16.38
CA ALA A 1492 50.00 15.72 17.70
C ALA A 1492 49.17 16.56 18.67
N PRO A 1493 49.17 16.20 19.96
CA PRO A 1493 48.49 17.06 20.95
C PRO A 1493 49.04 18.47 21.02
N GLY A 1494 50.35 18.64 20.84
CA GLY A 1494 50.96 19.95 20.95
C GLY A 1494 51.16 20.38 22.39
N ASP A 1495 52.25 21.12 22.64
CA ASP A 1495 52.69 21.59 23.95
C ASP A 1495 52.48 20.53 25.04
N GLU A 1496 52.01 20.94 26.21
CA GLU A 1496 51.83 20.01 27.33
C GLU A 1496 50.51 20.27 28.04
N ARG A 1497 49.43 20.47 27.27
CA ARG A 1497 48.10 20.65 27.84
C ARG A 1497 47.32 19.35 27.97
N GLN A 1498 47.88 18.23 27.50
CA GLN A 1498 47.26 16.90 27.60
C GLN A 1498 45.88 16.87 26.94
N CYS A 1499 45.82 17.28 25.68
CA CYS A 1499 44.59 17.26 24.89
C CYS A 1499 44.89 16.69 23.52
N LEU A 1500 44.31 15.53 23.23
CA LEU A 1500 44.52 14.88 21.93
C LEU A 1500 43.46 15.35 20.95
N PRO A 1501 43.83 15.95 19.81
CA PRO A 1501 42.83 16.40 18.84
C PRO A 1501 42.00 15.24 18.31
N SER A 1502 40.72 15.51 18.06
CA SER A 1502 39.82 14.55 17.46
C SER A 1502 39.60 14.90 15.99
N LEU A 1503 39.36 13.88 15.18
CA LEU A 1503 39.19 14.03 13.75
C LEU A 1503 37.84 13.48 13.33
N ASP A 1504 37.14 14.24 12.49
CA ASP A 1504 35.86 13.86 11.92
C ASP A 1504 36.05 13.49 10.45
N LEU A 1505 34.92 13.24 9.76
CA LEU A 1505 34.99 12.85 8.35
C LEU A 1505 35.59 13.95 7.49
N SER A 1506 35.24 15.22 7.77
CA SER A 1506 35.74 16.32 6.95
C SER A 1506 37.20 16.62 7.27
N CYS A 1507 37.59 16.56 8.55
CA CYS A 1507 38.96 16.86 8.93
C CYS A 1507 39.93 15.83 8.34
N LYS A 1508 39.57 14.55 8.40
CA LYS A 1508 40.41 13.52 7.79
C LYS A 1508 40.52 13.71 6.29
N GLN A 1509 39.42 14.07 5.63
CA GLN A 1509 39.44 14.29 4.19
C GLN A 1509 40.35 15.46 3.83
N LEU A 1510 40.26 16.57 4.58
CA LEU A 1510 41.11 17.72 4.28
C LEU A 1510 42.58 17.41 4.56
N ALA A 1511 42.86 16.68 5.65
CA ALA A 1511 44.25 16.29 5.92
C ALA A 1511 44.79 15.40 4.83
N SER A 1512 43.98 14.46 4.34
CA SER A 1512 44.39 13.59 3.25
C SER A 1512 44.65 14.40 1.98
N GLY A 1513 43.78 15.38 1.69
CA GLY A 1513 44.00 16.22 0.52
C GLY A 1513 45.27 17.06 0.61
N LEU A 1514 45.53 17.60 1.80
CA LEU A 1514 46.78 18.34 2.03
C LEU A 1514 47.99 17.44 1.85
N LEU A 1515 47.90 16.20 2.35
CA LEU A 1515 48.99 15.25 2.17
C LEU A 1515 49.20 14.91 0.69
N GLU A 1516 48.12 14.73 -0.05
CA GLU A 1516 48.23 14.46 -1.49
C GLU A 1516 48.88 15.63 -2.21
N LEU A 1517 48.49 16.87 -1.86
CA LEU A 1517 49.10 18.04 -2.48
C LEU A 1517 50.59 18.13 -2.14
N ALA A 1518 50.93 17.87 -0.87
CA ALA A 1518 52.33 17.93 -0.45
C ALA A 1518 53.17 16.91 -1.20
N PHE A 1519 52.65 15.69 -1.36
CA PHE A 1519 53.39 14.68 -2.12
C PHE A 1519 53.46 15.05 -3.60
N ALA A 1520 52.39 15.60 -4.16
CA ALA A 1520 52.37 15.94 -5.58
C ALA A 1520 53.25 17.15 -5.89
N PHE A 1521 53.62 17.95 -4.89
CA PHE A 1521 54.47 19.11 -5.14
C PHE A 1521 55.85 18.70 -5.65
N GLY A 1522 56.43 17.64 -5.08
CA GLY A 1522 57.78 17.22 -5.46
C GLY A 1522 57.97 15.73 -5.29
N GLY A 1523 59.17 15.34 -4.87
CA GLY A 1523 59.52 13.94 -4.74
C GLY A 1523 59.96 13.58 -3.33
N LEU A 1524 59.26 14.12 -2.33
CA LEU A 1524 59.67 13.96 -0.91
C LEU A 1524 59.33 12.56 -0.36
N CYS A 1525 59.58 11.51 -1.14
CA CYS A 1525 59.34 10.14 -0.64
C CYS A 1525 60.26 9.82 0.54
N GLU A 1526 61.53 10.24 0.48
CA GLU A 1526 62.49 9.86 1.56
C GLU A 1526 62.04 10.46 2.87
N ARG A 1527 61.57 11.70 2.85
CA ARG A 1527 61.18 12.33 4.14
C ARG A 1527 60.04 11.52 4.74
N LEU A 1528 59.08 11.08 3.91
CA LEU A 1528 57.92 10.33 4.43
C LEU A 1528 58.33 8.99 5.06
N VAL A 1529 59.23 8.23 4.41
CA VAL A 1529 59.70 6.96 5.04
C VAL A 1529 60.45 7.33 6.33
N SER A 1530 61.25 8.38 6.26
CA SER A 1530 62.06 8.80 7.43
C SER A 1530 61.16 9.24 8.60
N LEU A 1531 60.08 9.96 8.33
CA LEU A 1531 59.22 10.47 9.43
C LEU A 1531 58.37 9.30 9.91
N LEU A 1532 58.14 8.32 9.04
CA LEU A 1532 57.44 7.10 9.44
C LEU A 1532 58.33 6.27 10.36
N LEU A 1533 59.58 6.03 9.95
CA LEU A 1533 60.53 5.27 10.75
C LEU A 1533 61.30 6.22 11.66
N ASN A 1534 60.59 6.72 12.66
CA ASN A 1534 61.16 7.70 13.58
C ASN A 1534 60.72 7.40 15.01
N PRO A 1535 61.66 7.16 15.93
CA PRO A 1535 61.30 6.88 17.32
C PRO A 1535 61.01 8.16 18.08
N ALA A 1536 59.74 8.37 18.42
CA ALA A 1536 59.33 9.55 19.17
C ALA A 1536 58.04 9.22 19.91
N VAL A 1537 58.08 9.27 21.23
CA VAL A 1537 56.92 8.90 22.05
C VAL A 1537 56.10 10.15 22.33
N LEU A 1538 54.79 10.05 22.12
CA LEU A 1538 53.85 11.14 22.37
C LEU A 1538 52.96 10.73 23.54
N SER A 1539 53.32 11.19 24.73
CA SER A 1539 52.58 10.85 25.93
C SER A 1539 51.19 11.48 25.91
N THR A 1540 50.20 10.70 26.34
CA THR A 1540 48.84 11.19 26.50
C THR A 1540 48.25 10.58 27.76
N ALA A 1541 47.20 11.21 28.27
CA ALA A 1541 46.53 10.72 29.46
C ALA A 1541 45.79 9.41 29.16
N SER A 1542 45.20 8.83 30.19
CA SER A 1542 44.44 7.61 30.03
C SER A 1542 43.22 7.87 29.14
N LEU A 1543 43.04 7.05 28.12
CA LEU A 1543 41.94 7.22 27.17
C LEU A 1543 40.63 6.97 27.90
N GLY A 1544 39.87 8.03 28.13
CA GLY A 1544 38.73 7.93 29.01
C GLY A 1544 39.18 7.84 30.46
N SER A 1545 39.07 6.65 31.04
CA SER A 1545 39.59 6.42 32.40
C SER A 1545 40.01 4.95 32.47
N SER A 1546 41.31 4.71 32.40
CA SER A 1546 41.86 3.36 32.44
C SER A 1546 42.69 3.11 33.69
N GLN A 1547 43.72 3.92 33.95
CA GLN A 1547 44.56 3.73 35.11
C GLN A 1547 44.88 5.01 35.86
N GLY A 1548 44.67 6.18 35.27
CA GLY A 1548 45.09 7.43 35.86
C GLY A 1548 46.51 7.84 35.52
N SER A 1549 47.28 6.95 34.91
CA SER A 1549 48.63 7.25 34.47
C SER A 1549 48.60 7.73 33.01
N VAL A 1550 49.75 7.79 32.38
CA VAL A 1550 49.86 8.24 31.00
C VAL A 1550 49.84 7.05 30.06
N ILE A 1551 49.54 7.31 28.79
CA ILE A 1551 49.49 6.29 27.75
C ILE A 1551 50.50 6.68 26.68
N HIS A 1552 51.38 5.73 26.34
CA HIS A 1552 52.46 5.96 25.39
C HIS A 1552 52.14 5.31 24.06
N PHE A 1553 52.41 6.03 22.96
CA PHE A 1553 52.26 5.46 21.62
C PHE A 1553 53.20 6.20 20.67
N SER A 1554 53.63 5.50 19.63
CA SER A 1554 54.60 6.03 18.68
C SER A 1554 53.96 7.02 17.73
N HIS A 1555 54.78 7.95 17.23
CA HIS A 1555 54.31 8.93 16.25
C HIS A 1555 54.11 8.30 14.89
N GLY A 1556 55.06 7.48 14.45
CA GLY A 1556 54.96 6.87 13.13
C GLY A 1556 53.77 5.93 13.02
N GLU A 1557 53.52 5.14 14.07
CA GLU A 1557 52.38 4.23 14.04
C GLU A 1557 51.06 4.99 13.94
N TYR A 1558 50.93 6.08 14.71
CA TYR A 1558 49.71 6.88 14.67
C TYR A 1558 49.53 7.53 13.31
N PHE A 1559 50.61 8.12 12.77
CA PHE A 1559 50.54 8.82 11.49
C PHE A 1559 50.21 7.85 10.36
N TYR A 1560 50.79 6.65 10.39
CA TYR A 1560 50.48 5.65 9.37
C TYR A 1560 49.08 5.06 9.57
N SER A 1561 48.60 5.02 10.82
CA SER A 1561 47.28 4.48 11.07
C SER A 1561 46.19 5.42 10.56
N LEU A 1562 46.41 6.72 10.68
CA LEU A 1562 45.38 7.65 10.23
C LEU A 1562 45.29 7.73 8.71
N PHE A 1563 46.35 8.23 8.06
CA PHE A 1563 46.33 8.45 6.62
C PHE A 1563 47.06 7.32 5.89
N SER A 1564 46.60 6.08 6.10
CA SER A 1564 47.30 4.92 5.56
C SER A 1564 47.28 4.91 4.03
N GLU A 1565 46.13 5.23 3.43
CA GLU A 1565 45.94 5.06 2.00
C GLU A 1565 46.86 5.98 1.20
N THR A 1566 47.00 7.24 1.63
CA THR A 1566 47.82 8.19 0.91
C THR A 1566 49.29 7.79 0.92
N ILE A 1567 49.81 7.41 2.10
CA ILE A 1567 51.19 6.97 2.20
C ILE A 1567 51.41 5.70 1.37
N ASN A 1568 50.47 4.76 1.44
CA ASN A 1568 50.62 3.54 0.65
C ASN A 1568 50.64 3.85 -0.85
N THR A 1569 49.78 4.77 -1.29
CA THR A 1569 49.72 5.12 -2.71
C THR A 1569 51.02 5.76 -3.17
N GLU A 1570 51.54 6.72 -2.40
CA GLU A 1570 52.77 7.38 -2.85
C GLU A 1570 53.99 6.50 -2.68
N LEU A 1571 53.96 5.54 -1.74
CA LEU A 1571 55.06 4.60 -1.64
C LEU A 1571 55.04 3.60 -2.79
N LEU A 1572 53.85 3.22 -3.26
CA LEU A 1572 53.77 2.38 -4.44
C LEU A 1572 54.12 3.16 -5.71
N LYS A 1573 53.94 4.48 -5.70
CA LYS A 1573 54.39 5.29 -6.83
C LYS A 1573 55.91 5.23 -6.97
N ASN A 1574 56.64 5.52 -5.89
CA ASN A 1574 58.10 5.38 -5.85
C ASN A 1574 58.41 4.08 -5.12
N LEU A 1575 58.21 2.97 -5.84
CA LEU A 1575 58.27 1.65 -5.19
C LEU A 1575 59.69 1.28 -4.81
N ASP A 1576 60.65 1.45 -5.73
CA ASP A 1576 62.00 0.95 -5.52
C ASP A 1576 62.70 1.67 -4.37
N LEU A 1577 62.64 3.00 -4.35
CA LEU A 1577 63.28 3.76 -3.28
C LEU A 1577 62.65 3.48 -1.93
N ALA A 1578 61.31 3.36 -1.90
CA ALA A 1578 60.62 3.08 -0.64
C ALA A 1578 61.02 1.72 -0.09
N VAL A 1579 61.03 0.69 -0.95
CA VAL A 1579 61.42 -0.64 -0.49
C VAL A 1579 62.89 -0.64 -0.05
N LEU A 1580 63.75 0.04 -0.80
CA LEU A 1580 65.17 0.09 -0.45
C LEU A 1580 65.39 0.72 0.92
N GLU A 1581 64.76 1.86 1.17
CA GLU A 1581 64.93 2.52 2.47
C GLU A 1581 64.30 1.71 3.59
N LEU A 1582 63.11 1.13 3.34
CA LEU A 1582 62.41 0.38 4.37
C LEU A 1582 63.22 -0.84 4.79
N MET A 1583 63.80 -1.57 3.84
CA MET A 1583 64.62 -2.72 4.20
C MET A 1583 66.04 -2.34 4.58
N GLN A 1584 66.48 -1.10 4.31
CA GLN A 1584 67.75 -0.64 4.84
C GLN A 1584 67.64 -0.30 6.32
N SER A 1585 66.48 0.20 6.75
CA SER A 1585 66.24 0.50 8.15
C SER A 1585 65.50 -0.62 8.88
N SER A 1586 65.48 -1.82 8.30
CA SER A 1586 64.78 -2.96 8.91
C SER A 1586 65.70 -3.80 9.78
N VAL A 1587 66.41 -3.16 10.71
CA VAL A 1587 67.24 -3.88 11.68
C VAL A 1587 66.85 -3.44 13.08
N ASP A 1588 66.32 -2.22 13.20
CA ASP A 1588 66.01 -1.63 14.49
C ASP A 1588 64.59 -1.09 14.60
N ASN A 1589 63.78 -1.19 13.55
CA ASN A 1589 62.40 -0.72 13.54
C ASN A 1589 61.48 -1.78 12.97
N THR A 1590 61.60 -3.01 13.50
CA THR A 1590 60.93 -4.16 12.90
C THR A 1590 59.40 -4.06 12.98
N LYS A 1591 58.86 -3.30 13.93
CA LYS A 1591 57.42 -3.11 13.99
C LYS A 1591 56.93 -2.24 12.84
N MET A 1592 57.59 -1.10 12.63
CA MET A 1592 57.13 -0.15 11.63
C MET A 1592 57.36 -0.67 10.22
N VAL A 1593 58.50 -1.34 9.98
CA VAL A 1593 58.78 -1.89 8.67
C VAL A 1593 57.75 -2.96 8.31
N SER A 1594 57.45 -3.85 9.27
CA SER A 1594 56.43 -4.87 9.03
C SER A 1594 55.06 -4.23 8.77
N ALA A 1595 54.70 -3.20 9.55
CA ALA A 1595 53.42 -2.55 9.37
C ALA A 1595 53.29 -1.92 7.99
N VAL A 1596 54.34 -1.21 7.55
CA VAL A 1596 54.29 -0.53 6.26
C VAL A 1596 54.29 -1.54 5.12
N LEU A 1597 55.10 -2.60 5.24
CA LEU A 1597 55.13 -3.62 4.19
C LEU A 1597 53.79 -4.33 4.07
N ASN A 1598 53.18 -4.67 5.21
CA ASN A 1598 51.85 -5.29 5.18
C ASN A 1598 50.81 -4.35 4.60
N GLY A 1599 50.86 -3.07 4.97
CA GLY A 1599 49.92 -2.11 4.41
C GLY A 1599 50.05 -1.99 2.90
N MET A 1600 51.29 -1.95 2.41
CA MET A 1600 51.51 -1.89 0.97
C MET A 1600 51.01 -3.16 0.28
N LEU A 1601 51.21 -4.33 0.90
CA LEU A 1601 50.75 -5.57 0.28
C LEU A 1601 49.23 -5.64 0.22
N ASP A 1602 48.54 -5.21 1.29
CA ASP A 1602 47.07 -5.14 1.25
C ASP A 1602 46.59 -4.11 0.22
N GLN A 1603 47.28 -2.97 0.13
CA GLN A 1603 46.90 -1.97 -0.86
C GLN A 1603 47.05 -2.51 -2.29
N SER A 1604 48.11 -3.27 -2.54
CA SER A 1604 48.31 -3.88 -3.85
C SER A 1604 47.35 -5.03 -4.11
N PHE A 1605 46.92 -5.75 -3.07
CA PHE A 1605 45.90 -6.78 -3.23
C PHE A 1605 44.53 -6.18 -3.53
N ARG A 1606 44.19 -5.06 -2.90
CA ARG A 1606 43.01 -4.30 -3.28
C ARG A 1606 43.27 -3.69 -4.66
N GLU A 1607 42.20 -3.43 -5.40
CA GLU A 1607 42.29 -2.94 -6.79
C GLU A 1607 43.13 -3.89 -7.63
N ARG A 1608 42.91 -5.20 -7.48
CA ARG A 1608 43.69 -6.17 -8.23
C ARG A 1608 43.24 -6.25 -9.68
N ALA A 1609 41.92 -6.13 -9.92
CA ALA A 1609 41.38 -6.29 -11.26
C ALA A 1609 41.74 -5.12 -12.18
N ASN A 1610 42.14 -3.97 -11.62
CA ASN A 1610 42.48 -2.80 -12.40
C ASN A 1610 43.96 -2.45 -12.34
N GLN A 1611 44.53 -2.35 -11.14
CA GLN A 1611 45.95 -2.04 -10.98
C GLN A 1611 46.78 -3.33 -10.93
N LYS A 1612 46.75 -4.04 -12.05
CA LYS A 1612 47.54 -5.26 -12.19
C LYS A 1612 49.02 -4.92 -12.32
N HIS A 1613 49.86 -5.91 -11.99
CA HIS A 1613 51.33 -5.88 -12.14
C HIS A 1613 52.00 -4.97 -11.12
N GLN A 1614 51.21 -4.23 -10.34
CA GLN A 1614 51.79 -3.49 -9.22
C GLN A 1614 52.16 -4.41 -8.07
N GLY A 1615 51.26 -5.35 -7.74
CA GLY A 1615 51.55 -6.29 -6.68
C GLY A 1615 52.70 -7.23 -7.02
N LEU A 1616 52.76 -7.68 -8.28
CA LEU A 1616 53.86 -8.54 -8.69
C LEU A 1616 55.18 -7.80 -8.63
N LYS A 1617 55.20 -6.54 -9.07
CA LYS A 1617 56.42 -5.74 -9.00
C LYS A 1617 56.84 -5.53 -7.55
N LEU A 1618 55.89 -5.23 -6.67
CA LEU A 1618 56.21 -5.06 -5.25
C LEU A 1618 56.76 -6.35 -4.65
N ALA A 1619 56.16 -7.49 -4.99
CA ALA A 1619 56.62 -8.77 -4.46
C ALA A 1619 58.03 -9.09 -4.94
N THR A 1620 58.31 -8.86 -6.23
CA THR A 1620 59.66 -9.11 -6.75
C THR A 1620 60.67 -8.19 -6.08
N THR A 1621 60.34 -6.91 -5.91
CA THR A 1621 61.26 -5.97 -5.28
C THR A 1621 61.52 -6.35 -3.83
N ILE A 1622 60.49 -6.80 -3.11
CA ILE A 1622 60.67 -7.24 -1.73
C ILE A 1622 61.56 -8.49 -1.69
N LEU A 1623 61.31 -9.44 -2.59
CA LEU A 1623 62.11 -10.66 -2.64
C LEU A 1623 63.55 -10.40 -3.07
N GLN A 1624 63.81 -9.28 -3.74
CA GLN A 1624 65.18 -8.94 -4.13
C GLN A 1624 66.07 -8.64 -2.93
N HIS A 1625 65.50 -8.28 -1.79
CA HIS A 1625 66.29 -7.90 -0.63
C HIS A 1625 66.00 -8.79 0.58
N TRP A 1626 65.97 -10.11 0.36
CA TRP A 1626 65.70 -11.03 1.46
C TRP A 1626 66.88 -11.10 2.43
N LYS A 1627 68.10 -10.82 1.95
CA LYS A 1627 69.26 -10.83 2.83
C LYS A 1627 69.18 -9.74 3.89
N LYS A 1628 68.45 -8.65 3.62
CA LYS A 1628 68.22 -7.65 4.64
C LYS A 1628 67.33 -8.17 5.75
N CYS A 1629 66.42 -9.10 5.43
CA CYS A 1629 65.57 -9.74 6.40
C CYS A 1629 66.09 -11.11 6.83
N ASP A 1630 67.34 -11.44 6.46
CA ASP A 1630 67.95 -12.69 6.90
C ASP A 1630 68.05 -12.75 8.43
N SER A 1631 68.35 -11.62 9.07
CA SER A 1631 68.47 -11.54 10.53
C SER A 1631 67.12 -11.57 11.25
N TRP A 1632 66.03 -11.83 10.53
CA TRP A 1632 64.68 -11.83 11.09
C TRP A 1632 64.23 -13.25 11.46
N TRP A 1633 64.41 -14.19 10.54
CA TRP A 1633 63.91 -15.55 10.69
C TRP A 1633 64.96 -16.53 11.19
N ALA A 1634 66.16 -16.05 11.52
CA ALA A 1634 67.26 -16.93 11.88
C ALA A 1634 67.00 -17.56 13.25
N LYS A 1635 67.95 -18.40 13.68
CA LYS A 1635 67.83 -19.07 14.97
C LYS A 1635 67.99 -18.06 16.10
N ASP A 1636 67.70 -18.52 17.32
CA ASP A 1636 67.67 -17.79 18.60
C ASP A 1636 67.00 -16.43 18.48
N SER A 1637 66.06 -16.25 17.55
CA SER A 1637 65.28 -15.05 17.34
C SER A 1637 63.95 -15.14 18.07
N PRO A 1638 63.30 -14.01 18.34
CA PRO A 1638 61.97 -14.06 18.94
C PRO A 1638 60.97 -14.81 18.05
N LEU A 1639 60.05 -15.52 18.70
CA LEU A 1639 59.07 -16.31 17.97
C LEU A 1639 58.09 -15.42 17.21
N GLU A 1640 57.70 -14.29 17.81
CA GLU A 1640 56.76 -13.38 17.16
C GLU A 1640 57.34 -12.81 15.88
N THR A 1641 58.65 -12.52 15.87
CA THR A 1641 59.30 -12.07 14.65
C THR A 1641 59.27 -13.15 13.57
N LYS A 1642 59.44 -14.41 13.98
CA LYS A 1642 59.36 -15.51 13.01
C LYS A 1642 57.95 -15.64 12.43
N MET A 1643 56.93 -15.47 13.27
CA MET A 1643 55.55 -15.48 12.75
C MET A 1643 55.32 -14.31 11.80
N ALA A 1644 55.89 -13.14 12.10
CA ALA A 1644 55.78 -12.00 11.20
C ALA A 1644 56.45 -12.30 9.86
N VAL A 1645 57.60 -12.95 9.88
CA VAL A 1645 58.28 -13.33 8.64
C VAL A 1645 57.43 -14.32 7.85
N LEU A 1646 56.82 -15.29 8.54
CA LEU A 1646 55.96 -16.26 7.88
C LEU A 1646 54.76 -15.57 7.23
N ALA A 1647 54.14 -14.62 7.95
CA ALA A 1647 52.99 -13.91 7.40
C ALA A 1647 53.38 -13.07 6.19
N LEU A 1648 54.51 -12.37 6.26
CA LEU A 1648 54.97 -11.57 5.12
C LEU A 1648 55.28 -12.46 3.93
N LEU A 1649 55.93 -13.60 4.16
CA LEU A 1649 56.23 -14.53 3.07
C LEU A 1649 54.96 -15.07 2.44
N ALA A 1650 53.96 -15.40 3.27
CA ALA A 1650 52.68 -15.87 2.74
C ALA A 1650 52.02 -14.80 1.88
N LYS A 1651 52.03 -13.55 2.35
CA LYS A 1651 51.45 -12.46 1.57
C LYS A 1651 52.16 -12.30 0.23
N ILE A 1652 53.50 -12.37 0.24
CA ILE A 1652 54.27 -12.28 -1.00
C ILE A 1652 53.90 -13.42 -1.94
N LEU A 1653 53.79 -14.63 -1.41
CA LEU A 1653 53.50 -15.80 -2.25
C LEU A 1653 52.12 -15.70 -2.88
N GLN A 1654 51.11 -15.27 -2.11
CA GLN A 1654 49.77 -15.15 -2.70
C GLN A 1654 49.67 -13.98 -3.66
N ILE A 1655 50.38 -12.87 -3.39
CA ILE A 1655 50.27 -11.73 -4.28
C ILE A 1655 51.06 -11.95 -5.56
N ASP A 1656 52.08 -12.82 -5.53
CA ASP A 1656 52.80 -13.17 -6.75
C ASP A 1656 51.99 -14.11 -7.64
N SER A 1657 51.10 -14.90 -7.04
CA SER A 1657 50.23 -15.84 -7.75
C SER A 1657 51.03 -16.87 -8.55
N SER A 1658 52.23 -17.21 -8.06
CA SER A 1658 53.10 -18.22 -8.66
C SER A 1658 53.39 -17.91 -10.13
N VAL A 1659 53.60 -16.65 -10.44
CA VAL A 1659 53.93 -16.21 -11.79
C VAL A 1659 55.41 -15.89 -11.94
N SER A 1660 55.99 -15.16 -10.98
CA SER A 1660 57.39 -14.79 -11.03
C SER A 1660 58.26 -15.57 -10.05
N PHE A 1661 57.66 -16.30 -9.11
CA PHE A 1661 58.41 -17.07 -8.14
C PHE A 1661 58.39 -18.54 -8.53
N ASN A 1662 59.58 -19.11 -8.74
CA ASN A 1662 59.75 -20.52 -9.06
C ASN A 1662 61.21 -20.88 -8.83
N THR A 1663 61.55 -22.13 -9.11
CA THR A 1663 62.93 -22.57 -8.99
C THR A 1663 63.81 -21.88 -10.03
N SER A 1664 64.96 -21.37 -9.58
CA SER A 1664 65.98 -20.70 -10.41
C SER A 1664 65.50 -19.36 -10.94
N HIS A 1665 66.43 -18.43 -11.14
CA HIS A 1665 66.18 -17.12 -11.74
C HIS A 1665 65.17 -16.29 -10.98
N GLY A 1666 64.97 -16.57 -9.68
CA GLY A 1666 64.00 -15.84 -8.90
C GLY A 1666 64.43 -15.62 -7.46
N SER A 1667 65.75 -15.68 -7.20
CA SER A 1667 66.30 -15.67 -5.85
C SER A 1667 65.69 -16.79 -5.01
N PHE A 1668 65.47 -17.94 -5.65
CA PHE A 1668 64.87 -19.07 -4.97
C PHE A 1668 65.65 -19.63 -3.78
N PRO A 1669 66.99 -19.76 -3.82
CA PRO A 1669 67.67 -20.38 -2.66
C PRO A 1669 67.42 -19.70 -1.33
N GLU A 1670 67.36 -18.37 -1.29
CA GLU A 1670 67.16 -17.67 -0.01
C GLU A 1670 65.77 -17.95 0.54
N VAL A 1671 64.74 -17.83 -0.30
CA VAL A 1671 63.37 -18.08 0.15
C VAL A 1671 63.18 -19.54 0.53
N PHE A 1672 63.77 -20.46 -0.24
CA PHE A 1672 63.65 -21.88 0.08
C PHE A 1672 64.34 -22.22 1.39
N THR A 1673 65.51 -21.62 1.64
CA THR A 1673 66.19 -21.82 2.92
C THR A 1673 65.36 -21.26 4.07
N THR A 1674 64.75 -20.09 3.86
CA THR A 1674 63.88 -19.51 4.88
C THR A 1674 62.72 -20.45 5.20
N TYR A 1675 62.07 -20.98 4.16
CA TYR A 1675 60.94 -21.87 4.34
C TYR A 1675 61.35 -23.16 5.03
N ILE A 1676 62.49 -23.73 4.64
CA ILE A 1676 62.96 -24.98 5.24
C ILE A 1676 63.31 -24.77 6.71
N SER A 1677 63.99 -23.66 7.03
CA SER A 1677 64.33 -23.38 8.42
C SER A 1677 63.08 -23.08 9.25
N LEU A 1678 62.06 -22.48 8.65
CA LEU A 1678 60.80 -22.28 9.35
C LEU A 1678 60.12 -23.62 9.64
N LEU A 1679 60.15 -24.55 8.67
CA LEU A 1679 59.57 -25.87 8.89
C LEU A 1679 60.33 -26.64 9.97
N ALA A 1680 61.65 -26.60 9.93
CA ALA A 1680 62.47 -27.44 10.79
C ALA A 1680 62.56 -26.95 12.24
N ASP A 1681 62.05 -25.76 12.54
CA ASP A 1681 62.15 -25.24 13.89
C ASP A 1681 61.21 -26.00 14.82
N THR A 1682 61.75 -26.44 15.97
CA THR A 1682 60.98 -27.21 16.94
C THR A 1682 60.16 -26.35 17.89
N LYS A 1683 60.38 -25.04 17.90
CA LYS A 1683 59.63 -24.16 18.78
C LYS A 1683 58.29 -23.72 18.19
N LEU A 1684 58.08 -23.93 16.90
CA LEU A 1684 56.83 -23.53 16.27
C LEU A 1684 55.69 -24.45 16.71
N ASP A 1685 54.52 -23.85 16.96
CA ASP A 1685 53.35 -24.62 17.33
C ASP A 1685 52.74 -25.25 16.08
N LEU A 1686 51.68 -26.03 16.28
CA LEU A 1686 51.07 -26.76 15.16
C LEU A 1686 50.36 -25.83 14.19
N HIS A 1687 49.88 -24.68 14.66
CA HIS A 1687 49.19 -23.77 13.76
C HIS A 1687 50.15 -23.07 12.81
N LEU A 1688 51.35 -22.74 13.30
CA LEU A 1688 52.35 -22.13 12.42
C LEU A 1688 52.84 -23.11 11.37
N LYS A 1689 53.08 -24.37 11.76
CA LYS A 1689 53.39 -25.39 10.78
C LYS A 1689 52.23 -25.65 9.84
N GLY A 1690 50.99 -25.46 10.31
CA GLY A 1690 49.85 -25.55 9.41
C GLY A 1690 49.82 -24.45 8.39
N GLN A 1691 50.19 -23.23 8.80
CA GLN A 1691 50.33 -22.13 7.84
C GLN A 1691 51.43 -22.44 6.83
N ALA A 1692 52.53 -23.04 7.29
CA ALA A 1692 53.58 -23.47 6.38
C ALA A 1692 53.07 -24.51 5.39
N VAL A 1693 52.27 -25.47 5.86
CA VAL A 1693 51.70 -26.49 4.98
C VAL A 1693 50.74 -25.86 3.99
N THR A 1694 50.02 -24.81 4.41
CA THR A 1694 49.22 -24.04 3.48
C THR A 1694 50.10 -23.40 2.41
N LEU A 1695 51.29 -22.96 2.81
CA LEU A 1695 52.26 -22.39 1.87
C LEU A 1695 53.00 -23.45 1.05
N LEU A 1696 52.80 -24.73 1.35
CA LEU A 1696 53.51 -25.79 0.64
C LEU A 1696 53.32 -25.80 -0.88
N PRO A 1697 52.12 -25.62 -1.45
CA PRO A 1697 51.99 -25.77 -2.93
C PRO A 1697 52.82 -24.79 -3.74
N PHE A 1698 53.24 -23.66 -3.17
CA PHE A 1698 54.08 -22.73 -3.93
C PHE A 1698 55.48 -23.28 -4.17
N PHE A 1699 55.95 -24.20 -3.33
CA PHE A 1699 57.29 -24.77 -3.44
C PHE A 1699 57.27 -26.16 -4.08
N THR A 1700 56.15 -26.57 -4.68
CA THR A 1700 56.00 -27.94 -5.15
C THR A 1700 56.63 -28.19 -6.52
N SER A 1701 57.10 -27.16 -7.21
CA SER A 1701 57.74 -27.35 -8.50
C SER A 1701 59.19 -27.74 -8.32
N LEU A 1702 59.45 -28.80 -7.54
CA LEU A 1702 60.80 -29.23 -7.23
C LEU A 1702 61.44 -29.93 -8.42
N THR A 1703 62.77 -29.94 -8.42
CA THR A 1703 63.56 -30.58 -9.47
C THR A 1703 64.46 -31.68 -8.91
N GLY A 1704 64.15 -32.21 -7.74
CA GLY A 1704 64.98 -33.24 -7.15
C GLY A 1704 66.29 -32.69 -6.60
N GLY A 1705 67.21 -33.61 -6.35
CA GLY A 1705 68.51 -33.26 -5.82
C GLY A 1705 68.44 -32.68 -4.43
N SER A 1706 68.90 -31.44 -4.26
CA SER A 1706 68.85 -30.77 -2.97
C SER A 1706 67.44 -30.43 -2.52
N LEU A 1707 66.45 -30.54 -3.41
CA LEU A 1707 65.08 -30.22 -3.07
C LEU A 1707 64.33 -31.40 -2.45
N GLU A 1708 64.99 -32.54 -2.27
CA GLU A 1708 64.42 -33.63 -1.49
C GLU A 1708 64.46 -33.35 0.00
N GLU A 1709 65.21 -32.31 0.42
CA GLU A 1709 65.19 -31.88 1.81
C GLU A 1709 63.78 -31.50 2.25
N LEU A 1710 62.97 -30.98 1.33
CA LEU A 1710 61.56 -30.72 1.64
C LEU A 1710 60.84 -32.02 1.99
N ARG A 1711 61.10 -33.08 1.23
CA ARG A 1711 60.49 -34.38 1.54
C ARG A 1711 60.97 -34.89 2.89
N ARG A 1712 62.27 -34.75 3.18
CA ARG A 1712 62.78 -35.23 4.47
C ARG A 1712 62.18 -34.48 5.64
N VAL A 1713 62.09 -33.15 5.55
CA VAL A 1713 61.52 -32.39 6.67
C VAL A 1713 60.02 -32.64 6.77
N LEU A 1714 59.33 -32.88 5.65
CA LEU A 1714 57.92 -33.23 5.71
C LEU A 1714 57.70 -34.56 6.41
N GLU A 1715 58.52 -35.57 6.08
CA GLU A 1715 58.41 -36.85 6.75
C GLU A 1715 58.77 -36.73 8.23
N GLN A 1716 59.75 -35.90 8.56
CA GLN A 1716 60.08 -35.67 9.97
C GLN A 1716 58.92 -35.03 10.71
N LEU A 1717 58.25 -34.07 10.08
CA LEU A 1717 57.07 -33.45 10.68
C LEU A 1717 55.96 -34.47 10.90
N ILE A 1718 55.71 -35.32 9.90
CA ILE A 1718 54.69 -36.35 10.01
C ILE A 1718 55.00 -37.31 11.15
N VAL A 1719 56.27 -37.73 11.25
CA VAL A 1719 56.67 -38.65 12.32
C VAL A 1719 56.52 -37.98 13.68
N ALA A 1720 56.91 -36.70 13.77
CA ALA A 1720 56.94 -36.02 15.05
C ALA A 1720 55.54 -35.75 15.60
N HIS A 1721 54.62 -35.28 14.75
CA HIS A 1721 53.36 -34.77 15.26
C HIS A 1721 52.13 -35.63 14.94
N PHE A 1722 52.28 -36.72 14.19
CA PHE A 1722 51.13 -37.53 13.83
C PHE A 1722 51.24 -38.91 14.46
N PRO A 1723 50.23 -39.34 15.23
CA PRO A 1723 50.30 -40.66 15.87
C PRO A 1723 50.19 -41.80 14.86
N MET A 1724 50.69 -42.96 15.27
CA MET A 1724 50.63 -44.14 14.40
C MET A 1724 49.19 -44.61 14.19
N GLN A 1725 48.39 -44.64 15.25
CA GLN A 1725 46.96 -44.88 15.13
C GLN A 1725 46.21 -43.56 15.24
N SER A 1726 45.10 -43.46 14.50
CA SER A 1726 44.28 -42.26 14.48
C SER A 1726 43.18 -42.28 15.54
N ARG A 1727 43.28 -43.18 16.51
CA ARG A 1727 42.29 -43.27 17.58
C ARG A 1727 42.86 -42.97 18.96
N GLU A 1728 44.14 -42.59 19.05
CA GLU A 1728 44.75 -42.32 20.35
C GLU A 1728 44.22 -41.04 20.98
N PHE A 1729 43.64 -40.14 20.18
CA PHE A 1729 43.08 -38.90 20.72
C PHE A 1729 41.56 -39.00 20.73
N PRO A 1730 40.94 -39.05 21.91
CA PRO A 1730 39.47 -39.11 21.97
C PRO A 1730 38.85 -37.85 21.39
N PRO A 1731 37.69 -37.96 20.76
CA PRO A 1731 37.02 -36.78 20.21
C PRO A 1731 36.68 -35.77 21.30
N GLY A 1732 36.78 -34.49 20.94
CA GLY A 1732 36.58 -33.40 21.87
C GLY A 1732 37.86 -32.90 22.52
N THR A 1733 38.93 -33.70 22.51
CA THR A 1733 40.21 -33.24 23.01
C THR A 1733 40.83 -32.27 22.01
N PRO A 1734 41.48 -31.20 22.49
CA PRO A 1734 42.16 -30.29 21.55
C PRO A 1734 43.23 -30.95 20.70
N ARG A 1735 43.86 -32.02 21.19
CA ARG A 1735 44.85 -32.73 20.38
C ARG A 1735 44.23 -33.32 19.12
N PHE A 1736 43.05 -33.92 19.26
CA PHE A 1736 42.36 -34.49 18.09
C PHE A 1736 41.98 -33.41 17.09
N ASN A 1737 41.49 -32.27 17.58
CA ASN A 1737 41.11 -31.17 16.70
C ASN A 1737 42.33 -30.63 15.95
N ASN A 1738 43.45 -30.46 16.66
CA ASN A 1738 44.67 -29.99 16.01
C ASN A 1738 45.17 -31.00 14.97
N TYR A 1739 45.08 -32.30 15.30
CA TYR A 1739 45.48 -33.34 14.37
C TYR A 1739 44.64 -33.30 13.10
N VAL A 1740 43.32 -33.18 13.24
CA VAL A 1740 42.44 -33.15 12.08
C VAL A 1740 42.65 -31.87 11.29
N ASP A 1741 42.91 -30.74 11.97
CA ASP A 1741 43.19 -29.50 11.26
C ASP A 1741 44.46 -29.60 10.43
N CYS A 1742 45.51 -30.19 11.00
CA CYS A 1742 46.75 -30.37 10.24
C CYS A 1742 46.55 -31.30 9.06
N MET A 1743 45.79 -32.39 9.26
CA MET A 1743 45.51 -33.31 8.16
C MET A 1743 44.71 -32.64 7.05
N LYS A 1744 43.71 -31.82 7.42
CA LYS A 1744 42.91 -31.15 6.41
C LYS A 1744 43.72 -30.10 5.65
N LYS A 1745 44.63 -29.42 6.35
CA LYS A 1745 45.52 -28.50 5.66
C LYS A 1745 46.45 -29.23 4.69
N PHE A 1746 46.95 -30.39 5.10
CA PHE A 1746 47.76 -31.22 4.20
C PHE A 1746 46.96 -31.64 2.98
N LEU A 1747 45.70 -32.05 3.18
CA LEU A 1747 44.87 -32.49 2.06
C LEU A 1747 44.54 -31.33 1.12
N ASP A 1748 44.29 -30.14 1.67
CA ASP A 1748 44.05 -28.97 0.83
C ASP A 1748 45.29 -28.60 0.04
N ALA A 1749 46.47 -28.70 0.67
CA ALA A 1749 47.72 -28.47 -0.04
C ALA A 1749 47.92 -29.48 -1.16
N LEU A 1750 47.54 -30.74 -0.91
CA LEU A 1750 47.59 -31.76 -1.96
C LEU A 1750 46.67 -31.40 -3.12
N GLU A 1751 45.44 -30.98 -2.81
CA GLU A 1751 44.47 -30.65 -3.85
C GLU A 1751 44.95 -29.47 -4.69
N LEU A 1752 45.49 -28.43 -4.04
CA LEU A 1752 46.00 -27.28 -4.78
C LEU A 1752 47.32 -27.60 -5.48
N SER A 1753 48.02 -28.65 -5.05
CA SER A 1753 49.37 -28.96 -5.50
C SER A 1753 49.42 -30.00 -6.61
N GLN A 1754 48.67 -31.10 -6.47
CA GLN A 1754 48.76 -32.26 -7.37
C GLN A 1754 50.17 -32.84 -7.39
N SER A 1755 50.87 -32.77 -6.27
CA SER A 1755 52.23 -33.30 -6.18
C SER A 1755 52.22 -34.81 -6.00
N PRO A 1756 52.98 -35.55 -6.80
CA PRO A 1756 53.11 -37.00 -6.54
C PRO A 1756 53.71 -37.32 -5.19
N MET A 1757 54.59 -36.46 -4.67
CA MET A 1757 55.18 -36.68 -3.35
C MET A 1757 54.13 -36.57 -2.25
N LEU A 1758 53.27 -35.56 -2.34
CA LEU A 1758 52.23 -35.38 -1.32
C LEU A 1758 51.25 -36.54 -1.32
N LEU A 1759 50.88 -37.04 -2.50
CA LEU A 1759 50.01 -38.19 -2.58
C LEU A 1759 50.67 -39.42 -1.95
N GLU A 1760 51.98 -39.60 -2.20
CA GLU A 1760 52.72 -40.69 -1.58
C GLU A 1760 52.69 -40.59 -0.07
N LEU A 1761 52.95 -39.39 0.47
CA LEU A 1761 52.98 -39.20 1.92
C LEU A 1761 51.61 -39.47 2.54
N MET A 1762 50.55 -38.91 1.94
CA MET A 1762 49.22 -39.09 2.53
C MET A 1762 48.72 -40.52 2.38
N THR A 1763 49.11 -41.24 1.32
CA THR A 1763 48.72 -42.64 1.23
C THR A 1763 49.50 -43.48 2.23
N GLU A 1764 50.79 -43.19 2.44
CA GLU A 1764 51.55 -43.89 3.46
C GLU A 1764 50.93 -43.67 4.84
N VAL A 1765 50.44 -42.46 5.10
CA VAL A 1765 49.77 -42.19 6.37
C VAL A 1765 48.43 -42.93 6.45
N LEU A 1766 47.65 -42.90 5.37
CA LEU A 1766 46.30 -43.45 5.39
C LEU A 1766 46.30 -44.97 5.53
N CYS A 1767 47.26 -45.64 4.91
CA CYS A 1767 47.26 -47.09 4.85
C CYS A 1767 47.95 -47.75 6.05
N ARG A 1768 48.30 -46.97 7.08
CA ARG A 1768 48.82 -47.53 8.31
C ARG A 1768 47.77 -48.32 9.09
N GLU A 1769 46.49 -48.11 8.82
CA GLU A 1769 45.42 -48.80 9.53
C GLU A 1769 44.30 -49.06 8.53
N GLN A 1770 43.54 -50.14 8.76
CA GLN A 1770 42.46 -50.50 7.85
C GLN A 1770 41.37 -49.42 7.82
N GLN A 1771 41.03 -48.86 8.96
CA GLN A 1771 40.01 -47.83 9.05
C GLN A 1771 40.63 -46.53 9.56
N HIS A 1772 40.44 -45.46 8.81
CA HIS A 1772 40.92 -44.13 9.18
C HIS A 1772 39.73 -43.28 9.59
N VAL A 1773 39.92 -42.50 10.67
CA VAL A 1773 38.84 -41.65 11.18
C VAL A 1773 38.43 -40.60 10.16
N MET A 1774 39.36 -40.16 9.31
CA MET A 1774 39.08 -39.21 8.24
C MET A 1774 39.27 -39.84 6.87
N GLU A 1775 38.81 -41.08 6.71
CA GLU A 1775 38.93 -41.76 5.42
C GLU A 1775 38.12 -41.06 4.34
N GLU A 1776 36.95 -40.53 4.70
CA GLU A 1776 36.09 -39.88 3.72
C GLU A 1776 36.77 -38.67 3.10
N LEU A 1777 37.44 -37.86 3.92
CA LEU A 1777 38.18 -36.72 3.38
C LEU A 1777 39.30 -37.16 2.46
N PHE A 1778 40.01 -38.24 2.82
CA PHE A 1778 41.08 -38.75 1.97
C PHE A 1778 40.54 -39.20 0.62
N GLN A 1779 39.42 -39.93 0.61
CA GLN A 1779 38.85 -40.40 -0.65
C GLN A 1779 38.31 -39.25 -1.48
N SER A 1780 37.68 -38.26 -0.85
CA SER A 1780 37.19 -37.10 -1.60
C SER A 1780 38.34 -36.32 -2.22
N SER A 1781 39.42 -36.13 -1.46
CA SER A 1781 40.59 -35.44 -2.02
C SER A 1781 41.21 -36.22 -3.17
N PHE A 1782 41.29 -37.55 -3.03
CA PHE A 1782 41.83 -38.37 -4.10
C PHE A 1782 40.97 -38.27 -5.36
N ARG A 1783 39.64 -38.35 -5.20
CA ARG A 1783 38.75 -38.23 -6.35
C ARG A 1783 38.80 -36.83 -6.96
N ARG A 1784 39.03 -35.80 -6.15
CA ARG A 1784 39.07 -34.44 -6.68
C ARG A 1784 40.35 -34.20 -7.47
N ILE A 1785 41.50 -34.67 -6.95
CA ILE A 1785 42.73 -34.56 -7.71
C ILE A 1785 42.75 -35.50 -8.91
N ALA A 1786 41.94 -36.56 -8.89
CA ALA A 1786 41.81 -37.40 -10.07
C ALA A 1786 40.94 -36.75 -11.15
N ARG A 1787 39.88 -36.07 -10.75
CA ARG A 1787 39.02 -35.38 -11.71
C ARG A 1787 39.72 -34.16 -12.30
N ARG A 1788 40.33 -33.34 -11.46
CA ARG A 1788 40.96 -32.11 -11.91
C ARG A 1788 42.39 -32.38 -12.38
N GLY A 1789 42.84 -31.54 -13.31
CA GLY A 1789 44.22 -31.63 -13.77
C GLY A 1789 44.36 -31.83 -15.26
N SER A 1790 45.53 -32.28 -15.69
CA SER A 1790 45.82 -32.58 -17.09
C SER A 1790 46.22 -34.04 -17.22
N CYS A 1791 46.50 -34.45 -18.46
CA CYS A 1791 46.83 -35.85 -18.71
C CYS A 1791 48.16 -36.24 -18.08
N VAL A 1792 49.18 -35.39 -18.25
CA VAL A 1792 50.52 -35.72 -17.78
C VAL A 1792 50.56 -35.84 -16.27
N THR A 1793 49.87 -34.92 -15.56
CA THR A 1793 49.81 -35.00 -14.11
C THR A 1793 49.12 -36.28 -13.66
N GLN A 1794 48.04 -36.66 -14.35
CA GLN A 1794 47.31 -37.87 -13.97
C GLN A 1794 48.15 -39.12 -14.16
N VAL A 1795 48.85 -39.23 -15.29
CA VAL A 1795 49.68 -40.43 -15.50
C VAL A 1795 50.85 -40.44 -14.52
N GLY A 1796 51.40 -39.26 -14.21
CA GLY A 1796 52.46 -39.21 -13.21
C GLY A 1796 52.01 -39.66 -11.84
N LEU A 1797 50.82 -39.21 -11.41
CA LEU A 1797 50.28 -39.64 -10.12
C LEU A 1797 50.00 -41.14 -10.12
N LEU A 1798 49.41 -41.66 -11.20
CA LEU A 1798 49.13 -43.08 -11.29
C LEU A 1798 50.42 -43.90 -11.25
N GLU A 1799 51.46 -43.42 -11.94
CA GLU A 1799 52.74 -44.10 -11.93
C GLU A 1799 53.37 -44.09 -10.54
N SER A 1800 53.21 -42.97 -9.81
CA SER A 1800 53.74 -42.90 -8.45
C SER A 1800 53.07 -43.93 -7.54
N VAL A 1801 51.72 -43.99 -7.60
CA VAL A 1801 51.01 -44.97 -6.77
C VAL A 1801 51.35 -46.39 -7.20
N TYR A 1802 51.47 -46.64 -8.51
CA TYR A 1802 51.77 -47.97 -9.01
C TYR A 1802 53.17 -48.42 -8.58
N GLU A 1803 54.15 -47.53 -8.68
CA GLU A 1803 55.51 -47.84 -8.22
C GLU A 1803 55.55 -48.04 -6.72
N MET A 1804 54.71 -47.31 -5.98
CA MET A 1804 54.56 -47.60 -4.55
C MET A 1804 54.05 -49.02 -4.34
N PHE A 1805 53.08 -49.44 -5.14
CA PHE A 1805 52.46 -50.75 -4.95
C PHE A 1805 53.45 -51.87 -5.28
N ARG A 1806 54.14 -51.79 -6.42
CA ARG A 1806 55.03 -52.87 -6.86
C ARG A 1806 56.47 -52.59 -6.47
N LYS A 1807 56.72 -52.54 -5.16
CA LYS A 1807 58.07 -52.37 -4.64
C LYS A 1807 58.31 -53.39 -3.54
N ASP A 1808 59.48 -54.03 -3.57
CA ASP A 1808 59.84 -55.09 -2.63
C ASP A 1808 60.43 -54.45 -1.38
N ASP A 1809 59.59 -54.23 -0.38
CA ASP A 1809 59.99 -53.67 0.90
C ASP A 1809 59.37 -54.51 2.01
N PRO A 1810 59.97 -54.51 3.21
CA PRO A 1810 59.35 -55.22 4.33
C PRO A 1810 58.08 -54.56 4.82
N ARG A 1811 57.03 -54.60 4.01
CA ARG A 1811 55.74 -54.03 4.34
C ARG A 1811 54.69 -55.14 4.34
N LEU A 1812 53.79 -55.08 5.32
CA LEU A 1812 52.85 -56.17 5.55
C LEU A 1812 51.79 -56.21 4.45
N SER A 1813 51.07 -57.33 4.40
CA SER A 1813 50.17 -57.60 3.28
C SER A 1813 48.98 -56.65 3.24
N PHE A 1814 48.43 -56.32 4.42
CA PHE A 1814 47.25 -55.45 4.43
C PHE A 1814 47.60 -54.03 4.01
N THR A 1815 48.82 -53.57 4.31
CA THR A 1815 49.25 -52.26 3.84
C THR A 1815 49.38 -52.24 2.32
N ARG A 1816 49.91 -53.31 1.74
CA ARG A 1816 50.02 -53.39 0.28
C ARG A 1816 48.64 -53.47 -0.36
N GLN A 1817 47.71 -54.20 0.26
CA GLN A 1817 46.35 -54.26 -0.26
C GLN A 1817 45.67 -52.89 -0.18
N SER A 1818 45.91 -52.15 0.91
CA SER A 1818 45.32 -50.83 1.06
C SER A 1818 45.88 -49.82 0.07
N PHE A 1819 47.09 -50.05 -0.46
CA PHE A 1819 47.65 -49.16 -1.47
C PHE A 1819 46.81 -49.16 -2.74
N VAL A 1820 46.16 -50.27 -3.05
CA VAL A 1820 45.34 -50.41 -4.24
C VAL A 1820 43.86 -50.21 -3.93
N ASP A 1821 43.38 -50.84 -2.86
CA ASP A 1821 41.94 -50.84 -2.57
C ASP A 1821 41.42 -49.45 -2.27
N ARG A 1822 42.16 -48.67 -1.49
CA ARG A 1822 41.68 -47.37 -1.04
C ARG A 1822 42.18 -46.21 -1.90
N SER A 1823 43.45 -46.21 -2.29
CA SER A 1823 44.03 -45.08 -3.00
C SER A 1823 43.94 -45.24 -4.52
N LEU A 1824 44.56 -46.31 -5.05
CA LEU A 1824 44.66 -46.47 -6.49
C LEU A 1824 43.31 -46.71 -7.13
N LEU A 1825 42.39 -47.36 -6.42
CA LEU A 1825 41.06 -47.63 -6.97
C LEU A 1825 40.31 -46.34 -7.26
N THR A 1826 40.34 -45.39 -6.33
CA THR A 1826 39.60 -44.13 -6.51
C THR A 1826 40.20 -43.32 -7.65
N LEU A 1827 41.53 -43.24 -7.72
CA LEU A 1827 42.19 -42.52 -8.80
C LEU A 1827 41.87 -43.15 -10.15
N LEU A 1828 41.87 -44.49 -10.21
CA LEU A 1828 41.56 -45.17 -11.47
C LEU A 1828 40.11 -44.95 -11.87
N TRP A 1829 39.18 -44.99 -10.92
CA TRP A 1829 37.77 -44.82 -11.25
C TRP A 1829 37.44 -43.37 -11.62
N HIS A 1830 38.18 -42.40 -11.09
CA HIS A 1830 37.94 -41.00 -11.42
C HIS A 1830 39.04 -40.41 -12.30
N CYS A 1831 39.67 -41.24 -13.12
CA CYS A 1831 40.77 -40.81 -13.98
C CYS A 1831 40.23 -40.21 -15.28
N SER A 1832 41.13 -39.96 -16.22
CA SER A 1832 40.79 -39.48 -17.55
C SER A 1832 40.87 -40.63 -18.55
N LEU A 1833 40.17 -40.46 -19.68
CA LEU A 1833 40.05 -41.54 -20.66
C LEU A 1833 41.40 -41.89 -21.29
N ASP A 1834 42.15 -40.88 -21.71
CA ASP A 1834 43.45 -41.14 -22.35
C ASP A 1834 44.52 -41.53 -21.33
N ALA A 1835 44.45 -40.99 -20.12
CA ALA A 1835 45.39 -41.37 -19.08
C ALA A 1835 45.23 -42.84 -18.70
N LEU A 1836 43.98 -43.31 -18.67
CA LEU A 1836 43.74 -44.74 -18.43
C LEU A 1836 44.36 -45.59 -19.53
N ARG A 1837 44.23 -45.16 -20.79
CA ARG A 1837 44.82 -45.91 -21.90
C ARG A 1837 46.33 -45.95 -21.79
N GLU A 1838 46.96 -44.81 -21.46
CA GLU A 1838 48.41 -44.77 -21.37
C GLU A 1838 48.90 -45.62 -20.20
N PHE A 1839 48.21 -45.55 -19.06
CA PHE A 1839 48.57 -46.37 -17.92
C PHE A 1839 48.44 -47.85 -18.24
N PHE A 1840 47.35 -48.23 -18.92
CA PHE A 1840 47.17 -49.61 -19.34
C PHE A 1840 48.32 -50.06 -20.24
N SER A 1841 48.64 -49.26 -21.26
CA SER A 1841 49.74 -49.60 -22.16
C SER A 1841 51.07 -49.69 -21.41
N THR A 1842 51.20 -48.94 -20.32
CA THR A 1842 52.42 -49.02 -19.52
C THR A 1842 52.46 -50.31 -18.71
N ILE A 1843 51.32 -50.76 -18.20
CA ILE A 1843 51.29 -51.83 -17.20
C ILE A 1843 50.80 -53.16 -17.79
N VAL A 1844 50.69 -53.27 -19.11
CA VAL A 1844 50.23 -54.53 -19.71
C VAL A 1844 51.25 -55.63 -19.48
N VAL A 1845 52.52 -55.37 -19.76
CA VAL A 1845 53.51 -56.44 -19.85
C VAL A 1845 53.75 -57.09 -18.50
N ASP A 1846 53.98 -56.28 -17.46
CA ASP A 1846 54.37 -56.82 -16.16
C ASP A 1846 53.21 -57.56 -15.50
N ALA A 1847 51.99 -57.03 -15.63
CA ALA A 1847 50.83 -57.60 -14.96
C ALA A 1847 50.56 -59.03 -15.43
N ILE A 1848 50.65 -59.26 -16.74
CA ILE A 1848 50.30 -60.57 -17.28
C ILE A 1848 51.33 -61.62 -16.88
N ASP A 1849 52.62 -61.29 -16.93
CA ASP A 1849 53.62 -62.26 -16.49
C ASP A 1849 53.56 -62.49 -14.99
N VAL A 1850 53.14 -61.48 -14.22
CA VAL A 1850 52.91 -61.70 -12.80
C VAL A 1850 51.74 -62.67 -12.60
N LEU A 1851 50.66 -62.49 -13.36
CA LEU A 1851 49.49 -63.36 -13.22
C LEU A 1851 49.80 -64.80 -13.60
N LYS A 1852 50.59 -65.00 -14.66
CA LYS A 1852 50.95 -66.34 -15.10
C LYS A 1852 52.18 -66.90 -14.38
N SER A 1853 52.77 -66.13 -13.47
CA SER A 1853 53.96 -66.58 -12.77
C SER A 1853 53.63 -67.73 -11.81
N ARG A 1854 54.60 -68.61 -11.61
CA ARG A 1854 54.44 -69.72 -10.68
C ARG A 1854 54.49 -69.21 -9.24
N PHE A 1855 54.02 -70.08 -8.33
CA PHE A 1855 54.00 -69.75 -6.91
C PHE A 1855 55.25 -70.29 -6.24
N THR A 1856 55.39 -70.01 -4.95
CA THR A 1856 56.51 -70.51 -4.14
C THR A 1856 56.04 -71.49 -3.08
N LYS A 1857 55.13 -71.06 -2.20
CA LYS A 1857 54.55 -71.91 -1.15
C LYS A 1857 55.60 -72.54 -0.25
N LEU A 1858 56.71 -71.82 -0.03
CA LEU A 1858 57.77 -72.27 0.86
C LEU A 1858 57.87 -71.45 2.13
N ASN A 1859 57.98 -70.13 2.00
CA ASN A 1859 58.00 -69.22 3.14
C ASN A 1859 56.67 -68.47 3.19
N GLU A 1860 56.09 -68.39 4.39
CA GLU A 1860 54.78 -67.77 4.53
C GLU A 1860 54.80 -66.29 4.19
N SER A 1861 55.92 -65.61 4.46
CA SER A 1861 56.00 -64.18 4.15
C SER A 1861 56.04 -63.91 2.65
N THR A 1862 56.46 -64.88 1.84
CA THR A 1862 56.45 -64.74 0.39
C THR A 1862 55.14 -65.17 -0.24
N PHE A 1863 54.37 -66.02 0.45
CA PHE A 1863 53.09 -66.49 -0.08
C PHE A 1863 52.07 -65.36 -0.15
N ASP A 1864 51.90 -64.64 0.95
CA ASP A 1864 50.84 -63.64 1.04
C ASP A 1864 51.13 -62.42 0.16
N THR A 1865 52.40 -62.04 0.02
CA THR A 1865 52.71 -60.89 -0.84
C THR A 1865 52.45 -61.22 -2.31
N GLN A 1866 52.77 -62.44 -2.74
CA GLN A 1866 52.42 -62.84 -4.11
C GLN A 1866 50.92 -62.87 -4.31
N ILE A 1867 50.18 -63.41 -3.32
CA ILE A 1867 48.72 -63.44 -3.43
C ILE A 1867 48.16 -62.02 -3.53
N THR A 1868 48.67 -61.11 -2.69
CA THR A 1868 48.19 -59.73 -2.70
C THR A 1868 48.54 -59.02 -4.01
N LYS A 1869 49.73 -59.27 -4.55
CA LYS A 1869 50.11 -58.66 -5.82
C LYS A 1869 49.21 -59.12 -6.95
N LYS A 1870 48.92 -60.44 -7.01
CA LYS A 1870 48.03 -60.94 -8.05
C LYS A 1870 46.62 -60.38 -7.88
N MET A 1871 46.12 -60.31 -6.65
CA MET A 1871 44.79 -59.76 -6.40
C MET A 1871 44.72 -58.30 -6.81
N GLY A 1872 45.75 -57.52 -6.47
CA GLY A 1872 45.77 -56.11 -6.86
C GLY A 1872 45.81 -55.93 -8.36
N TYR A 1873 46.64 -56.74 -9.05
CA TYR A 1873 46.70 -56.64 -10.50
C TYR A 1873 45.37 -57.01 -11.14
N TYR A 1874 44.69 -58.02 -10.58
CA TYR A 1874 43.36 -58.38 -11.08
C TYR A 1874 42.37 -57.24 -10.90
N LYS A 1875 42.41 -56.57 -9.74
CA LYS A 1875 41.50 -55.43 -9.54
C LYS A 1875 41.82 -54.27 -10.49
N ILE A 1876 43.11 -54.00 -10.73
CA ILE A 1876 43.48 -52.92 -11.65
C ILE A 1876 42.98 -53.23 -13.05
N LEU A 1877 43.21 -54.46 -13.53
CA LEU A 1877 42.72 -54.84 -14.85
C LEU A 1877 41.21 -54.82 -14.91
N ASP A 1878 40.53 -55.16 -13.81
CA ASP A 1878 39.08 -55.05 -13.73
C ASP A 1878 38.66 -53.61 -13.95
N VAL A 1879 39.37 -52.67 -13.34
CA VAL A 1879 38.98 -51.26 -13.47
C VAL A 1879 39.16 -50.76 -14.89
N MET A 1880 40.33 -51.01 -15.51
CA MET A 1880 40.46 -50.51 -16.88
C MET A 1880 39.79 -51.41 -17.91
N TYR A 1881 39.17 -52.51 -17.52
CA TYR A 1881 38.25 -53.17 -18.44
C TYR A 1881 36.81 -52.69 -18.26
N SER A 1882 36.44 -52.30 -17.04
CA SER A 1882 35.11 -51.76 -16.81
C SER A 1882 34.96 -50.35 -17.37
N ARG A 1883 36.03 -49.55 -17.35
CA ARG A 1883 35.92 -48.15 -17.75
C ARG A 1883 36.38 -47.88 -19.17
N LEU A 1884 36.98 -48.85 -19.85
CA LEU A 1884 37.47 -48.56 -21.19
C LEU A 1884 36.59 -49.21 -22.26
N PRO A 1885 36.42 -48.56 -23.40
CA PRO A 1885 35.63 -49.16 -24.48
C PRO A 1885 36.40 -50.30 -25.16
N LYS A 1886 35.64 -51.09 -25.93
CA LYS A 1886 36.20 -52.27 -26.59
C LYS A 1886 37.12 -51.93 -27.75
N ASP A 1887 37.18 -50.67 -28.19
CA ASP A 1887 37.98 -50.31 -29.34
C ASP A 1887 39.48 -50.39 -29.09
N ASP A 1888 39.92 -50.54 -27.85
CA ASP A 1888 41.33 -50.62 -27.52
C ASP A 1888 41.75 -51.97 -26.95
N VAL A 1889 40.92 -52.59 -26.12
CA VAL A 1889 41.29 -53.87 -25.53
C VAL A 1889 41.30 -54.97 -26.57
N HIS A 1890 40.34 -54.95 -27.52
CA HIS A 1890 40.28 -55.97 -28.55
C HIS A 1890 39.57 -55.35 -29.76
N ALA A 1891 40.34 -54.96 -30.77
CA ALA A 1891 39.81 -54.38 -31.99
C ALA A 1891 40.90 -54.45 -33.06
N LYS A 1892 40.65 -53.82 -34.20
CA LYS A 1892 41.63 -53.79 -35.28
C LYS A 1892 42.77 -52.84 -34.95
N GLU A 1893 42.45 -51.56 -34.75
CA GLU A 1893 43.45 -50.55 -34.44
C GLU A 1893 43.57 -50.40 -32.92
N SER A 1894 44.19 -51.41 -32.31
CA SER A 1894 44.37 -51.45 -30.86
C SER A 1894 45.71 -50.81 -30.51
N LYS A 1895 45.65 -49.71 -29.73
CA LYS A 1895 46.88 -49.06 -29.30
C LYS A 1895 47.67 -49.93 -28.32
N ILE A 1896 46.99 -50.81 -27.59
CA ILE A 1896 47.66 -51.71 -26.65
C ILE A 1896 48.28 -52.86 -27.44
N ASN A 1897 49.58 -53.05 -27.27
CA ASN A 1897 50.34 -54.09 -27.95
C ASN A 1897 50.83 -55.09 -26.91
N GLN A 1898 50.00 -56.10 -26.64
CA GLN A 1898 50.35 -57.12 -25.65
C GLN A 1898 51.46 -58.04 -26.15
N VAL A 1899 51.50 -58.31 -27.47
CA VAL A 1899 52.41 -59.30 -28.01
C VAL A 1899 53.85 -58.86 -27.83
N PHE A 1900 54.71 -59.81 -27.43
CA PHE A 1900 56.11 -59.52 -27.23
C PHE A 1900 56.80 -59.12 -28.53
N HIS A 1901 56.50 -59.83 -29.62
CA HIS A 1901 57.07 -59.48 -30.91
C HIS A 1901 56.57 -58.11 -31.39
N GLY A 1902 55.28 -57.84 -31.21
CA GLY A 1902 54.74 -56.53 -31.57
C GLY A 1902 54.76 -56.30 -33.07
N SER A 1903 55.24 -55.11 -33.45
CA SER A 1903 55.37 -54.66 -34.84
C SER A 1903 54.02 -54.61 -35.55
N CYS A 1904 52.93 -54.50 -34.80
CA CYS A 1904 51.56 -54.41 -35.34
C CYS A 1904 51.25 -55.57 -36.28
N ILE A 1905 51.68 -56.76 -35.89
CA ILE A 1905 51.49 -57.95 -36.71
C ILE A 1905 50.24 -58.69 -36.24
N THR A 1906 49.69 -59.52 -37.14
CA THR A 1906 48.49 -60.31 -36.92
C THR A 1906 47.29 -59.46 -36.51
N GLU A 1907 46.21 -60.12 -36.07
CA GLU A 1907 45.01 -59.42 -35.64
C GLU A 1907 44.21 -60.35 -34.74
N GLY A 1908 43.29 -59.76 -33.99
CA GLY A 1908 42.46 -60.52 -33.09
C GLY A 1908 42.61 -60.10 -31.65
N ASN A 1909 42.89 -61.06 -30.75
CA ASN A 1909 43.06 -60.76 -29.34
C ASN A 1909 43.95 -61.84 -28.72
N GLU A 1910 45.22 -61.51 -28.54
CA GLU A 1910 46.14 -62.35 -27.79
C GLU A 1910 46.25 -61.92 -26.33
N LEU A 1911 45.55 -60.86 -25.93
CA LEU A 1911 45.51 -60.37 -24.57
C LEU A 1911 44.28 -60.85 -23.81
N THR A 1912 43.10 -60.65 -24.39
CA THR A 1912 41.86 -61.05 -23.71
C THR A 1912 41.79 -62.56 -23.52
N LYS A 1913 42.23 -63.33 -24.51
CA LYS A 1913 42.21 -64.78 -24.39
C LYS A 1913 43.08 -65.25 -23.23
N THR A 1914 44.31 -64.72 -23.15
CA THR A 1914 45.21 -65.10 -22.07
C THR A 1914 44.67 -64.65 -20.71
N LEU A 1915 44.10 -63.45 -20.64
CA LEU A 1915 43.57 -62.95 -19.37
C LEU A 1915 42.41 -63.80 -18.89
N ILE A 1916 41.47 -64.12 -19.80
CA ILE A 1916 40.32 -64.94 -19.41
C ILE A 1916 40.76 -66.36 -19.06
N LYS A 1917 41.77 -66.89 -19.77
CA LYS A 1917 42.29 -68.21 -19.43
C LYS A 1917 42.90 -68.22 -18.03
N LEU A 1918 43.68 -67.18 -17.70
CA LEU A 1918 44.27 -67.11 -16.36
C LEU A 1918 43.20 -66.93 -15.29
N CYS A 1919 42.17 -66.14 -15.57
CA CYS A 1919 41.06 -66.01 -14.62
C CYS A 1919 40.35 -67.35 -14.42
N TYR A 1920 40.11 -68.08 -15.49
CA TYR A 1920 39.44 -69.37 -15.38
C TYR A 1920 40.28 -70.36 -14.60
N ASP A 1921 41.59 -70.37 -14.83
CA ASP A 1921 42.48 -71.21 -14.03
C ASP A 1921 42.47 -70.78 -12.56
N ALA A 1922 42.33 -69.48 -12.30
CA ALA A 1922 42.24 -69.01 -10.92
C ALA A 1922 40.97 -69.52 -10.24
N PHE A 1923 39.85 -69.52 -10.96
CA PHE A 1923 38.61 -70.08 -10.40
C PHE A 1923 38.77 -71.58 -10.17
N THR A 1924 39.28 -72.30 -11.16
CA THR A 1924 39.37 -73.76 -11.12
C THR A 1924 40.62 -74.20 -10.34
N GLU A 1925 40.63 -73.86 -9.06
CA GLU A 1925 41.70 -74.23 -8.15
C GLU A 1925 41.19 -75.25 -7.14
N ASN A 1926 41.90 -76.35 -7.00
CA ASN A 1926 41.55 -77.42 -6.07
C ASN A 1926 42.34 -77.21 -4.79
N MET A 1927 41.65 -76.82 -3.72
CA MET A 1927 42.27 -76.53 -2.43
C MET A 1927 42.14 -77.68 -1.44
N ALA A 1928 41.74 -78.87 -1.91
CA ALA A 1928 41.60 -80.02 -1.03
C ALA A 1928 42.98 -80.47 -0.53
N GLY A 1929 43.18 -80.39 0.78
CA GLY A 1929 44.44 -80.76 1.39
C GLY A 1929 45.46 -79.65 1.49
N GLU A 1930 45.17 -78.48 0.93
CA GLU A 1930 46.08 -77.34 0.97
C GLU A 1930 45.50 -76.31 1.94
N ASN A 1931 46.11 -76.18 3.12
CA ASN A 1931 45.64 -75.27 4.16
C ASN A 1931 46.83 -74.48 4.68
N GLN A 1932 47.13 -73.36 4.03
CA GLN A 1932 48.12 -72.39 4.52
C GLN A 1932 47.50 -71.04 4.82
N LEU A 1933 46.82 -70.44 3.83
CA LEU A 1933 46.03 -69.23 4.03
C LEU A 1933 44.81 -69.34 3.13
N LEU A 1934 43.62 -69.26 3.71
CA LEU A 1934 42.39 -69.53 2.96
C LEU A 1934 41.66 -68.25 2.56
N GLU A 1935 41.50 -67.31 3.50
CA GLU A 1935 40.73 -66.10 3.23
C GLU A 1935 41.38 -65.25 2.16
N ARG A 1936 42.72 -65.17 2.17
CA ARG A 1936 43.43 -64.39 1.16
C ARG A 1936 43.15 -64.92 -0.24
N ARG A 1937 43.20 -66.25 -0.40
CA ARG A 1937 42.88 -66.84 -1.69
C ARG A 1937 41.41 -66.73 -2.03
N ARG A 1938 40.57 -66.78 -0.99
CA ARG A 1938 39.12 -66.61 -1.23
C ARG A 1938 38.97 -65.28 -1.94
N LEU A 1939 39.63 -64.26 -1.42
CA LEU A 1939 39.60 -62.93 -2.08
C LEU A 1939 40.26 -63.08 -3.46
N TYR A 1940 41.33 -63.85 -3.54
CA TYR A 1940 42.02 -63.91 -4.85
C TYR A 1940 41.06 -64.51 -5.89
N HIS A 1941 40.33 -65.57 -5.52
CA HIS A 1941 39.35 -66.18 -6.46
C HIS A 1941 38.21 -65.23 -6.81
N CYS A 1942 37.66 -64.53 -5.81
CA CYS A 1942 36.56 -63.55 -6.06
C CYS A 1942 37.11 -62.40 -6.91
N ALA A 1943 38.34 -61.97 -6.63
CA ALA A 1943 38.94 -60.85 -7.38
C ALA A 1943 39.06 -61.23 -8.86
N ALA A 1944 39.48 -62.47 -9.14
CA ALA A 1944 39.62 -62.94 -10.54
C ALA A 1944 38.26 -62.97 -11.21
N TYR A 1945 37.24 -63.43 -10.48
CA TYR A 1945 35.90 -63.58 -11.09
C TYR A 1945 35.40 -62.20 -11.52
N ASN A 1946 35.63 -61.20 -10.68
CA ASN A 1946 35.11 -59.84 -10.97
C ASN A 1946 35.91 -59.28 -12.14
N CYS A 1947 37.23 -59.48 -12.14
CA CYS A 1947 38.06 -59.09 -13.28
C CYS A 1947 37.58 -59.77 -14.56
N ALA A 1948 37.28 -61.07 -14.48
CA ALA A 1948 36.80 -61.80 -15.65
C ALA A 1948 35.43 -61.28 -16.09
N ILE A 1949 34.56 -60.96 -15.13
CA ILE A 1949 33.24 -60.41 -15.46
C ILE A 1949 33.39 -59.07 -16.18
N SER A 1950 34.27 -58.20 -15.67
CA SER A 1950 34.49 -56.91 -16.30
C SER A 1950 35.12 -57.04 -17.68
N VAL A 1951 35.99 -58.03 -17.87
CA VAL A 1951 36.53 -58.30 -19.20
C VAL A 1951 35.43 -58.80 -20.14
N ILE A 1952 34.59 -59.71 -19.65
CA ILE A 1952 33.57 -60.34 -20.48
C ILE A 1952 32.52 -59.34 -20.91
N CYS A 1953 32.17 -58.39 -20.02
CA CYS A 1953 31.02 -57.52 -20.23
C CYS A 1953 31.12 -56.67 -21.49
N CYS A 1954 32.33 -56.38 -21.97
CA CYS A 1954 32.48 -55.47 -23.10
C CYS A 1954 33.50 -55.99 -24.10
N VAL A 1955 33.47 -57.28 -24.41
CA VAL A 1955 34.31 -57.82 -25.47
C VAL A 1955 33.45 -58.55 -26.51
N PHE A 1956 32.73 -59.59 -26.08
CA PHE A 1956 31.94 -60.40 -26.99
C PHE A 1956 30.48 -60.46 -26.54
N ASN A 1957 29.68 -61.18 -27.31
CA ASN A 1957 28.25 -61.34 -27.05
C ASN A 1957 27.88 -62.81 -27.01
N GLU A 1958 26.58 -63.11 -27.03
CA GLU A 1958 26.04 -64.47 -27.08
C GLU A 1958 26.37 -65.25 -25.81
N LEU A 1959 26.22 -66.57 -25.86
CA LEU A 1959 26.46 -67.42 -24.70
C LEU A 1959 27.91 -67.29 -24.24
N LYS A 1960 28.09 -67.21 -22.93
CA LYS A 1960 29.39 -66.96 -22.32
C LYS A 1960 30.15 -68.28 -22.16
N PHE A 1961 31.24 -68.23 -21.39
CA PHE A 1961 32.08 -69.40 -21.21
C PHE A 1961 31.34 -70.50 -20.45
N TYR A 1962 31.81 -71.74 -20.64
CA TYR A 1962 31.23 -72.87 -19.93
C TYR A 1962 31.46 -72.74 -18.44
N GLN A 1963 30.46 -73.12 -17.66
CA GLN A 1963 30.44 -72.92 -16.22
C GLN A 1963 30.66 -74.24 -15.50
N GLY A 1964 31.64 -74.27 -14.61
CA GLY A 1964 31.88 -75.43 -13.76
C GLY A 1964 32.71 -76.52 -14.40
N PHE A 1965 32.09 -77.31 -15.28
CA PHE A 1965 32.69 -78.43 -16.03
C PHE A 1965 33.02 -79.60 -15.10
N LEU A 1966 32.84 -79.45 -13.78
CA LEU A 1966 33.14 -80.46 -12.76
C LEU A 1966 34.66 -80.67 -12.76
N PHE A 1967 35.15 -81.91 -12.77
CA PHE A 1967 36.58 -82.22 -12.63
C PHE A 1967 37.14 -81.67 -11.31
N SER A 1968 36.30 -81.67 -10.28
CA SER A 1968 36.66 -81.24 -8.92
C SER A 1968 37.17 -79.81 -8.88
N GLU A 1969 36.64 -78.96 -9.77
CA GLU A 1969 37.03 -77.54 -9.82
C GLU A 1969 35.79 -76.72 -10.20
N LYS A 1970 35.09 -76.23 -9.19
CA LYS A 1970 33.90 -75.40 -9.38
C LYS A 1970 34.11 -74.03 -8.75
N PRO A 1971 33.66 -72.96 -9.43
CA PRO A 1971 33.85 -71.61 -8.87
C PRO A 1971 33.14 -71.37 -7.56
N GLU A 1972 31.98 -72.01 -7.33
CA GLU A 1972 31.16 -71.68 -6.17
C GLU A 1972 31.86 -72.06 -4.87
N LYS A 1973 32.51 -73.23 -4.82
CA LYS A 1973 33.18 -73.64 -3.60
C LYS A 1973 34.39 -72.77 -3.31
N ASN A 1974 35.10 -72.33 -4.36
CA ASN A 1974 36.28 -71.51 -4.17
C ASN A 1974 35.93 -70.07 -3.81
N LEU A 1975 34.78 -69.56 -4.25
CA LEU A 1975 34.48 -68.12 -4.00
C LEU A 1975 33.86 -67.90 -2.62
N LEU A 1976 33.47 -68.94 -1.88
CA LEU A 1976 32.79 -68.76 -0.61
C LEU A 1976 33.62 -69.38 0.51
N ILE A 1977 33.20 -69.08 1.74
CA ILE A 1977 33.97 -69.46 2.93
C ILE A 1977 33.64 -70.88 3.40
N PHE A 1978 32.36 -71.24 3.39
CA PHE A 1978 31.80 -72.53 3.81
C PHE A 1978 31.89 -72.75 5.32
N GLU A 1979 32.49 -71.84 6.08
CA GLU A 1979 32.61 -71.99 7.52
C GLU A 1979 32.09 -70.81 8.32
N ASN A 1980 31.77 -69.69 7.68
CA ASN A 1980 31.26 -68.52 8.37
C ASN A 1980 29.74 -68.60 8.43
N LEU A 1981 29.19 -68.74 9.64
CA LEU A 1981 27.74 -68.77 9.81
C LEU A 1981 27.20 -67.35 9.76
N ILE A 1982 26.36 -67.09 8.76
CA ILE A 1982 25.81 -65.75 8.56
C ILE A 1982 24.74 -65.51 9.62
N ASP A 1983 24.94 -64.49 10.45
CA ASP A 1983 24.02 -64.17 11.54
C ASP A 1983 22.92 -63.26 11.01
N LEU A 1984 21.93 -63.88 10.37
CA LEU A 1984 20.78 -63.17 9.84
C LEU A 1984 19.79 -62.91 10.98
N LYS A 1985 19.62 -61.64 11.34
CA LYS A 1985 18.80 -61.26 12.47
C LYS A 1985 17.33 -61.26 12.07
N ARG A 1986 16.47 -60.74 12.95
CA ARG A 1986 15.04 -60.68 12.66
C ARG A 1986 14.74 -59.68 11.54
N ARG A 1987 15.59 -58.66 11.38
CA ARG A 1987 15.40 -57.65 10.35
C ARG A 1987 16.74 -56.97 10.11
N TYR A 1988 16.83 -56.24 9.00
CA TYR A 1988 18.04 -55.52 8.65
C TYR A 1988 18.19 -54.32 9.60
N ASN A 1989 19.03 -54.48 10.63
CA ASN A 1989 19.26 -53.48 11.65
C ASN A 1989 20.45 -53.93 12.49
N PHE A 1990 21.08 -52.97 13.17
CA PHE A 1990 22.20 -53.19 14.08
C PHE A 1990 23.36 -53.90 13.38
N PRO A 1991 24.09 -53.22 12.47
CA PRO A 1991 25.19 -53.84 11.73
C PRO A 1991 26.35 -54.24 12.64
N ASN A 2016 29.07 -37.57 11.98
CA ASN A 2016 29.92 -38.64 12.47
C ASN A 2016 31.39 -38.33 12.22
N GLY A 2017 32.26 -38.89 13.08
CA GLY A 2017 33.68 -38.65 12.96
C GLY A 2017 34.07 -37.22 13.27
N ASP A 2018 34.50 -36.48 12.24
CA ASP A 2018 34.86 -35.08 12.40
C ASP A 2018 34.25 -34.14 11.37
N SER A 2019 33.78 -34.67 10.22
CA SER A 2019 33.09 -33.91 9.19
C SER A 2019 33.98 -32.84 8.56
N ASP A 2020 33.46 -32.15 7.55
CA ASP A 2020 34.21 -31.06 6.92
C ASP A 2020 34.22 -29.80 7.78
N GLY A 2021 33.35 -29.72 8.77
CA GLY A 2021 33.26 -28.54 9.61
C GLY A 2021 32.63 -27.37 8.88
N PRO A 2022 32.95 -26.15 9.31
CA PRO A 2022 32.44 -24.97 8.62
C PRO A 2022 33.07 -24.82 7.24
N SER A 2023 32.57 -23.83 6.50
CA SER A 2023 33.04 -23.53 5.16
C SER A 2023 33.42 -22.05 5.06
N TYR A 2024 33.95 -21.67 3.91
CA TYR A 2024 34.35 -20.30 3.62
C TYR A 2024 33.37 -19.61 2.68
N MET A 2025 32.07 -19.86 2.88
CA MET A 2025 31.05 -19.28 2.01
C MET A 2025 31.09 -17.76 2.08
N SER A 2026 30.92 -17.12 0.92
CA SER A 2026 30.99 -15.67 0.76
C SER A 2026 32.34 -15.12 1.25
N SER A 2027 33.41 -15.86 0.96
CA SER A 2027 34.76 -15.46 1.36
C SER A 2027 35.74 -16.21 0.48
N LEU A 2028 37.03 -15.95 0.72
CA LEU A 2028 38.17 -16.66 0.13
C LEU A 2028 38.37 -16.29 -1.35
N SER A 2029 37.41 -15.59 -1.93
CA SER A 2029 37.47 -15.22 -3.34
C SER A 2029 36.37 -14.20 -3.63
N TYR A 2030 36.70 -13.20 -4.45
CA TYR A 2030 35.70 -12.23 -4.86
C TYR A 2030 34.64 -12.86 -5.76
N LEU A 2031 35.08 -13.68 -6.73
CA LEU A 2031 34.23 -14.44 -7.65
C LEU A 2031 33.34 -13.55 -8.53
N ALA A 2032 33.51 -12.22 -8.46
CA ALA A 2032 32.71 -11.27 -9.22
C ALA A 2032 31.21 -11.50 -9.00
N ASP A 2033 30.84 -11.78 -7.75
CA ASP A 2033 29.46 -12.13 -7.43
C ASP A 2033 28.91 -11.27 -6.29
N SER A 2034 29.78 -10.82 -5.40
CA SER A 2034 29.35 -10.03 -4.26
C SER A 2034 30.51 -9.17 -3.77
N THR A 2035 30.24 -7.88 -3.53
CA THR A 2035 31.27 -6.99 -3.01
C THR A 2035 31.56 -7.30 -1.54
N LEU A 2036 30.53 -7.61 -0.76
CA LEU A 2036 30.73 -7.95 0.64
C LEU A 2036 31.57 -9.22 0.78
N SER A 2037 31.36 -10.19 -0.12
CA SER A 2037 32.22 -11.37 -0.13
C SER A 2037 33.66 -11.00 -0.43
N GLU A 2038 33.87 -10.03 -1.33
CA GLU A 2038 35.21 -9.53 -1.60
C GLU A 2038 35.85 -8.84 -0.40
N GLU A 2039 35.08 -8.12 0.41
CA GLU A 2039 35.61 -7.53 1.63
C GLU A 2039 35.92 -8.57 2.70
N MET A 2040 35.07 -9.59 2.85
CA MET A 2040 35.41 -10.71 3.71
C MET A 2040 36.63 -11.48 3.24
N SER A 2041 36.87 -11.55 1.93
CA SER A 2041 38.06 -12.19 1.40
C SER A 2041 39.32 -11.35 1.60
N GLN A 2042 39.20 -10.03 1.69
CA GLN A 2042 40.34 -9.18 1.99
C GLN A 2042 40.63 -9.09 3.48
N PHE A 2043 39.59 -9.22 4.32
CA PHE A 2043 39.82 -9.32 5.76
C PHE A 2043 40.71 -10.51 6.10
N ASP A 2044 40.54 -11.62 5.40
CA ASP A 2044 41.35 -12.80 5.65
C ASP A 2044 42.78 -12.62 5.14
N PHE A 2045 42.94 -11.99 3.98
CA PHE A 2045 44.27 -11.73 3.45
C PHE A 2045 45.04 -10.78 4.34
N SER A 2046 44.39 -9.73 4.83
CA SER A 2046 45.03 -8.74 5.70
C SER A 2046 45.42 -9.35 7.05
N THR A 2047 44.48 -10.03 7.70
CA THR A 2047 44.74 -10.61 9.01
C THR A 2047 45.59 -11.87 8.93
N GLY A 2048 45.60 -12.55 7.79
CA GLY A 2048 46.34 -13.79 7.65
C GLY A 2048 45.63 -15.02 8.15
N VAL A 2049 44.43 -14.88 8.71
CA VAL A 2049 43.66 -16.00 9.25
C VAL A 2049 42.37 -16.12 8.44
N GLN A 2050 42.12 -17.32 7.92
CA GLN A 2050 40.92 -17.56 7.13
C GLN A 2050 39.68 -17.49 8.01
N SER A 2051 38.58 -16.99 7.44
CA SER A 2051 37.31 -16.85 8.15
C SER A 2051 36.34 -17.93 7.73
N TYR A 2052 35.73 -18.59 8.72
CA TYR A 2052 34.71 -19.61 8.47
C TYR A 2052 33.44 -19.22 9.19
N SER A 2053 32.35 -19.13 8.45
CA SER A 2053 31.03 -18.85 9.02
C SER A 2053 30.34 -20.16 9.36
N TYR A 2054 29.05 -20.10 9.68
CA TYR A 2054 28.27 -21.28 10.02
C TYR A 2054 27.42 -21.70 8.83
N SER A 2055 27.59 -22.94 8.38
CA SER A 2055 26.85 -23.46 7.25
C SER A 2055 25.41 -23.81 7.65
N SER A 2056 24.52 -23.75 6.68
CA SER A 2056 23.12 -24.09 6.93
C SER A 2056 22.96 -25.57 7.26
N GLN A 2057 23.66 -26.44 6.55
CA GLN A 2057 23.56 -27.88 6.74
C GLN A 2057 24.95 -28.44 7.00
N ASP A 2058 25.06 -29.28 8.03
CA ASP A 2058 26.35 -29.91 8.34
C ASP A 2058 26.86 -30.79 7.20
N PRO A 2059 26.08 -31.69 6.59
CA PRO A 2059 26.57 -32.35 5.38
C PRO A 2059 26.37 -31.47 4.15
N ARG A 2060 27.42 -31.42 3.31
CA ARG A 2060 27.43 -30.57 2.12
C ARG A 2060 27.82 -31.40 0.91
N PRO A 2061 26.88 -32.14 0.33
CA PRO A 2061 27.17 -32.84 -0.93
C PRO A 2061 27.22 -31.86 -2.10
N ALA A 2062 28.42 -31.59 -2.60
CA ALA A 2062 28.57 -30.66 -3.72
C ALA A 2062 27.94 -31.22 -4.99
N THR A 2063 28.11 -32.51 -5.23
CA THR A 2063 27.58 -33.15 -6.43
C THR A 2063 27.37 -34.64 -6.10
N GLY A 2064 27.20 -35.45 -7.14
CA GLY A 2064 26.98 -36.87 -6.96
C GLY A 2064 28.21 -37.67 -6.61
N ARG A 2065 29.23 -37.02 -6.05
CA ARG A 2065 30.44 -37.72 -5.65
C ARG A 2065 30.16 -38.60 -4.45
N PHE A 2066 30.58 -39.87 -4.55
CA PHE A 2066 30.50 -40.89 -3.49
C PHE A 2066 29.07 -41.34 -3.25
N ARG A 2067 28.10 -40.67 -3.88
CA ARG A 2067 26.71 -41.11 -3.78
C ARG A 2067 26.46 -42.33 -4.67
N ARG A 2068 26.98 -42.32 -5.88
CA ARG A 2068 26.83 -43.43 -6.81
C ARG A 2068 27.94 -43.33 -7.86
N ARG A 2069 28.17 -44.46 -8.54
CA ARG A 2069 29.18 -44.50 -9.58
C ARG A 2069 28.59 -44.03 -10.91
N GLU A 2070 29.48 -43.79 -11.88
CA GLU A 2070 29.07 -43.33 -13.21
C GLU A 2070 28.32 -44.43 -13.96
N VAL A 2080 19.19 -48.76 -5.87
CA VAL A 2080 18.14 -49.70 -5.51
C VAL A 2080 18.63 -50.60 -4.37
N LEU A 2081 19.94 -50.80 -4.30
CA LEU A 2081 20.55 -51.64 -3.27
C LEU A 2081 20.78 -50.84 -1.99
N GLU A 2082 19.68 -50.47 -1.35
CA GLU A 2082 19.72 -49.69 -0.12
C GLU A 2082 19.72 -50.59 1.12
N LEU A 2083 20.66 -51.54 1.14
CA LEU A 2083 20.81 -52.44 2.28
C LEU A 2083 22.26 -52.93 2.26
N GLU A 2084 23.09 -52.35 3.13
CA GLU A 2084 24.51 -52.68 3.18
C GLU A 2084 24.90 -53.50 4.41
N MET A 2085 24.03 -53.59 5.41
CA MET A 2085 24.38 -54.28 6.65
C MET A 2085 24.31 -55.80 6.53
N ASP A 2086 23.72 -56.33 5.46
CA ASP A 2086 23.70 -57.77 5.25
C ASP A 2086 25.06 -58.27 4.79
N GLU A 2087 25.47 -59.43 5.34
CA GLU A 2087 26.73 -60.02 4.93
C GLU A 2087 26.68 -60.58 3.52
N LEU A 2088 25.55 -61.17 3.13
CA LEU A 2088 25.40 -61.71 1.79
C LEU A 2088 25.29 -60.62 0.72
N ASN A 2089 24.83 -59.43 1.07
CA ASN A 2089 24.84 -58.31 0.15
C ASN A 2089 26.15 -57.56 0.14
N ARG A 2090 26.88 -57.57 1.25
CA ARG A 2090 28.23 -57.01 1.32
C ARG A 2090 29.28 -58.07 1.05
N HIS A 2091 29.06 -58.81 -0.04
CA HIS A 2091 30.03 -59.88 -0.45
C HIS A 2091 30.85 -59.35 -1.60
N GLU A 2092 32.10 -59.79 -1.74
CA GLU A 2092 33.00 -59.23 -2.77
C GLU A 2092 32.45 -59.50 -4.17
N CYS A 2093 31.88 -60.69 -4.37
CA CYS A 2093 31.48 -61.12 -5.73
C CYS A 2093 29.95 -61.13 -5.89
N MET A 2094 29.20 -60.62 -4.90
CA MET A 2094 27.72 -60.54 -5.07
C MET A 2094 27.32 -59.34 -5.93
N ALA A 2095 27.92 -58.18 -5.67
CA ALA A 2095 27.60 -56.96 -6.45
C ALA A 2095 28.01 -57.07 -7.93
N PRO A 2096 29.20 -57.61 -8.27
CA PRO A 2096 29.58 -57.80 -9.67
C PRO A 2096 28.71 -58.82 -10.41
N LEU A 2097 28.39 -59.93 -9.76
CA LEU A 2097 27.64 -61.02 -10.44
C LEU A 2097 26.20 -60.56 -10.64
N THR A 2098 25.64 -59.86 -9.65
CA THR A 2098 24.29 -59.39 -9.94
C THR A 2098 24.27 -58.41 -11.10
N ALA A 2099 25.28 -57.54 -11.20
CA ALA A 2099 25.38 -56.65 -12.36
C ALA A 2099 25.53 -57.44 -13.65
N LEU A 2100 26.32 -58.52 -13.61
CA LEU A 2100 26.45 -59.41 -14.76
C LEU A 2100 25.11 -60.03 -15.13
N VAL A 2101 24.34 -60.47 -14.13
CA VAL A 2101 23.03 -61.07 -14.40
C VAL A 2101 22.11 -60.05 -15.07
N LYS A 2102 22.07 -58.83 -14.55
CA LYS A 2102 21.27 -57.77 -15.17
C LYS A 2102 21.74 -57.46 -16.58
N HIS A 2103 23.06 -57.58 -16.83
CA HIS A 2103 23.56 -57.39 -18.18
C HIS A 2103 23.11 -58.51 -19.12
N MET A 2104 23.04 -59.75 -18.60
CA MET A 2104 22.46 -60.84 -19.39
C MET A 2104 21.01 -60.57 -19.74
N HIS A 2105 20.25 -59.95 -18.83
CA HIS A 2105 18.79 -59.77 -19.12
C HIS A 2105 18.55 -58.68 -20.17
N ARG A 2106 19.51 -57.75 -20.36
CA ARG A 2106 19.29 -56.65 -21.29
C ARG A 2106 20.22 -56.77 -22.48
N SER A 2107 19.64 -56.69 -23.68
CA SER A 2107 20.40 -56.65 -24.95
C SER A 2107 21.29 -57.88 -25.10
N LEU A 2108 20.79 -59.04 -24.67
CA LEU A 2108 21.53 -60.28 -24.80
C LEU A 2108 20.56 -61.45 -24.68
N GLY A 2109 20.71 -62.42 -25.57
CA GLY A 2109 19.86 -63.60 -25.58
C GLY A 2109 18.77 -63.50 -26.61
N PRO A 2110 17.66 -64.20 -26.37
CA PRO A 2110 16.54 -64.13 -27.29
C PRO A 2110 15.95 -62.74 -27.32
N PRO A 2111 15.39 -62.33 -28.46
CA PRO A 2111 14.77 -60.99 -28.53
C PRO A 2111 13.54 -60.91 -27.64
N GLN A 2112 13.25 -59.68 -27.20
CA GLN A 2112 12.15 -59.46 -26.28
C GLN A 2112 10.81 -59.68 -26.96
N GLY A 2113 9.77 -59.86 -26.15
CA GLY A 2113 8.43 -60.09 -26.63
C GLY A 2113 7.98 -61.53 -26.65
N GLU A 2114 8.75 -62.44 -26.08
CA GLU A 2114 8.37 -63.85 -26.06
C GLU A 2114 7.22 -64.08 -25.08
N GLU A 2115 6.23 -64.86 -25.50
CA GLU A 2115 5.11 -65.26 -24.65
C GLU A 2115 5.28 -66.74 -24.32
N ASP A 2116 5.33 -67.05 -23.02
CA ASP A 2116 5.58 -68.39 -22.52
C ASP A 2116 6.89 -68.96 -23.11
N SER A 2117 7.98 -68.26 -22.80
CA SER A 2117 9.29 -68.58 -23.37
C SER A 2117 9.85 -69.86 -22.76
N VAL A 2118 9.62 -70.98 -23.43
CA VAL A 2118 10.12 -72.31 -23.04
C VAL A 2118 9.79 -72.62 -21.59
N PRO A 2119 8.52 -72.89 -21.24
CA PRO A 2119 8.21 -73.27 -19.86
C PRO A 2119 8.42 -74.75 -19.59
N ARG A 2120 9.53 -75.29 -20.08
CA ARG A 2120 9.88 -76.68 -19.83
C ARG A 2120 11.36 -76.89 -19.56
N ASP A 2121 12.19 -75.84 -19.66
CA ASP A 2121 13.63 -75.96 -19.45
C ASP A 2121 14.17 -74.57 -19.16
N LEU A 2122 15.48 -74.49 -18.99
CA LEU A 2122 16.17 -73.25 -18.68
C LEU A 2122 17.45 -73.16 -19.50
N PRO A 2123 17.94 -71.95 -19.77
CA PRO A 2123 19.22 -71.81 -20.47
C PRO A 2123 20.37 -72.28 -19.59
N SER A 2124 21.56 -72.32 -20.20
CA SER A 2124 22.71 -72.99 -19.58
C SER A 2124 23.07 -72.36 -18.24
N TRP A 2125 23.17 -71.04 -18.19
CA TRP A 2125 23.50 -70.38 -16.93
C TRP A 2125 22.36 -70.49 -15.93
N MET A 2126 21.14 -70.22 -16.38
CA MET A 2126 19.97 -70.33 -15.49
C MET A 2126 19.87 -71.78 -14.97
N LYS A 2127 19.93 -72.78 -15.86
CA LYS A 2127 19.79 -74.16 -15.42
C LYS A 2127 20.96 -74.58 -14.52
N PHE A 2128 22.14 -73.99 -14.72
CA PHE A 2128 23.26 -74.27 -13.82
C PHE A 2128 22.97 -73.72 -12.43
N LEU A 2129 22.49 -72.48 -12.34
CA LEU A 2129 22.13 -71.91 -11.05
C LEU A 2129 20.98 -72.69 -10.42
N HIS A 2130 20.05 -73.18 -11.25
CA HIS A 2130 18.95 -74.00 -10.76
C HIS A 2130 19.46 -75.31 -10.15
N GLY A 2131 20.42 -75.95 -10.82
CA GLY A 2131 20.99 -77.17 -10.29
C GLY A 2131 21.76 -76.96 -9.01
N LYS A 2132 22.54 -75.87 -8.94
CA LYS A 2132 23.31 -75.60 -7.72
C LYS A 2132 22.41 -75.18 -6.57
N LEU A 2133 21.28 -74.51 -6.86
CA LEU A 2133 20.38 -74.06 -5.80
C LEU A 2133 19.33 -75.11 -5.47
N GLY A 2134 18.81 -75.80 -6.47
CA GLY A 2134 17.77 -76.79 -6.23
C GLY A 2134 18.26 -78.01 -5.46
N ASN A 2135 19.53 -78.34 -5.64
CA ASN A 2135 20.11 -79.48 -4.95
C ASN A 2135 20.14 -79.25 -3.45
N PRO A 2136 19.80 -80.25 -2.63
CA PRO A 2136 19.80 -80.05 -1.17
C PRO A 2136 21.09 -80.49 -0.49
N ILE A 2137 22.01 -81.10 -1.23
CA ILE A 2137 23.26 -81.58 -0.63
C ILE A 2137 24.38 -80.55 -0.71
N VAL A 2138 24.22 -79.51 -1.51
CA VAL A 2138 25.21 -78.43 -1.57
C VAL A 2138 25.22 -77.69 -0.24
N PRO A 2139 26.39 -77.20 0.24
CA PRO A 2139 26.43 -76.42 1.48
C PRO A 2139 25.45 -75.25 1.52
N LEU A 2140 25.09 -74.83 2.74
CA LEU A 2140 24.01 -73.87 2.93
C LEU A 2140 24.37 -72.49 2.37
N ASN A 2141 25.63 -72.10 2.48
CA ASN A 2141 26.04 -70.75 2.07
C ASN A 2141 25.85 -70.53 0.58
N ILE A 2142 26.10 -71.56 -0.24
CA ILE A 2142 25.88 -71.44 -1.68
C ILE A 2142 24.40 -71.23 -1.97
N ARG A 2143 23.53 -71.99 -1.30
CA ARG A 2143 22.10 -71.84 -1.51
C ARG A 2143 21.62 -70.46 -1.08
N LEU A 2144 22.13 -69.96 0.04
CA LEU A 2144 21.76 -68.61 0.48
C LEU A 2144 22.25 -67.55 -0.51
N PHE A 2145 23.46 -67.73 -1.03
CA PHE A 2145 24.01 -66.81 -2.02
C PHE A 2145 23.14 -66.76 -3.27
N LEU A 2146 22.79 -67.93 -3.80
CA LEU A 2146 21.97 -67.97 -5.01
C LEU A 2146 20.55 -67.46 -4.75
N ALA A 2147 20.01 -67.74 -3.56
CA ALA A 2147 18.69 -67.22 -3.22
C ALA A 2147 18.69 -65.70 -3.14
N LYS A 2148 19.69 -65.11 -2.51
CA LYS A 2148 19.77 -63.65 -2.46
C LYS A 2148 20.03 -63.06 -3.84
N LEU A 2149 20.78 -63.79 -4.68
CA LEU A 2149 20.94 -63.38 -6.08
C LEU A 2149 19.59 -63.31 -6.77
N VAL A 2150 18.73 -64.31 -6.52
CA VAL A 2150 17.41 -64.33 -7.14
C VAL A 2150 16.54 -63.19 -6.59
N ILE A 2151 16.60 -62.95 -5.28
CA ILE A 2151 15.79 -61.89 -4.67
C ILE A 2151 16.19 -60.53 -5.22
N ASN A 2152 17.49 -60.25 -5.28
CA ASN A 2152 17.94 -58.98 -5.83
C ASN A 2152 17.73 -58.95 -7.33
N THR A 2153 17.11 -57.88 -7.83
CA THR A 2153 16.75 -57.72 -9.23
C THR A 2153 15.96 -58.94 -9.72
N GLU A 2154 14.78 -59.12 -9.13
CA GLU A 2154 13.94 -60.27 -9.43
C GLU A 2154 13.26 -60.17 -10.79
N GLU A 2155 13.43 -59.06 -11.49
CA GLU A 2155 12.87 -58.96 -12.85
C GLU A 2155 13.35 -60.15 -13.68
N VAL A 2156 14.67 -60.37 -13.76
CA VAL A 2156 15.22 -61.44 -14.64
C VAL A 2156 14.71 -62.80 -14.18
N PHE A 2157 14.66 -63.00 -12.86
CA PHE A 2157 14.20 -64.28 -12.28
C PHE A 2157 12.73 -64.56 -12.61
N ARG A 2158 11.87 -63.53 -12.66
CA ARG A 2158 10.41 -63.77 -12.84
C ARG A 2158 10.08 -64.45 -14.17
N PRO A 2159 10.68 -64.12 -15.33
CA PRO A 2159 10.46 -64.89 -16.57
C PRO A 2159 11.09 -66.25 -16.30
N TYR A 2160 10.56 -67.32 -16.90
CA TYR A 2160 11.04 -68.69 -16.57
C TYR A 2160 10.49 -69.07 -15.19
N ALA A 2161 9.41 -68.40 -14.76
CA ALA A 2161 8.80 -68.68 -13.44
C ALA A 2161 8.31 -70.12 -13.31
N LYS A 2162 7.32 -70.39 -12.45
CA LYS A 2162 6.96 -71.73 -12.00
C LYS A 2162 8.16 -72.67 -11.99
N HIS A 2163 9.34 -72.22 -12.43
CA HIS A 2163 10.58 -72.97 -12.33
C HIS A 2163 11.35 -72.62 -11.06
N TRP A 2164 11.65 -71.34 -10.86
CA TRP A 2164 12.37 -70.89 -9.67
C TRP A 2164 11.47 -70.83 -8.44
N LEU A 2165 10.17 -71.12 -8.58
CA LEU A 2165 9.28 -71.11 -7.42
C LEU A 2165 9.69 -72.18 -6.41
N SER A 2166 10.08 -73.37 -6.90
CA SER A 2166 10.37 -74.47 -6.00
C SER A 2166 11.72 -74.36 -5.30
N PRO A 2167 12.85 -74.05 -5.96
CA PRO A 2167 14.13 -74.03 -5.21
C PRO A 2167 14.17 -72.98 -4.13
N LEU A 2168 13.53 -71.83 -4.34
CA LEU A 2168 13.37 -70.85 -3.27
C LEU A 2168 12.51 -71.40 -2.15
N LEU A 2169 11.45 -72.12 -2.50
CA LEU A 2169 10.48 -72.57 -1.50
C LEU A 2169 11.06 -73.67 -0.62
N GLN A 2170 11.90 -74.55 -1.17
CA GLN A 2170 12.55 -75.56 -0.33
C GLN A 2170 13.48 -74.91 0.70
N LEU A 2171 14.22 -73.88 0.28
CA LEU A 2171 15.09 -73.17 1.21
C LEU A 2171 14.27 -72.43 2.26
N ALA A 2172 13.13 -71.85 1.84
CA ALA A 2172 12.27 -71.15 2.78
C ALA A 2172 11.68 -72.09 3.82
N ALA A 2173 11.26 -73.28 3.39
CA ALA A 2173 10.70 -74.28 4.29
C ALA A 2173 11.75 -75.38 4.49
N SER A 2174 12.66 -75.13 5.44
CA SER A 2174 13.71 -76.09 5.74
C SER A 2174 14.21 -75.83 7.15
N GLU A 2175 14.65 -76.91 7.81
CA GLU A 2175 15.23 -76.77 9.14
C GLU A 2175 16.55 -76.02 9.09
N ASN A 2176 17.36 -76.29 8.07
CA ASN A 2176 18.64 -75.62 7.89
C ASN A 2176 18.42 -74.38 7.03
N ASN A 2177 18.64 -73.21 7.61
CA ASN A 2177 18.42 -71.94 6.92
C ASN A 2177 19.30 -70.88 7.58
N GLY A 2178 19.02 -69.61 7.29
CA GLY A 2178 19.82 -68.52 7.82
C GLY A 2178 19.74 -68.36 9.33
N GLY A 2179 18.72 -68.90 9.95
CA GLY A 2179 18.60 -68.81 11.40
C GLY A 2179 17.21 -69.21 11.86
N GLU A 2180 17.02 -69.06 13.18
CA GLU A 2180 15.75 -69.40 13.79
C GLU A 2180 14.76 -68.26 13.65
N GLY A 2181 13.47 -68.62 13.65
CA GLY A 2181 12.42 -67.63 13.51
C GLY A 2181 12.25 -67.17 12.08
N ILE A 2182 11.38 -66.18 11.92
CA ILE A 2182 11.10 -65.59 10.60
C ILE A 2182 12.10 -64.45 10.42
N HIS A 2183 13.29 -64.78 9.94
CA HIS A 2183 14.30 -63.78 9.68
C HIS A 2183 14.03 -63.08 8.35
N TYR A 2184 14.78 -62.00 8.09
CA TYR A 2184 14.52 -61.18 6.92
C TYR A 2184 14.81 -61.90 5.61
N MET A 2185 15.66 -62.93 5.62
CA MET A 2185 15.85 -63.74 4.43
C MET A 2185 14.56 -64.47 4.08
N VAL A 2186 13.93 -65.08 5.08
CA VAL A 2186 12.65 -65.75 4.87
C VAL A 2186 11.59 -64.74 4.46
N VAL A 2187 11.62 -63.54 5.07
CA VAL A 2187 10.64 -62.50 4.73
C VAL A 2187 10.78 -62.10 3.27
N GLU A 2188 12.02 -61.88 2.81
CA GLU A 2188 12.23 -61.50 1.42
C GLU A 2188 11.85 -62.62 0.45
N ILE A 2189 12.20 -63.86 0.79
CA ILE A 2189 11.87 -64.99 -0.07
C ILE A 2189 10.35 -65.13 -0.19
N VAL A 2190 9.65 -65.03 0.95
CA VAL A 2190 8.20 -65.18 0.95
C VAL A 2190 7.54 -64.03 0.20
N ALA A 2191 8.03 -62.80 0.40
CA ALA A 2191 7.46 -61.66 -0.32
C ALA A 2191 7.63 -61.81 -1.83
N THR A 2192 8.83 -62.23 -2.27
CA THR A 2192 9.06 -62.41 -3.70
C THR A 2192 8.22 -63.55 -4.26
N ILE A 2193 8.07 -64.64 -3.51
CA ILE A 2193 7.38 -65.81 -4.04
C ILE A 2193 5.86 -65.69 -3.94
N LEU A 2194 5.34 -64.81 -3.08
CA LEU A 2194 3.92 -64.52 -3.06
C LEU A 2194 3.54 -63.36 -3.99
N SER A 2195 4.49 -62.47 -4.28
CA SER A 2195 4.25 -61.46 -5.30
C SER A 2195 4.26 -62.06 -6.71
N TRP A 2196 4.71 -63.30 -6.86
CA TRP A 2196 4.73 -63.99 -8.14
C TRP A 2196 3.44 -64.73 -8.42
N THR A 2197 2.43 -64.60 -7.55
CA THR A 2197 1.18 -65.31 -7.73
C THR A 2197 0.44 -64.78 -8.97
N GLY A 2198 -0.45 -65.62 -9.49
CA GLY A 2198 -1.14 -65.30 -10.72
C GLY A 2198 -0.39 -65.80 -11.94
N LEU A 2199 0.82 -65.28 -12.15
CA LEU A 2199 1.65 -65.77 -13.25
C LEU A 2199 2.06 -67.23 -13.02
N ALA A 2200 2.41 -67.58 -11.79
CA ALA A 2200 2.77 -68.94 -11.43
C ALA A 2200 2.04 -69.32 -10.15
N THR A 2201 1.48 -70.53 -10.12
CA THR A 2201 0.73 -71.02 -8.99
C THR A 2201 1.34 -72.33 -8.48
N PRO A 2202 1.66 -72.43 -7.19
CA PRO A 2202 2.23 -73.66 -6.62
C PRO A 2202 1.19 -74.75 -6.35
N THR A 2203 0.39 -75.08 -7.37
CA THR A 2203 -0.63 -76.09 -7.27
C THR A 2203 -0.44 -77.13 -8.37
N GLY A 2204 -1.21 -78.21 -8.28
CA GLY A 2204 -1.12 -79.28 -9.24
C GLY A 2204 -0.05 -80.30 -8.92
N VAL A 2205 1.20 -79.86 -8.87
CA VAL A 2205 2.32 -80.75 -8.54
C VAL A 2205 2.28 -81.06 -7.05
N PRO A 2206 2.18 -82.33 -6.67
CA PRO A 2206 2.12 -82.66 -5.24
C PRO A 2206 3.45 -82.50 -4.51
N LYS A 2207 4.56 -82.43 -5.23
CA LYS A 2207 5.87 -82.32 -4.57
C LYS A 2207 6.01 -80.98 -3.84
N ASP A 2208 5.58 -79.88 -4.47
CA ASP A 2208 5.71 -78.56 -3.87
C ASP A 2208 4.56 -78.21 -2.94
N GLU A 2209 3.39 -78.85 -3.11
CA GLU A 2209 2.26 -78.55 -2.24
C GLU A 2209 2.53 -78.97 -0.79
N VAL A 2210 3.17 -80.13 -0.61
CA VAL A 2210 3.50 -80.58 0.74
C VAL A 2210 4.46 -79.61 1.41
N LEU A 2211 5.47 -79.14 0.67
CA LEU A 2211 6.42 -78.20 1.23
C LEU A 2211 5.79 -76.84 1.49
N ALA A 2212 4.82 -76.43 0.66
CA ALA A 2212 4.09 -75.20 0.93
C ALA A 2212 3.24 -75.32 2.20
N ASN A 2213 2.62 -76.49 2.40
CA ASN A 2213 1.88 -76.73 3.64
C ASN A 2213 2.82 -76.71 4.84
N ARG A 2214 4.01 -77.29 4.70
CA ARG A 2214 4.99 -77.25 5.77
C ARG A 2214 5.42 -75.82 6.08
N LEU A 2215 5.62 -75.00 5.04
CA LEU A 2215 5.96 -73.61 5.24
C LEU A 2215 4.85 -72.86 5.95
N LEU A 2216 3.60 -73.11 5.56
CA LEU A 2216 2.47 -72.46 6.23
C LEU A 2216 2.38 -72.87 7.70
N ASN A 2217 2.59 -74.15 7.99
CA ASN A 2217 2.55 -74.62 9.38
C ASN A 2217 3.68 -74.01 10.20
N PHE A 2218 4.88 -73.91 9.61
CA PHE A 2218 6.03 -73.39 10.35
C PHE A 2218 5.95 -71.88 10.53
N LEU A 2219 5.36 -71.17 9.57
CA LEU A 2219 5.38 -69.71 9.57
C LEU A 2219 4.46 -69.09 10.61
N MET A 2220 3.58 -69.87 11.24
CA MET A 2220 2.70 -69.33 12.27
C MET A 2220 3.09 -69.76 13.69
N LYS A 2221 4.14 -70.56 13.85
CA LYS A 2221 4.58 -70.94 15.18
C LYS A 2221 5.58 -69.96 15.79
N HIS A 2222 6.21 -69.12 14.98
CA HIS A 2222 7.28 -68.26 15.46
C HIS A 2222 6.98 -66.79 15.19
N VAL A 2223 5.75 -66.35 15.50
CA VAL A 2223 5.31 -64.99 15.18
C VAL A 2223 5.22 -64.09 16.39
N PHE A 2224 5.27 -64.63 17.61
CA PHE A 2224 5.19 -63.80 18.81
C PHE A 2224 6.54 -63.11 18.99
N HIS A 2225 6.56 -61.79 18.85
CA HIS A 2225 7.77 -61.01 18.96
C HIS A 2225 7.58 -59.85 19.93
N PRO A 2226 8.64 -59.43 20.63
CA PRO A 2226 8.49 -58.27 21.53
C PRO A 2226 7.96 -57.01 20.86
N LYS A 2227 8.61 -56.57 19.77
CA LYS A 2227 8.14 -55.38 19.07
C LYS A 2227 6.82 -55.67 18.34
N ARG A 2228 5.90 -54.70 18.40
CA ARG A 2228 4.60 -54.88 17.78
C ARG A 2228 4.68 -54.78 16.26
N ALA A 2229 5.66 -54.05 15.74
CA ALA A 2229 5.80 -53.92 14.29
C ALA A 2229 6.12 -55.25 13.64
N VAL A 2230 7.00 -56.04 14.27
CA VAL A 2230 7.34 -57.36 13.72
C VAL A 2230 6.14 -58.28 13.77
N PHE A 2231 5.36 -58.21 14.85
CA PHE A 2231 4.15 -59.03 14.94
C PHE A 2231 3.15 -58.66 13.87
N ARG A 2232 2.95 -57.36 13.63
CA ARG A 2232 2.03 -56.92 12.59
C ARG A 2232 2.52 -57.33 11.20
N HIS A 2233 3.83 -57.24 10.96
CA HIS A 2233 4.37 -57.67 9.67
C HIS A 2233 4.21 -59.17 9.47
N ASN A 2234 4.43 -59.96 10.52
CA ASN A 2234 4.23 -61.40 10.42
C ASN A 2234 2.77 -61.73 10.15
N LEU A 2235 1.85 -61.05 10.83
CA LEU A 2235 0.43 -61.27 10.58
C LEU A 2235 0.06 -60.88 9.15
N GLU A 2236 0.64 -59.80 8.64
CA GLU A 2236 0.36 -59.37 7.27
C GLU A 2236 0.86 -60.40 6.26
N ILE A 2237 2.07 -60.91 6.45
CA ILE A 2237 2.59 -61.88 5.48
C ILE A 2237 1.84 -63.22 5.60
N ILE A 2238 1.38 -63.58 6.80
CA ILE A 2238 0.55 -64.77 6.94
C ILE A 2238 -0.77 -64.58 6.19
N LYS A 2239 -1.40 -63.41 6.36
CA LYS A 2239 -2.65 -63.15 5.66
C LYS A 2239 -2.46 -63.15 4.15
N THR A 2240 -1.34 -62.60 3.68
CA THR A 2240 -1.05 -62.62 2.26
C THR A 2240 -0.80 -64.03 1.75
N LEU A 2241 -0.18 -64.88 2.57
CA LEU A 2241 0.04 -66.27 2.16
C LEU A 2241 -1.28 -67.02 1.99
N VAL A 2242 -2.22 -66.82 2.92
CA VAL A 2242 -3.47 -67.58 2.89
C VAL A 2242 -4.33 -67.15 1.70
N GLU A 2243 -4.46 -65.84 1.47
CA GLU A 2243 -5.36 -65.36 0.42
C GLU A 2243 -4.83 -65.68 -0.97
N CYS A 2244 -3.50 -65.65 -1.16
CA CYS A 2244 -2.94 -65.93 -2.48
C CYS A 2244 -2.95 -67.42 -2.78
N TRP A 2245 -2.70 -68.26 -1.78
CA TRP A 2245 -2.58 -69.71 -1.96
C TRP A 2245 -3.70 -70.44 -1.22
N LYS A 2246 -4.93 -69.93 -1.36
CA LYS A 2246 -6.05 -70.52 -0.63
C LYS A 2246 -6.31 -71.97 -1.04
N ASP A 2247 -6.26 -72.25 -2.34
CA ASP A 2247 -6.44 -73.61 -2.80
C ASP A 2247 -5.21 -74.45 -2.47
N CYS A 2248 -5.46 -75.74 -2.21
CA CYS A 2248 -4.41 -76.73 -1.95
C CYS A 2248 -3.56 -76.36 -0.74
N LEU A 2249 -4.19 -75.78 0.28
CA LEU A 2249 -3.51 -75.46 1.54
C LEU A 2249 -4.41 -75.85 2.69
N SER A 2250 -4.09 -76.96 3.36
CA SER A 2250 -4.80 -77.33 4.58
C SER A 2250 -4.44 -76.38 5.70
N ILE A 2251 -5.40 -76.18 6.61
CA ILE A 2251 -5.26 -75.24 7.72
C ILE A 2251 -5.03 -76.05 8.99
N PRO A 2252 -3.95 -75.79 9.74
CA PRO A 2252 -3.70 -76.49 11.02
C PRO A 2252 -4.45 -75.88 12.19
N TYR A 2253 -5.72 -76.28 12.33
CA TYR A 2253 -6.56 -75.74 13.39
C TYR A 2253 -6.09 -76.12 14.78
N ARG A 2254 -5.32 -77.21 14.91
CA ARG A 2254 -4.80 -77.60 16.22
C ARG A 2254 -3.78 -76.59 16.73
N LEU A 2255 -2.96 -76.04 15.84
CA LEU A 2255 -1.96 -75.05 16.25
C LEU A 2255 -2.62 -73.80 16.81
N ILE A 2256 -3.66 -73.30 16.13
CA ILE A 2256 -4.35 -72.10 16.60
C ILE A 2256 -5.00 -72.36 17.95
N PHE A 2257 -5.63 -73.54 18.09
CA PHE A 2257 -6.22 -73.92 19.37
C PHE A 2257 -5.18 -73.93 20.48
N GLU A 2258 -4.03 -74.56 20.24
CA GLU A 2258 -2.94 -74.56 21.22
C GLU A 2258 -2.49 -73.14 21.54
N LYS A 2259 -2.54 -72.25 20.54
CA LYS A 2259 -2.18 -70.85 20.79
C LYS A 2259 -3.17 -70.17 21.73
N PHE A 2260 -4.48 -70.37 21.53
CA PHE A 2260 -5.45 -69.62 22.32
C PHE A 2260 -6.04 -70.43 23.48
N SER A 2261 -5.43 -71.55 23.85
CA SER A 2261 -5.93 -72.37 24.95
C SER A 2261 -5.20 -72.09 26.26
N GLY A 2262 -4.77 -70.85 26.48
CA GLY A 2262 -4.12 -70.52 27.73
C GLY A 2262 -5.07 -70.52 28.90
N LYS A 2263 -4.52 -70.77 30.10
CA LYS A 2263 -5.30 -70.79 31.32
C LYS A 2263 -4.90 -69.72 32.32
N ASP A 2264 -3.69 -69.18 32.23
CA ASP A 2264 -3.24 -68.17 33.18
C ASP A 2264 -3.80 -66.81 32.81
N PRO A 2265 -4.53 -66.13 33.70
CA PRO A 2265 -5.03 -64.80 33.38
C PRO A 2265 -3.90 -63.77 33.30
N ASN A 2266 -4.23 -62.64 32.68
CA ASN A 2266 -3.30 -61.53 32.40
C ASN A 2266 -1.92 -62.03 31.95
N SER A 2267 -1.94 -62.89 30.93
CA SER A 2267 -0.72 -63.44 30.36
C SER A 2267 -0.47 -63.04 28.92
N LYS A 2268 -1.51 -62.64 28.18
CA LYS A 2268 -1.40 -62.18 26.79
C LYS A 2268 -0.78 -63.27 25.90
N ASP A 2269 -1.33 -64.47 25.98
CA ASP A 2269 -0.88 -65.59 25.16
C ASP A 2269 -1.93 -66.07 24.17
N ASN A 2270 -3.21 -65.85 24.44
CA ASN A 2270 -4.27 -66.21 23.52
C ASN A 2270 -4.52 -65.16 22.45
N SER A 2271 -3.88 -63.99 22.57
CA SER A 2271 -4.05 -62.93 21.57
C SER A 2271 -3.54 -63.38 20.22
N VAL A 2272 -2.40 -64.07 20.18
CA VAL A 2272 -1.87 -64.55 18.91
C VAL A 2272 -2.80 -65.59 18.31
N GLY A 2273 -3.40 -66.45 19.14
CA GLY A 2273 -4.33 -67.44 18.62
C GLY A 2273 -5.58 -66.83 18.02
N ILE A 2274 -6.18 -65.86 18.74
CA ILE A 2274 -7.38 -65.24 18.20
C ILE A 2274 -7.05 -64.37 16.99
N GLN A 2275 -5.85 -63.80 16.93
CA GLN A 2275 -5.45 -63.05 15.74
C GLN A 2275 -5.26 -63.98 14.55
N LEU A 2276 -4.68 -65.17 14.76
CA LEU A 2276 -4.55 -66.13 13.68
C LEU A 2276 -5.91 -66.61 13.20
N LEU A 2277 -6.84 -66.81 14.14
CA LEU A 2277 -8.22 -67.25 13.77
C LEU A 2277 -8.91 -66.14 12.99
N GLY A 2278 -8.69 -64.88 13.38
CA GLY A 2278 -9.24 -63.78 12.62
C GLY A 2278 -8.63 -63.66 11.22
N ILE A 2279 -7.33 -63.94 11.10
CA ILE A 2279 -6.67 -63.89 9.80
C ILE A 2279 -7.24 -64.96 8.88
N VAL A 2280 -7.40 -66.18 9.39
CA VAL A 2280 -7.98 -67.23 8.57
C VAL A 2280 -9.47 -67.04 8.37
N MET A 2281 -10.11 -66.25 9.22
CA MET A 2281 -11.55 -65.98 9.10
C MET A 2281 -11.87 -64.96 8.02
N ALA A 2282 -10.90 -64.15 7.61
CA ALA A 2282 -11.17 -63.05 6.69
C ALA A 2282 -11.18 -63.46 5.22
N ASN A 2283 -10.92 -64.73 4.92
CA ASN A 2283 -10.84 -65.20 3.54
C ASN A 2283 -11.85 -66.30 3.25
N ASP A 2284 -12.98 -66.30 3.97
CA ASP A 2284 -14.07 -67.26 3.77
C ASP A 2284 -13.59 -68.70 3.94
N LEU A 2285 -13.12 -69.00 5.14
CA LEU A 2285 -12.70 -70.32 5.56
C LEU A 2285 -13.67 -70.90 6.58
N PRO A 2286 -13.67 -72.21 6.77
CA PRO A 2286 -14.48 -72.80 7.85
C PRO A 2286 -14.09 -72.22 9.19
N PRO A 2287 -15.08 -71.81 10.03
CA PRO A 2287 -14.83 -71.11 11.31
C PRO A 2287 -14.34 -72.01 12.45
N TYR A 2288 -13.20 -72.65 12.28
CA TYR A 2288 -12.58 -73.57 13.23
C TYR A 2288 -13.36 -74.87 13.34
N ASP A 2289 -12.66 -75.95 13.71
CA ASP A 2289 -13.22 -77.30 13.84
C ASP A 2289 -13.95 -77.74 12.58
N PRO A 2290 -13.23 -78.06 11.51
CA PRO A 2290 -13.86 -78.51 10.27
C PRO A 2290 -14.43 -79.93 10.33
N GLN A 2291 -14.52 -80.53 11.52
CA GLN A 2291 -15.06 -81.88 11.72
C GLN A 2291 -14.26 -82.92 10.93
N CYS A 2292 -12.95 -82.74 10.90
CA CYS A 2292 -12.04 -83.70 10.27
C CYS A 2292 -11.40 -84.64 11.28
N GLY A 2293 -11.88 -84.64 12.52
CA GLY A 2293 -11.30 -85.45 13.58
C GLY A 2293 -10.05 -84.88 14.22
N ILE A 2294 -9.65 -83.66 13.85
CA ILE A 2294 -8.44 -83.08 14.41
C ILE A 2294 -8.65 -82.70 15.88
N GLN A 2295 -9.81 -82.15 16.21
CA GLN A 2295 -10.16 -81.82 17.58
C GLN A 2295 -11.61 -82.21 17.82
N SER A 2296 -12.18 -81.75 18.93
CA SER A 2296 -13.56 -81.99 19.29
C SER A 2296 -14.28 -80.67 19.48
N SER A 2297 -15.61 -80.74 19.51
CA SER A 2297 -16.44 -79.54 19.64
C SER A 2297 -16.31 -78.88 21.01
N GLU A 2298 -15.80 -79.58 22.02
CA GLU A 2298 -15.60 -78.96 23.32
C GLU A 2298 -14.38 -78.04 23.37
N TYR A 2299 -13.47 -78.16 22.40
CA TYR A 2299 -12.39 -77.19 22.27
C TYR A 2299 -12.87 -75.88 21.65
N PHE A 2300 -14.12 -75.82 21.19
CA PHE A 2300 -14.67 -74.53 20.68
C PHE A 2300 -15.04 -73.67 21.90
N GLN A 2301 -15.22 -74.32 23.05
CA GLN A 2301 -15.44 -73.59 24.30
C GLN A 2301 -14.22 -72.81 24.73
N ALA A 2302 -13.00 -73.34 24.60
CA ALA A 2302 -11.80 -72.62 25.00
C ALA A 2302 -11.63 -71.29 24.27
N LEU A 2303 -12.34 -71.13 23.16
CA LEU A 2303 -12.31 -69.85 22.39
C LEU A 2303 -13.20 -68.82 23.09
N VAL A 2304 -14.37 -69.25 23.58
CA VAL A 2304 -15.28 -68.31 24.30
C VAL A 2304 -14.67 -68.02 25.67
N ASN A 2305 -14.08 -69.04 26.30
CA ASN A 2305 -13.51 -68.85 27.66
C ASN A 2305 -12.55 -67.66 27.62
N ASN A 2306 -11.96 -67.39 26.47
CA ASN A 2306 -10.97 -66.32 26.37
C ASN A 2306 -11.55 -64.96 26.73
N MET A 2307 -12.87 -64.81 26.67
CA MET A 2307 -13.53 -63.50 26.94
C MET A 2307 -13.60 -63.24 28.44
N SER A 2308 -13.34 -64.26 29.24
CA SER A 2308 -13.37 -64.12 30.72
C SER A 2308 -12.12 -63.37 31.20
N PHE A 2309 -10.95 -63.76 30.70
CA PHE A 2309 -9.72 -63.13 31.15
C PHE A 2309 -9.80 -61.61 31.03
N VAL A 2310 -9.62 -60.93 32.16
CA VAL A 2310 -9.75 -59.49 32.24
C VAL A 2310 -8.35 -58.89 32.24
N ARG A 2311 -8.26 -57.59 31.94
CA ARG A 2311 -7.04 -56.79 32.01
C ARG A 2311 -6.11 -57.08 30.83
N TYR A 2312 -5.29 -56.08 30.47
CA TYR A 2312 -4.31 -56.08 29.39
C TYR A 2312 -4.97 -56.00 28.01
N LYS A 2313 -6.30 -56.16 27.95
CA LYS A 2313 -7.07 -56.14 26.71
C LYS A 2313 -6.49 -57.09 25.66
N GLU A 2314 -6.87 -56.91 24.39
CA GLU A 2314 -6.47 -57.78 23.27
C GLU A 2314 -6.82 -59.25 23.47
N VAL A 2315 -7.53 -59.59 24.53
CA VAL A 2315 -7.87 -60.98 24.82
C VAL A 2315 -9.36 -61.20 24.94
N TYR A 2316 -10.15 -60.19 25.27
CA TYR A 2316 -11.60 -60.29 25.34
C TYR A 2316 -12.31 -59.55 24.21
N ALA A 2317 -11.80 -58.38 23.80
CA ALA A 2317 -12.44 -57.64 22.73
C ALA A 2317 -12.25 -58.34 21.39
N ALA A 2318 -11.01 -58.76 21.09
CA ALA A 2318 -10.77 -59.50 19.86
C ALA A 2318 -11.47 -60.85 19.87
N ALA A 2319 -11.53 -61.49 21.04
CA ALA A 2319 -12.25 -62.76 21.14
C ALA A 2319 -13.74 -62.57 20.87
N ALA A 2320 -14.33 -61.50 21.42
CA ALA A 2320 -15.74 -61.22 21.15
C ALA A 2320 -15.97 -60.91 19.67
N GLU A 2321 -15.06 -60.17 19.05
CA GLU A 2321 -15.20 -59.84 17.63
C GLU A 2321 -15.14 -61.12 16.77
N VAL A 2322 -14.17 -61.98 17.05
CA VAL A 2322 -14.01 -63.17 16.17
C VAL A 2322 -15.21 -64.08 16.42
N LEU A 2323 -15.68 -64.13 17.66
CA LEU A 2323 -16.83 -65.02 17.99
C LEU A 2323 -18.04 -64.52 17.20
N GLY A 2324 -18.21 -63.21 17.11
CA GLY A 2324 -19.34 -62.67 16.36
C GLY A 2324 -19.29 -63.03 14.88
N LEU A 2325 -18.11 -62.96 14.27
CA LEU A 2325 -17.98 -63.38 12.85
C LEU A 2325 -18.28 -64.88 12.70
N ILE A 2326 -17.79 -65.70 13.63
CA ILE A 2326 -18.02 -67.18 13.57
C ILE A 2326 -19.51 -67.47 13.68
N LEU A 2327 -20.21 -66.81 14.61
CA LEU A 2327 -21.69 -66.97 14.73
C LEU A 2327 -22.31 -66.57 13.39
N ARG A 2328 -21.92 -65.41 12.87
CA ARG A 2328 -22.51 -64.93 11.60
C ARG A 2328 -22.29 -65.98 10.53
N TYR A 2329 -21.09 -66.58 10.50
CA TYR A 2329 -20.77 -67.59 9.47
C TYR A 2329 -21.71 -68.77 9.63
N VAL A 2330 -21.97 -69.14 10.89
CA VAL A 2330 -22.82 -70.34 11.15
C VAL A 2330 -24.31 -69.98 10.97
N MET A 2331 -24.70 -68.70 11.18
CA MET A 2331 -26.09 -68.36 10.92
C MET A 2331 -26.37 -68.16 9.43
N GLU A 2332 -25.33 -68.01 8.61
CA GLU A 2332 -25.49 -67.76 7.19
C GLU A 2332 -25.52 -69.05 6.38
N ARG A 2333 -24.76 -70.07 6.80
CA ARG A 2333 -24.62 -71.30 6.05
C ARG A 2333 -25.29 -72.50 6.73
N LYS A 2334 -26.25 -72.25 7.60
CA LYS A 2334 -27.05 -73.28 8.28
C LYS A 2334 -26.11 -74.16 9.10
N ASN A 2335 -26.19 -75.49 8.98
CA ASN A 2335 -25.39 -76.45 9.75
C ASN A 2335 -25.68 -76.19 11.23
N ILE A 2336 -24.69 -75.87 12.06
CA ILE A 2336 -24.96 -75.52 13.45
C ILE A 2336 -25.40 -74.06 13.52
N LEU A 2337 -26.38 -73.76 14.36
CA LEU A 2337 -26.89 -72.37 14.38
C LEU A 2337 -26.63 -71.71 15.75
N GLU A 2338 -27.33 -72.14 16.79
CA GLU A 2338 -27.23 -71.48 18.12
C GLU A 2338 -26.25 -72.14 19.10
N GLU A 2339 -25.56 -73.21 18.72
CA GLU A 2339 -24.75 -73.91 19.77
C GLU A 2339 -23.66 -72.98 20.33
N SER A 2340 -22.97 -72.23 19.48
CA SER A 2340 -21.99 -71.23 19.97
C SER A 2340 -22.72 -70.13 20.74
N LEU A 2341 -23.91 -69.73 20.28
CA LEU A 2341 -24.61 -68.55 20.86
C LEU A 2341 -24.91 -68.74 22.35
N CYS A 2342 -25.32 -69.95 22.77
CA CYS A 2342 -25.69 -70.10 24.19
C CYS A 2342 -24.49 -69.84 25.11
N GLU A 2343 -23.32 -70.36 24.76
CA GLU A 2343 -22.15 -70.17 25.65
C GLU A 2343 -21.78 -68.70 25.63
N LEU A 2344 -21.82 -68.08 24.45
CA LEU A 2344 -21.39 -66.68 24.33
C LEU A 2344 -22.32 -65.82 25.19
N VAL A 2345 -23.61 -66.11 25.16
CA VAL A 2345 -24.60 -65.34 25.98
C VAL A 2345 -24.26 -65.56 27.45
N ALA A 2346 -23.92 -66.80 27.83
CA ALA A 2346 -23.64 -67.10 29.25
C ALA A 2346 -22.43 -66.29 29.68
N LYS A 2347 -21.45 -66.20 28.78
CA LYS A 2347 -20.25 -65.41 29.11
C LYS A 2347 -20.65 -63.95 29.28
N GLN A 2348 -21.50 -63.45 28.38
CA GLN A 2348 -21.98 -62.05 28.54
C GLN A 2348 -22.80 -61.95 29.81
N LEU A 2349 -23.68 -62.94 30.05
CA LEU A 2349 -24.57 -62.89 31.23
C LEU A 2349 -23.76 -62.95 32.52
N LYS A 2350 -22.75 -63.83 32.54
CA LYS A 2350 -21.90 -63.97 33.75
C LYS A 2350 -21.17 -62.65 33.96
N GLN A 2351 -20.71 -62.04 32.86
CA GLN A 2351 -19.96 -60.79 32.97
C GLN A 2351 -20.95 -59.67 33.24
N HIS A 2352 -22.23 -60.01 33.41
CA HIS A 2352 -23.18 -58.90 33.57
C HIS A 2352 -23.41 -58.58 35.05
N GLN A 2353 -23.94 -59.53 35.81
CA GLN A 2353 -24.35 -59.25 37.19
C GLN A 2353 -23.16 -59.17 38.14
N ASN A 2354 -22.11 -59.96 37.90
CA ASN A 2354 -20.96 -60.02 38.81
C ASN A 2354 -20.07 -58.79 38.63
N THR A 2355 -20.65 -57.63 38.91
CA THR A 2355 -20.05 -56.31 38.71
C THR A 2355 -19.55 -56.21 37.27
N MET A 2356 -18.47 -55.46 37.05
CA MET A 2356 -17.77 -55.44 35.76
C MET A 2356 -18.71 -55.03 34.63
N GLU A 2357 -19.50 -53.98 34.87
CA GLU A 2357 -20.48 -53.54 33.88
C GLU A 2357 -19.80 -52.82 32.71
N ASP A 2358 -18.61 -52.25 32.94
CA ASP A 2358 -17.90 -51.57 31.86
C ASP A 2358 -17.45 -52.54 30.77
N LYS A 2359 -16.99 -53.73 31.17
CA LYS A 2359 -16.51 -54.73 30.22
C LYS A 2359 -17.65 -55.43 29.49
N PHE A 2360 -18.78 -55.62 30.18
CA PHE A 2360 -19.91 -56.34 29.60
C PHE A 2360 -20.45 -55.63 28.37
N ILE A 2361 -20.62 -54.30 28.46
CA ILE A 2361 -21.24 -53.59 27.34
C ILE A 2361 -20.25 -53.41 26.19
N VAL A 2362 -18.94 -53.30 26.47
CA VAL A 2362 -18.00 -53.18 25.36
C VAL A 2362 -17.85 -54.53 24.66
N CYS A 2363 -17.92 -55.63 25.41
CA CYS A 2363 -17.93 -56.95 24.78
C CYS A 2363 -19.20 -57.15 23.95
N LEU A 2364 -20.34 -56.68 24.47
CA LEU A 2364 -21.58 -56.76 23.72
C LEU A 2364 -21.50 -55.94 22.43
N ASN A 2365 -20.90 -54.74 22.50
CA ASN A 2365 -20.73 -53.94 21.30
C ASN A 2365 -19.82 -54.62 20.29
N LYS A 2366 -18.76 -55.26 20.77
CA LYS A 2366 -17.86 -55.99 19.87
C LYS A 2366 -18.59 -57.15 19.20
N VAL A 2367 -19.44 -57.86 19.94
CA VAL A 2367 -20.19 -58.98 19.36
C VAL A 2367 -21.21 -58.48 18.35
N THR A 2368 -21.96 -57.43 18.70
CA THR A 2368 -23.06 -56.97 17.86
C THR A 2368 -22.60 -56.23 16.60
N LYS A 2369 -21.32 -55.91 16.47
CA LYS A 2369 -20.84 -55.32 15.23
C LYS A 2369 -20.97 -56.27 14.06
N SER A 2370 -21.04 -57.57 14.31
CA SER A 2370 -21.23 -58.57 13.27
C SER A 2370 -22.47 -59.43 13.46
N PHE A 2371 -22.92 -59.61 14.70
CA PHE A 2371 -24.14 -60.43 14.97
C PHE A 2371 -25.14 -59.64 15.80
N PRO A 2372 -26.01 -58.80 15.19
CA PRO A 2372 -27.02 -58.04 15.93
C PRO A 2372 -27.95 -58.90 16.80
N PRO A 2373 -28.42 -60.09 16.35
CA PRO A 2373 -29.51 -60.75 17.10
C PRO A 2373 -29.20 -61.06 18.55
N LEU A 2374 -27.94 -61.16 18.92
CA LEU A 2374 -27.61 -61.54 20.33
C LEU A 2374 -28.03 -60.40 21.26
N ALA A 2375 -28.05 -59.15 20.73
CA ALA A 2375 -28.51 -58.01 21.51
C ALA A 2375 -29.97 -58.16 21.92
N ASP A 2376 -30.74 -58.98 21.22
CA ASP A 2376 -32.14 -59.22 21.59
C ASP A 2376 -32.26 -59.88 22.96
N ARG A 2377 -31.17 -60.40 23.50
CA ARG A 2377 -31.24 -61.09 24.81
C ARG A 2377 -30.75 -60.16 25.91
N PHE A 2378 -30.40 -58.91 25.58
CA PHE A 2378 -29.86 -58.00 26.57
C PHE A 2378 -30.36 -56.57 26.45
N MET A 2379 -31.44 -56.33 25.69
CA MET A 2379 -31.92 -54.97 25.50
C MET A 2379 -32.40 -54.34 26.81
N ASN A 2380 -33.07 -55.13 27.65
CA ASN A 2380 -33.53 -54.61 28.94
C ASN A 2380 -32.36 -54.19 29.82
N ALA A 2381 -31.32 -55.03 29.88
CA ALA A 2381 -30.12 -54.68 30.63
C ALA A 2381 -29.39 -53.50 29.99
N VAL A 2382 -29.40 -53.41 28.66
CA VAL A 2382 -28.77 -52.29 27.98
C VAL A 2382 -29.43 -50.98 28.35
N PHE A 2383 -30.77 -50.96 28.37
CA PHE A 2383 -31.49 -49.76 28.78
C PHE A 2383 -31.32 -49.48 30.26
N PHE A 2384 -31.23 -50.52 31.09
CA PHE A 2384 -31.04 -50.32 32.52
C PHE A 2384 -29.66 -49.73 32.82
N LEU A 2385 -28.66 -50.10 32.02
CA LEU A 2385 -27.30 -49.61 32.23
C LEU A 2385 -27.07 -48.22 31.66
N LEU A 2386 -27.99 -47.71 30.85
CA LEU A 2386 -27.76 -46.44 30.16
C LEU A 2386 -27.62 -45.23 31.09
N PRO A 2387 -28.51 -44.99 32.06
CA PRO A 2387 -28.36 -43.76 32.87
C PRO A 2387 -27.08 -43.70 33.69
N LYS A 2388 -26.60 -44.83 34.19
CA LYS A 2388 -25.44 -44.82 35.09
C LYS A 2388 -24.11 -44.78 34.34
N PHE A 2389 -24.12 -44.99 33.03
CA PHE A 2389 -22.87 -44.97 32.28
C PHE A 2389 -22.49 -43.55 31.91
N HIS A 2390 -21.23 -43.38 31.50
CA HIS A 2390 -20.70 -42.08 31.13
C HIS A 2390 -19.51 -42.29 30.20
N GLY A 2391 -19.11 -41.20 29.54
CA GLY A 2391 -17.97 -41.27 28.64
C GLY A 2391 -18.30 -42.03 27.37
N VAL A 2392 -17.40 -42.94 26.99
CA VAL A 2392 -17.63 -43.74 25.79
C VAL A 2392 -18.55 -44.92 26.04
N LEU A 2393 -18.74 -45.31 27.31
CA LEU A 2393 -19.60 -46.45 27.62
C LEU A 2393 -21.05 -46.15 27.25
N LYS A 2394 -21.48 -44.91 27.48
CA LYS A 2394 -22.82 -44.50 27.05
C LYS A 2394 -22.96 -44.60 25.54
N THR A 2395 -21.92 -44.18 24.81
CA THR A 2395 -21.96 -44.29 23.36
C THR A 2395 -22.06 -45.75 22.92
N LEU A 2396 -21.29 -46.64 23.56
CA LEU A 2396 -21.36 -48.06 23.22
C LEU A 2396 -22.76 -48.61 23.48
N CYS A 2397 -23.35 -48.25 24.62
CA CYS A 2397 -24.75 -48.62 24.88
C CYS A 2397 -25.67 -48.13 23.77
N LEU A 2398 -25.41 -46.91 23.27
CA LEU A 2398 -26.32 -46.31 22.30
C LEU A 2398 -26.21 -47.01 20.94
N GLU A 2399 -25.01 -47.35 20.47
CA GLU A 2399 -24.99 -48.13 19.23
C GLU A 2399 -25.41 -49.58 19.43
N VAL A 2400 -25.29 -50.13 20.65
CA VAL A 2400 -25.84 -51.45 20.90
C VAL A 2400 -27.36 -51.43 20.77
N VAL A 2401 -28.02 -50.41 21.33
CA VAL A 2401 -29.46 -50.33 21.15
C VAL A 2401 -29.83 -49.87 19.75
N LEU A 2402 -28.91 -49.21 19.04
CA LEU A 2402 -29.15 -48.82 17.65
C LEU A 2402 -29.11 -50.01 16.70
N CYS A 2403 -28.26 -51.01 16.97
CA CYS A 2403 -28.14 -52.13 16.06
C CYS A 2403 -29.42 -52.94 15.94
N ARG A 2404 -30.32 -52.85 16.93
CA ARG A 2404 -31.66 -53.44 16.84
C ARG A 2404 -32.68 -52.38 17.22
N VAL A 2405 -33.26 -51.72 16.22
CA VAL A 2405 -34.33 -50.77 16.44
C VAL A 2405 -35.59 -51.11 15.66
N GLU A 2406 -35.50 -51.84 14.55
CA GLU A 2406 -36.68 -52.22 13.79
C GLU A 2406 -37.36 -53.41 14.46
N GLY A 2407 -38.68 -53.31 14.62
CA GLY A 2407 -39.43 -54.33 15.32
C GLY A 2407 -39.41 -54.23 16.83
N MET A 2408 -38.71 -53.24 17.38
CA MET A 2408 -38.67 -53.02 18.82
C MET A 2408 -39.81 -52.09 19.20
N THR A 2409 -40.96 -52.68 19.51
CA THR A 2409 -42.14 -51.89 19.82
C THR A 2409 -41.98 -51.16 21.15
N GLU A 2410 -42.66 -50.01 21.25
CA GLU A 2410 -42.59 -49.13 22.42
C GLU A 2410 -41.15 -48.70 22.71
N LEU A 2411 -40.37 -48.46 21.66
CA LEU A 2411 -39.00 -48.00 21.82
C LEU A 2411 -38.96 -46.57 22.36
N TYR A 2412 -39.90 -45.73 21.91
CA TYR A 2412 -39.91 -44.34 22.35
C TYR A 2412 -40.13 -44.22 23.85
N PHE A 2413 -41.02 -45.05 24.40
CA PHE A 2413 -41.28 -45.00 25.84
C PHE A 2413 -40.03 -45.34 26.64
N GLN A 2414 -39.30 -46.37 26.22
CA GLN A 2414 -38.05 -46.72 26.89
C GLN A 2414 -37.02 -45.60 26.75
N LEU A 2415 -36.90 -45.02 25.55
CA LEU A 2415 -35.92 -43.96 25.33
C LEU A 2415 -36.23 -42.73 26.17
N LYS A 2416 -37.51 -42.34 26.23
CA LYS A 2416 -37.91 -41.15 26.98
C LYS A 2416 -37.82 -41.40 28.48
N SER A 2417 -38.00 -42.65 28.92
CA SER A 2417 -37.95 -42.97 30.34
C SER A 2417 -36.56 -42.74 30.93
N LYS A 2418 -35.52 -42.67 30.10
CA LYS A 2418 -34.15 -42.47 30.58
C LYS A 2418 -33.60 -41.12 30.13
N ASP A 2419 -34.48 -40.14 29.87
CA ASP A 2419 -34.11 -38.77 29.53
C ASP A 2419 -33.23 -38.72 28.28
N PHE A 2420 -33.83 -39.14 27.15
CA PHE A 2420 -33.10 -39.18 25.89
C PHE A 2420 -32.71 -37.79 25.39
N VAL A 2421 -33.51 -36.77 25.70
CA VAL A 2421 -33.22 -35.43 25.21
C VAL A 2421 -31.96 -34.87 25.86
N GLN A 2422 -31.69 -35.23 27.11
CA GLN A 2422 -30.46 -34.79 27.76
C GLN A 2422 -29.24 -35.46 27.15
N VAL A 2423 -29.37 -36.73 26.75
CA VAL A 2423 -28.29 -37.40 26.03
C VAL A 2423 -28.05 -36.74 24.68
N MET A 2424 -29.14 -36.36 23.99
CA MET A 2424 -28.99 -35.77 22.66
C MET A 2424 -28.40 -34.37 22.74
N ARG A 2425 -28.76 -33.59 23.77
CA ARG A 2425 -28.35 -32.19 23.80
C ARG A 2425 -26.87 -32.03 24.12
N HIS A 2426 -26.26 -32.99 24.81
CA HIS A 2426 -24.85 -32.88 25.16
C HIS A 2426 -23.99 -32.98 23.91
N ARG A 2427 -22.99 -32.08 23.82
CA ARG A 2427 -22.16 -31.97 22.63
C ARG A 2427 -21.10 -33.06 22.62
N ASP A 2428 -21.27 -34.04 21.74
CA ASP A 2428 -20.32 -35.13 21.58
C ASP A 2428 -19.94 -35.45 20.14
N ASP A 2429 -20.77 -35.04 19.16
CA ASP A 2429 -20.55 -35.10 17.72
C ASP A 2429 -20.29 -36.52 17.20
N GLU A 2430 -20.32 -37.50 18.08
CA GLU A 2430 -20.42 -38.92 17.70
C GLU A 2430 -21.62 -39.56 18.37
N ARG A 2431 -21.78 -39.35 19.67
CA ARG A 2431 -22.98 -39.77 20.38
C ARG A 2431 -24.21 -39.06 19.82
N GLN A 2432 -24.07 -37.77 19.49
CA GLN A 2432 -25.16 -37.04 18.86
C GLN A 2432 -25.53 -37.65 17.52
N LYS A 2433 -24.54 -38.05 16.73
CA LYS A 2433 -24.81 -38.72 15.46
C LYS A 2433 -25.52 -40.05 15.68
N VAL A 2434 -25.12 -40.79 16.71
CA VAL A 2434 -25.77 -42.07 17.00
C VAL A 2434 -27.23 -41.86 17.39
N CYS A 2435 -27.51 -40.87 18.23
CA CYS A 2435 -28.89 -40.56 18.59
C CYS A 2435 -29.70 -40.09 17.39
N LEU A 2436 -29.09 -39.30 16.51
CA LEU A 2436 -29.79 -38.86 15.30
C LEU A 2436 -30.11 -40.04 14.39
N ASP A 2437 -29.19 -41.00 14.26
CA ASP A 2437 -29.48 -42.21 13.50
C ASP A 2437 -30.58 -43.02 14.14
N ILE A 2438 -30.60 -43.09 15.48
CA ILE A 2438 -31.66 -43.79 16.19
C ILE A 2438 -33.01 -43.15 15.90
N ILE A 2439 -33.08 -41.82 15.94
CA ILE A 2439 -34.32 -41.12 15.65
C ILE A 2439 -34.75 -41.34 14.21
N TYR A 2440 -33.80 -41.30 13.28
CA TYR A 2440 -34.13 -41.49 11.87
C TYR A 2440 -34.66 -42.91 11.61
N LYS A 2441 -34.11 -43.90 12.32
CA LYS A 2441 -34.60 -45.26 12.14
C LYS A 2441 -35.94 -45.48 12.84
N MET A 2442 -36.15 -44.85 13.99
CA MET A 2442 -37.35 -45.00 14.79
C MET A 2442 -38.49 -44.11 14.29
N MET A 2443 -38.22 -43.22 13.34
CA MET A 2443 -39.22 -42.28 12.83
C MET A 2443 -40.50 -42.94 12.29
N PRO A 2444 -40.46 -44.00 11.49
CA PRO A 2444 -41.71 -44.69 11.16
C PRO A 2444 -42.27 -45.42 12.37
N LYS A 2445 -43.56 -45.74 12.29
CA LYS A 2445 -44.33 -46.34 13.38
C LYS A 2445 -44.37 -45.44 14.61
N LEU A 2446 -44.22 -44.12 14.43
CA LEU A 2446 -44.26 -43.16 15.52
C LEU A 2446 -45.42 -42.20 15.30
N LYS A 2447 -46.20 -41.97 16.35
CA LYS A 2447 -47.33 -41.06 16.25
C LYS A 2447 -46.86 -39.62 16.10
N PRO A 2448 -47.67 -38.77 15.46
CA PRO A 2448 -47.30 -37.34 15.36
C PRO A 2448 -47.19 -36.64 16.70
N VAL A 2449 -47.86 -37.14 17.74
CA VAL A 2449 -47.72 -36.54 19.07
C VAL A 2449 -46.29 -36.72 19.58
N GLU A 2450 -45.73 -37.92 19.39
CA GLU A 2450 -44.37 -38.18 19.85
C GLU A 2450 -43.35 -37.38 19.05
N LEU A 2451 -43.53 -37.33 17.72
CA LEU A 2451 -42.62 -36.58 16.87
C LEU A 2451 -42.69 -35.08 17.17
N ARG A 2452 -43.83 -34.59 17.64
CA ARG A 2452 -43.95 -33.18 17.99
C ARG A 2452 -42.98 -32.81 19.10
N GLU A 2453 -42.87 -33.66 20.13
CA GLU A 2453 -41.89 -33.41 21.18
C GLU A 2453 -40.48 -33.70 20.69
N LEU A 2454 -40.31 -34.74 19.88
CA LEU A 2454 -38.97 -35.15 19.46
C LEU A 2454 -38.34 -34.18 18.46
N LEU A 2455 -39.13 -33.36 17.77
CA LEU A 2455 -38.60 -32.56 16.68
C LEU A 2455 -37.77 -31.36 17.15
N ASN A 2456 -38.12 -30.78 18.30
CA ASN A 2456 -37.41 -29.58 18.75
C ASN A 2456 -35.93 -29.82 19.02
N PRO A 2457 -35.50 -30.86 19.75
CA PRO A 2457 -34.05 -31.11 19.83
C PRO A 2457 -33.43 -31.45 18.49
N VAL A 2458 -34.19 -32.04 17.56
CA VAL A 2458 -33.66 -32.34 16.24
C VAL A 2458 -33.39 -31.04 15.48
N VAL A 2459 -34.38 -30.13 15.47
CA VAL A 2459 -34.20 -28.86 14.75
C VAL A 2459 -33.29 -27.89 15.49
N GLU A 2460 -32.92 -28.18 16.74
CA GLU A 2460 -31.90 -27.40 17.41
C GLU A 2460 -30.50 -27.66 16.86
N PHE A 2461 -30.33 -28.66 16.00
CA PHE A 2461 -29.03 -29.01 15.45
C PHE A 2461 -28.58 -28.08 14.33
N VAL A 2462 -29.29 -26.98 14.07
CA VAL A 2462 -28.79 -25.99 13.13
C VAL A 2462 -27.61 -25.25 13.75
N SER A 2463 -26.67 -24.84 12.90
CA SER A 2463 -25.42 -24.18 13.29
C SER A 2463 -24.53 -25.09 14.14
N HIS A 2464 -24.80 -26.39 14.14
CA HIS A 2464 -23.92 -27.34 14.80
C HIS A 2464 -22.59 -27.41 14.05
N PRO A 2465 -21.47 -27.40 14.76
CA PRO A 2465 -20.16 -27.42 14.06
C PRO A 2465 -19.94 -28.64 13.19
N SER A 2466 -20.54 -29.79 13.54
CA SER A 2466 -20.34 -31.00 12.77
C SER A 2466 -21.23 -31.04 11.54
N THR A 2467 -20.66 -31.43 10.41
CA THR A 2467 -21.42 -31.51 9.17
C THR A 2467 -22.33 -32.74 9.15
N THR A 2468 -21.85 -33.87 9.67
CA THR A 2468 -22.61 -35.12 9.59
C THR A 2468 -23.90 -35.04 10.39
N CYS A 2469 -23.87 -34.41 11.56
CA CYS A 2469 -25.08 -34.24 12.34
C CYS A 2469 -26.11 -33.39 11.60
N ARG A 2470 -25.64 -32.32 10.94
CA ARG A 2470 -26.53 -31.50 10.12
C ARG A 2470 -27.12 -32.31 8.96
N GLU A 2471 -26.30 -33.17 8.34
CA GLU A 2471 -26.79 -33.97 7.23
C GLU A 2471 -27.86 -34.98 7.69
N GLN A 2472 -27.65 -35.60 8.86
CA GLN A 2472 -28.64 -36.54 9.37
C GLN A 2472 -29.93 -35.81 9.76
N MET A 2473 -29.80 -34.62 10.36
CA MET A 2473 -30.97 -33.80 10.64
C MET A 2473 -31.71 -33.46 9.36
N TYR A 2474 -30.98 -33.10 8.31
CA TYR A 2474 -31.61 -32.77 7.03
C TYR A 2474 -32.33 -33.98 6.45
N ASN A 2475 -31.74 -35.17 6.56
CA ASN A 2475 -32.42 -36.37 6.06
C ASN A 2475 -33.72 -36.63 6.82
N ILE A 2476 -33.69 -36.45 8.15
CA ILE A 2476 -34.90 -36.50 8.96
C ILE A 2476 -35.92 -35.49 8.43
N LEU A 2477 -35.46 -34.29 8.11
CA LEU A 2477 -36.33 -33.23 7.60
C LEU A 2477 -36.99 -33.62 6.29
N MET A 2478 -36.20 -34.22 5.37
CA MET A 2478 -36.75 -34.63 4.08
C MET A 2478 -37.81 -35.70 4.26
N TRP A 2479 -37.57 -36.65 5.17
CA TRP A 2479 -38.60 -37.70 5.41
C TRP A 2479 -39.89 -37.06 5.93
N ILE A 2480 -39.81 -36.21 6.94
CA ILE A 2480 -41.05 -35.68 7.55
C ILE A 2480 -41.83 -34.87 6.50
N HIS A 2481 -41.13 -34.06 5.70
CA HIS A 2481 -41.87 -33.16 4.78
C HIS A 2481 -42.70 -33.93 3.73
N ASP A 2482 -42.14 -34.95 3.10
CA ASP A 2482 -42.96 -35.74 2.16
C ASP A 2482 -44.07 -36.46 2.91
N ASN A 2483 -43.74 -37.06 4.05
CA ASN A 2483 -44.71 -37.85 4.86
C ASN A 2483 -45.84 -37.00 5.43
N TYR A 2484 -45.55 -35.80 5.92
CA TYR A 2484 -46.58 -34.95 6.59
C TYR A 2484 -47.24 -33.99 5.60
N ARG A 2485 -46.83 -34.02 4.34
CA ARG A 2485 -47.37 -33.06 3.34
C ARG A 2485 -48.89 -33.23 3.19
N ASP A 2486 -49.60 -32.14 2.87
CA ASP A 2486 -51.05 -32.15 2.69
C ASP A 2486 -51.74 -33.22 3.54
N PRO A 2487 -51.76 -33.06 4.87
CA PRO A 2487 -52.43 -34.06 5.72
C PRO A 2487 -53.93 -34.07 5.47
N GLU A 2488 -54.53 -35.24 5.70
CA GLU A 2488 -55.97 -35.43 5.48
C GLU A 2488 -56.73 -34.64 6.53
N SER A 2489 -57.29 -33.49 6.11
CA SER A 2489 -58.07 -32.59 6.96
C SER A 2489 -57.27 -32.16 8.20
N GLU A 2490 -57.99 -31.78 9.25
CA GLU A 2490 -57.34 -31.39 10.51
C GLU A 2490 -57.33 -32.58 11.46
N THR A 2491 -56.54 -33.59 11.06
CA THR A 2491 -56.40 -34.80 11.87
C THR A 2491 -55.74 -34.48 13.21
N ASP A 2492 -54.68 -33.68 13.19
CA ASP A 2492 -53.96 -33.32 14.41
C ASP A 2492 -53.24 -32.00 14.17
N ASN A 2493 -53.32 -31.10 15.16
CA ASN A 2493 -52.57 -29.86 15.10
C ASN A 2493 -51.06 -30.12 15.18
N ASP A 2494 -50.67 -31.22 15.80
CA ASP A 2494 -49.26 -31.60 15.82
C ASP A 2494 -48.75 -31.89 14.42
N SER A 2495 -49.58 -32.53 13.59
CA SER A 2495 -49.19 -32.82 12.21
C SER A 2495 -48.97 -31.55 11.40
N GLN A 2496 -49.63 -30.47 11.84
CA GLN A 2496 -49.51 -29.19 11.11
C GLN A 2496 -48.26 -28.48 11.63
N GLU A 2497 -48.12 -28.45 12.96
CA GLU A 2497 -46.96 -27.75 13.57
C GLU A 2497 -45.69 -28.44 13.13
N ILE A 2498 -45.72 -29.78 13.08
CA ILE A 2498 -44.49 -30.54 12.70
C ILE A 2498 -44.10 -30.19 11.26
N PHE A 2499 -45.08 -30.12 10.36
CA PHE A 2499 -44.78 -29.80 8.94
C PHE A 2499 -44.21 -28.39 8.84
N LYS A 2500 -44.79 -27.45 9.58
CA LYS A 2500 -44.34 -26.05 9.46
C LYS A 2500 -42.89 -25.92 9.92
N LEU A 2501 -42.56 -26.56 11.05
CA LEU A 2501 -41.18 -26.42 11.59
C LEU A 2501 -40.17 -27.03 10.61
N ALA A 2502 -40.49 -28.22 10.09
CA ALA A 2502 -39.59 -28.89 9.15
C ALA A 2502 -39.45 -28.09 7.86
N LYS A 2503 -40.57 -27.59 7.34
CA LYS A 2503 -40.53 -26.86 6.05
C LYS A 2503 -39.70 -25.61 6.23
N ASP A 2504 -39.88 -24.94 7.35
CA ASP A 2504 -39.20 -23.62 7.52
C ASP A 2504 -37.71 -23.86 7.78
N VAL A 2505 -37.40 -24.83 8.62
CA VAL A 2505 -35.98 -25.12 8.82
C VAL A 2505 -35.34 -25.77 7.59
N LEU A 2506 -36.12 -26.45 6.74
CA LEU A 2506 -35.60 -26.90 5.45
C LEU A 2506 -35.31 -25.72 4.54
N ILE A 2507 -36.16 -24.70 4.56
CA ILE A 2507 -35.88 -23.46 3.85
C ILE A 2507 -34.61 -22.82 4.41
N GLN A 2508 -34.48 -22.82 5.73
CA GLN A 2508 -33.26 -22.29 6.35
C GLN A 2508 -32.02 -23.07 5.94
N GLY A 2509 -32.18 -24.35 5.59
CA GLY A 2509 -31.04 -25.16 5.16
C GLY A 2509 -30.48 -24.78 3.80
N LEU A 2510 -31.13 -23.87 3.07
CA LEU A 2510 -30.67 -23.49 1.74
C LEU A 2510 -29.47 -22.55 1.77
N ILE A 2511 -29.11 -21.98 2.92
CA ILE A 2511 -27.98 -21.07 3.00
C ILE A 2511 -26.91 -21.66 3.90
N ASP A 2512 -26.85 -22.99 3.97
CA ASP A 2512 -25.93 -23.66 4.86
C ASP A 2512 -24.48 -23.47 4.43
N GLU A 2513 -23.57 -23.54 5.41
CA GLU A 2513 -22.17 -23.25 5.14
C GLU A 2513 -21.52 -24.31 4.26
N ASN A 2514 -21.84 -25.58 4.49
CA ASN A 2514 -21.22 -26.66 3.72
C ASN A 2514 -21.78 -26.67 2.30
N PRO A 2515 -20.94 -26.58 1.26
CA PRO A 2515 -21.48 -26.51 -0.10
C PRO A 2515 -22.12 -27.81 -0.59
N GLY A 2516 -21.84 -28.94 0.04
CA GLY A 2516 -22.38 -30.20 -0.42
C GLY A 2516 -23.82 -30.44 -0.01
N LEU A 2517 -24.08 -30.43 1.30
CA LEU A 2517 -25.44 -30.64 1.77
C LEU A 2517 -26.35 -29.48 1.37
N GLN A 2518 -25.79 -28.29 1.14
CA GLN A 2518 -26.57 -27.21 0.54
C GLN A 2518 -27.03 -27.59 -0.86
N LEU A 2519 -26.15 -28.23 -1.64
CA LEU A 2519 -26.55 -28.74 -2.95
C LEU A 2519 -27.62 -29.82 -2.83
N ILE A 2520 -27.51 -30.67 -1.81
CA ILE A 2520 -28.55 -31.70 -1.61
C ILE A 2520 -29.89 -31.07 -1.32
N ILE A 2521 -29.92 -30.04 -0.46
CA ILE A 2521 -31.18 -29.34 -0.19
C ILE A 2521 -31.70 -28.65 -1.45
N ARG A 2522 -30.80 -28.09 -2.26
CA ARG A 2522 -31.23 -27.44 -3.49
C ARG A 2522 -31.88 -28.43 -4.45
N ASN A 2523 -31.28 -29.61 -4.61
CA ASN A 2523 -31.90 -30.62 -5.46
C ASN A 2523 -33.18 -31.17 -4.86
N PHE A 2524 -33.28 -31.19 -3.53
CA PHE A 2524 -34.53 -31.59 -2.89
C PHE A 2524 -35.66 -30.61 -3.21
N TRP A 2525 -35.37 -29.31 -3.12
CA TRP A 2525 -36.40 -28.31 -3.36
C TRP A 2525 -36.73 -28.16 -4.84
N SER A 2526 -35.74 -28.35 -5.72
CA SER A 2526 -35.98 -28.24 -7.15
C SER A 2526 -36.74 -29.43 -7.73
N HIS A 2527 -36.95 -30.48 -6.95
CA HIS A 2527 -37.63 -31.67 -7.43
C HIS A 2527 -39.11 -31.39 -7.66
N GLU A 2528 -39.71 -32.18 -8.55
CA GLU A 2528 -41.14 -32.09 -8.83
C GLU A 2528 -41.94 -32.47 -7.58
N THR A 2529 -43.18 -31.99 -7.54
CA THR A 2529 -44.13 -32.04 -6.43
C THR A 2529 -43.74 -31.11 -5.28
N ARG A 2530 -42.60 -30.41 -5.40
CA ARG A 2530 -42.23 -29.35 -4.48
C ARG A 2530 -41.97 -28.04 -5.20
N LEU A 2531 -41.74 -28.05 -6.51
CA LEU A 2531 -41.59 -26.87 -7.34
C LEU A 2531 -42.15 -27.19 -8.73
N PRO A 2532 -43.36 -26.71 -9.06
CA PRO A 2532 -43.95 -27.05 -10.36
C PRO A 2532 -43.12 -26.52 -11.51
N SER A 2533 -43.11 -27.28 -12.60
CA SER A 2533 -42.28 -26.99 -13.77
C SER A 2533 -43.06 -26.33 -14.91
N ASN A 2534 -44.13 -25.60 -14.59
CA ASN A 2534 -44.93 -24.95 -15.62
C ASN A 2534 -44.39 -23.55 -15.95
N THR A 2535 -43.27 -23.19 -15.31
CA THR A 2535 -42.46 -21.97 -15.52
C THR A 2535 -43.25 -20.69 -15.26
N LEU A 2536 -44.50 -20.82 -14.85
CA LEU A 2536 -45.33 -19.70 -14.39
C LEU A 2536 -45.80 -19.86 -12.96
N ASP A 2537 -46.28 -21.06 -12.60
CA ASP A 2537 -46.55 -21.38 -11.21
C ASP A 2537 -45.26 -21.49 -10.39
N ARG A 2538 -44.12 -21.65 -11.04
CA ARG A 2538 -42.85 -21.70 -10.32
C ARG A 2538 -42.53 -20.38 -9.66
N LEU A 2539 -42.90 -19.25 -10.30
CA LEU A 2539 -42.67 -17.95 -9.67
C LEU A 2539 -43.48 -17.82 -8.38
N LEU A 2540 -44.74 -18.25 -8.41
CA LEU A 2540 -45.56 -18.22 -7.20
C LEU A 2540 -45.01 -19.18 -6.14
N ALA A 2541 -44.52 -20.34 -6.57
CA ALA A 2541 -43.95 -21.29 -5.62
C ALA A 2541 -42.70 -20.73 -4.95
N LEU A 2542 -41.83 -20.06 -5.71
CA LEU A 2542 -40.67 -19.40 -5.12
C LEU A 2542 -41.07 -18.24 -4.23
N ASN A 2543 -42.14 -17.52 -4.58
CA ASN A 2543 -42.63 -16.46 -3.71
C ASN A 2543 -43.12 -17.04 -2.39
N SER A 2544 -43.78 -18.19 -2.43
CA SER A 2544 -44.22 -18.83 -1.20
C SER A 2544 -43.06 -19.44 -0.42
N LEU A 2545 -42.00 -19.84 -1.11
CA LEU A 2545 -40.84 -20.49 -0.49
C LEU A 2545 -39.86 -19.39 -0.05
N TYR A 2546 -40.28 -18.66 0.98
CA TYR A 2546 -39.52 -17.52 1.48
C TYR A 2546 -39.57 -17.50 3.00
N SER A 2547 -38.43 -17.17 3.62
CA SER A 2547 -38.34 -16.96 5.04
C SER A 2547 -37.47 -15.75 5.31
N PRO A 2548 -37.76 -14.99 6.37
CA PRO A 2548 -36.93 -13.81 6.69
C PRO A 2548 -35.49 -14.15 7.03
N LYS A 2549 -35.19 -15.39 7.41
CA LYS A 2549 -33.82 -15.77 7.74
C LYS A 2549 -32.92 -15.79 6.52
N ILE A 2550 -33.46 -16.14 5.36
CA ILE A 2550 -32.67 -16.27 4.13
C ILE A 2550 -32.86 -15.06 3.23
N GLU A 2551 -33.22 -13.91 3.79
CA GLU A 2551 -33.51 -12.73 2.98
C GLU A 2551 -32.29 -12.23 2.21
N VAL A 2552 -31.09 -12.49 2.74
CA VAL A 2552 -29.87 -12.01 2.09
C VAL A 2552 -29.64 -12.71 0.77
N HIS A 2553 -29.83 -14.02 0.72
CA HIS A 2553 -29.53 -14.83 -0.45
C HIS A 2553 -30.77 -15.22 -1.23
N PHE A 2554 -31.94 -14.65 -0.90
CA PHE A 2554 -33.18 -15.08 -1.52
C PHE A 2554 -33.21 -14.79 -3.01
N LEU A 2555 -32.66 -13.64 -3.42
CA LEU A 2555 -32.65 -13.30 -4.84
C LEU A 2555 -31.82 -14.29 -5.64
N SER A 2556 -30.63 -14.63 -5.14
CA SER A 2556 -29.80 -15.61 -5.83
C SER A 2556 -30.45 -16.99 -5.85
N LEU A 2557 -31.08 -17.38 -4.74
CA LEU A 2557 -31.76 -18.67 -4.67
C LEU A 2557 -32.88 -18.75 -5.70
N ALA A 2558 -33.73 -17.72 -5.75
CA ALA A 2558 -34.85 -17.71 -6.68
C ALA A 2558 -34.37 -17.67 -8.12
N THR A 2559 -33.31 -16.90 -8.40
CA THR A 2559 -32.79 -16.84 -9.75
C THR A 2559 -32.20 -18.18 -10.18
N ASN A 2560 -31.48 -18.86 -9.28
CA ASN A 2560 -30.94 -20.17 -9.59
C ASN A 2560 -32.06 -21.18 -9.82
N PHE A 2561 -33.11 -21.13 -9.00
CA PHE A 2561 -34.24 -22.04 -9.19
C PHE A 2561 -34.95 -21.78 -10.51
N LEU A 2562 -35.09 -20.52 -10.92
CA LEU A 2562 -35.72 -20.21 -12.19
C LEU A 2562 -34.86 -20.63 -13.37
N LEU A 2563 -33.54 -20.41 -13.29
CA LEU A 2563 -32.66 -20.70 -14.41
C LEU A 2563 -32.22 -22.15 -14.48
N GLU A 2564 -32.44 -22.95 -13.43
CA GLU A 2564 -32.10 -24.37 -13.47
C GLU A 2564 -33.00 -25.17 -14.40
N MET A 2565 -34.21 -24.69 -14.68
CA MET A 2565 -35.11 -25.35 -15.60
C MET A 2565 -34.89 -24.97 -17.05
N THR A 2566 -34.04 -23.97 -17.31
CA THR A 2566 -33.66 -23.62 -18.68
C THR A 2566 -32.95 -24.75 -19.39
N SER A 2567 -32.15 -25.54 -18.66
CA SER A 2567 -31.42 -26.66 -19.25
C SER A 2567 -32.33 -27.81 -19.68
N MET A 2568 -33.58 -27.84 -19.24
CA MET A 2568 -34.51 -28.88 -19.62
C MET A 2568 -35.18 -28.63 -20.97
N SER A 2569 -34.94 -27.45 -21.59
CA SER A 2569 -35.51 -27.07 -22.87
C SER A 2569 -34.68 -27.67 -24.02
N PRO A 2570 -35.34 -28.05 -25.12
CA PRO A 2570 -34.60 -28.56 -26.28
C PRO A 2570 -33.70 -27.53 -26.94
N ASP A 2571 -33.93 -26.24 -26.72
CA ASP A 2571 -33.13 -25.18 -27.32
C ASP A 2571 -31.92 -24.81 -26.47
N TYR A 2572 -31.66 -25.54 -25.40
CA TYR A 2572 -30.52 -25.30 -24.52
C TYR A 2572 -29.19 -25.84 -25.06
N PRO A 2573 -29.09 -27.13 -25.51
CA PRO A 2573 -27.76 -27.65 -25.88
C PRO A 2573 -27.23 -27.14 -27.20
N ASN A 2574 -28.12 -26.91 -28.17
CA ASN A 2574 -27.69 -26.52 -29.50
C ASN A 2574 -27.09 -25.11 -29.48
N PRO A 2575 -26.20 -24.78 -30.42
CA PRO A 2575 -25.58 -23.46 -30.43
C PRO A 2575 -26.59 -22.36 -30.70
N MET A 2576 -26.23 -21.15 -30.29
CA MET A 2576 -27.12 -20.00 -30.33
C MET A 2576 -27.16 -19.35 -31.71
N PHE A 2577 -26.01 -18.93 -32.22
CA PHE A 2577 -25.92 -18.30 -33.53
C PHE A 2577 -25.54 -19.34 -34.58
N GLU A 2578 -26.35 -19.44 -35.64
CA GLU A 2578 -26.19 -20.50 -36.62
C GLU A 2578 -25.03 -20.25 -37.59
N HIS A 2579 -24.61 -19.00 -37.74
CA HIS A 2579 -23.59 -18.71 -38.74
C HIS A 2579 -22.40 -17.99 -38.13
N PRO A 2580 -21.18 -18.31 -38.53
CA PRO A 2580 -20.02 -17.52 -38.10
C PRO A 2580 -19.91 -16.23 -38.90
N LEU A 2581 -19.04 -15.35 -38.40
CA LEU A 2581 -18.81 -14.08 -39.09
C LEU A 2581 -18.17 -14.29 -40.45
N SER A 2582 -17.19 -15.19 -40.52
CA SER A 2582 -16.52 -15.54 -41.77
C SER A 2582 -15.92 -16.93 -41.61
N GLU A 2583 -15.07 -17.32 -42.56
CA GLU A 2583 -14.41 -18.61 -42.51
C GLU A 2583 -13.26 -18.56 -41.51
N CYS A 2584 -13.31 -19.41 -40.50
CA CYS A 2584 -12.27 -19.46 -39.47
C CYS A 2584 -12.28 -20.85 -38.85
N GLU A 2585 -11.22 -21.61 -39.06
CA GLU A 2585 -11.10 -22.95 -38.49
C GLU A 2585 -10.61 -22.83 -37.06
N PHE A 2586 -11.43 -23.27 -36.11
CA PHE A 2586 -11.09 -23.21 -34.70
C PHE A 2586 -10.24 -24.41 -34.30
N GLN A 2587 -9.28 -24.18 -33.41
CA GLN A 2587 -8.35 -25.21 -32.99
C GLN A 2587 -8.84 -25.86 -31.70
N GLU A 2588 -7.99 -26.70 -31.11
CA GLU A 2588 -8.33 -27.44 -29.90
C GLU A 2588 -8.48 -26.48 -28.72
N TYR A 2589 -9.34 -26.86 -27.77
CA TYR A 2589 -9.70 -26.00 -26.65
C TYR A 2589 -8.49 -25.57 -25.83
N THR A 2590 -8.36 -24.26 -25.63
CA THR A 2590 -7.25 -23.68 -24.89
C THR A 2590 -7.68 -23.45 -23.45
N ILE A 2591 -6.96 -24.07 -22.51
CA ILE A 2591 -7.26 -23.96 -21.09
C ILE A 2591 -6.15 -23.15 -20.42
N ASP A 2592 -6.54 -22.11 -19.68
CA ASP A 2592 -5.57 -21.28 -18.99
C ASP A 2592 -4.86 -22.05 -17.89
N SER A 2593 -3.62 -21.67 -17.62
CA SER A 2593 -2.83 -22.31 -16.58
C SER A 2593 -3.34 -21.86 -15.21
N ASP A 2594 -4.02 -22.76 -14.51
CA ASP A 2594 -4.59 -22.47 -13.20
C ASP A 2594 -3.47 -22.55 -12.17
N TRP A 2595 -2.78 -21.42 -11.96
CA TRP A 2595 -1.68 -21.36 -11.01
C TRP A 2595 -2.21 -20.98 -9.63
N ARG A 2596 -1.30 -20.84 -8.66
CA ARG A 2596 -1.65 -20.40 -7.31
C ARG A 2596 -1.35 -18.92 -7.19
N PHE A 2597 -2.38 -18.14 -6.85
CA PHE A 2597 -2.24 -16.70 -6.79
C PHE A 2597 -1.30 -16.27 -5.68
N ARG A 2598 -0.54 -15.20 -5.92
CA ARG A 2598 0.41 -14.66 -4.96
C ARG A 2598 0.27 -13.15 -4.90
N SER A 2599 0.68 -12.58 -3.77
CA SER A 2599 0.62 -11.14 -3.56
C SER A 2599 1.95 -10.51 -3.93
N THR A 2600 1.91 -9.46 -4.76
CA THR A 2600 3.10 -8.81 -5.27
C THR A 2600 3.16 -7.33 -4.94
N VAL A 2601 2.06 -6.75 -4.45
CA VAL A 2601 2.01 -5.28 -4.17
C VAL A 2601 2.94 -4.93 -3.00
N LEU A 2602 3.20 -5.90 -2.11
CA LEU A 2602 4.04 -5.66 -0.93
C LEU A 2602 5.23 -6.61 -0.98
N THR A 2603 6.29 -6.18 -1.66
CA THR A 2603 7.53 -6.95 -1.77
C THR A 2603 8.63 -6.01 -2.22
N PRO A 2604 9.89 -6.31 -1.88
CA PRO A 2604 11.00 -5.57 -2.48
C PRO A 2604 11.07 -5.83 -3.99
N MET A 2605 11.55 -4.82 -4.71
CA MET A 2605 11.49 -4.81 -6.17
C MET A 2605 12.90 -4.54 -6.69
N PHE A 2606 13.15 -5.03 -7.91
CA PHE A 2606 14.51 -5.22 -8.44
C PHE A 2606 15.33 -6.13 -7.53
N VAL A 2607 14.69 -7.15 -6.97
CA VAL A 2607 15.38 -8.04 -6.04
C VAL A 2607 16.41 -8.89 -6.77
N GLU A 2608 16.04 -9.48 -7.90
CA GLU A 2608 16.96 -10.29 -8.69
C GLU A 2608 16.91 -9.91 -10.16
N GLU A 2760 2.01 -23.41 1.87
CA GLU A 2760 1.48 -22.19 2.43
C GLU A 2760 -0.03 -22.09 2.21
N LEU A 2761 -0.47 -22.50 1.02
CA LEU A 2761 -1.88 -22.44 0.65
C LEU A 2761 -2.61 -23.60 1.34
N LYS A 2762 -2.90 -23.39 2.63
CA LYS A 2762 -3.59 -24.40 3.41
C LYS A 2762 -5.02 -24.63 2.92
N MET A 2763 -5.72 -23.56 2.59
CA MET A 2763 -7.09 -23.65 2.09
C MET A 2763 -7.28 -23.01 0.73
N LYS A 2764 -6.25 -22.36 0.17
CA LYS A 2764 -6.37 -21.78 -1.16
C LYS A 2764 -6.14 -22.80 -2.27
N GLN A 2765 -5.48 -23.92 -1.98
CA GLN A 2765 -5.19 -24.91 -3.01
C GLN A 2765 -6.43 -25.72 -3.39
N ASP A 2766 -7.37 -25.90 -2.47
CA ASP A 2766 -8.63 -26.59 -2.77
C ASP A 2766 -9.76 -25.62 -3.08
N ALA A 2767 -9.52 -24.32 -2.97
CA ALA A 2767 -10.50 -23.28 -3.30
C ALA A 2767 -10.00 -22.46 -4.48
N GLN A 2768 -9.41 -23.13 -5.47
CA GLN A 2768 -8.84 -22.46 -6.62
C GLN A 2768 -9.94 -21.95 -7.55
N VAL A 2769 -9.52 -21.28 -8.62
CA VAL A 2769 -10.46 -20.68 -9.56
C VAL A 2769 -11.13 -21.78 -10.40
N VAL A 2770 -12.45 -21.78 -10.42
CA VAL A 2770 -13.22 -22.67 -11.26
C VAL A 2770 -13.57 -21.95 -12.55
N LEU A 2771 -13.87 -22.72 -13.59
CA LEU A 2771 -14.15 -22.17 -14.91
C LEU A 2771 -15.37 -22.85 -15.51
N TYR A 2772 -16.04 -22.13 -16.41
CA TYR A 2772 -17.20 -22.63 -17.13
C TYR A 2772 -16.95 -22.52 -18.63
N ARG A 2773 -17.93 -22.98 -19.41
CA ARG A 2773 -17.97 -22.89 -20.87
C ARG A 2773 -16.72 -23.56 -21.46
N SER A 2774 -16.30 -23.08 -22.63
CA SER A 2774 -15.09 -23.54 -23.30
C SER A 2774 -14.65 -22.46 -24.26
N TYR A 2775 -13.40 -22.58 -24.72
CA TYR A 2775 -12.82 -21.59 -25.62
C TYR A 2775 -12.15 -22.30 -26.79
N ARG A 2776 -11.95 -21.54 -27.87
CA ARG A 2776 -11.33 -22.08 -29.08
C ARG A 2776 -10.65 -20.93 -29.81
N HIS A 2777 -9.32 -20.99 -29.90
CA HIS A 2777 -8.55 -19.93 -30.52
C HIS A 2777 -8.73 -19.95 -32.04
N GLY A 2778 -8.52 -18.79 -32.65
CA GLY A 2778 -8.64 -18.67 -34.09
C GLY A 2778 -8.24 -17.27 -34.52
N ASP A 2779 -8.24 -17.07 -35.84
CA ASP A 2779 -7.93 -15.77 -36.42
C ASP A 2779 -9.14 -14.84 -36.48
N LEU A 2780 -10.30 -15.32 -36.06
CA LEU A 2780 -11.52 -14.52 -35.90
C LEU A 2780 -12.17 -14.88 -34.58
N PRO A 2781 -12.96 -13.96 -34.01
CA PRO A 2781 -13.71 -14.31 -32.80
C PRO A 2781 -14.72 -15.40 -33.06
N ASP A 2782 -15.00 -16.19 -32.03
CA ASP A 2782 -15.94 -17.31 -32.12
C ASP A 2782 -17.28 -16.86 -31.54
N ILE A 2783 -18.24 -16.61 -32.42
CA ILE A 2783 -19.59 -16.29 -31.98
C ILE A 2783 -20.50 -17.51 -31.97
N GLN A 2784 -20.10 -18.60 -32.62
CA GLN A 2784 -20.86 -19.86 -32.59
C GLN A 2784 -20.62 -20.53 -31.24
N ILE A 2785 -21.24 -19.96 -30.22
CA ILE A 2785 -21.08 -20.41 -28.84
C ILE A 2785 -22.34 -21.14 -28.41
N LYS A 2786 -22.18 -21.97 -27.37
CA LYS A 2786 -23.31 -22.69 -26.81
C LYS A 2786 -24.29 -21.74 -26.16
N HIS A 2787 -25.57 -22.14 -26.16
CA HIS A 2787 -26.60 -21.30 -25.54
C HIS A 2787 -26.48 -21.26 -24.02
N SER A 2788 -25.74 -22.20 -23.43
CA SER A 2788 -25.45 -22.20 -22.01
C SER A 2788 -24.29 -21.29 -21.64
N SER A 2789 -23.48 -20.86 -22.62
CA SER A 2789 -22.32 -20.04 -22.34
C SER A 2789 -22.68 -18.64 -21.85
N LEU A 2790 -23.94 -18.23 -22.01
CA LEU A 2790 -24.42 -17.00 -21.41
C LEU A 2790 -25.25 -17.23 -20.16
N ILE A 2791 -25.98 -18.34 -20.09
CA ILE A 2791 -26.83 -18.62 -18.94
C ILE A 2791 -25.99 -18.97 -17.72
N THR A 2792 -24.97 -19.82 -17.89
CA THR A 2792 -24.19 -20.28 -16.74
C THR A 2792 -23.41 -19.16 -16.06
N PRO A 2793 -22.61 -18.34 -16.75
CA PRO A 2793 -21.88 -17.28 -16.03
C PRO A 2793 -22.79 -16.20 -15.47
N LEU A 2794 -23.94 -15.97 -16.08
CA LEU A 2794 -24.88 -14.99 -15.56
C LEU A 2794 -25.33 -15.37 -14.15
N GLN A 2795 -25.78 -16.62 -13.97
CA GLN A 2795 -26.16 -17.08 -12.64
C GLN A 2795 -24.93 -17.22 -11.73
N ALA A 2796 -23.78 -17.58 -12.29
CA ALA A 2796 -22.57 -17.71 -11.48
C ALA A 2796 -22.18 -16.39 -10.85
N VAL A 2797 -22.27 -15.29 -11.60
CA VAL A 2797 -21.97 -13.98 -11.04
C VAL A 2797 -23.15 -13.42 -10.26
N ALA A 2798 -24.38 -13.88 -10.53
CA ALA A 2798 -25.51 -13.47 -9.72
C ALA A 2798 -25.42 -14.03 -8.31
N GLN A 2799 -24.86 -15.23 -8.15
CA GLN A 2799 -24.72 -15.83 -6.83
C GLN A 2799 -23.71 -15.11 -5.96
N ARG A 2800 -22.80 -14.33 -6.56
CA ARG A 2800 -21.74 -13.66 -5.82
C ARG A 2800 -21.89 -12.14 -5.82
N ASP A 2801 -23.04 -11.61 -6.21
CA ASP A 2801 -23.26 -10.17 -6.21
C ASP A 2801 -24.74 -9.85 -6.04
N PRO A 2802 -25.12 -9.14 -4.97
CA PRO A 2802 -26.54 -8.82 -4.76
C PRO A 2802 -27.14 -7.94 -5.85
N ILE A 2803 -26.36 -7.00 -6.42
CA ILE A 2803 -26.91 -6.08 -7.41
C ILE A 2803 -27.21 -6.81 -8.71
N ILE A 2804 -26.29 -7.68 -9.15
CA ILE A 2804 -26.51 -8.45 -10.37
C ILE A 2804 -27.71 -9.38 -10.19
N ALA A 2805 -27.84 -10.00 -9.02
CA ALA A 2805 -28.99 -10.84 -8.74
C ALA A 2805 -30.28 -10.03 -8.75
N LYS A 2806 -30.23 -8.80 -8.20
CA LYS A 2806 -31.38 -7.91 -8.23
C LYS A 2806 -31.83 -7.62 -9.66
N GLN A 2807 -30.89 -7.21 -10.51
CA GLN A 2807 -31.22 -6.90 -11.90
C GLN A 2807 -31.74 -8.13 -12.64
N LEU A 2808 -31.10 -9.28 -12.43
CA LEU A 2808 -31.52 -10.51 -13.10
C LEU A 2808 -32.93 -10.91 -12.68
N PHE A 2809 -33.23 -10.84 -11.38
CA PHE A 2809 -34.55 -11.20 -10.91
C PHE A 2809 -35.61 -10.25 -11.44
N SER A 2810 -35.31 -8.95 -11.45
CA SER A 2810 -36.27 -7.98 -11.97
C SER A 2810 -36.54 -8.22 -13.46
N SER A 2811 -35.48 -8.44 -14.24
CA SER A 2811 -35.65 -8.67 -15.67
C SER A 2811 -36.43 -9.95 -15.95
N LEU A 2812 -36.11 -11.02 -15.23
CA LEU A 2812 -36.81 -12.28 -15.42
C LEU A 2812 -38.28 -12.17 -15.02
N PHE A 2813 -38.56 -11.48 -13.91
CA PHE A 2813 -39.94 -11.27 -13.48
C PHE A 2813 -40.72 -10.49 -14.52
N SER A 2814 -40.14 -9.39 -15.03
CA SER A 2814 -40.82 -8.58 -16.03
C SER A 2814 -41.07 -9.37 -17.31
N GLY A 2815 -40.07 -10.13 -17.77
CA GLY A 2815 -40.25 -10.92 -18.98
C GLY A 2815 -41.29 -12.01 -18.84
N ILE A 2816 -41.27 -12.72 -17.71
CA ILE A 2816 -42.25 -13.77 -17.46
C ILE A 2816 -43.65 -13.19 -17.40
N LEU A 2817 -43.81 -12.04 -16.72
CA LEU A 2817 -45.13 -11.39 -16.64
C LEU A 2817 -45.62 -10.98 -18.02
N LYS A 2818 -44.74 -10.33 -18.80
CA LYS A 2818 -45.15 -9.85 -20.12
C LYS A 2818 -45.47 -10.99 -21.07
N GLU A 2819 -44.76 -12.11 -20.97
CA GLU A 2819 -45.06 -13.25 -21.83
C GLU A 2819 -46.30 -14.00 -21.36
N MET A 2820 -46.56 -14.05 -20.04
CA MET A 2820 -47.78 -14.67 -19.55
C MET A 2820 -49.01 -13.86 -19.94
N ASP A 2821 -48.84 -12.54 -20.09
CA ASP A 2821 -49.94 -11.69 -20.56
C ASP A 2821 -50.51 -12.18 -21.90
N LYS A 2822 -49.66 -12.78 -22.74
CA LYS A 2822 -50.13 -13.30 -24.02
C LYS A 2822 -50.88 -14.62 -23.88
N PHE A 2823 -50.51 -15.47 -22.93
CA PHE A 2823 -51.03 -16.82 -22.82
C PHE A 2823 -51.94 -17.01 -21.60
N LYS A 2824 -52.73 -16.00 -21.27
CA LYS A 2824 -53.63 -16.07 -20.13
C LYS A 2824 -54.89 -15.27 -20.43
N THR A 2825 -55.94 -15.56 -19.67
CA THR A 2825 -57.19 -14.82 -19.76
C THR A 2825 -57.23 -13.74 -18.68
N LEU A 2826 -58.22 -12.85 -18.81
CA LEU A 2826 -58.28 -11.68 -17.93
C LEU A 2826 -58.50 -12.07 -16.47
N SER A 2827 -59.38 -13.04 -16.23
CA SER A 2827 -59.63 -13.47 -14.85
C SER A 2827 -58.39 -14.11 -14.23
N GLU A 2828 -57.71 -14.97 -14.99
CA GLU A 2828 -56.50 -15.61 -14.48
C GLU A 2828 -55.39 -14.59 -14.24
N LYS A 2829 -55.26 -13.62 -15.14
CA LYS A 2829 -54.26 -12.57 -14.96
C LYS A 2829 -54.57 -11.75 -13.71
N ASN A 2830 -55.83 -11.40 -13.50
CA ASN A 2830 -56.20 -10.66 -12.30
C ASN A 2830 -55.92 -11.47 -11.04
N ASN A 2831 -56.22 -12.77 -11.08
CA ASN A 2831 -55.99 -13.62 -9.91
C ASN A 2831 -54.50 -13.72 -9.59
N ILE A 2832 -53.66 -13.93 -10.61
CA ILE A 2832 -52.24 -14.09 -10.33
C ILE A 2832 -51.63 -12.76 -9.90
N THR A 2833 -52.10 -11.63 -10.44
CA THR A 2833 -51.61 -10.35 -9.97
C THR A 2833 -52.03 -10.07 -8.53
N GLN A 2834 -53.24 -10.47 -8.15
CA GLN A 2834 -53.66 -10.33 -6.76
C GLN A 2834 -52.80 -11.20 -5.84
N LYS A 2835 -52.48 -12.42 -6.28
CA LYS A 2835 -51.62 -13.29 -5.49
C LYS A 2835 -50.23 -12.67 -5.33
N LEU A 2836 -49.67 -12.12 -6.42
CA LEU A 2836 -48.37 -11.48 -6.34
C LEU A 2836 -48.40 -10.26 -5.42
N LEU A 2837 -49.47 -9.48 -5.46
CA LEU A 2837 -49.60 -8.33 -4.58
C LEU A 2837 -49.65 -8.76 -3.12
N GLN A 2838 -50.42 -9.81 -2.82
CA GLN A 2838 -50.48 -10.32 -1.46
C GLN A 2838 -49.12 -10.83 -1.00
N ASP A 2839 -48.40 -11.53 -1.89
CA ASP A 2839 -47.07 -12.03 -1.54
C ASP A 2839 -46.10 -10.89 -1.27
N PHE A 2840 -46.17 -9.82 -2.07
CA PHE A 2840 -45.27 -8.68 -1.86
C PHE A 2840 -45.62 -7.92 -0.57
N ASN A 2841 -46.91 -7.81 -0.26
CA ASN A 2841 -47.31 -7.23 1.02
C ASN A 2841 -46.78 -8.05 2.19
N ARG A 2842 -46.88 -9.38 2.08
CA ARG A 2842 -46.31 -10.25 3.11
C ARG A 2842 -44.80 -10.07 3.23
N PHE A 2843 -44.12 -9.96 2.09
CA PHE A 2843 -42.67 -9.75 2.10
C PHE A 2843 -42.30 -8.47 2.82
N LEU A 2844 -43.02 -7.38 2.53
CA LEU A 2844 -42.69 -6.10 3.13
C LEU A 2844 -43.10 -6.03 4.60
N ASN A 2845 -44.14 -6.77 4.99
CA ASN A 2845 -44.60 -6.73 6.38
C ASN A 2845 -43.87 -7.68 7.30
N THR A 2846 -43.30 -8.77 6.78
CA THR A 2846 -42.61 -9.76 7.60
C THR A 2846 -41.13 -9.77 7.20
N THR A 2847 -40.35 -8.90 7.84
CA THR A 2847 -38.91 -8.84 7.63
C THR A 2847 -38.27 -8.12 8.81
N PHE A 2848 -37.02 -8.49 9.11
CA PHE A 2848 -36.25 -7.82 10.14
C PHE A 2848 -34.83 -7.43 9.72
N SER A 2849 -34.25 -8.10 8.71
CA SER A 2849 -32.92 -7.72 8.25
C SER A 2849 -32.95 -6.47 7.39
N PHE A 2850 -34.02 -6.28 6.61
CA PHE A 2850 -34.20 -5.14 5.71
C PHE A 2850 -33.00 -4.99 4.77
N PHE A 2851 -32.78 -6.04 3.98
CA PHE A 2851 -31.68 -6.07 3.03
C PHE A 2851 -31.97 -5.08 1.90
N PRO A 2852 -31.12 -4.09 1.66
CA PRO A 2852 -31.43 -3.02 0.70
C PRO A 2852 -31.68 -3.54 -0.71
N PRO A 2853 -30.93 -4.54 -1.22
CA PRO A 2853 -31.31 -5.08 -2.55
C PRO A 2853 -32.69 -5.68 -2.60
N PHE A 2854 -33.14 -6.34 -1.54
CA PHE A 2854 -34.42 -7.05 -1.58
C PHE A 2854 -35.59 -6.08 -1.67
N VAL A 2855 -35.62 -5.08 -0.78
CA VAL A 2855 -36.72 -4.12 -0.78
C VAL A 2855 -36.70 -3.28 -2.05
N SER A 2856 -35.51 -2.92 -2.53
CA SER A 2856 -35.41 -2.17 -3.78
C SER A 2856 -35.93 -2.99 -4.94
N CYS A 2857 -35.59 -4.28 -4.99
CA CYS A 2857 -36.08 -5.15 -6.07
C CYS A 2857 -37.60 -5.24 -6.03
N ILE A 2858 -38.16 -5.47 -4.84
CA ILE A 2858 -39.62 -5.63 -4.72
C ILE A 2858 -40.32 -4.35 -5.12
N GLN A 2859 -39.83 -3.20 -4.65
CA GLN A 2859 -40.49 -1.94 -4.94
C GLN A 2859 -40.34 -1.55 -6.41
N ASP A 2860 -39.18 -1.82 -7.02
CA ASP A 2860 -39.02 -1.56 -8.44
C ASP A 2860 -39.94 -2.44 -9.28
N ILE A 2861 -40.04 -3.72 -8.93
CA ILE A 2861 -40.92 -4.63 -9.66
C ILE A 2861 -42.37 -4.18 -9.55
N SER A 2862 -42.78 -3.75 -8.36
CA SER A 2862 -44.13 -3.19 -8.18
C SER A 2862 -44.30 -1.91 -8.99
N CYS A 2863 -43.24 -1.10 -9.11
CA CYS A 2863 -43.34 0.17 -9.81
C CYS A 2863 -43.53 -0.03 -11.31
N GLN A 2864 -42.77 -0.94 -11.93
CA GLN A 2864 -42.85 -1.09 -13.38
C GLN A 2864 -44.15 -1.74 -13.85
N HIS A 2865 -44.97 -2.27 -12.96
CA HIS A 2865 -46.25 -2.86 -13.32
C HIS A 2865 -47.38 -1.94 -12.89
N ALA A 2866 -48.62 -2.39 -13.15
CA ALA A 2866 -49.81 -1.60 -12.86
C ALA A 2866 -50.64 -2.20 -11.73
N ALA A 2867 -51.02 -3.47 -11.84
CA ALA A 2867 -51.80 -4.11 -10.79
C ALA A 2867 -51.02 -4.25 -9.49
N LEU A 2868 -49.70 -4.15 -9.54
CA LEU A 2868 -48.86 -4.15 -8.35
C LEU A 2868 -48.72 -2.76 -7.73
N LEU A 2869 -49.28 -1.72 -8.37
CA LEU A 2869 -49.17 -0.37 -7.85
C LEU A 2869 -50.02 -0.14 -6.60
N SER A 2870 -50.89 -1.09 -6.25
CA SER A 2870 -51.73 -0.97 -5.06
C SER A 2870 -51.04 -1.49 -3.80
N LEU A 2871 -49.71 -1.50 -3.79
CA LEU A 2871 -48.95 -1.97 -2.63
C LEU A 2871 -49.20 -1.06 -1.43
N ASP A 2872 -49.11 -1.65 -0.24
CA ASP A 2872 -49.47 -0.93 0.99
C ASP A 2872 -48.49 0.20 1.25
N PRO A 2873 -48.95 1.45 1.36
CA PRO A 2873 -48.01 2.57 1.57
C PRO A 2873 -47.26 2.52 2.89
N ALA A 2874 -47.88 2.01 3.96
CA ALA A 2874 -47.22 2.00 5.26
C ALA A 2874 -46.00 1.08 5.26
N ALA A 2875 -46.15 -0.11 4.69
CA ALA A 2875 -45.02 -1.04 4.63
C ALA A 2875 -43.91 -0.48 3.75
N VAL A 2876 -44.27 0.14 2.63
CA VAL A 2876 -43.28 0.74 1.74
C VAL A 2876 -42.50 1.82 2.47
N SER A 2877 -43.21 2.71 3.18
CA SER A 2877 -42.56 3.80 3.90
C SER A 2877 -41.65 3.26 4.99
N ALA A 2878 -42.13 2.28 5.76
CA ALA A 2878 -41.31 1.72 6.83
C ALA A 2878 -40.06 1.03 6.29
N GLY A 2879 -40.21 0.24 5.22
CA GLY A 2879 -39.07 -0.44 4.64
C GLY A 2879 -38.05 0.54 4.06
N CYS A 2880 -38.53 1.58 3.38
CA CYS A 2880 -37.61 2.55 2.80
C CYS A 2880 -36.95 3.42 3.86
N LEU A 2881 -37.63 3.64 4.99
CA LEU A 2881 -37.00 4.37 6.10
C LEU A 2881 -35.94 3.50 6.77
N ALA A 2882 -36.21 2.20 6.92
CA ALA A 2882 -35.25 1.32 7.58
C ALA A 2882 -34.03 1.06 6.70
N SER A 2883 -34.24 0.77 5.42
CA SER A 2883 -33.17 0.38 4.52
C SER A 2883 -32.61 1.55 3.72
N LEU A 2884 -33.12 2.77 3.93
CA LEU A 2884 -32.65 3.97 3.23
C LEU A 2884 -32.79 3.82 1.71
N GLN A 2885 -33.96 3.41 1.27
CA GLN A 2885 -34.34 3.36 -0.14
C GLN A 2885 -35.45 4.36 -0.41
N GLN A 2886 -35.31 5.55 0.18
CA GLN A 2886 -36.31 6.60 0.02
C GLN A 2886 -36.55 7.00 -1.43
N PRO A 2887 -35.55 7.15 -2.31
CA PRO A 2887 -35.88 7.42 -3.73
C PRO A 2887 -36.74 6.35 -4.37
N VAL A 2888 -36.49 5.06 -4.07
CA VAL A 2888 -37.30 3.99 -4.63
C VAL A 2888 -38.73 4.08 -4.12
N GLY A 2889 -38.88 4.29 -2.80
CA GLY A 2889 -40.22 4.43 -2.25
C GLY A 2889 -40.95 5.64 -2.80
N ILE A 2890 -40.24 6.75 -2.99
CA ILE A 2890 -40.84 7.96 -3.55
C ILE A 2890 -41.32 7.70 -4.96
N ARG A 2891 -40.48 7.05 -5.78
CA ARG A 2891 -40.89 6.74 -7.15
C ARG A 2891 -42.13 5.85 -7.17
N LEU A 2892 -42.14 4.81 -6.32
CA LEU A 2892 -43.31 3.94 -6.27
C LEU A 2892 -44.56 4.71 -5.88
N LEU A 2893 -44.44 5.61 -4.89
CA LEU A 2893 -45.60 6.36 -4.43
C LEU A 2893 -46.11 7.32 -5.49
N GLU A 2894 -45.22 7.99 -6.23
CA GLU A 2894 -45.69 8.90 -7.27
C GLU A 2894 -46.34 8.16 -8.43
N GLU A 2895 -45.76 7.02 -8.86
CA GLU A 2895 -46.46 6.27 -9.91
C GLU A 2895 -47.77 5.68 -9.41
N ALA A 2896 -47.86 5.34 -8.13
CA ALA A 2896 -49.13 4.91 -7.57
C ALA A 2896 -50.16 6.04 -7.57
N LEU A 2897 -49.73 7.25 -7.24
CA LEU A 2897 -50.65 8.39 -7.23
C LEU A 2897 -51.09 8.76 -8.64
N LEU A 2898 -50.20 8.61 -9.62
CA LEU A 2898 -50.52 9.01 -10.99
C LEU A 2898 -51.35 7.96 -11.71
N ARG A 2899 -50.83 6.74 -11.83
CA ARG A 2899 -51.40 5.76 -12.74
C ARG A 2899 -52.64 5.05 -12.21
N LEU A 2900 -52.84 5.02 -10.89
CA LEU A 2900 -53.95 4.24 -10.34
C LEU A 2900 -55.30 4.89 -10.63
N LEU A 2901 -55.41 6.19 -10.36
CA LEU A 2901 -56.69 6.90 -10.38
C LEU A 2901 -57.77 6.15 -9.59
N PRO A 2902 -57.62 6.07 -8.26
CA PRO A 2902 -58.59 5.31 -7.45
C PRO A 2902 -59.96 5.97 -7.40
N ALA A 2903 -60.00 7.26 -7.10
CA ALA A 2903 -61.25 7.99 -7.01
C ALA A 2903 -61.01 9.45 -7.40
N GLU A 2904 -61.89 9.97 -8.25
CA GLU A 2904 -61.82 11.37 -8.69
C GLU A 2904 -63.16 12.06 -8.46
N LEU A 2905 -63.91 11.61 -7.46
CA LEU A 2905 -65.23 12.17 -7.15
C LEU A 2905 -65.19 12.85 -5.79
N PRO A 2906 -65.12 14.18 -5.73
CA PRO A 2906 -65.02 14.87 -4.43
C PRO A 2906 -66.33 14.93 -3.65
N ALA A 2907 -67.44 14.46 -4.22
CA ALA A 2907 -68.73 14.53 -3.56
C ALA A 2907 -68.94 13.42 -2.54
N LYS A 2908 -68.00 12.46 -2.44
CA LYS A 2908 -68.04 11.37 -1.46
C LYS A 2908 -69.31 10.53 -1.64
N ARG A 2909 -69.38 9.87 -2.81
CA ARG A 2909 -70.54 9.05 -3.13
C ARG A 2909 -70.69 7.85 -2.20
N VAL A 2910 -69.62 7.43 -1.53
CA VAL A 2910 -69.71 6.34 -0.56
C VAL A 2910 -70.33 6.87 0.74
N ARG A 2911 -70.81 5.94 1.56
CA ARG A 2911 -71.41 6.31 2.83
C ARG A 2911 -70.35 6.86 3.79
N GLY A 2912 -70.76 7.81 4.62
CA GLY A 2912 -69.85 8.49 5.51
C GLY A 2912 -69.36 7.67 6.68
N LYS A 2913 -68.02 7.58 6.81
CA LYS A 2913 -67.40 6.77 7.88
C LYS A 2913 -66.08 7.41 8.38
N ALA A 2914 -65.52 6.91 9.49
CA ALA A 2914 -64.30 7.47 10.13
C ALA A 2914 -63.00 7.40 9.31
N ARG A 2915 -62.74 6.34 8.54
CA ARG A 2915 -61.40 6.14 7.91
C ARG A 2915 -60.99 7.25 6.94
N LEU A 2916 -59.69 7.60 6.94
CA LEU A 2916 -59.14 8.67 6.06
C LEU A 2916 -59.05 8.17 4.62
N PRO A 2917 -59.07 9.05 3.59
CA PRO A 2917 -59.08 8.59 2.20
C PRO A 2917 -57.76 7.92 1.86
N PRO A 2918 -57.80 6.94 0.95
CA PRO A 2918 -56.56 6.23 0.61
C PRO A 2918 -55.52 7.09 -0.09
N ASP A 2919 -55.94 8.10 -0.85
CA ASP A 2919 -54.98 8.93 -1.57
C ASP A 2919 -54.20 9.83 -0.62
N VAL A 2920 -54.88 10.38 0.38
CA VAL A 2920 -54.18 11.25 1.33
C VAL A 2920 -53.24 10.44 2.23
N LEU A 2921 -53.49 9.15 2.42
CA LEU A 2921 -52.52 8.30 3.10
C LEU A 2921 -51.23 8.18 2.29
N ARG A 2922 -51.36 8.00 0.98
CA ARG A 2922 -50.18 7.97 0.11
C ARG A 2922 -49.47 9.32 0.11
N TRP A 2923 -50.25 10.41 0.14
CA TRP A 2923 -49.63 11.74 0.23
C TRP A 2923 -48.86 11.91 1.53
N VAL A 2924 -49.42 11.42 2.65
CA VAL A 2924 -48.75 11.52 3.94
C VAL A 2924 -47.46 10.70 3.93
N GLU A 2925 -47.50 9.49 3.38
CA GLU A 2925 -46.29 8.68 3.31
C GLU A 2925 -45.23 9.31 2.41
N LEU A 2926 -45.65 9.88 1.28
CA LEU A 2926 -44.71 10.59 0.41
C LEU A 2926 -44.09 11.78 1.12
N ALA A 2927 -44.90 12.52 1.88
CA ALA A 2927 -44.38 13.64 2.65
C ALA A 2927 -43.39 13.17 3.71
N LYS A 2928 -43.68 12.04 4.36
CA LYS A 2928 -42.76 11.50 5.35
C LYS A 2928 -41.42 11.14 4.70
N LEU A 2929 -41.47 10.48 3.54
CA LEU A 2929 -40.22 10.12 2.85
C LEU A 2929 -39.45 11.36 2.40
N TYR A 2930 -40.16 12.37 1.89
CA TYR A 2930 -39.48 13.59 1.44
C TYR A 2930 -38.88 14.35 2.61
N ARG A 2931 -39.56 14.36 3.76
CA ARG A 2931 -38.99 14.98 4.95
C ARG A 2931 -37.76 14.23 5.44
N SER A 2932 -37.80 12.89 5.38
CA SER A 2932 -36.63 12.11 5.77
C SER A 2932 -35.46 12.35 4.83
N ILE A 2933 -35.73 12.53 3.54
CA ILE A 2933 -34.64 12.80 2.60
C ILE A 2933 -34.14 14.23 2.69
N GLY A 2934 -34.89 15.14 3.31
CA GLY A 2934 -34.41 16.47 3.56
C GLY A 2934 -34.88 17.55 2.61
N GLU A 2935 -35.80 17.24 1.69
CA GLU A 2935 -36.31 18.23 0.74
C GLU A 2935 -37.54 18.88 1.34
N TYR A 2936 -37.35 20.03 1.97
CA TYR A 2936 -38.44 20.71 2.66
C TYR A 2936 -39.35 21.51 1.73
N ASP A 2937 -38.84 21.92 0.57
CA ASP A 2937 -39.68 22.68 -0.37
C ASP A 2937 -40.77 21.80 -0.96
N VAL A 2938 -40.44 20.56 -1.33
CA VAL A 2938 -41.45 19.63 -1.82
C VAL A 2938 -42.45 19.31 -0.72
N LEU A 2939 -41.97 19.16 0.51
CA LEU A 2939 -42.85 18.89 1.65
C LEU A 2939 -43.82 20.06 1.87
N ARG A 2940 -43.32 21.29 1.78
CA ARG A 2940 -44.18 22.46 1.94
C ARG A 2940 -45.21 22.54 0.83
N GLY A 2941 -44.79 22.25 -0.40
CA GLY A 2941 -45.75 22.24 -1.50
C GLY A 2941 -46.82 21.17 -1.34
N ILE A 2942 -46.43 19.99 -0.85
CA ILE A 2942 -47.39 18.91 -0.63
C ILE A 2942 -48.39 19.31 0.44
N PHE A 2943 -47.91 19.91 1.54
CA PHE A 2943 -48.84 20.35 2.58
C PHE A 2943 -49.71 21.52 2.12
N THR A 2944 -49.19 22.35 1.20
CA THR A 2944 -49.96 23.49 0.72
C THR A 2944 -51.09 23.05 -0.20
N SER A 2945 -50.79 22.14 -1.13
CA SER A 2945 -51.73 21.84 -2.20
C SER A 2945 -52.65 20.67 -1.92
N GLU A 2946 -52.22 19.69 -1.12
CA GLU A 2946 -52.99 18.47 -0.92
C GLU A 2946 -53.49 18.32 0.51
N ILE A 2947 -52.59 18.35 1.49
CA ILE A 2947 -53.00 18.13 2.88
C ILE A 2947 -53.80 19.33 3.39
N GLY A 2948 -53.33 20.54 3.11
CA GLY A 2948 -54.00 21.73 3.63
C GLY A 2948 -55.34 21.96 2.96
N THR A 2949 -56.38 22.16 3.76
CA THR A 2949 -57.72 22.46 3.26
C THR A 2949 -58.33 23.66 3.95
N LYS A 2950 -57.54 24.46 4.68
CA LYS A 2950 -58.04 25.63 5.38
C LYS A 2950 -57.19 26.84 5.01
N GLN A 2951 -57.62 28.01 5.48
CA GLN A 2951 -56.94 29.26 5.15
C GLN A 2951 -55.84 29.61 6.14
N ILE A 2952 -55.98 29.18 7.40
CA ILE A 2952 -54.93 29.43 8.38
C ILE A 2952 -53.67 28.64 8.04
N THR A 2953 -53.83 27.47 7.41
CA THR A 2953 -52.69 26.64 7.05
C THR A 2953 -51.79 27.35 6.04
N GLN A 2954 -52.38 28.02 5.05
CA GLN A 2954 -51.58 28.70 4.04
C GLN A 2954 -50.75 29.83 4.65
N SER A 2955 -51.36 30.63 5.52
CA SER A 2955 -50.63 31.71 6.18
C SER A 2955 -49.54 31.16 7.10
N ALA A 2956 -49.84 30.07 7.82
CA ALA A 2956 -48.83 29.45 8.67
C ALA A 2956 -47.65 28.94 7.86
N LEU A 2957 -47.93 28.31 6.71
CA LEU A 2957 -46.85 27.81 5.85
C LEU A 2957 -46.05 28.95 5.25
N LEU A 2958 -46.71 30.05 4.91
CA LEU A 2958 -45.99 31.22 4.40
C LEU A 2958 -45.06 31.79 5.48
N ALA A 2959 -45.56 31.90 6.72
CA ALA A 2959 -44.72 32.37 7.81
C ALA A 2959 -43.54 31.43 8.06
N GLU A 2960 -43.78 30.13 7.99
CA GLU A 2960 -42.71 29.16 8.18
C GLU A 2960 -41.66 29.27 7.08
N ALA A 2961 -42.10 29.46 5.83
CA ALA A 2961 -41.16 29.61 4.72
C ALA A 2961 -40.40 30.94 4.81
N ARG A 2962 -41.00 31.95 5.43
CA ARG A 2962 -40.33 33.22 5.64
C ARG A 2962 -39.41 33.23 6.85
N SER A 2963 -39.20 32.06 7.47
CA SER A 2963 -38.39 31.90 8.68
C SER A 2963 -38.94 32.68 9.86
N ASP A 2964 -40.25 32.97 9.86
CA ASP A 2964 -40.91 33.64 10.98
C ASP A 2964 -41.64 32.57 11.78
N TYR A 2965 -40.89 31.89 12.65
CA TYR A 2965 -41.44 30.74 13.35
C TYR A 2965 -42.40 31.15 14.47
N SER A 2966 -42.26 32.35 15.00
CA SER A 2966 -43.16 32.80 16.07
C SER A 2966 -44.58 32.94 15.56
N GLU A 2967 -44.76 33.64 14.44
CA GLU A 2967 -46.09 33.80 13.86
C GLU A 2967 -46.67 32.46 13.42
N ALA A 2968 -45.83 31.59 12.83
CA ALA A 2968 -46.30 30.28 12.41
C ALA A 2968 -46.78 29.45 13.59
N ALA A 2969 -46.01 29.44 14.69
CA ALA A 2969 -46.43 28.70 15.88
C ALA A 2969 -47.71 29.29 16.47
N LYS A 2970 -47.82 30.61 16.50
CA LYS A 2970 -49.03 31.25 16.99
C LYS A 2970 -50.24 30.82 16.17
N GLN A 2971 -50.11 30.81 14.84
CA GLN A 2971 -51.22 30.39 13.98
C GLN A 2971 -51.53 28.91 14.15
N TYR A 2972 -50.51 28.08 14.36
CA TYR A 2972 -50.75 26.66 14.57
C TYR A 2972 -51.53 26.41 15.86
N ASP A 2973 -51.16 27.10 16.94
CA ASP A 2973 -51.94 27.00 18.17
C ASP A 2973 -53.35 27.56 18.03
N GLU A 2974 -53.51 28.67 17.30
CA GLU A 2974 -54.85 29.21 17.06
C GLU A 2974 -55.71 28.21 16.29
N ALA A 2975 -55.14 27.56 15.28
CA ALA A 2975 -55.89 26.56 14.52
C ALA A 2975 -56.23 25.35 15.39
N LEU A 2976 -55.29 24.91 16.24
CA LEU A 2976 -55.52 23.72 17.05
C LEU A 2976 -56.52 23.96 18.17
N ASN A 2977 -56.62 25.14 18.73
CA ASN A 2977 -57.54 25.27 19.88
C ASN A 2977 -58.91 25.75 19.35
N LYS A 2978 -58.99 26.27 18.12
CA LYS A 2978 -60.27 26.73 17.63
C LYS A 2978 -61.28 25.58 17.59
N GLN A 2979 -62.48 25.83 18.11
CA GLN A 2979 -63.48 24.78 18.27
C GLN A 2979 -64.68 24.92 17.34
N ASP A 2980 -64.82 26.03 16.63
CA ASP A 2980 -65.94 26.24 15.72
C ASP A 2980 -65.40 26.56 14.33
N TRP A 2981 -65.82 25.77 13.34
CA TRP A 2981 -65.42 25.96 11.96
C TRP A 2981 -66.67 26.16 11.10
N VAL A 2982 -66.72 27.29 10.39
CA VAL A 2982 -67.86 27.56 9.52
C VAL A 2982 -67.84 26.63 8.31
N ASP A 2983 -66.66 26.41 7.72
CA ASP A 2983 -66.57 25.58 6.53
C ASP A 2983 -66.78 24.10 6.87
N GLY A 2984 -66.14 23.62 7.93
CA GLY A 2984 -66.26 22.23 8.32
C GLY A 2984 -65.08 21.78 9.14
N GLU A 2985 -65.23 20.61 9.74
CA GLU A 2985 -64.19 20.07 10.59
C GLU A 2985 -62.97 19.67 9.75
N PRO A 2986 -61.77 20.11 10.12
CA PRO A 2986 -60.57 19.69 9.38
C PRO A 2986 -60.31 18.21 9.54
N THR A 2987 -59.68 17.63 8.51
CA THR A 2987 -59.33 16.22 8.53
C THR A 2987 -58.22 15.96 9.54
N GLU A 2988 -58.08 14.69 9.91
CA GLU A 2988 -57.09 14.30 10.92
C GLU A 2988 -55.67 14.52 10.43
N ALA A 2989 -55.43 14.35 9.12
CA ALA A 2989 -54.11 14.60 8.56
C ALA A 2989 -53.69 16.04 8.76
N GLU A 2990 -54.60 16.98 8.52
CA GLU A 2990 -54.30 18.39 8.75
C GLU A 2990 -53.96 18.66 10.21
N LYS A 2991 -54.69 18.02 11.13
CA LYS A 2991 -54.45 18.26 12.55
C LYS A 2991 -53.10 17.71 12.99
N ASP A 2992 -52.74 16.49 12.56
CA ASP A 2992 -51.43 15.97 12.96
C ASP A 2992 -50.29 16.72 12.27
N PHE A 2993 -50.52 17.19 11.03
CA PHE A 2993 -49.52 18.05 10.41
C PHE A 2993 -49.36 19.35 11.19
N TRP A 2994 -50.46 19.92 11.68
CA TRP A 2994 -50.38 21.12 12.50
C TRP A 2994 -49.58 20.86 13.76
N GLU A 2995 -49.84 19.74 14.43
CA GLU A 2995 -49.11 19.43 15.67
C GLU A 2995 -47.62 19.24 15.41
N LEU A 2996 -47.27 18.48 14.37
CA LEU A 2996 -45.87 18.24 14.05
C LEU A 2996 -45.17 19.54 13.63
N ALA A 2997 -45.85 20.38 12.86
CA ALA A 2997 -45.25 21.65 12.44
C ALA A 2997 -45.08 22.61 13.60
N SER A 2998 -46.01 22.62 14.56
CA SER A 2998 -45.83 23.42 15.75
C SER A 2998 -44.67 22.92 16.59
N LEU A 2999 -44.50 21.59 16.67
CA LEU A 2999 -43.34 21.03 17.35
C LEU A 2999 -42.04 21.49 16.68
N ASP A 3000 -42.00 21.43 15.34
CA ASP A 3000 -40.81 21.88 14.62
C ASP A 3000 -40.55 23.38 14.84
N CYS A 3001 -41.62 24.18 14.83
CA CYS A 3001 -41.47 25.62 15.04
C CYS A 3001 -40.94 25.93 16.44
N TYR A 3002 -41.43 25.24 17.47
CA TYR A 3002 -40.89 25.47 18.84
C TYR A 3002 -39.45 24.97 18.91
N ASN A 3003 -39.11 23.88 18.22
CA ASN A 3003 -37.71 23.48 18.19
C ASN A 3003 -36.84 24.56 17.57
N HIS A 3004 -37.31 25.17 16.47
CA HIS A 3004 -36.52 26.16 15.76
C HIS A 3004 -36.30 27.42 16.60
N LEU A 3005 -37.20 27.73 17.51
CA LEU A 3005 -37.12 28.95 18.31
C LEU A 3005 -36.35 28.77 19.60
N ALA A 3006 -35.81 27.56 19.86
CA ALA A 3006 -35.12 27.23 21.10
C ALA A 3006 -36.01 27.51 22.32
N GLU A 3007 -37.29 27.16 22.21
CA GLU A 3007 -38.26 27.32 23.29
C GLU A 3007 -38.42 25.94 23.93
N TRP A 3008 -37.55 25.66 24.90
CA TRP A 3008 -37.44 24.29 25.41
C TRP A 3008 -38.62 23.93 26.31
N LYS A 3009 -39.09 24.93 27.07
CA LYS A 3009 -40.19 24.71 28.05
C LYS A 3009 -41.49 24.47 27.28
N SER A 3010 -41.65 25.12 26.12
CA SER A 3010 -42.84 24.89 25.28
C SER A 3010 -42.68 23.56 24.55
N LEU A 3011 -41.51 23.31 23.97
CA LEU A 3011 -41.26 22.06 23.25
C LEU A 3011 -41.52 20.85 24.15
N GLU A 3012 -41.07 20.91 25.40
CA GLU A 3012 -41.30 19.82 26.34
C GLU A 3012 -42.79 19.63 26.61
N TYR A 3013 -43.52 20.70 26.87
CA TYR A 3013 -44.98 20.54 27.04
C TYR A 3013 -45.54 19.88 25.78
N CYS A 3014 -45.47 20.56 24.65
CA CYS A 3014 -46.04 20.04 23.40
C CYS A 3014 -45.73 18.55 23.27
N SER A 3015 -44.49 18.16 23.52
CA SER A 3015 -44.12 16.76 23.37
C SER A 3015 -44.86 15.88 24.38
N THR A 3016 -45.01 16.36 25.61
CA THR A 3016 -45.65 15.57 26.66
C THR A 3016 -47.15 15.86 26.81
N ALA A 3017 -47.72 16.70 25.96
CA ALA A 3017 -49.11 17.11 26.14
C ALA A 3017 -50.08 15.97 25.84
N SER A 3018 -49.88 15.30 24.71
CA SER A 3018 -50.86 14.33 24.21
C SER A 3018 -50.77 12.97 24.88
N ILE A 3019 -49.77 12.74 25.74
CA ILE A 3019 -49.60 11.42 26.35
C ILE A 3019 -50.72 11.15 27.35
N ASP A 3020 -51.04 12.12 28.20
CA ASP A 3020 -52.03 11.94 29.25
C ASP A 3020 -52.86 13.20 29.41
N SER A 3021 -54.08 13.01 29.92
CA SER A 3021 -54.95 14.14 30.26
C SER A 3021 -54.68 14.68 31.66
N GLU A 3022 -53.97 13.94 32.50
CA GLU A 3022 -53.64 14.41 33.83
C GLU A 3022 -52.56 15.49 33.76
N ASN A 3023 -52.47 16.29 34.82
CA ASN A 3023 -51.45 17.34 34.87
C ASN A 3023 -50.03 16.79 34.81
N PRO A 3024 -49.63 15.78 35.58
CA PRO A 3024 -48.32 15.16 35.35
C PRO A 3024 -48.43 14.03 34.34
N PRO A 3025 -47.71 14.11 33.23
CA PRO A 3025 -47.73 13.02 32.25
C PRO A 3025 -46.89 11.83 32.70
N ASP A 3026 -47.36 10.64 32.32
CA ASP A 3026 -46.61 9.40 32.56
C ASP A 3026 -45.77 9.11 31.33
N LEU A 3027 -44.46 9.21 31.47
CA LEU A 3027 -43.57 9.09 30.32
C LEU A 3027 -43.48 7.67 29.78
N ASN A 3028 -43.87 6.67 30.58
CA ASN A 3028 -43.79 5.28 30.14
C ASN A 3028 -44.68 5.02 28.93
N LYS A 3029 -45.81 5.73 28.82
CA LYS A 3029 -46.68 5.59 27.67
C LYS A 3029 -46.04 6.08 26.37
N ILE A 3030 -44.86 6.69 26.45
CA ILE A 3030 -44.08 6.94 25.24
C ILE A 3030 -43.76 5.64 24.53
N TRP A 3031 -43.43 4.60 25.30
CA TRP A 3031 -43.06 3.30 24.74
C TRP A 3031 -44.25 2.45 24.33
N SER A 3032 -45.46 3.01 24.27
CA SER A 3032 -46.64 2.22 23.96
C SER A 3032 -46.93 2.13 22.47
N GLU A 3033 -47.01 3.28 21.79
CA GLU A 3033 -47.38 3.27 20.39
C GLU A 3033 -46.20 3.62 19.50
N PRO A 3034 -46.08 2.99 18.33
CA PRO A 3034 -45.01 3.37 17.39
C PRO A 3034 -45.09 4.81 16.93
N PHE A 3035 -46.30 5.38 16.81
CA PHE A 3035 -46.45 6.76 16.39
C PHE A 3035 -45.88 7.71 17.44
N TYR A 3036 -46.08 7.40 18.73
CA TYR A 3036 -45.53 8.23 19.79
C TYR A 3036 -44.00 8.19 19.80
N GLN A 3037 -43.42 7.03 19.48
CA GLN A 3037 -41.97 6.89 19.53
C GLN A 3037 -41.27 7.70 18.46
N GLU A 3038 -41.88 7.83 17.27
CA GLU A 3038 -41.22 8.48 16.15
C GLU A 3038 -41.38 10.00 16.16
N THR A 3039 -42.47 10.53 16.71
CA THR A 3039 -42.76 11.96 16.60
C THR A 3039 -42.62 12.74 17.90
N TYR A 3040 -42.73 12.09 19.06
CA TYR A 3040 -42.62 12.79 20.33
C TYR A 3040 -41.34 12.52 21.09
N LEU A 3041 -40.76 11.32 20.94
CA LEU A 3041 -39.59 10.95 21.71
C LEU A 3041 -38.36 11.82 21.43
N PRO A 3042 -37.95 12.06 20.18
CA PRO A 3042 -36.76 12.92 19.98
C PRO A 3042 -36.95 14.34 20.49
N TYR A 3043 -38.13 14.92 20.28
CA TYR A 3043 -38.39 16.27 20.75
C TYR A 3043 -38.40 16.35 22.27
N MET A 3044 -39.02 15.36 22.93
CA MET A 3044 -39.03 15.34 24.39
C MET A 3044 -37.63 15.18 24.95
N ILE A 3045 -36.84 14.25 24.38
CA ILE A 3045 -35.48 14.03 24.84
C ILE A 3045 -34.64 15.28 24.66
N ARG A 3046 -34.75 15.91 23.49
CA ARG A 3046 -33.96 17.11 23.21
C ARG A 3046 -34.34 18.26 24.14
N SER A 3047 -35.64 18.47 24.35
CA SER A 3047 -36.07 19.56 25.22
C SER A 3047 -35.63 19.35 26.66
N LYS A 3048 -35.81 18.14 27.18
CA LYS A 3048 -35.40 17.87 28.56
C LYS A 3048 -33.88 17.97 28.72
N LEU A 3049 -33.13 17.46 27.75
CA LEU A 3049 -31.67 17.55 27.82
C LEU A 3049 -31.20 18.99 27.75
N LYS A 3050 -31.81 19.81 26.89
CA LYS A 3050 -31.44 21.21 26.81
C LYS A 3050 -31.78 21.95 28.11
N LEU A 3051 -32.94 21.66 28.69
CA LEU A 3051 -33.31 22.29 29.95
C LEU A 3051 -32.35 21.90 31.08
N LEU A 3052 -31.92 20.64 31.10
CA LEU A 3052 -30.95 20.21 32.11
C LEU A 3052 -29.59 20.86 31.87
N LEU A 3053 -29.15 20.96 30.61
CA LEU A 3053 -27.85 21.53 30.32
C LEU A 3053 -27.81 23.04 30.50
N GLN A 3054 -28.98 23.71 30.48
CA GLN A 3054 -29.00 25.15 30.72
C GLN A 3054 -28.81 25.48 32.20
N GLY A 3055 -28.96 24.50 33.08
CA GLY A 3055 -28.79 24.71 34.51
C GLY A 3055 -30.01 24.38 35.36
N GLU A 3056 -31.18 24.21 34.77
CA GLU A 3056 -32.37 23.91 35.53
C GLU A 3056 -32.31 22.49 36.09
N ALA A 3057 -33.08 22.31 37.17
CA ALA A 3057 -33.08 21.01 37.86
C ALA A 3057 -34.42 20.30 37.69
N ASP A 3058 -34.39 19.06 37.23
CA ASP A 3058 -35.57 18.22 37.07
C ASP A 3058 -35.10 16.79 36.84
N GLN A 3059 -35.76 15.80 37.42
CA GLN A 3059 -35.21 14.43 37.30
C GLN A 3059 -36.03 13.59 36.32
N SER A 3060 -37.14 14.13 35.82
CA SER A 3060 -38.05 13.34 34.98
C SER A 3060 -37.32 12.64 33.85
N LEU A 3061 -36.47 13.37 33.13
CA LEU A 3061 -35.75 12.79 32.00
C LEU A 3061 -34.83 11.67 32.44
N LEU A 3062 -34.10 11.89 33.53
CA LEU A 3062 -33.15 10.88 34.01
C LEU A 3062 -33.85 9.64 34.56
N THR A 3063 -34.96 9.82 35.30
CA THR A 3063 -35.72 8.66 35.76
C THR A 3063 -36.29 7.89 34.56
N PHE A 3064 -36.80 8.61 33.57
CA PHE A 3064 -37.29 7.96 32.36
C PHE A 3064 -36.17 7.19 31.67
N ILE A 3065 -34.97 7.77 31.60
CA ILE A 3065 -33.86 7.13 30.91
C ILE A 3065 -33.47 5.84 31.64
N ASP A 3066 -33.36 5.89 32.97
CA ASP A 3066 -32.90 4.71 33.71
C ASP A 3066 -33.96 3.60 33.66
N LYS A 3067 -35.24 3.96 33.80
CA LYS A 3067 -36.29 2.96 33.71
C LYS A 3067 -36.40 2.38 32.31
N ALA A 3068 -36.08 3.16 31.28
CA ALA A 3068 -36.11 2.65 29.92
C ALA A 3068 -34.94 1.70 29.65
N MET A 3069 -33.74 2.07 30.12
CA MET A 3069 -32.59 1.17 29.95
C MET A 3069 -32.65 -0.03 30.87
N HIS A 3070 -33.57 -0.05 31.84
CA HIS A 3070 -33.84 -1.30 32.55
C HIS A 3070 -34.34 -2.38 31.59
N GLY A 3071 -35.10 -1.98 30.57
CA GLY A 3071 -35.54 -2.90 29.53
C GLY A 3071 -34.45 -3.17 28.51
N GLU A 3072 -34.83 -3.87 27.45
CA GLU A 3072 -33.89 -4.25 26.40
C GLU A 3072 -34.22 -3.65 25.04
N LEU A 3073 -35.50 -3.64 24.62
CA LEU A 3073 -35.85 -3.00 23.36
C LEU A 3073 -35.75 -1.48 23.48
N GLN A 3074 -36.26 -0.93 24.58
CA GLN A 3074 -36.15 0.50 24.82
C GLN A 3074 -34.69 0.93 24.94
N LYS A 3075 -33.87 0.13 25.63
CA LYS A 3075 -32.45 0.43 25.74
C LYS A 3075 -31.77 0.36 24.38
N ALA A 3076 -32.12 -0.64 23.57
CA ALA A 3076 -31.50 -0.79 22.26
C ALA A 3076 -31.83 0.38 21.35
N ILE A 3077 -33.11 0.81 21.34
CA ILE A 3077 -33.49 1.91 20.47
C ILE A 3077 -33.10 3.27 21.05
N LEU A 3078 -32.80 3.34 22.35
CA LEU A 3078 -32.17 4.55 22.88
C LEU A 3078 -30.70 4.63 22.48
N GLU A 3079 -29.99 3.50 22.55
CA GLU A 3079 -28.57 3.49 22.18
C GLU A 3079 -28.38 3.68 20.68
N LEU A 3080 -29.34 3.22 19.87
CA LEU A 3080 -29.18 3.30 18.42
C LEU A 3080 -29.12 4.75 17.94
N HIS A 3081 -29.95 5.62 18.52
CA HIS A 3081 -30.05 7.00 18.05
C HIS A 3081 -29.48 8.01 19.05
N TYR A 3082 -29.94 7.98 20.29
CA TYR A 3082 -29.60 9.03 21.26
C TYR A 3082 -28.39 8.61 22.11
N SER A 3083 -27.28 8.37 21.42
CA SER A 3083 -26.04 8.03 22.11
C SER A 3083 -25.33 9.27 22.62
N GLN A 3084 -25.36 10.35 21.85
CA GLN A 3084 -24.78 11.62 22.30
C GLN A 3084 -25.53 12.16 23.52
N GLU A 3085 -26.85 12.04 23.51
CA GLU A 3085 -27.65 12.49 24.65
C GLU A 3085 -27.31 11.70 25.91
N LEU A 3086 -27.10 10.38 25.78
CA LEU A 3086 -26.67 9.58 26.92
C LEU A 3086 -25.31 10.02 27.42
N SER A 3087 -24.39 10.32 26.50
CA SER A 3087 -23.06 10.80 26.88
C SER A 3087 -23.16 12.09 27.68
N LEU A 3088 -23.95 13.05 27.19
CA LEU A 3088 -24.09 14.32 27.89
C LEU A 3088 -24.79 14.14 29.24
N LEU A 3089 -25.80 13.27 29.28
CA LEU A 3089 -26.54 13.03 30.52
C LEU A 3089 -25.63 12.42 31.59
N TYR A 3090 -24.83 11.44 31.22
CA TYR A 3090 -23.88 10.85 32.21
C TYR A 3090 -22.82 11.90 32.58
N LEU A 3091 -22.26 12.59 31.59
CA LEU A 3091 -21.20 13.54 31.88
C LEU A 3091 -21.65 14.65 32.81
N LEU A 3092 -22.94 15.00 32.75
CA LEU A 3092 -23.51 15.90 33.75
C LEU A 3092 -23.40 15.37 35.17
N GLN A 3093 -23.81 14.10 35.36
CA GLN A 3093 -23.76 13.39 36.66
C GLN A 3093 -22.43 12.67 36.80
N ASP A 3094 -21.31 13.39 36.82
CA ASP A 3094 -19.96 12.80 36.84
C ASP A 3094 -19.74 11.68 35.82
N ASP A 3095 -19.53 10.45 36.30
CA ASP A 3095 -19.40 9.23 35.44
C ASP A 3095 -18.56 9.45 34.18
N VAL A 3096 -17.36 10.03 34.33
CA VAL A 3096 -16.54 10.32 33.16
C VAL A 3096 -16.10 9.04 32.47
N ASP A 3097 -16.02 7.93 33.21
CA ASP A 3097 -15.49 6.69 32.65
C ASP A 3097 -16.45 6.06 31.65
N ARG A 3098 -17.74 6.09 31.95
CA ARG A 3098 -18.71 5.34 31.10
C ARG A 3098 -19.04 6.11 29.82
N ALA A 3099 -19.20 7.42 29.92
CA ALA A 3099 -19.65 8.22 28.77
C ALA A 3099 -18.78 8.03 27.54
N LYS A 3100 -17.53 7.60 27.72
CA LYS A 3100 -16.67 7.28 26.58
C LYS A 3100 -17.27 6.16 25.73
N TYR A 3101 -17.88 5.16 26.39
CA TYR A 3101 -18.53 4.08 25.66
C TYR A 3101 -19.67 4.60 24.80
N TYR A 3102 -20.52 5.46 25.37
CA TYR A 3102 -21.63 6.01 24.61
C TYR A 3102 -21.16 6.90 23.47
N ILE A 3103 -20.10 7.69 23.68
CA ILE A 3103 -19.65 8.54 22.60
C ILE A 3103 -18.97 7.72 21.50
N GLN A 3104 -18.30 6.62 21.84
CA GLN A 3104 -17.76 5.73 20.82
C GLN A 3104 -18.88 5.06 20.04
N ASN A 3105 -19.95 4.66 20.73
CA ASN A 3105 -21.12 4.11 20.04
C ASN A 3105 -21.74 5.15 19.12
N GLY A 3106 -21.80 6.41 19.55
CA GLY A 3106 -22.32 7.47 18.70
C GLY A 3106 -21.48 7.69 17.46
N ILE A 3107 -20.15 7.64 17.61
CA ILE A 3107 -19.27 7.80 16.47
C ILE A 3107 -19.43 6.65 15.49
N GLN A 3108 -19.53 5.41 16.01
CA GLN A 3108 -19.72 4.26 15.14
C GLN A 3108 -21.06 4.32 14.41
N SER A 3109 -22.12 4.75 15.11
CA SER A 3109 -23.41 4.90 14.46
C SER A 3109 -23.38 6.00 13.41
N PHE A 3110 -22.63 7.07 13.65
CA PHE A 3110 -22.45 8.07 12.59
C PHE A 3110 -21.78 7.46 11.38
N MET A 3111 -20.73 6.65 11.59
CA MET A 3111 -20.07 5.98 10.47
C MET A 3111 -21.06 5.14 9.68
N GLN A 3112 -21.87 4.34 10.38
CA GLN A 3112 -22.82 3.46 9.71
C GLN A 3112 -23.86 4.27 8.93
N ASN A 3113 -24.45 5.27 9.57
CA ASN A 3113 -25.48 6.07 8.92
C ASN A 3113 -24.95 6.82 7.72
N TYR A 3114 -23.76 7.42 7.83
CA TYR A 3114 -23.18 8.14 6.71
C TYR A 3114 -22.85 7.19 5.57
N SER A 3115 -22.30 6.01 5.88
CA SER A 3115 -21.95 5.07 4.82
C SER A 3115 -23.18 4.43 4.18
N SER A 3116 -24.33 4.48 4.83
CA SER A 3116 -25.53 3.87 4.28
C SER A 3116 -26.35 4.83 3.41
N ILE A 3117 -25.86 6.05 3.17
CA ILE A 3117 -26.57 7.05 2.37
C ILE A 3117 -25.93 7.14 0.99
N ASP A 3118 -26.77 7.22 -0.04
CA ASP A 3118 -26.29 7.37 -1.41
C ASP A 3118 -25.57 8.69 -1.59
N VAL A 3119 -24.67 8.72 -2.59
CA VAL A 3119 -23.85 9.92 -2.83
C VAL A 3119 -24.58 11.00 -3.59
N LEU A 3120 -25.76 10.72 -4.13
CA LEU A 3120 -26.53 11.72 -4.87
C LEU A 3120 -27.41 12.58 -3.98
N LEU A 3121 -27.41 12.33 -2.68
CA LEU A 3121 -28.24 13.08 -1.72
C LEU A 3121 -27.32 13.95 -0.87
N HIS A 3122 -27.29 15.25 -1.19
CA HIS A 3122 -26.36 16.17 -0.54
C HIS A 3122 -26.77 16.54 0.88
N GLN A 3123 -28.08 16.75 1.10
CA GLN A 3123 -28.55 17.32 2.36
C GLN A 3123 -28.28 16.40 3.54
N SER A 3124 -28.52 15.10 3.37
CA SER A 3124 -28.31 14.15 4.45
C SER A 3124 -26.84 14.09 4.86
N ARG A 3125 -25.94 14.07 3.88
CA ARG A 3125 -24.51 14.04 4.19
C ARG A 3125 -24.05 15.33 4.85
N LEU A 3126 -24.61 16.47 4.45
CA LEU A 3126 -24.30 17.73 5.14
C LEU A 3126 -24.74 17.69 6.60
N THR A 3127 -25.95 17.17 6.85
CA THR A 3127 -26.45 17.06 8.21
C THR A 3127 -25.58 16.13 9.05
N LYS A 3128 -25.17 15.00 8.47
CA LYS A 3128 -24.29 14.09 9.20
C LYS A 3128 -22.92 14.71 9.45
N LEU A 3129 -22.45 15.57 8.54
CA LEU A 3129 -21.19 16.28 8.79
C LEU A 3129 -21.31 17.21 9.99
N GLN A 3130 -22.43 17.93 10.09
CA GLN A 3130 -22.64 18.76 11.28
C GLN A 3130 -22.70 17.91 12.55
N SER A 3131 -23.38 16.76 12.46
CA SER A 3131 -23.50 15.88 13.61
C SER A 3131 -22.14 15.37 14.07
N VAL A 3132 -21.27 14.96 13.13
CA VAL A 3132 -19.97 14.43 13.53
C VAL A 3132 -19.10 15.55 14.09
N GLN A 3133 -19.25 16.78 13.59
CA GLN A 3133 -18.56 17.91 14.21
C GLN A 3133 -18.93 18.02 15.69
N ALA A 3134 -20.23 17.97 15.97
CA ALA A 3134 -20.67 18.05 17.38
C ALA A 3134 -20.15 16.88 18.21
N LEU A 3135 -20.21 15.66 17.66
CA LEU A 3135 -19.75 14.48 18.39
C LEU A 3135 -18.25 14.55 18.67
N THR A 3136 -17.47 15.03 17.72
CA THR A 3136 -16.04 15.17 17.91
C THR A 3136 -15.72 16.18 18.98
N GLU A 3137 -16.45 17.30 19.03
CA GLU A 3137 -16.25 18.25 20.12
C GLU A 3137 -16.59 17.63 21.47
N ILE A 3138 -17.66 16.82 21.51
CA ILE A 3138 -18.02 16.12 22.75
C ILE A 3138 -16.85 15.24 23.22
N GLN A 3139 -16.33 14.42 22.31
CA GLN A 3139 -15.24 13.51 22.65
C GLN A 3139 -13.97 14.27 23.04
N GLU A 3140 -13.70 15.39 22.37
CA GLU A 3140 -12.53 16.21 22.71
C GLU A 3140 -12.63 16.75 24.12
N PHE A 3141 -13.81 17.25 24.52
CA PHE A 3141 -13.94 17.74 25.88
C PHE A 3141 -13.80 16.60 26.89
N ILE A 3142 -14.36 15.43 26.56
CA ILE A 3142 -14.23 14.28 27.46
C ILE A 3142 -12.75 13.93 27.66
N SER A 3143 -11.98 13.91 26.57
CA SER A 3143 -10.56 13.63 26.65
C SER A 3143 -9.83 14.69 27.46
N PHE A 3144 -10.20 15.96 27.29
CA PHE A 3144 -9.56 17.03 28.05
C PHE A 3144 -9.84 16.89 29.54
N ILE A 3145 -11.08 16.57 29.91
CA ILE A 3145 -11.43 16.52 31.32
C ILE A 3145 -10.94 15.24 32.00
N SER A 3146 -10.74 14.16 31.24
CA SER A 3146 -10.33 12.89 31.85
C SER A 3146 -8.91 12.91 32.42
N LYS A 3147 -8.11 13.92 32.10
CA LYS A 3147 -6.74 14.02 32.57
C LYS A 3147 -6.62 15.15 33.59
N GLN A 3148 -6.04 14.84 34.76
CA GLN A 3148 -5.91 15.84 35.82
C GLN A 3148 -4.80 16.84 35.58
N GLY A 3149 -3.89 16.57 34.63
CA GLY A 3149 -2.82 17.51 34.35
C GLY A 3149 -3.30 18.83 33.78
N ASN A 3150 -4.35 18.79 32.96
CA ASN A 3150 -4.89 20.01 32.37
C ASN A 3150 -5.59 20.90 33.39
N LEU A 3151 -6.01 20.34 34.52
CA LEU A 3151 -6.67 21.15 35.55
C LEU A 3151 -5.73 22.18 36.13
N SER A 3152 -4.48 21.81 36.39
CA SER A 3152 -3.50 22.73 36.94
C SER A 3152 -3.06 23.75 35.88
N SER A 3153 -2.57 24.89 36.36
CA SER A 3153 -2.06 25.97 35.53
C SER A 3153 -3.14 26.55 34.61
N GLN A 3154 -2.75 27.45 33.71
CA GLN A 3154 -3.68 28.10 32.81
C GLN A 3154 -3.39 27.88 31.34
N VAL A 3155 -2.23 27.30 30.99
CA VAL A 3155 -1.92 27.05 29.58
C VAL A 3155 -2.88 26.07 28.91
N PRO A 3156 -3.32 24.95 29.51
CA PRO A 3156 -4.27 24.11 28.76
C PRO A 3156 -5.63 24.77 28.59
N LEU A 3157 -6.08 25.53 29.59
CA LEU A 3157 -7.33 26.28 29.45
C LEU A 3157 -7.21 27.33 28.35
N LYS A 3158 -6.07 28.01 28.28
CA LYS A 3158 -5.85 28.98 27.20
C LYS A 3158 -5.85 28.31 25.84
N ARG A 3159 -5.21 27.14 25.73
CA ARG A 3159 -5.19 26.41 24.47
C ARG A 3159 -6.60 26.00 24.06
N LEU A 3160 -7.38 25.47 25.00
CA LEU A 3160 -8.74 25.04 24.71
C LEU A 3160 -9.61 26.22 24.31
N LEU A 3161 -9.47 27.35 25.01
CA LEU A 3161 -10.26 28.53 24.69
C LEU A 3161 -9.91 29.08 23.31
N ASN A 3162 -8.62 29.13 22.98
CA ASN A 3162 -8.21 29.59 21.66
C ASN A 3162 -8.73 28.69 20.56
N THR A 3163 -8.65 27.36 20.77
CA THR A 3163 -9.18 26.42 19.80
C THR A 3163 -10.68 26.58 19.63
N TRP A 3164 -11.40 26.76 20.74
CA TRP A 3164 -12.86 26.88 20.67
C TRP A 3164 -13.28 28.17 19.96
N THR A 3165 -12.61 29.28 20.24
CA THR A 3165 -12.95 30.52 19.54
C THR A 3165 -12.43 30.56 18.11
N ASN A 3166 -11.48 29.71 17.75
CA ASN A 3166 -11.05 29.62 16.35
C ASN A 3166 -11.79 28.54 15.56
N ARG A 3167 -12.59 27.72 16.23
CA ARG A 3167 -13.40 26.69 15.57
C ARG A 3167 -14.87 27.04 15.76
N TYR A 3168 -15.52 27.52 14.70
CA TYR A 3168 -16.90 27.96 14.74
C TYR A 3168 -17.68 27.31 13.62
N PRO A 3169 -19.00 27.14 13.79
CA PRO A 3169 -19.84 26.71 12.68
C PRO A 3169 -19.96 27.80 11.63
N ASP A 3170 -20.41 27.38 10.44
CA ASP A 3170 -20.59 28.32 9.34
C ASP A 3170 -21.76 29.26 9.63
N ALA A 3171 -21.51 30.57 9.51
CA ALA A 3171 -22.57 31.54 9.78
C ALA A 3171 -23.63 31.51 8.69
N LYS A 3172 -23.20 31.52 7.43
CA LYS A 3172 -24.12 31.60 6.29
C LYS A 3172 -24.63 30.24 5.84
N MET A 3173 -24.05 29.14 6.31
CA MET A 3173 -24.39 27.82 5.78
C MET A 3173 -24.87 26.82 6.82
N ASP A 3174 -24.74 27.11 8.11
CA ASP A 3174 -25.20 26.14 9.08
C ASP A 3174 -26.50 26.59 9.73
N PRO A 3175 -27.46 25.69 9.91
CA PRO A 3175 -28.71 26.06 10.58
C PRO A 3175 -28.49 26.43 12.03
N MET A 3176 -29.55 26.95 12.64
CA MET A 3176 -29.46 27.42 14.02
C MET A 3176 -29.40 26.28 15.02
N ASN A 3177 -29.82 25.07 14.63
CA ASN A 3177 -29.74 23.92 15.52
C ASN A 3177 -28.29 23.57 15.83
N ILE A 3178 -27.42 23.60 14.83
CA ILE A 3178 -26.02 23.28 15.05
C ILE A 3178 -25.36 24.30 15.97
N TRP A 3179 -25.61 25.59 15.72
CA TRP A 3179 -25.09 26.63 16.60
C TRP A 3179 -25.61 26.47 18.02
N ASP A 3180 -26.89 26.18 18.18
CA ASP A 3180 -27.47 26.01 19.51
C ASP A 3180 -26.83 24.84 20.24
N ASP A 3181 -26.68 23.71 19.55
CA ASP A 3181 -26.08 22.54 20.18
C ASP A 3181 -24.63 22.82 20.59
N ILE A 3182 -23.85 23.40 19.68
CA ILE A 3182 -22.44 23.65 19.97
C ILE A 3182 -22.29 24.64 21.12
N ILE A 3183 -23.09 25.71 21.11
CA ILE A 3183 -22.98 26.74 22.13
C ILE A 3183 -23.42 26.21 23.49
N THR A 3184 -24.54 25.47 23.53
CA THR A 3184 -25.01 24.91 24.79
C THR A 3184 -24.01 23.92 25.37
N ASN A 3185 -23.46 23.04 24.51
CA ASN A 3185 -22.47 22.09 24.99
C ASN A 3185 -21.22 22.79 25.50
N ARG A 3186 -20.76 23.82 24.79
CA ARG A 3186 -19.56 24.53 25.22
C ARG A 3186 -19.79 25.27 26.54
N CYS A 3187 -20.95 25.90 26.70
CA CYS A 3187 -21.25 26.58 27.96
C CYS A 3187 -21.37 25.60 29.11
N PHE A 3188 -21.97 24.43 28.86
CA PHE A 3188 -22.04 23.39 29.88
C PHE A 3188 -20.65 22.89 30.25
N PHE A 3189 -19.77 22.73 29.26
CA PHE A 3189 -18.40 22.29 29.54
C PHE A 3189 -17.65 23.33 30.36
N LEU A 3190 -17.84 24.61 30.04
CA LEU A 3190 -17.20 25.68 30.80
C LEU A 3190 -17.72 25.73 32.24
N SER A 3191 -19.03 25.51 32.42
CA SER A 3191 -19.58 25.45 33.77
C SER A 3191 -18.99 24.28 34.55
N LYS A 3192 -18.84 23.12 33.89
CA LYS A 3192 -18.26 21.96 34.57
C LYS A 3192 -16.80 22.19 34.93
N ILE A 3193 -16.02 22.82 34.04
CA ILE A 3193 -14.61 23.06 34.33
C ILE A 3193 -14.46 24.18 35.36
N GLU A 3194 -15.44 25.07 35.49
CA GLU A 3194 -15.41 26.04 36.58
C GLU A 3194 -15.74 25.38 37.91
N GLU A 3195 -16.70 24.44 37.91
CA GLU A 3195 -17.04 23.73 39.12
C GLU A 3195 -15.89 22.83 39.59
N LYS A 3196 -15.20 22.18 38.64
CA LYS A 3196 -14.09 21.31 39.01
C LYS A 3196 -12.89 22.09 39.54
N LEU A 3197 -12.66 23.29 39.01
CA LEU A 3197 -11.52 24.10 39.40
C LEU A 3197 -11.83 25.05 40.55
N THR A 3198 -12.84 24.75 41.36
CA THR A 3198 -13.09 25.49 42.57
C THR A 3198 -11.98 25.20 43.60
N PRO A 3199 -11.78 26.09 44.57
CA PRO A 3199 -10.77 25.82 45.61
C PRO A 3199 -11.07 24.52 46.36
N LEU A 3200 -9.99 23.80 46.67
CA LEU A 3200 -10.13 22.48 47.30
C LEU A 3200 -10.83 22.50 48.64
N PRO A 3201 -10.51 23.39 49.59
CA PRO A 3201 -11.26 23.41 50.86
C PRO A 3201 -12.73 23.80 50.63
N GLU A 3202 -13.59 23.28 51.51
CA GLU A 3202 -15.02 23.55 51.39
C GLU A 3202 -15.37 25.01 51.67
N ASP A 3203 -14.48 25.76 52.32
CA ASP A 3203 -14.67 27.18 52.56
C ASP A 3203 -13.77 27.96 51.63
N ASN A 3204 -14.32 29.00 51.00
CA ASN A 3204 -13.60 29.75 49.99
C ASN A 3204 -12.42 30.52 50.60
N SER A 3205 -11.34 30.61 49.82
CA SER A 3205 -10.14 31.40 50.07
C SER A 3205 -9.28 30.87 51.22
N MET A 3206 -9.65 29.73 51.83
CA MET A 3206 -8.82 29.17 52.89
C MET A 3206 -7.44 28.77 52.36
N ASN A 3207 -7.43 27.97 51.28
CA ASN A 3207 -6.15 27.62 50.66
C ASN A 3207 -5.47 28.84 50.06
N VAL A 3208 -6.25 29.82 49.61
CA VAL A 3208 -5.69 31.04 49.03
C VAL A 3208 -4.86 31.80 50.07
N ASP A 3209 -5.39 31.95 51.28
CA ASP A 3209 -4.59 32.57 52.33
C ASP A 3209 -3.55 31.60 52.89
N GLN A 3210 -3.72 30.30 52.70
CA GLN A 3210 -2.72 29.34 53.15
C GLN A 3210 -1.44 29.46 52.33
N ASP A 3211 -1.56 29.50 51.01
CA ASP A 3211 -0.39 29.61 50.17
C ASP A 3211 -0.07 31.07 49.86
N GLY A 3212 1.13 31.31 49.34
CA GLY A 3212 1.60 32.67 49.12
C GLY A 3212 1.57 33.15 47.69
N ASP A 3213 1.39 32.24 46.74
CA ASP A 3213 1.37 32.64 45.33
C ASP A 3213 0.23 33.58 44.94
N PRO A 3214 -1.04 33.38 45.34
CA PRO A 3214 -2.08 34.32 44.87
C PRO A 3214 -1.92 35.72 45.40
N SER A 3215 -1.21 35.90 46.51
CA SER A 3215 -0.95 37.25 47.02
C SER A 3215 -0.07 38.03 46.05
N ASP A 3216 0.98 37.40 45.51
CA ASP A 3216 1.83 38.07 44.54
C ASP A 3216 1.29 38.01 43.12
N ARG A 3217 0.32 37.14 42.85
CA ARG A 3217 -0.29 37.13 41.53
C ARG A 3217 -1.22 38.32 41.34
N MET A 3218 -1.81 38.83 42.42
CA MET A 3218 -2.72 39.97 42.32
C MET A 3218 -1.97 41.27 42.01
N GLU A 3219 -0.65 41.30 42.20
CA GLU A 3219 0.15 42.49 41.95
C GLU A 3219 0.86 42.47 40.61
N VAL A 3220 1.52 41.37 40.27
CA VAL A 3220 2.27 41.28 39.02
C VAL A 3220 1.35 40.94 37.85
N GLN A 3221 0.41 39.99 38.05
CA GLN A 3221 -0.48 39.52 37.00
C GLN A 3221 -1.80 40.26 36.97
N GLU A 3222 -1.81 41.55 37.32
CA GLU A 3222 -3.03 42.35 37.34
C GLU A 3222 -3.61 42.61 35.96
N GLN A 3223 -2.89 42.27 34.89
CA GLN A 3223 -3.39 42.51 33.54
C GLN A 3223 -4.68 41.74 33.28
N GLU A 3224 -4.76 40.49 33.74
CA GLU A 3224 -5.96 39.69 33.64
C GLU A 3224 -6.31 39.14 35.02
N GLU A 3225 -7.43 38.44 35.11
CA GLU A 3225 -7.92 37.89 36.37
C GLU A 3225 -7.91 36.36 36.29
N ASP A 3226 -8.51 35.73 37.29
CA ASP A 3226 -8.52 34.28 37.39
C ASP A 3226 -9.37 33.67 36.27
N ILE A 3227 -9.47 32.34 36.29
CA ILE A 3227 -10.13 31.59 35.23
C ILE A 3227 -11.59 31.97 35.05
N SER A 3228 -12.24 32.47 36.10
CA SER A 3228 -13.64 32.86 36.00
C SER A 3228 -13.83 34.00 35.00
N SER A 3229 -12.95 35.00 35.04
CA SER A 3229 -13.08 36.13 34.13
C SER A 3229 -12.86 35.70 32.68
N LEU A 3230 -11.86 34.86 32.44
CA LEU A 3230 -11.62 34.35 31.09
C LEU A 3230 -12.78 33.51 30.58
N ILE A 3231 -13.35 32.68 31.46
CA ILE A 3231 -14.49 31.86 31.08
C ILE A 3231 -15.69 32.74 30.73
N ARG A 3232 -15.94 33.78 31.53
CA ARG A 3232 -17.04 34.69 31.26
C ARG A 3232 -16.82 35.44 29.95
N SER A 3233 -15.59 35.89 29.69
CA SER A 3233 -15.31 36.58 28.44
C SER A 3233 -15.50 35.67 27.24
N CYS A 3234 -15.04 34.42 27.34
CA CYS A 3234 -15.21 33.47 26.24
C CYS A 3234 -16.68 33.18 26.00
N LYS A 3235 -17.46 33.01 27.08
CA LYS A 3235 -18.89 32.77 26.94
C LYS A 3235 -19.58 33.96 26.27
N PHE A 3236 -19.24 35.18 26.69
CA PHE A 3236 -19.82 36.37 26.09
C PHE A 3236 -19.49 36.47 24.60
N SER A 3237 -18.22 36.22 24.25
CA SER A 3237 -17.82 36.29 22.85
C SER A 3237 -18.52 35.24 22.01
N MET A 3238 -18.62 34.01 22.53
CA MET A 3238 -19.30 32.95 21.78
C MET A 3238 -20.78 33.26 21.59
N LYS A 3239 -21.44 33.77 22.62
CA LYS A 3239 -22.86 34.10 22.50
C LYS A 3239 -23.09 35.27 21.56
N MET A 3240 -22.18 36.26 21.57
CA MET A 3240 -22.29 37.35 20.61
C MET A 3240 -22.09 36.85 19.18
N LYS A 3241 -21.15 35.93 18.97
CA LYS A 3241 -20.97 35.36 17.64
C LYS A 3241 -22.23 34.61 17.19
N MET A 3242 -22.86 33.87 18.11
CA MET A 3242 -24.11 33.20 17.79
C MET A 3242 -25.21 34.21 17.45
N ILE A 3243 -25.26 35.33 18.18
CA ILE A 3243 -26.27 36.35 17.91
C ILE A 3243 -26.08 36.94 16.51
N ASP A 3244 -24.83 37.26 16.14
CA ASP A 3244 -24.57 37.77 14.79
C ASP A 3244 -24.92 36.74 13.73
N SER A 3245 -24.62 35.46 13.96
CA SER A 3245 -24.98 34.43 12.99
C SER A 3245 -26.50 34.33 12.83
N ALA A 3246 -27.23 34.38 13.94
CA ALA A 3246 -28.69 34.31 13.88
C ALA A 3246 -29.27 35.54 13.18
N ARG A 3247 -28.67 36.70 13.38
CA ARG A 3247 -29.12 37.89 12.68
C ARG A 3247 -28.84 37.80 11.19
N LYS A 3248 -27.70 37.21 10.82
CA LYS A 3248 -27.39 37.03 9.41
C LYS A 3248 -28.32 36.02 8.74
N GLN A 3249 -28.77 35.00 9.47
CA GLN A 3249 -29.64 33.98 8.91
C GLN A 3249 -31.12 34.34 8.99
N ASN A 3250 -31.44 35.62 9.24
CA ASN A 3250 -32.82 36.12 9.20
C ASN A 3250 -33.72 35.44 10.22
N ASN A 3251 -33.17 35.04 11.36
CA ASN A 3251 -33.94 34.50 12.48
C ASN A 3251 -33.93 35.55 13.58
N PHE A 3252 -35.00 36.33 13.66
CA PHE A 3252 -35.01 37.53 14.50
C PHE A 3252 -35.50 37.27 15.92
N SER A 3253 -36.45 36.36 16.11
CA SER A 3253 -36.94 36.06 17.45
C SER A 3253 -35.87 35.39 18.31
N LEU A 3254 -35.12 34.46 17.72
CA LEU A 3254 -34.02 33.82 18.43
C LEU A 3254 -32.96 34.85 18.81
N ALA A 3255 -32.64 35.76 17.88
CA ALA A 3255 -31.67 36.80 18.18
C ALA A 3255 -32.14 37.72 19.28
N MET A 3256 -33.44 38.03 19.29
CA MET A 3256 -34.00 38.89 20.37
C MET A 3256 -33.89 38.16 21.71
N LYS A 3257 -34.23 36.87 21.73
CA LYS A 3257 -34.16 36.09 22.97
C LYS A 3257 -32.73 36.06 23.51
N LEU A 3258 -31.76 35.75 22.65
CA LEU A 3258 -30.37 35.70 23.09
C LEU A 3258 -29.87 37.07 23.51
N LEU A 3259 -30.31 38.12 22.81
CA LEU A 3259 -29.88 39.48 23.18
C LEU A 3259 -30.40 39.86 24.55
N LYS A 3260 -31.65 39.52 24.86
CA LYS A 3260 -32.16 39.81 26.22
C LYS A 3260 -31.37 38.99 27.23
N GLU A 3261 -31.18 37.69 26.98
CA GLU A 3261 -30.49 36.84 27.94
C GLU A 3261 -29.08 37.35 28.22
N LEU A 3262 -28.40 37.87 27.19
CA LEU A 3262 -27.08 38.47 27.41
C LEU A 3262 -27.19 39.84 28.06
N HIS A 3263 -28.29 40.56 27.82
CA HIS A 3263 -28.47 41.89 28.45
C HIS A 3263 -28.50 41.69 29.95
N LYS A 3264 -29.05 40.55 30.40
CA LYS A 3264 -29.17 40.38 31.87
C LYS A 3264 -27.85 40.75 32.54
N GLU A 3265 -26.72 40.42 31.90
CA GLU A 3265 -25.43 40.64 32.55
C GLU A 3265 -24.46 41.42 31.66
N SER A 3266 -24.95 42.10 30.63
CA SER A 3266 -24.05 42.81 29.72
C SER A 3266 -23.52 44.11 30.31
N LYS A 3267 -24.31 44.73 31.21
CA LYS A 3267 -23.97 46.08 31.74
C LYS A 3267 -23.04 46.00 32.95
N THR A 3268 -22.00 45.17 32.90
CA THR A 3268 -20.97 45.11 33.94
C THR A 3268 -19.61 45.57 33.42
N ARG A 3269 -19.52 45.90 32.13
CA ARG A 3269 -18.26 46.34 31.54
C ARG A 3269 -18.61 47.20 30.33
N ASP A 3270 -17.80 48.23 30.09
CA ASP A 3270 -18.16 49.24 29.09
C ASP A 3270 -18.12 48.66 27.68
N ASP A 3271 -17.08 47.88 27.36
CA ASP A 3271 -16.98 47.31 26.02
C ASP A 3271 -18.09 46.28 25.77
N TRP A 3272 -18.42 45.48 26.78
CA TRP A 3272 -19.53 44.54 26.65
C TRP A 3272 -20.84 45.27 26.40
N LEU A 3273 -21.08 46.35 27.15
CA LEU A 3273 -22.30 47.12 26.99
C LEU A 3273 -22.41 47.73 25.61
N VAL A 3274 -21.32 48.34 25.11
CA VAL A 3274 -21.38 48.98 23.81
C VAL A 3274 -21.52 47.92 22.70
N SER A 3275 -20.88 46.76 22.87
CA SER A 3275 -21.05 45.68 21.89
C SER A 3275 -22.49 45.19 21.86
N TRP A 3276 -23.12 45.07 23.04
CA TRP A 3276 -24.52 44.68 23.08
C TRP A 3276 -25.40 45.71 22.39
N VAL A 3277 -25.14 47.00 22.63
CA VAL A 3277 -25.96 48.05 22.03
C VAL A 3277 -25.81 48.03 20.51
N GLN A 3278 -24.59 47.88 20.01
CA GLN A 3278 -24.38 47.86 18.56
C GLN A 3278 -25.01 46.63 17.92
N SER A 3279 -24.91 45.47 18.57
CA SER A 3279 -25.55 44.27 18.04
C SER A 3279 -27.07 44.41 18.02
N TYR A 3280 -27.64 45.00 19.07
CA TYR A 3280 -29.10 45.23 19.09
C TYR A 3280 -29.45 46.14 17.91
N CYS A 3281 -28.76 47.27 17.76
CA CYS A 3281 -29.09 48.20 16.70
C CYS A 3281 -28.97 47.55 15.33
N ARG A 3282 -27.94 46.71 15.13
CA ARG A 3282 -27.80 46.01 13.86
C ARG A 3282 -28.96 45.06 13.62
N LEU A 3283 -29.37 44.31 14.64
CA LEU A 3283 -30.50 43.40 14.49
C LEU A 3283 -31.78 44.16 14.16
N SER A 3284 -32.01 45.28 14.85
CA SER A 3284 -33.22 46.06 14.57
C SER A 3284 -33.19 46.64 13.16
N HIS A 3285 -32.01 47.09 12.71
CA HIS A 3285 -31.88 47.59 11.34
C HIS A 3285 -32.18 46.51 10.32
N CYS A 3286 -31.70 45.29 10.57
CA CYS A 3286 -32.01 44.17 9.68
C CYS A 3286 -33.49 43.82 9.72
N ARG A 3287 -34.11 43.92 10.90
CA ARG A 3287 -35.54 43.62 11.03
C ARG A 3287 -36.39 44.63 10.27
N SER A 3288 -35.98 45.90 10.26
CA SER A 3288 -36.80 46.94 9.65
C SER A 3288 -37.00 46.76 8.16
N ARG A 3289 -36.14 45.99 7.48
CA ARG A 3289 -36.16 45.95 6.02
C ARG A 3289 -37.47 45.37 5.49
N SER A 3290 -37.98 44.31 6.13
CA SER A 3290 -39.15 43.60 5.63
C SER A 3290 -40.44 43.98 6.34
N GLN A 3291 -40.58 45.25 6.73
CA GLN A 3291 -41.77 45.74 7.40
C GLN A 3291 -42.27 47.01 6.72
N GLY A 3292 -43.47 47.44 7.13
CA GLY A 3292 -44.04 48.67 6.63
C GLY A 3292 -43.40 49.89 7.23
N CYS A 3293 -43.84 51.06 6.75
CA CYS A 3293 -43.23 52.32 7.18
C CYS A 3293 -43.46 52.58 8.67
N SER A 3294 -44.67 52.32 9.16
CA SER A 3294 -44.97 52.55 10.57
C SER A 3294 -44.16 51.61 11.47
N GLU A 3295 -44.11 50.33 11.11
CA GLU A 3295 -43.33 49.38 11.89
C GLU A 3295 -41.84 49.70 11.82
N GLN A 3296 -41.37 50.14 10.65
CA GLN A 3296 -40.00 50.62 10.51
C GLN A 3296 -39.72 51.74 11.49
N VAL A 3297 -40.60 52.73 11.53
CA VAL A 3297 -40.42 53.90 12.38
C VAL A 3297 -40.40 53.49 13.85
N LEU A 3298 -41.32 52.60 14.24
CA LEU A 3298 -41.36 52.15 15.64
C LEU A 3298 -40.09 51.39 16.01
N THR A 3299 -39.62 50.50 15.13
CA THR A 3299 -38.42 49.72 15.43
C THR A 3299 -37.20 50.62 15.60
N VAL A 3300 -36.98 51.52 14.65
CA VAL A 3300 -35.79 52.37 14.77
C VAL A 3300 -35.97 53.46 15.83
N LEU A 3301 -37.22 53.79 16.21
CA LEU A 3301 -37.42 54.69 17.34
C LEU A 3301 -37.07 54.01 18.66
N LYS A 3302 -37.29 52.71 18.73
CA LYS A 3302 -36.82 52.00 19.94
C LYS A 3302 -35.29 52.05 19.86
N THR A 3303 -34.76 51.77 18.67
CA THR A 3303 -33.30 51.74 18.53
C THR A 3303 -32.64 53.03 18.99
N VAL A 3304 -33.20 54.19 18.60
CA VAL A 3304 -32.52 55.46 18.72
C VAL A 3304 -32.28 55.89 20.17
N SER A 3305 -32.97 55.29 21.13
CA SER A 3305 -32.85 55.76 22.56
C SER A 3305 -31.54 55.33 23.22
N LEU A 3306 -30.78 54.42 22.61
CA LEU A 3306 -29.58 53.90 23.26
C LEU A 3306 -28.28 54.43 22.68
N LEU A 3307 -28.32 55.20 21.59
CA LEU A 3307 -27.12 55.72 20.96
C LEU A 3307 -26.88 57.20 21.28
N ASP A 3308 -27.58 57.74 22.26
CA ASP A 3308 -27.44 59.14 22.67
C ASP A 3308 -27.35 59.24 24.19
N GLU A 3309 -26.48 58.41 24.78
CA GLU A 3309 -26.37 58.30 26.23
C GLU A 3309 -24.95 58.63 26.66
N ASN A 3310 -24.83 59.48 27.69
CA ASN A 3310 -23.51 59.91 28.14
C ASN A 3310 -22.75 58.80 28.87
N ASN A 3311 -23.48 57.86 29.49
CA ASN A 3311 -22.80 56.78 30.21
C ASN A 3311 -21.97 55.92 29.28
N VAL A 3312 -22.48 55.64 28.08
CA VAL A 3312 -21.69 54.95 27.07
C VAL A 3312 -20.83 55.90 26.25
N SER A 3313 -21.21 57.19 26.17
CA SER A 3313 -20.36 58.17 25.49
C SER A 3313 -19.04 58.36 26.22
N SER A 3314 -19.02 58.13 27.53
CA SER A 3314 -17.77 58.21 28.30
C SER A 3314 -16.76 57.18 27.80
N TYR A 3315 -17.22 55.96 27.53
CA TYR A 3315 -16.33 54.96 26.94
C TYR A 3315 -16.07 55.22 25.47
N LEU A 3316 -17.05 55.79 24.76
CA LEU A 3316 -16.86 56.13 23.35
C LEU A 3316 -15.78 57.19 23.18
N SER A 3317 -15.59 58.05 24.19
CA SER A 3317 -14.52 59.03 24.14
C SER A 3317 -13.14 58.40 24.28
N LYS A 3318 -13.07 57.16 24.76
CA LYS A 3318 -11.79 56.47 24.95
C LYS A 3318 -11.36 55.68 23.72
N ASN A 3319 -12.30 54.97 23.09
CA ASN A 3319 -12.02 54.16 21.92
C ASN A 3319 -12.60 54.83 20.68
N ILE A 3320 -11.79 54.96 19.64
CA ILE A 3320 -12.23 55.65 18.42
C ILE A 3320 -12.97 54.73 17.46
N LEU A 3321 -12.76 53.41 17.53
CA LEU A 3321 -13.46 52.50 16.63
C LEU A 3321 -14.94 52.39 17.00
N ALA A 3322 -15.23 52.23 18.29
CA ALA A 3322 -16.62 52.14 18.74
C ALA A 3322 -17.37 53.44 18.48
N PHE A 3323 -16.67 54.58 18.59
CA PHE A 3323 -17.29 55.87 18.29
C PHE A 3323 -17.72 55.94 16.83
N ARG A 3324 -16.83 55.51 15.92
CA ARG A 3324 -17.16 55.49 14.51
C ARG A 3324 -18.32 54.55 14.21
N ASP A 3325 -18.31 53.36 14.81
CA ASP A 3325 -19.38 52.39 14.56
C ASP A 3325 -20.72 52.90 15.10
N GLN A 3326 -20.71 53.51 16.29
CA GLN A 3326 -21.94 54.06 16.84
C GLN A 3326 -22.47 55.21 16.00
N ASN A 3327 -21.58 56.07 15.50
CA ASN A 3327 -22.01 57.15 14.62
C ASN A 3327 -22.60 56.60 13.33
N ILE A 3328 -21.99 55.54 12.78
CA ILE A 3328 -22.52 54.91 11.56
C ILE A 3328 -23.92 54.36 11.82
N LEU A 3329 -24.09 53.67 12.96
CA LEU A 3329 -25.39 53.08 13.28
C LEU A 3329 -26.46 54.14 13.48
N LEU A 3330 -26.12 55.24 14.18
CA LEU A 3330 -27.09 56.30 14.40
C LEU A 3330 -27.45 57.01 13.10
N GLY A 3331 -26.46 57.23 12.21
CA GLY A 3331 -26.77 57.79 10.91
C GLY A 3331 -27.67 56.88 10.08
N THR A 3332 -27.42 55.57 10.16
CA THR A 3332 -28.29 54.61 9.49
C THR A 3332 -29.71 54.68 10.03
N THR A 3333 -29.85 54.79 11.36
CA THR A 3333 -31.17 54.90 11.97
C THR A 3333 -31.90 56.15 11.49
N TYR A 3334 -31.21 57.29 11.47
CA TYR A 3334 -31.84 58.53 11.01
C TYR A 3334 -32.21 58.46 9.53
N ARG A 3335 -31.34 57.85 8.71
CA ARG A 3335 -31.65 57.67 7.31
C ARG A 3335 -32.87 56.80 7.11
N ILE A 3336 -32.99 55.73 7.90
CA ILE A 3336 -34.17 54.86 7.81
C ILE A 3336 -35.43 55.62 8.19
N ILE A 3337 -35.36 56.43 9.25
CA ILE A 3337 -36.50 57.23 9.66
C ILE A 3337 -36.93 58.17 8.53
N ALA A 3338 -35.96 58.89 7.95
CA ALA A 3338 -36.28 59.85 6.91
C ALA A 3338 -36.82 59.18 5.65
N ASN A 3339 -36.23 58.06 5.26
CA ASN A 3339 -36.69 57.35 4.06
C ASN A 3339 -38.09 56.77 4.27
N ALA A 3340 -38.37 56.26 5.47
CA ALA A 3340 -39.71 55.76 5.76
C ALA A 3340 -40.74 56.90 5.74
N LEU A 3341 -40.37 58.05 6.29
CA LEU A 3341 -41.30 59.18 6.28
C LEU A 3341 -41.54 59.71 4.87
N SER A 3342 -40.50 59.77 4.05
CA SER A 3342 -40.65 60.32 2.71
C SER A 3342 -41.48 59.42 1.80
N SER A 3343 -41.44 58.11 2.02
CA SER A 3343 -42.15 57.17 1.16
C SER A 3343 -43.60 56.99 1.56
N GLU A 3344 -44.07 57.62 2.64
CA GLU A 3344 -45.44 57.47 3.10
C GLU A 3344 -45.84 58.71 3.88
N PRO A 3345 -46.60 59.62 3.27
CA PRO A 3345 -47.15 60.74 4.03
C PRO A 3345 -48.18 60.27 5.05
N ALA A 3346 -48.35 61.08 6.10
CA ALA A 3346 -49.25 60.84 7.22
C ALA A 3346 -48.88 59.61 8.03
N CYS A 3347 -47.70 59.04 7.82
CA CYS A 3347 -47.24 57.95 8.66
C CYS A 3347 -47.04 58.41 10.10
N LEU A 3348 -46.55 59.64 10.27
CA LEU A 3348 -46.43 60.21 11.61
C LEU A 3348 -47.80 60.39 12.26
N ALA A 3349 -48.81 60.76 11.47
CA ALA A 3349 -50.16 60.86 12.01
C ALA A 3349 -50.77 59.50 12.29
N GLU A 3350 -50.30 58.44 11.63
CA GLU A 3350 -50.84 57.11 11.83
C GLU A 3350 -50.44 56.49 13.17
N ILE A 3351 -49.45 57.05 13.85
CA ILE A 3351 -48.94 56.49 15.10
C ILE A 3351 -49.33 57.46 16.21
N GLU A 3352 -49.35 56.97 17.45
CA GLU A 3352 -49.82 57.72 18.61
C GLU A 3352 -49.03 59.02 18.80
N GLU A 3353 -49.57 59.88 19.67
CA GLU A 3353 -49.05 61.24 19.82
C GLU A 3353 -47.65 61.26 20.44
N ASP A 3354 -47.35 60.31 21.33
CA ASP A 3354 -46.04 60.31 21.99
C ASP A 3354 -44.92 60.04 20.99
N LYS A 3355 -45.09 59.05 20.13
CA LYS A 3355 -44.08 58.74 19.13
C LYS A 3355 -43.93 59.88 18.13
N ALA A 3356 -45.04 60.49 17.71
CA ALA A 3356 -44.99 61.61 16.79
C ALA A 3356 -44.27 62.80 17.42
N ARG A 3357 -44.53 63.06 18.70
CA ARG A 3357 -43.84 64.14 19.40
C ARG A 3357 -42.35 63.85 19.53
N ARG A 3358 -41.98 62.59 19.79
CA ARG A 3358 -40.57 62.23 19.86
C ARG A 3358 -39.88 62.42 18.51
N ILE A 3359 -40.56 62.05 17.42
CA ILE A 3359 -40.00 62.25 16.08
C ILE A 3359 -39.86 63.73 15.78
N LEU A 3360 -40.86 64.54 16.17
CA LEU A 3360 -40.78 65.98 15.98
C LEU A 3360 -39.61 66.57 16.75
N GLU A 3361 -39.39 66.13 17.99
CA GLU A 3361 -38.26 66.61 18.77
C GLU A 3361 -36.94 66.18 18.14
N LEU A 3362 -36.85 64.94 17.67
CA LEU A 3362 -35.61 64.44 17.08
C LEU A 3362 -35.30 65.12 15.76
N SER A 3363 -36.32 65.57 15.03
CA SER A 3363 -36.09 66.24 13.75
C SER A 3363 -35.34 67.55 13.93
N GLY A 3364 -35.69 68.31 14.97
CA GLY A 3364 -35.04 69.59 15.20
C GLY A 3364 -35.53 70.73 14.34
N SER A 3365 -36.67 70.58 13.68
CA SER A 3365 -37.24 71.60 12.81
C SER A 3365 -38.29 72.40 13.57
N SER A 3366 -38.25 73.73 13.40
CA SER A 3366 -39.21 74.59 14.08
C SER A 3366 -40.61 74.43 13.51
N SER A 3367 -40.74 74.15 12.23
CA SER A 3367 -42.05 74.02 11.61
C SER A 3367 -42.71 72.70 12.03
N GLU A 3368 -44.00 72.59 11.74
CA GLU A 3368 -44.78 71.41 12.09
C GLU A 3368 -45.34 70.68 10.88
N ASP A 3369 -44.85 70.99 9.68
CA ASP A 3369 -45.31 70.31 8.48
C ASP A 3369 -44.56 69.00 8.30
N SER A 3370 -44.82 68.33 7.18
CA SER A 3370 -44.27 67.00 6.92
C SER A 3370 -42.97 67.02 6.13
N GLU A 3371 -42.48 68.20 5.71
CA GLU A 3371 -41.26 68.30 4.93
C GLU A 3371 -40.07 68.82 5.72
N LYS A 3372 -40.29 69.77 6.63
CA LYS A 3372 -39.19 70.29 7.44
C LYS A 3372 -38.63 69.21 8.35
N VAL A 3373 -39.50 68.35 8.90
CA VAL A 3373 -39.03 67.24 9.73
C VAL A 3373 -38.17 66.30 8.91
N ILE A 3374 -38.60 66.00 7.68
CA ILE A 3374 -37.84 65.10 6.81
C ILE A 3374 -36.48 65.70 6.50
N ALA A 3375 -36.45 67.00 6.19
CA ALA A 3375 -35.19 67.67 5.91
C ALA A 3375 -34.27 67.67 7.12
N GLY A 3376 -34.82 67.89 8.32
CA GLY A 3376 -34.01 67.86 9.52
C GLY A 3376 -33.44 66.49 9.82
N LEU A 3377 -34.25 65.44 9.63
CA LEU A 3377 -33.75 64.09 9.84
C LEU A 3377 -32.67 63.72 8.84
N TYR A 3378 -32.84 64.14 7.57
CA TYR A 3378 -31.80 63.93 6.57
C TYR A 3378 -30.52 64.66 6.94
N GLN A 3379 -30.65 65.90 7.44
CA GLN A 3379 -29.48 66.66 7.86
C GLN A 3379 -28.77 65.98 9.03
N ARG A 3380 -29.53 65.47 10.00
CA ARG A 3380 -28.91 64.77 11.13
C ARG A 3380 -28.23 63.49 10.68
N ALA A 3381 -28.83 62.76 9.75
CA ALA A 3381 -28.22 61.55 9.23
C ALA A 3381 -26.90 61.87 8.52
N PHE A 3382 -26.91 62.90 7.68
CA PHE A 3382 -25.68 63.30 6.99
C PHE A 3382 -24.63 63.77 7.99
N GLN A 3383 -25.05 64.49 9.03
CA GLN A 3383 -24.11 64.94 10.04
C GLN A 3383 -23.45 63.77 10.74
N HIS A 3384 -24.23 62.75 11.11
CA HIS A 3384 -23.66 61.60 11.81
C HIS A 3384 -22.75 60.78 10.89
N LEU A 3385 -23.14 60.62 9.62
CA LEU A 3385 -22.28 59.87 8.70
C LEU A 3385 -20.97 60.61 8.42
N SER A 3386 -21.04 61.93 8.25
CA SER A 3386 -19.82 62.72 8.06
C SER A 3386 -18.95 62.69 9.32
N GLU A 3387 -19.58 62.73 10.49
CA GLU A 3387 -18.83 62.61 11.74
C GLU A 3387 -18.12 61.27 11.83
N ALA A 3388 -18.81 60.20 11.43
CA ALA A 3388 -18.18 58.87 11.44
C ALA A 3388 -17.01 58.81 10.47
N VAL A 3389 -17.16 59.37 9.27
CA VAL A 3389 -16.06 59.31 8.30
C VAL A 3389 -14.89 60.18 8.76
N GLN A 3390 -15.17 61.32 9.41
CA GLN A 3390 -14.10 62.15 9.95
C GLN A 3390 -13.37 61.43 11.08
N ALA A 3391 -14.12 60.72 11.94
CA ALA A 3391 -13.49 59.94 13.00
C ALA A 3391 -12.62 58.83 12.42
N ALA A 3392 -13.09 58.19 11.35
CA ALA A 3392 -12.29 57.15 10.70
C ALA A 3392 -11.02 57.74 10.09
N GLU A 3393 -11.12 58.90 9.44
CA GLU A 3393 -9.99 59.48 8.74
C GLU A 3393 -8.97 60.12 9.69
N GLU A 3394 -9.42 60.60 10.85
CA GLU A 3394 -8.57 61.42 11.72
C GLU A 3394 -7.61 60.54 12.54
N GLU A 3395 -6.74 59.84 11.81
CA GLU A 3395 -5.66 59.03 12.39
C GLU A 3395 -6.19 58.03 13.41
N ALA A 3396 -7.32 57.40 13.08
CA ALA A 3396 -7.95 56.45 13.99
C ALA A 3396 -7.22 55.11 14.06
N GLN A 3397 -6.27 54.87 13.15
CA GLN A 3397 -5.62 53.57 13.07
C GLN A 3397 -4.28 53.75 12.37
N PRO A 3398 -3.36 52.81 12.54
CA PRO A 3398 -2.12 52.81 11.74
C PRO A 3398 -2.43 52.59 10.26
N PRO A 3399 -1.43 52.71 9.38
CA PRO A 3399 -1.69 52.42 7.95
C PRO A 3399 -2.29 51.04 7.70
N SER A 3400 -1.88 50.03 8.47
CA SER A 3400 -2.53 48.72 8.52
C SER A 3400 -2.60 48.08 7.13
N TRP A 3401 -1.42 47.72 6.64
CA TRP A 3401 -1.31 47.09 5.34
C TRP A 3401 -2.05 45.76 5.32
N SER A 3402 -2.36 45.31 4.10
CA SER A 3402 -3.15 44.11 3.79
C SER A 3402 -4.60 44.24 4.23
N CYS A 3403 -5.05 45.43 4.62
CA CYS A 3403 -6.45 45.73 4.91
C CYS A 3403 -7.01 44.83 6.02
N GLY A 3404 -6.34 44.85 7.17
CA GLY A 3404 -6.79 44.10 8.32
C GLY A 3404 -8.03 44.70 8.96
N PRO A 3405 -7.87 45.86 9.61
CA PRO A 3405 -9.03 46.52 10.23
C PRO A 3405 -9.73 47.49 9.28
N ALA A 3406 -9.46 47.36 7.98
CA ALA A 3406 -10.00 48.28 6.98
C ALA A 3406 -11.50 48.11 6.75
N ALA A 3407 -12.11 47.07 7.33
CA ALA A 3407 -13.54 46.82 7.11
C ALA A 3407 -14.39 47.98 7.62
N GLY A 3408 -14.08 48.50 8.81
CA GLY A 3408 -14.86 49.61 9.35
C GLY A 3408 -14.70 50.89 8.55
N VAL A 3409 -13.47 51.18 8.09
CA VAL A 3409 -13.24 52.36 7.28
C VAL A 3409 -13.97 52.26 5.96
N ILE A 3410 -13.93 51.07 5.34
CA ILE A 3410 -14.66 50.84 4.10
C ILE A 3410 -16.16 50.98 4.33
N ASP A 3411 -16.66 50.49 5.47
CA ASP A 3411 -18.07 50.61 5.79
C ASP A 3411 -18.49 52.07 5.92
N ALA A 3412 -17.67 52.87 6.60
CA ALA A 3412 -17.98 54.30 6.74
C ALA A 3412 -17.98 55.00 5.38
N TYR A 3413 -16.95 54.71 4.57
CA TYR A 3413 -16.87 55.31 3.24
C TYR A 3413 -18.09 54.97 2.40
N MET A 3414 -18.46 53.69 2.35
CA MET A 3414 -19.58 53.27 1.53
C MET A 3414 -20.90 53.78 2.07
N THR A 3415 -21.05 53.86 3.40
CA THR A 3415 -22.29 54.38 3.96
C THR A 3415 -22.50 55.84 3.58
N LEU A 3416 -21.48 56.67 3.79
CA LEU A 3416 -21.63 58.08 3.44
C LEU A 3416 -21.80 58.26 1.93
N ALA A 3417 -21.02 57.53 1.13
CA ALA A 3417 -21.11 57.65 -0.32
C ALA A 3417 -22.48 57.21 -0.83
N ASP A 3418 -23.01 56.11 -0.28
CA ASP A 3418 -24.31 55.63 -0.71
C ASP A 3418 -25.43 56.58 -0.31
N PHE A 3419 -25.36 57.15 0.89
CA PHE A 3419 -26.36 58.12 1.30
C PHE A 3419 -26.36 59.34 0.38
N CYS A 3420 -25.18 59.91 0.13
CA CYS A 3420 -25.11 61.08 -0.73
C CYS A 3420 -25.49 60.74 -2.17
N ASP A 3421 -25.13 59.54 -2.64
CA ASP A 3421 -25.48 59.14 -3.99
C ASP A 3421 -26.99 58.95 -4.14
N GLN A 3422 -27.64 58.36 -3.14
CA GLN A 3422 -29.10 58.23 -3.18
C GLN A 3422 -29.76 59.60 -3.14
N GLN A 3423 -29.21 60.53 -2.35
CA GLN A 3423 -29.75 61.89 -2.35
C GLN A 3423 -29.60 62.54 -3.71
N LEU A 3424 -28.45 62.34 -4.37
CA LEU A 3424 -28.26 62.90 -5.71
C LEU A 3424 -29.20 62.28 -6.73
N ARG A 3425 -29.43 60.96 -6.63
CA ARG A 3425 -30.38 60.30 -7.52
C ARG A 3425 -31.79 60.81 -7.31
N LYS A 3426 -32.18 61.05 -6.05
CA LYS A 3426 -33.53 61.52 -5.77
C LYS A 3426 -33.79 62.89 -6.37
N GLU A 3427 -32.75 63.73 -6.49
CA GLU A 3427 -32.92 65.04 -7.09
C GLU A 3427 -33.07 64.96 -8.61
N GLU A 3428 -32.42 63.99 -9.24
CA GLU A 3428 -32.47 63.88 -10.70
C GLU A 3428 -33.79 63.31 -11.19
N GLU A 3429 -34.41 62.41 -10.42
CA GLU A 3429 -35.63 61.75 -10.89
C GLU A 3429 -36.80 62.73 -10.98
N ASN A 3430 -37.15 63.35 -9.85
CA ASN A 3430 -38.26 64.30 -9.81
C ASN A 3430 -37.74 65.71 -10.09
N ALA A 3431 -38.56 66.51 -10.77
CA ALA A 3431 -38.19 67.88 -11.07
C ALA A 3431 -38.04 68.68 -9.79
N SER A 3432 -36.99 69.49 -9.73
CA SER A 3432 -36.63 70.23 -8.52
C SER A 3432 -37.12 71.66 -8.62
N VAL A 3433 -37.78 72.12 -7.56
CA VAL A 3433 -38.21 73.50 -7.45
C VAL A 3433 -37.36 74.30 -6.46
N ILE A 3434 -36.88 73.67 -5.39
CA ILE A 3434 -36.00 74.33 -4.43
C ILE A 3434 -34.59 74.39 -5.00
N ASP A 3435 -33.85 75.43 -4.61
CA ASP A 3435 -32.49 75.60 -5.11
C ASP A 3435 -31.59 74.45 -4.66
N SER A 3436 -31.73 74.01 -3.40
CA SER A 3436 -30.94 72.91 -2.83
C SER A 3436 -29.44 73.18 -2.95
N ALA A 3437 -29.04 74.38 -2.52
CA ALA A 3437 -27.64 74.79 -2.60
C ALA A 3437 -26.75 73.99 -1.66
N GLU A 3438 -27.33 73.31 -0.67
CA GLU A 3438 -26.55 72.51 0.28
C GLU A 3438 -25.99 71.23 -0.33
N LEU A 3439 -26.40 70.88 -1.55
CA LEU A 3439 -25.96 69.65 -2.20
C LEU A 3439 -24.68 69.84 -3.00
N GLN A 3440 -24.07 71.03 -2.97
CA GLN A 3440 -22.85 71.27 -3.73
C GLN A 3440 -21.68 70.45 -3.23
N ALA A 3441 -21.71 70.01 -1.98
CA ALA A 3441 -20.64 69.19 -1.41
C ALA A 3441 -20.91 67.70 -1.54
N TYR A 3442 -22.04 67.31 -2.15
CA TYR A 3442 -22.37 65.89 -2.25
C TYR A 3442 -21.55 65.15 -3.30
N PRO A 3443 -21.49 65.59 -4.58
CA PRO A 3443 -20.82 64.74 -5.58
C PRO A 3443 -19.33 64.61 -5.38
N ALA A 3444 -18.66 65.68 -4.96
CA ALA A 3444 -17.23 65.60 -4.66
C ALA A 3444 -16.99 64.64 -3.50
N LEU A 3445 -17.86 64.66 -2.49
CA LEU A 3445 -17.76 63.72 -1.38
C LEU A 3445 -17.91 62.29 -1.88
N VAL A 3446 -18.90 62.05 -2.74
CA VAL A 3446 -19.13 60.71 -3.28
C VAL A 3446 -17.89 60.22 -4.01
N VAL A 3447 -17.37 61.05 -4.93
CA VAL A 3447 -16.23 60.65 -5.75
C VAL A 3447 -15.02 60.37 -4.86
N GLU A 3448 -14.72 61.28 -3.94
CA GLU A 3448 -13.52 61.15 -3.12
C GLU A 3448 -13.59 59.92 -2.22
N LYS A 3449 -14.71 59.75 -1.50
CA LYS A 3449 -14.80 58.64 -0.56
C LYS A 3449 -14.88 57.29 -1.29
N MET A 3450 -15.59 57.25 -2.43
CA MET A 3450 -15.57 56.03 -3.23
C MET A 3450 -14.18 55.71 -3.74
N LEU A 3451 -13.37 56.74 -4.03
CA LEU A 3451 -12.01 56.46 -4.50
C LEU A 3451 -11.13 55.92 -3.37
N LYS A 3452 -11.27 56.45 -2.14
CA LYS A 3452 -10.52 55.84 -1.03
C LYS A 3452 -11.01 54.41 -0.77
N ALA A 3453 -12.31 54.16 -0.89
CA ALA A 3453 -12.82 52.81 -0.70
C ALA A 3453 -12.28 51.86 -1.76
N LEU A 3454 -12.19 52.32 -3.01
CA LEU A 3454 -11.60 51.51 -4.07
C LEU A 3454 -10.13 51.26 -3.81
N LYS A 3455 -9.42 52.27 -3.27
CA LYS A 3455 -8.04 52.08 -2.87
C LYS A 3455 -7.92 51.00 -1.80
N LEU A 3456 -8.85 50.97 -0.85
CA LEU A 3456 -8.85 50.00 0.24
C LEU A 3456 -9.36 48.62 -0.19
N ASN A 3457 -9.45 48.37 -1.50
CA ASN A 3457 -9.86 47.07 -2.05
C ASN A 3457 -11.28 46.69 -1.61
N SER A 3458 -12.24 47.52 -2.02
CA SER A 3458 -13.66 47.26 -1.80
C SER A 3458 -14.29 46.79 -3.10
N ASN A 3459 -14.93 45.62 -3.06
CA ASN A 3459 -15.60 45.09 -4.25
C ASN A 3459 -16.78 45.97 -4.65
N GLU A 3460 -17.52 46.47 -3.66
CA GLU A 3460 -18.69 47.29 -3.93
C GLU A 3460 -18.32 48.57 -4.68
N ALA A 3461 -17.22 49.21 -4.30
CA ALA A 3461 -16.74 50.36 -5.04
C ALA A 3461 -16.34 49.98 -6.46
N ARG A 3462 -15.75 48.79 -6.63
CA ARG A 3462 -15.33 48.34 -7.95
C ARG A 3462 -16.53 48.13 -8.88
N LEU A 3463 -17.63 47.58 -8.36
CA LEU A 3463 -18.85 47.46 -9.16
C LEU A 3463 -19.65 48.76 -9.23
N LYS A 3464 -19.36 49.74 -8.37
CA LYS A 3464 -20.02 51.03 -8.41
C LYS A 3464 -19.17 52.11 -9.08
N PHE A 3465 -18.05 51.72 -9.72
CA PHE A 3465 -17.19 52.69 -10.39
C PHE A 3465 -17.88 53.52 -11.47
N PRO A 3466 -18.68 52.96 -12.40
CA PRO A 3466 -19.22 53.80 -13.48
C PRO A 3466 -20.14 54.93 -13.01
N ARG A 3467 -20.71 54.82 -11.81
CA ARG A 3467 -21.47 55.94 -11.25
C ARG A 3467 -20.59 57.16 -11.08
N LEU A 3468 -19.31 56.96 -10.76
CA LEU A 3468 -18.39 58.09 -10.65
C LEU A 3468 -18.19 58.77 -12.00
N LEU A 3469 -18.08 57.99 -13.07
CA LEU A 3469 -17.98 58.57 -14.41
C LEU A 3469 -19.25 59.32 -14.79
N GLN A 3470 -20.41 58.77 -14.42
CA GLN A 3470 -21.67 59.47 -14.67
C GLN A 3470 -21.73 60.79 -13.89
N ILE A 3471 -21.23 60.78 -12.66
CA ILE A 3471 -21.19 62.01 -11.86
C ILE A 3471 -20.25 63.03 -12.50
N ILE A 3472 -19.11 62.57 -13.01
CA ILE A 3472 -18.18 63.46 -13.71
C ILE A 3472 -18.85 64.08 -14.92
N GLU A 3473 -19.59 63.27 -15.68
CA GLU A 3473 -20.32 63.80 -16.83
C GLU A 3473 -21.37 64.82 -16.42
N ARG A 3474 -22.12 64.53 -15.35
CA ARG A 3474 -23.22 65.40 -14.95
C ARG A 3474 -22.71 66.70 -14.34
N TYR A 3475 -21.73 66.61 -13.44
CA TYR A 3475 -21.23 67.74 -12.66
C TYR A 3475 -19.72 67.83 -12.88
N PRO A 3476 -19.27 68.37 -14.02
CA PRO A 3476 -17.84 68.37 -14.34
C PRO A 3476 -16.99 69.23 -13.43
N GLU A 3477 -17.33 70.52 -13.30
CA GLU A 3477 -16.44 71.44 -12.59
C GLU A 3477 -16.36 71.18 -11.10
N GLU A 3478 -17.30 70.43 -10.54
CA GLU A 3478 -17.23 70.11 -9.11
C GLU A 3478 -16.11 69.12 -8.81
N THR A 3479 -15.96 68.08 -9.65
CA THR A 3479 -15.13 66.95 -9.26
C THR A 3479 -14.23 66.39 -10.36
N LEU A 3480 -14.15 67.02 -11.54
CA LEU A 3480 -13.31 66.47 -12.60
C LEU A 3480 -11.84 66.48 -12.20
N SER A 3481 -11.35 67.64 -11.74
CA SER A 3481 -9.96 67.72 -11.29
C SER A 3481 -9.74 66.89 -10.03
N LEU A 3482 -10.75 66.80 -9.16
CA LEU A 3482 -10.62 66.00 -7.95
C LEU A 3482 -10.41 64.52 -8.30
N MET A 3483 -11.21 64.01 -9.25
CA MET A 3483 -11.01 62.64 -9.69
C MET A 3483 -9.67 62.47 -10.40
N THR A 3484 -9.31 63.42 -11.27
CA THR A 3484 -8.05 63.32 -12.00
C THR A 3484 -6.86 63.25 -11.06
N LYS A 3485 -6.91 64.01 -9.95
CA LYS A 3485 -5.85 63.93 -8.95
C LYS A 3485 -5.94 62.62 -8.16
N GLU A 3486 -7.16 62.19 -7.82
CA GLU A 3486 -7.33 61.07 -6.92
C GLU A 3486 -7.35 59.71 -7.63
N ILE A 3487 -7.74 59.66 -8.90
CA ILE A 3487 -7.75 58.39 -9.62
C ILE A 3487 -6.35 57.92 -9.95
N SER A 3488 -5.35 58.81 -9.86
CA SER A 3488 -4.00 58.44 -10.25
C SER A 3488 -3.31 57.55 -9.22
N SER A 3489 -3.86 57.44 -8.02
CA SER A 3489 -3.25 56.63 -6.97
C SER A 3489 -3.90 55.27 -6.81
N VAL A 3490 -5.07 55.05 -7.41
CA VAL A 3490 -5.71 53.73 -7.36
C VAL A 3490 -4.91 52.75 -8.20
N PRO A 3491 -4.79 51.49 -7.81
CA PRO A 3491 -4.11 50.50 -8.67
C PRO A 3491 -4.80 50.37 -10.02
N CYS A 3492 -3.98 50.16 -11.06
CA CYS A 3492 -4.50 50.15 -12.41
C CYS A 3492 -5.35 48.90 -12.70
N TRP A 3493 -5.06 47.79 -12.02
CA TRP A 3493 -5.75 46.54 -12.29
C TRP A 3493 -7.14 46.47 -11.66
N GLN A 3494 -7.62 47.56 -11.06
CA GLN A 3494 -8.96 47.62 -10.50
C GLN A 3494 -9.97 48.19 -11.49
N PHE A 3495 -9.55 48.51 -12.71
CA PHE A 3495 -10.44 49.06 -13.73
C PHE A 3495 -10.57 48.14 -14.94
N ILE A 3496 -10.14 46.89 -14.82
CA ILE A 3496 -10.21 45.95 -15.94
C ILE A 3496 -11.67 45.62 -16.27
N SER A 3497 -12.51 45.52 -15.24
CA SER A 3497 -13.91 45.16 -15.45
C SER A 3497 -14.64 46.22 -16.29
N TRP A 3498 -14.37 47.50 -16.03
CA TRP A 3498 -14.98 48.59 -16.77
C TRP A 3498 -14.02 49.20 -17.79
N ILE A 3499 -13.22 48.35 -18.43
CA ILE A 3499 -12.26 48.82 -19.44
C ILE A 3499 -12.97 49.35 -20.67
N SER A 3500 -14.13 48.78 -21.03
CA SER A 3500 -14.84 49.23 -22.23
C SER A 3500 -15.35 50.65 -22.07
N HIS A 3501 -15.90 50.99 -20.90
CA HIS A 3501 -16.35 52.35 -20.64
C HIS A 3501 -15.16 53.32 -20.69
N MET A 3502 -14.04 52.93 -20.10
CA MET A 3502 -12.88 53.82 -20.05
C MET A 3502 -12.29 54.07 -21.44
N VAL A 3503 -12.28 53.05 -22.31
CA VAL A 3503 -11.80 53.27 -23.67
C VAL A 3503 -12.85 53.94 -24.55
N ALA A 3504 -14.14 53.83 -24.21
CA ALA A 3504 -15.17 54.56 -24.91
C ALA A 3504 -15.37 55.97 -24.38
N LEU A 3505 -14.63 56.36 -23.34
CA LEU A 3505 -14.67 57.69 -22.77
C LEU A 3505 -13.33 58.40 -23.01
N LEU A 3506 -12.82 58.27 -24.23
CA LEU A 3506 -11.55 58.87 -24.62
C LEU A 3506 -11.68 60.02 -25.61
N ASP A 3507 -12.71 60.00 -26.46
CA ASP A 3507 -12.94 61.07 -27.42
C ASP A 3507 -13.86 62.16 -26.88
N LYS A 3508 -14.30 62.04 -25.63
CA LYS A 3508 -15.15 63.05 -25.00
C LYS A 3508 -14.30 64.08 -24.26
N ASP A 3509 -14.95 65.18 -23.88
CA ASP A 3509 -14.24 66.24 -23.17
C ASP A 3509 -13.76 65.78 -21.80
N GLN A 3510 -14.59 65.00 -21.10
CA GLN A 3510 -14.26 64.51 -19.76
C GLN A 3510 -13.43 63.24 -19.80
N ALA A 3511 -12.32 63.28 -20.55
CA ALA A 3511 -11.46 62.11 -20.73
C ALA A 3511 -10.14 62.21 -20.00
N VAL A 3512 -9.78 63.38 -19.48
CA VAL A 3512 -8.46 63.58 -18.88
C VAL A 3512 -8.26 62.70 -17.65
N ALA A 3513 -9.35 62.35 -16.96
CA ALA A 3513 -9.23 61.56 -15.74
C ALA A 3513 -8.68 60.16 -16.01
N VAL A 3514 -9.13 59.52 -17.10
CA VAL A 3514 -8.82 58.11 -17.33
C VAL A 3514 -7.58 57.90 -18.19
N GLN A 3515 -6.92 58.98 -18.64
CA GLN A 3515 -5.74 58.82 -19.48
C GLN A 3515 -4.61 58.12 -18.72
N HIS A 3516 -4.38 58.51 -17.47
CA HIS A 3516 -3.35 57.86 -16.67
C HIS A 3516 -3.66 56.40 -16.44
N SER A 3517 -4.92 56.07 -16.17
CA SER A 3517 -5.30 54.68 -15.93
C SER A 3517 -5.11 53.83 -17.17
N VAL A 3518 -5.56 54.32 -18.33
CA VAL A 3518 -5.42 53.54 -19.55
C VAL A 3518 -3.94 53.42 -19.95
N GLU A 3519 -3.15 54.46 -19.72
CA GLU A 3519 -1.71 54.36 -19.99
C GLU A 3519 -1.05 53.33 -19.07
N GLU A 3520 -1.46 53.30 -17.80
CA GLU A 3520 -0.88 52.33 -16.86
C GLU A 3520 -1.22 50.90 -17.26
N ILE A 3521 -2.49 50.64 -17.60
CA ILE A 3521 -2.85 49.27 -17.96
C ILE A 3521 -2.25 48.89 -19.31
N THR A 3522 -2.10 49.86 -20.23
CA THR A 3522 -1.39 49.57 -21.47
C THR A 3522 0.07 49.23 -21.21
N ASP A 3523 0.68 49.86 -20.20
CA ASP A 3523 2.06 49.55 -19.87
C ASP A 3523 2.18 48.20 -19.17
N ASN A 3524 1.16 47.79 -18.43
CA ASN A 3524 1.22 46.54 -17.68
C ASN A 3524 0.49 45.37 -18.37
N TYR A 3525 -0.77 45.55 -18.73
CA TYR A 3525 -1.60 44.48 -19.29
C TYR A 3525 -2.10 44.90 -20.66
N PRO A 3526 -1.38 44.59 -21.74
CA PRO A 3526 -1.68 45.18 -23.05
C PRO A 3526 -2.68 44.41 -23.91
N GLN A 3527 -3.45 43.49 -23.32
CA GLN A 3527 -4.41 42.71 -24.08
C GLN A 3527 -5.85 42.98 -23.68
N ALA A 3528 -6.14 42.94 -22.37
CA ALA A 3528 -7.45 43.35 -21.87
C ALA A 3528 -7.76 44.79 -22.21
N ILE A 3529 -6.75 45.60 -22.51
CA ILE A 3529 -6.98 46.91 -23.10
C ILE A 3529 -7.06 46.84 -24.63
N VAL A 3530 -6.33 45.93 -25.27
CA VAL A 3530 -6.24 46.03 -26.73
C VAL A 3530 -7.54 45.58 -27.39
N TYR A 3531 -8.25 44.59 -26.83
CA TYR A 3531 -9.48 44.16 -27.49
C TYR A 3531 -10.58 45.22 -27.44
N PRO A 3532 -10.96 45.78 -26.27
CA PRO A 3532 -11.95 46.86 -26.29
C PRO A 3532 -11.46 48.10 -27.04
N PHE A 3533 -10.16 48.36 -27.06
CA PHE A 3533 -9.65 49.51 -27.80
C PHE A 3533 -9.88 49.35 -29.30
N ILE A 3534 -9.63 48.15 -29.83
CA ILE A 3534 -9.92 47.89 -31.24
C ILE A 3534 -11.42 47.95 -31.49
N ILE A 3535 -12.23 47.49 -30.54
CA ILE A 3535 -13.68 47.60 -30.70
C ILE A 3535 -14.11 49.06 -30.78
N SER A 3536 -13.58 49.89 -29.89
CA SER A 3536 -14.02 51.29 -29.80
C SER A 3536 -13.45 52.17 -30.90
N SER A 3537 -12.22 51.92 -31.34
CA SER A 3537 -11.53 52.81 -32.28
C SER A 3537 -12.16 52.80 -33.67
N GLU A 3538 -13.06 51.85 -33.95
CA GLU A 3538 -13.73 51.84 -35.25
C GLU A 3538 -14.57 53.08 -35.45
N SER A 3539 -15.26 53.54 -34.41
CA SER A 3539 -16.11 54.72 -34.46
C SER A 3539 -15.59 55.75 -33.46
N TYR A 3540 -14.86 56.74 -33.97
CA TYR A 3540 -14.33 57.84 -33.17
C TYR A 3540 -14.64 59.17 -33.84
N SER A 3541 -14.42 60.23 -33.08
CA SER A 3541 -14.53 61.60 -33.58
C SER A 3541 -13.65 62.49 -32.72
N PHE A 3542 -13.30 63.66 -33.26
CA PHE A 3542 -12.44 64.59 -32.55
C PHE A 3542 -12.81 66.01 -32.93
N LYS A 3543 -12.80 66.90 -31.94
CA LYS A 3543 -13.11 68.29 -32.16
C LYS A 3543 -11.88 69.05 -32.67
N ASP A 3544 -12.11 70.29 -33.08
CA ASP A 3544 -11.04 71.14 -33.62
C ASP A 3544 -10.34 71.97 -32.54
N THR A 3545 -10.74 71.83 -31.28
CA THR A 3545 -10.12 72.59 -30.20
C THR A 3545 -8.80 71.93 -29.79
N SER A 3546 -8.09 72.58 -28.86
CA SER A 3546 -6.82 72.05 -28.38
C SER A 3546 -7.03 70.74 -27.61
N THR A 3547 -8.12 70.65 -26.84
CA THR A 3547 -8.40 69.41 -26.12
C THR A 3547 -8.66 68.25 -27.07
N GLY A 3548 -9.35 68.52 -28.19
CA GLY A 3548 -9.57 67.48 -29.18
C GLY A 3548 -8.27 67.00 -29.81
N HIS A 3549 -7.36 67.92 -30.10
CA HIS A 3549 -6.07 67.53 -30.64
C HIS A 3549 -5.25 66.76 -29.63
N LYS A 3550 -5.33 67.14 -28.34
CA LYS A 3550 -4.64 66.38 -27.30
C LYS A 3550 -5.20 64.97 -27.20
N ASN A 3551 -6.52 64.82 -27.28
CA ASN A 3551 -7.13 63.49 -27.26
C ASN A 3551 -6.71 62.68 -28.48
N LYS A 3552 -6.65 63.32 -29.65
CA LYS A 3552 -6.20 62.62 -30.85
C LYS A 3552 -4.76 62.14 -30.72
N GLU A 3553 -3.88 62.99 -30.17
CA GLU A 3553 -2.50 62.59 -29.95
C GLU A 3553 -2.40 61.44 -28.96
N PHE A 3554 -3.19 61.49 -27.88
CA PHE A 3554 -3.17 60.42 -26.89
C PHE A 3554 -3.65 59.10 -27.47
N VAL A 3555 -4.72 59.16 -28.29
CA VAL A 3555 -5.21 57.96 -28.95
C VAL A 3555 -4.16 57.41 -29.92
N ALA A 3556 -3.43 58.31 -30.59
CA ALA A 3556 -2.36 57.88 -31.48
C ALA A 3556 -1.25 57.16 -30.72
N ARG A 3557 -0.85 57.69 -29.57
CA ARG A 3557 0.16 57.01 -28.76
C ARG A 3557 -0.34 55.66 -28.24
N ILE A 3558 -1.60 55.60 -27.81
CA ILE A 3558 -2.15 54.34 -27.31
C ILE A 3558 -2.17 53.30 -28.42
N LYS A 3559 -2.59 53.71 -29.62
CA LYS A 3559 -2.56 52.80 -30.77
C LYS A 3559 -1.14 52.37 -31.11
N SER A 3560 -0.18 53.29 -30.99
CA SER A 3560 1.21 52.95 -31.29
C SER A 3560 1.75 51.90 -30.33
N LYS A 3561 1.47 52.04 -29.03
CA LYS A 3561 1.92 51.02 -28.09
C LYS A 3561 1.07 49.75 -28.14
N LEU A 3562 -0.13 49.81 -28.72
CA LEU A 3562 -1.01 48.66 -28.75
C LEU A 3562 -0.93 47.86 -30.04
N ASP A 3563 -0.47 48.47 -31.13
CA ASP A 3563 -0.41 47.79 -32.43
C ASP A 3563 0.91 47.07 -32.67
N GLN A 3564 1.80 47.05 -31.67
CA GLN A 3564 3.08 46.37 -31.84
C GLN A 3564 2.88 44.86 -31.94
N GLY A 3565 3.82 44.21 -32.60
CA GLY A 3565 3.77 42.76 -32.81
C GLY A 3565 3.01 42.30 -34.03
N GLY A 3566 1.75 42.72 -34.17
CA GLY A 3566 0.93 42.33 -35.29
C GLY A 3566 0.26 40.98 -35.17
N VAL A 3567 0.47 40.27 -34.06
CA VAL A 3567 -0.14 38.96 -33.88
C VAL A 3567 -1.65 39.09 -33.75
N ILE A 3568 -2.12 40.15 -33.10
CA ILE A 3568 -3.56 40.32 -32.86
C ILE A 3568 -4.30 40.49 -34.17
N GLN A 3569 -3.75 41.29 -35.10
CA GLN A 3569 -4.42 41.49 -36.38
C GLN A 3569 -4.39 40.23 -37.22
N ASP A 3570 -3.29 39.47 -37.15
CA ASP A 3570 -3.23 38.19 -37.85
C ASP A 3570 -4.27 37.23 -37.32
N PHE A 3571 -4.44 37.17 -35.99
CA PHE A 3571 -5.47 36.33 -35.39
C PHE A 3571 -6.86 36.78 -35.84
N ILE A 3572 -7.09 38.08 -35.87
CA ILE A 3572 -8.39 38.61 -36.26
C ILE A 3572 -8.71 38.25 -37.70
N ASN A 3573 -7.73 38.40 -38.60
CA ASN A 3573 -7.96 38.05 -40.00
C ASN A 3573 -8.16 36.56 -40.18
N ALA A 3574 -7.38 35.74 -39.46
CA ALA A 3574 -7.54 34.29 -39.56
C ALA A 3574 -8.90 33.84 -39.08
N LEU A 3575 -9.40 34.44 -37.99
CA LEU A 3575 -10.74 34.10 -37.52
C LEU A 3575 -11.81 34.65 -38.46
N ASP A 3576 -11.55 35.77 -39.13
CA ASP A 3576 -12.50 36.32 -40.08
C ASP A 3576 -12.58 35.48 -41.35
N GLN A 3577 -11.51 34.77 -41.69
CA GLN A 3577 -11.57 33.88 -42.85
C GLN A 3577 -12.47 32.68 -42.64
N LEU A 3578 -12.84 32.38 -41.39
CA LEU A 3578 -13.80 31.32 -41.12
C LEU A 3578 -15.23 31.73 -41.38
N SER A 3579 -15.49 33.02 -41.62
CA SER A 3579 -16.85 33.49 -41.85
C SER A 3579 -17.38 32.99 -43.18
N ASN A 3580 -18.68 32.73 -43.21
CA ASN A 3580 -19.36 32.32 -44.43
C ASN A 3580 -19.32 33.47 -45.42
N PRO A 3581 -18.77 33.29 -46.62
CA PRO A 3581 -18.51 34.44 -47.50
C PRO A 3581 -19.67 34.89 -48.36
N GLU A 3582 -20.89 34.42 -48.13
CA GLU A 3582 -22.08 35.02 -48.72
C GLU A 3582 -22.96 35.71 -47.71
N LEU A 3583 -22.94 35.27 -46.44
CA LEU A 3583 -23.70 35.95 -45.40
C LEU A 3583 -23.19 37.38 -45.21
N LEU A 3584 -21.87 37.57 -45.31
CA LEU A 3584 -21.31 38.92 -45.29
C LEU A 3584 -21.90 39.78 -46.42
N PHE A 3585 -22.18 39.16 -47.56
CA PHE A 3585 -22.88 39.88 -48.62
C PHE A 3585 -24.37 40.02 -48.32
N LYS A 3586 -24.95 39.04 -47.62
CA LYS A 3586 -26.36 39.12 -47.27
C LYS A 3586 -26.65 40.30 -46.35
N ASP A 3587 -25.75 40.53 -45.38
CA ASP A 3587 -25.88 41.72 -44.53
C ASP A 3587 -25.69 43.00 -45.34
N TRP A 3588 -25.03 42.91 -46.50
CA TRP A 3588 -25.04 44.03 -47.44
C TRP A 3588 -26.45 44.38 -47.87
N SER A 3589 -27.26 43.36 -48.18
CA SER A 3589 -28.67 43.59 -48.44
C SER A 3589 -29.38 44.20 -47.24
N ASN A 3590 -28.80 44.06 -46.05
CA ASN A 3590 -29.31 44.68 -44.84
C ASN A 3590 -28.78 46.10 -44.62
N ASP A 3591 -27.69 46.47 -45.29
CA ASP A 3591 -27.02 47.75 -45.02
C ASP A 3591 -27.37 48.81 -46.06
N VAL A 3592 -27.06 48.56 -47.33
CA VAL A 3592 -27.27 49.57 -48.35
C VAL A 3592 -28.75 49.77 -48.65
N ARG A 3593 -29.61 48.82 -48.29
CA ARG A 3593 -31.05 49.06 -48.37
C ARG A 3593 -31.45 50.20 -47.45
N ALA A 3594 -30.72 50.39 -46.34
CA ALA A 3594 -30.95 51.56 -45.50
C ALA A 3594 -30.61 52.84 -46.25
N GLU A 3595 -29.58 52.79 -47.11
CA GLU A 3595 -29.28 53.94 -47.96
C GLU A 3595 -30.36 54.16 -48.99
N LEU A 3596 -30.86 53.06 -49.57
CA LEU A 3596 -31.88 53.16 -50.64
C LEU A 3596 -33.07 53.98 -50.15
N ALA A 3597 -33.43 55.05 -50.87
CA ALA A 3597 -34.60 55.90 -50.52
C ALA A 3597 -34.17 56.92 -49.46
N LYS A 3598 -35.10 57.80 -49.06
CA LYS A 3598 -34.79 58.77 -47.98
C LYS A 3598 -33.54 59.53 -48.41
N THR A 3599 -32.55 59.65 -47.53
CA THR A 3599 -31.25 60.24 -47.93
C THR A 3599 -31.44 61.62 -48.57
N PRO A 3600 -32.31 62.54 -48.04
CA PRO A 3600 -32.41 63.87 -48.61
C PRO A 3600 -30.95 64.23 -48.87
N VAL A 3601 -30.05 63.70 -48.03
CA VAL A 3601 -28.63 63.90 -48.25
C VAL A 3601 -27.99 62.51 -48.31
N ASN A 3602 -27.49 62.14 -49.50
CA ASN A 3602 -26.90 60.81 -49.67
C ASN A 3602 -25.55 60.71 -48.98
N LYS A 3603 -24.77 61.79 -48.97
CA LYS A 3603 -23.46 61.89 -48.34
C LYS A 3603 -22.43 60.98 -48.99
N LYS A 3604 -21.16 61.17 -48.66
CA LYS A 3604 -20.06 60.38 -49.19
C LYS A 3604 -19.55 59.33 -48.21
N ASN A 3605 -20.33 59.02 -47.17
CA ASN A 3605 -19.90 58.09 -46.13
C ASN A 3605 -19.85 56.65 -46.61
N ILE A 3606 -20.36 56.35 -47.81
CA ILE A 3606 -20.42 54.98 -48.31
C ILE A 3606 -19.08 54.65 -48.98
N GLU A 3607 -18.13 55.59 -48.92
CA GLU A 3607 -16.83 55.34 -49.50
C GLU A 3607 -16.03 54.30 -48.73
N LYS A 3608 -16.26 54.19 -47.41
CA LYS A 3608 -15.59 53.15 -46.63
C LYS A 3608 -16.22 51.78 -46.84
N MET A 3609 -17.47 51.73 -47.30
CA MET A 3609 -18.14 50.45 -47.55
C MET A 3609 -17.41 49.64 -48.61
N TYR A 3610 -17.10 50.27 -49.75
CA TYR A 3610 -16.46 49.55 -50.84
C TYR A 3610 -15.05 49.13 -50.47
N GLU A 3611 -14.33 49.96 -49.71
CA GLU A 3611 -13.03 49.56 -49.19
C GLU A 3611 -13.14 48.38 -48.23
N ARG A 3612 -14.16 48.38 -47.38
CA ARG A 3612 -14.36 47.27 -46.45
C ARG A 3612 -14.63 45.96 -47.18
N MET A 3613 -15.46 45.99 -48.22
CA MET A 3613 -15.69 44.76 -48.99
C MET A 3613 -14.44 44.35 -49.78
N TYR A 3614 -13.84 45.29 -50.51
CA TYR A 3614 -12.75 44.93 -51.41
C TYR A 3614 -11.51 44.50 -50.63
N ALA A 3615 -11.41 44.90 -49.36
CA ALA A 3615 -10.35 44.39 -48.50
C ALA A 3615 -10.66 42.99 -47.98
N ALA A 3616 -11.91 42.52 -48.14
CA ALA A 3616 -12.31 41.22 -47.62
C ALA A 3616 -13.01 40.32 -48.64
N LEU A 3617 -13.58 40.88 -49.71
CA LEU A 3617 -14.31 40.08 -50.67
C LEU A 3617 -13.81 40.32 -52.09
N GLY A 3618 -13.35 41.53 -52.38
CA GLY A 3618 -12.99 41.90 -53.74
C GLY A 3618 -11.53 41.74 -54.10
N ASP A 3619 -10.66 41.60 -53.12
CA ASP A 3619 -9.23 41.51 -53.40
C ASP A 3619 -8.87 40.10 -53.86
N PRO A 3620 -8.26 39.93 -55.03
CA PRO A 3620 -7.82 38.58 -55.44
C PRO A 3620 -6.75 37.99 -54.54
N LYS A 3621 -6.02 38.80 -53.79
CA LYS A 3621 -4.97 38.29 -52.90
C LYS A 3621 -4.92 39.15 -51.65
N ALA A 3622 -5.30 38.56 -50.52
CA ALA A 3622 -5.33 39.24 -49.23
C ALA A 3622 -4.56 38.43 -48.21
N PRO A 3623 -4.00 39.07 -47.18
CA PRO A 3623 -3.29 38.32 -46.14
C PRO A 3623 -4.22 37.36 -45.41
N GLY A 3624 -3.72 36.16 -45.16
CA GLY A 3624 -4.48 35.14 -44.49
C GLY A 3624 -5.55 34.46 -45.32
N LEU A 3625 -5.59 34.74 -46.63
CA LEU A 3625 -6.66 34.23 -47.47
C LEU A 3625 -6.52 32.72 -47.66
N GLY A 3626 -7.63 32.00 -47.49
CA GLY A 3626 -7.68 30.57 -47.72
C GLY A 3626 -8.19 30.22 -49.10
N ALA A 3627 -8.38 28.92 -49.31
CA ALA A 3627 -8.83 28.43 -50.61
C ALA A 3627 -10.33 28.67 -50.83
N PHE A 3628 -11.13 28.62 -49.76
CA PHE A 3628 -12.58 28.80 -49.89
C PHE A 3628 -12.91 30.21 -50.36
N ARG A 3629 -12.37 31.22 -49.66
CA ARG A 3629 -12.60 32.59 -50.07
C ARG A 3629 -11.95 32.90 -51.41
N ARG A 3630 -10.81 32.26 -51.71
CA ARG A 3630 -10.20 32.44 -53.02
C ARG A 3630 -11.09 31.92 -54.13
N LYS A 3631 -11.73 30.77 -53.92
CA LYS A 3631 -12.67 30.24 -54.90
C LYS A 3631 -13.88 31.15 -55.06
N PHE A 3632 -14.39 31.67 -53.94
CA PHE A 3632 -15.51 32.61 -54.01
C PHE A 3632 -15.13 33.86 -54.79
N ILE A 3633 -13.92 34.38 -54.56
CA ILE A 3633 -13.44 35.53 -55.31
C ILE A 3633 -13.33 35.21 -56.79
N GLN A 3634 -12.70 34.09 -57.13
CA GLN A 3634 -12.50 33.72 -58.52
C GLN A 3634 -13.83 33.44 -59.23
N THR A 3635 -14.89 33.13 -58.49
CA THR A 3635 -16.17 32.82 -59.11
C THR A 3635 -17.19 33.96 -59.03
N PHE A 3636 -16.92 35.04 -58.27
CA PHE A 3636 -17.86 36.15 -58.26
C PHE A 3636 -17.29 37.55 -58.40
N GLY A 3637 -15.95 37.73 -58.39
CA GLY A 3637 -15.40 39.07 -58.47
C GLY A 3637 -15.70 39.74 -59.79
N LYS A 3638 -15.39 39.06 -60.91
CA LYS A 3638 -15.74 39.60 -62.21
C LYS A 3638 -17.25 39.72 -62.38
N GLU A 3639 -18.01 38.84 -61.74
CA GLU A 3639 -19.47 38.90 -61.83
C GLU A 3639 -20.00 40.21 -61.26
N PHE A 3640 -19.63 40.53 -60.01
CA PHE A 3640 -20.18 41.79 -59.49
C PHE A 3640 -19.44 43.01 -60.03
N ASP A 3641 -18.22 42.84 -60.56
CA ASP A 3641 -17.55 43.95 -61.22
C ASP A 3641 -18.26 44.35 -62.50
N LYS A 3642 -18.66 43.37 -63.31
CA LYS A 3642 -19.47 43.69 -64.48
C LYS A 3642 -20.91 44.03 -64.09
N HIS A 3643 -21.35 43.60 -62.91
CA HIS A 3643 -22.70 43.95 -62.47
C HIS A 3643 -22.82 45.44 -62.14
N PHE A 3644 -21.87 45.96 -61.35
CA PHE A 3644 -21.90 47.39 -61.02
C PHE A 3644 -20.72 48.15 -61.60
N GLY A 3645 -19.50 47.80 -61.21
CA GLY A 3645 -18.32 48.49 -61.70
C GLY A 3645 -18.11 49.82 -61.00
N LYS A 3646 -16.92 50.04 -60.46
CA LYS A 3646 -16.57 51.25 -59.70
C LYS A 3646 -17.71 51.64 -58.75
N GLY A 3647 -17.97 50.74 -57.79
CA GLY A 3647 -19.19 50.79 -57.01
C GLY A 3647 -19.38 52.05 -56.18
N GLY A 3648 -18.31 52.80 -55.93
CA GLY A 3648 -18.44 54.04 -55.18
C GLY A 3648 -19.28 55.07 -55.91
N SER A 3649 -18.99 55.27 -57.20
CA SER A 3649 -19.71 56.28 -57.97
C SER A 3649 -21.10 55.79 -58.41
N LYS A 3650 -21.19 54.52 -58.82
CA LYS A 3650 -22.44 54.01 -59.38
C LYS A 3650 -23.56 53.95 -58.34
N LEU A 3651 -23.22 53.56 -57.11
CA LEU A 3651 -24.25 53.39 -56.08
C LEU A 3651 -24.93 54.71 -55.74
N LEU A 3652 -24.17 55.79 -55.63
CA LEU A 3652 -24.79 57.10 -55.42
C LEU A 3652 -25.43 57.64 -56.69
N ARG A 3653 -24.93 57.24 -57.86
CA ARG A 3653 -25.47 57.74 -59.11
C ARG A 3653 -26.88 57.21 -59.36
N MET A 3654 -27.09 55.92 -59.14
CA MET A 3654 -28.39 55.29 -59.41
C MET A 3654 -29.06 54.98 -58.08
N LYS A 3655 -30.32 55.40 -57.94
CA LYS A 3655 -31.09 55.20 -56.72
C LYS A 3655 -32.54 54.92 -57.13
N LEU A 3656 -32.89 53.65 -57.26
CA LEU A 3656 -34.23 53.24 -57.66
C LEU A 3656 -34.43 51.78 -57.25
N SER A 3657 -35.51 51.18 -57.75
CA SER A 3657 -35.83 49.79 -57.46
C SER A 3657 -35.07 48.80 -58.33
N ASP A 3658 -33.99 49.25 -58.99
CA ASP A 3658 -33.16 48.37 -59.80
C ASP A 3658 -32.34 47.40 -58.97
N PHE A 3659 -32.31 47.57 -57.65
CA PHE A 3659 -31.50 46.76 -56.76
C PHE A 3659 -32.08 45.38 -56.49
N ASN A 3660 -33.05 44.92 -57.29
CA ASN A 3660 -33.60 43.59 -57.13
C ASN A 3660 -32.66 42.49 -57.60
N ASP A 3661 -31.52 42.86 -58.21
CA ASP A 3661 -30.52 41.90 -58.65
C ASP A 3661 -29.76 41.24 -57.50
N ILE A 3662 -29.98 41.69 -56.26
CA ILE A 3662 -29.38 41.02 -55.12
C ILE A 3662 -29.91 39.60 -55.01
N THR A 3663 -31.17 39.38 -55.38
CA THR A 3663 -31.70 38.02 -55.41
C THR A 3663 -30.99 37.17 -56.44
N ASN A 3664 -30.73 37.73 -57.63
CA ASN A 3664 -30.02 36.99 -58.68
C ASN A 3664 -28.62 36.62 -58.23
N MET A 3665 -27.92 37.55 -57.56
CA MET A 3665 -26.59 37.24 -57.05
C MET A 3665 -26.65 36.22 -55.91
N LEU A 3666 -27.62 36.37 -55.01
CA LEU A 3666 -27.64 35.57 -53.79
C LEU A 3666 -28.08 34.15 -54.05
N LEU A 3667 -28.97 33.92 -55.03
CA LEU A 3667 -29.32 32.54 -55.38
C LEU A 3667 -28.10 31.79 -55.90
N LEU A 3668 -27.32 32.44 -56.77
CA LEU A 3668 -26.10 31.82 -57.29
C LEU A 3668 -25.09 31.58 -56.17
N LYS A 3669 -24.95 32.54 -55.25
CA LYS A 3669 -24.05 32.35 -54.12
C LYS A 3669 -24.53 31.21 -53.21
N MET A 3670 -25.84 31.07 -53.04
CA MET A 3670 -26.37 30.04 -52.16
C MET A 3670 -26.27 28.65 -52.78
N ASN A 3671 -26.34 28.55 -54.10
CA ASN A 3671 -26.13 27.26 -54.75
C ASN A 3671 -24.67 27.03 -55.13
N LYS A 3672 -23.79 28.00 -54.89
CA LYS A 3672 -22.38 27.86 -55.21
C LYS A 3672 -21.52 27.48 -54.00
N ASP A 3673 -22.04 27.62 -52.77
CA ASP A 3673 -21.26 27.25 -51.60
C ASP A 3673 -20.95 25.76 -51.57
N SER A 3674 -21.95 24.93 -51.92
CA SER A 3674 -21.81 23.48 -52.06
C SER A 3674 -21.39 22.89 -50.72
N LYS A 3675 -20.28 22.16 -50.63
CA LYS A 3675 -19.90 21.50 -49.39
C LYS A 3675 -19.36 22.51 -48.38
N PRO A 3676 -19.41 22.18 -47.10
CA PRO A 3676 -18.74 23.03 -46.10
C PRO A 3676 -17.25 22.98 -46.29
N PRO A 3677 -16.52 24.01 -45.84
CA PRO A 3677 -15.07 24.04 -46.06
C PRO A 3677 -14.31 22.88 -45.43
N GLY A 3678 -14.77 22.39 -44.28
CA GLY A 3678 -14.17 21.20 -43.67
C GLY A 3678 -13.00 21.54 -42.77
N ASN A 3679 -11.79 21.17 -43.20
CA ASN A 3679 -10.60 21.32 -42.38
C ASN A 3679 -10.11 22.77 -42.39
N LEU A 3680 -9.12 23.04 -41.55
CA LEU A 3680 -8.59 24.40 -41.39
C LEU A 3680 -7.69 24.83 -42.54
N LYS A 3681 -7.08 23.88 -43.26
CA LYS A 3681 -6.17 24.25 -44.34
C LYS A 3681 -6.90 24.97 -45.46
N GLU A 3682 -8.11 24.51 -45.80
CA GLU A 3682 -8.92 25.19 -46.79
C GLU A 3682 -9.55 26.48 -46.25
N CYS A 3683 -9.65 26.61 -44.93
CA CYS A 3683 -10.23 27.82 -44.34
C CYS A 3683 -9.20 28.93 -44.23
N SER A 3684 -8.15 28.70 -43.44
CA SER A 3684 -7.13 29.71 -43.18
C SER A 3684 -5.75 29.07 -43.05
N PRO A 3685 -4.80 29.41 -43.91
CA PRO A 3685 -3.44 28.88 -43.75
C PRO A 3685 -2.77 29.31 -42.45
N TRP A 3686 -3.09 30.49 -41.93
CA TRP A 3686 -2.47 30.97 -40.70
C TRP A 3686 -2.79 30.05 -39.53
N MET A 3687 -4.06 29.65 -39.39
CA MET A 3687 -4.44 28.79 -38.28
C MET A 3687 -3.90 27.37 -38.45
N SER A 3688 -3.85 26.87 -39.69
CA SER A 3688 -3.36 25.52 -39.92
C SER A 3688 -1.86 25.42 -39.69
N ASP A 3689 -1.10 26.43 -40.10
CA ASP A 3689 0.34 26.43 -39.96
C ASP A 3689 0.82 27.40 -38.89
N PHE A 3690 -0.01 27.66 -37.88
CA PHE A 3690 0.43 28.42 -36.72
C PHE A 3690 1.56 27.71 -36.00
N LYS A 3691 2.53 28.48 -35.52
CA LYS A 3691 3.68 27.94 -34.82
C LYS A 3691 4.23 29.01 -33.89
N VAL A 3692 4.39 28.66 -32.62
CA VAL A 3692 4.92 29.58 -31.63
C VAL A 3692 6.44 29.39 -31.55
N GLU A 3693 7.17 30.43 -31.94
CA GLU A 3693 8.63 30.42 -31.87
C GLU A 3693 9.11 31.45 -30.85
N PHE A 3694 10.41 31.46 -30.63
CA PHE A 3694 11.00 32.22 -29.52
C PHE A 3694 10.94 33.72 -29.78
N LEU A 3695 10.60 34.47 -28.73
CA LEU A 3695 10.69 35.93 -28.68
C LEU A 3695 9.72 36.63 -29.62
N ARG A 3696 8.74 35.92 -30.17
CA ARG A 3696 7.74 36.53 -31.03
C ARG A 3696 6.54 35.58 -31.11
N ASN A 3697 5.49 36.05 -31.81
CA ASN A 3697 4.26 35.29 -32.02
C ASN A 3697 3.62 34.88 -30.71
N GLU A 3698 3.57 35.82 -29.77
CA GLU A 3698 2.94 35.59 -28.48
C GLU A 3698 1.47 35.95 -28.55
N LEU A 3699 0.61 34.97 -28.28
CA LEU A 3699 -0.84 35.16 -28.33
C LEU A 3699 -1.47 34.53 -27.10
N GLU A 3700 -2.49 35.20 -26.57
CA GLU A 3700 -3.19 34.71 -25.35
C GLU A 3700 -4.66 34.43 -25.66
N ILE A 3701 -5.22 33.37 -25.10
CA ILE A 3701 -6.61 32.99 -25.28
C ILE A 3701 -7.47 34.10 -24.68
N PRO A 3702 -8.38 34.70 -25.45
CA PRO A 3702 -9.17 35.82 -24.94
C PRO A 3702 -10.12 35.40 -23.84
N GLY A 3703 -10.40 36.33 -22.93
CA GLY A 3703 -11.36 36.11 -21.88
C GLY A 3703 -10.77 35.53 -20.60
N GLN A 3704 -9.62 36.05 -20.18
CA GLN A 3704 -8.96 35.57 -18.98
C GLN A 3704 -8.74 36.65 -17.93
N TYR A 3705 -8.91 37.93 -18.28
CA TYR A 3705 -8.80 39.02 -17.31
C TYR A 3705 -10.17 39.26 -16.71
N ASP A 3706 -10.46 38.58 -15.60
CA ASP A 3706 -11.74 38.78 -14.91
C ASP A 3706 -11.82 40.16 -14.28
N GLY A 3707 -10.71 40.69 -13.78
CA GLY A 3707 -10.68 42.01 -13.19
C GLY A 3707 -11.54 42.15 -11.95
N ARG A 3708 -11.59 41.12 -11.11
CA ARG A 3708 -12.42 41.13 -9.91
C ARG A 3708 -11.59 40.64 -8.73
N GLY A 3709 -11.62 41.40 -7.64
CA GLY A 3709 -11.12 40.98 -6.34
C GLY A 3709 -9.64 40.71 -6.24
N LYS A 3710 -8.88 40.72 -7.34
CA LYS A 3710 -7.48 40.34 -7.29
C LYS A 3710 -6.80 40.81 -8.57
N PRO A 3711 -5.49 41.04 -8.53
CA PRO A 3711 -4.76 41.26 -9.78
C PRO A 3711 -4.49 39.94 -10.49
N LEU A 3712 -4.24 40.04 -11.79
CA LEU A 3712 -4.09 38.78 -12.56
C LEU A 3712 -2.61 38.46 -12.79
N PRO A 3713 -2.20 37.19 -12.66
CA PRO A 3713 -0.79 36.80 -12.78
C PRO A 3713 -0.16 37.06 -14.14
N GLU A 3714 -0.92 36.85 -15.22
CA GLU A 3714 -0.37 36.95 -16.61
C GLU A 3714 0.22 35.58 -16.94
N TYR A 3715 0.07 34.60 -16.03
CA TYR A 3715 0.41 33.19 -16.39
C TYR A 3715 -0.57 32.85 -17.52
N HIS A 3716 -1.83 33.28 -17.43
CA HIS A 3716 -2.86 33.17 -18.51
C HIS A 3716 -2.53 32.20 -19.65
N VAL A 3717 -3.47 31.30 -19.97
CA VAL A 3717 -3.18 30.29 -20.99
C VAL A 3717 -2.90 30.98 -22.32
N ARG A 3718 -1.83 30.57 -22.98
CA ARG A 3718 -1.45 31.11 -24.27
C ARG A 3718 -1.79 30.13 -25.38
N ILE A 3719 -1.85 30.65 -26.60
CA ILE A 3719 -2.25 29.84 -27.75
C ILE A 3719 -1.02 29.10 -28.29
N ALA A 3720 -1.14 27.78 -28.42
CA ALA A 3720 -0.08 26.95 -28.97
C ALA A 3720 -0.42 26.34 -30.32
N GLY A 3721 -1.70 26.06 -30.59
CA GLY A 3721 -2.08 25.49 -31.86
C GLY A 3721 -3.58 25.37 -31.96
N PHE A 3722 -4.03 24.94 -33.13
CA PHE A 3722 -5.45 24.75 -33.42
C PHE A 3722 -5.68 23.36 -33.96
N ASP A 3723 -6.78 22.73 -33.53
CA ASP A 3723 -7.19 21.46 -34.11
C ASP A 3723 -7.59 21.66 -35.56
N GLU A 3724 -7.24 20.69 -36.41
CA GLU A 3724 -7.40 20.86 -37.85
C GLU A 3724 -8.84 20.71 -38.31
N ARG A 3725 -9.72 20.17 -37.48
CA ARG A 3725 -11.10 19.90 -37.87
C ARG A 3725 -12.00 21.04 -37.40
N VAL A 3726 -12.82 21.56 -38.33
CA VAL A 3726 -13.80 22.60 -38.04
C VAL A 3726 -15.18 22.03 -38.30
N THR A 3727 -16.07 22.15 -37.32
CA THR A 3727 -17.43 21.64 -37.41
C THR A 3727 -18.41 22.81 -37.52
N VAL A 3728 -19.29 22.72 -38.51
CA VAL A 3728 -20.30 23.76 -38.74
C VAL A 3728 -21.55 23.41 -37.93
N MET A 3729 -22.02 24.37 -37.14
CA MET A 3729 -23.18 24.16 -36.29
C MET A 3729 -24.47 24.40 -37.08
N ALA A 3730 -25.39 23.46 -37.00
CA ALA A 3730 -26.68 23.56 -37.68
C ALA A 3730 -27.58 24.46 -36.85
N SER A 3731 -27.50 25.76 -37.11
CA SER A 3731 -28.30 26.75 -36.38
C SER A 3731 -28.37 28.01 -37.24
N LEU A 3732 -29.00 29.05 -36.68
CA LEU A 3732 -29.10 30.32 -37.39
C LEU A 3732 -27.73 30.97 -37.51
N ARG A 3733 -27.50 31.62 -38.66
CA ARG A 3733 -26.28 32.32 -39.05
C ARG A 3733 -25.10 31.39 -39.29
N ARG A 3734 -25.26 30.08 -39.06
CA ARG A 3734 -24.29 29.03 -39.35
C ARG A 3734 -22.90 29.33 -38.80
N PRO A 3735 -22.69 29.26 -37.49
CA PRO A 3735 -21.35 29.48 -36.93
C PRO A 3735 -20.51 28.22 -37.07
N LYS A 3736 -19.26 28.30 -36.61
CA LYS A 3736 -18.32 27.20 -36.68
C LYS A 3736 -17.64 27.01 -35.34
N ARG A 3737 -17.24 25.77 -35.08
CA ARG A 3737 -16.62 25.37 -33.82
C ARG A 3737 -15.16 25.00 -34.06
N ILE A 3738 -14.26 25.65 -33.33
CA ILE A 3738 -12.83 25.37 -33.43
C ILE A 3738 -12.32 25.00 -32.04
N ILE A 3739 -11.24 24.23 -32.03
CA ILE A 3739 -10.60 23.78 -30.79
C ILE A 3739 -9.20 24.38 -30.74
N ILE A 3740 -8.89 25.08 -29.66
CA ILE A 3740 -7.61 25.75 -29.48
C ILE A 3740 -6.80 24.97 -28.46
N ARG A 3741 -5.58 24.59 -28.84
CA ARG A 3741 -4.68 23.88 -27.96
C ARG A 3741 -3.81 24.90 -27.22
N GLY A 3742 -3.97 24.98 -25.91
CA GLY A 3742 -3.19 25.91 -25.11
C GLY A 3742 -1.87 25.33 -24.67
N HIS A 3743 -1.01 26.22 -24.13
CA HIS A 3743 0.28 25.80 -23.61
C HIS A 3743 0.17 25.08 -22.27
N ASP A 3744 -1.04 24.96 -21.71
CA ASP A 3744 -1.28 24.19 -20.50
C ASP A 3744 -1.67 22.75 -20.80
N GLU A 3745 -1.41 22.28 -22.03
CA GLU A 3745 -1.66 20.90 -22.44
C GLU A 3745 -3.15 20.54 -22.32
N ARG A 3746 -4.02 21.47 -22.69
CA ARG A 3746 -5.45 21.25 -22.65
C ARG A 3746 -6.10 21.89 -23.87
N GLU A 3747 -7.27 21.39 -24.23
CA GLU A 3747 -8.02 21.87 -25.38
C GLU A 3747 -9.16 22.78 -24.92
N HIS A 3748 -9.41 23.84 -25.69
CA HIS A 3748 -10.41 24.85 -25.35
C HIS A 3748 -11.31 25.09 -26.55
N PRO A 3749 -12.43 24.38 -26.63
CA PRO A 3749 -13.37 24.61 -27.75
C PRO A 3749 -14.01 25.99 -27.68
N PHE A 3750 -14.24 26.56 -28.86
CA PHE A 3750 -14.83 27.89 -28.97
C PHE A 3750 -15.75 27.93 -30.18
N LEU A 3751 -16.68 28.87 -30.14
CA LEU A 3751 -17.61 29.12 -31.25
C LEU A 3751 -17.26 30.45 -31.89
N VAL A 3752 -17.07 30.44 -33.21
CA VAL A 3752 -16.70 31.63 -33.96
C VAL A 3752 -17.94 32.16 -34.66
N LYS A 3753 -18.33 33.38 -34.30
CA LYS A 3753 -19.48 34.05 -34.90
C LYS A 3753 -18.99 35.28 -35.67
N GLY A 3754 -19.34 35.34 -36.95
CA GLY A 3754 -18.94 36.45 -37.81
C GLY A 3754 -20.15 37.27 -38.23
N GLY A 3755 -19.94 38.57 -38.38
CA GLY A 3755 -21.02 39.47 -38.73
C GLY A 3755 -22.10 39.58 -37.66
N GLU A 3756 -21.69 39.61 -36.39
CA GLU A 3756 -22.64 39.66 -35.27
C GLU A 3756 -21.95 40.35 -34.11
N ASP A 3757 -22.42 41.55 -33.77
CA ASP A 3757 -21.93 42.25 -32.59
C ASP A 3757 -22.35 41.50 -31.33
N LEU A 3758 -21.42 41.36 -30.38
CA LEU A 3758 -21.67 40.55 -29.18
C LEU A 3758 -21.37 41.32 -27.89
N ARG A 3759 -21.38 42.65 -27.93
CA ARG A 3759 -21.17 43.42 -26.71
C ARG A 3759 -22.35 43.30 -25.76
N GLN A 3760 -23.57 43.20 -26.31
CA GLN A 3760 -24.76 43.02 -25.47
C GLN A 3760 -24.70 41.72 -24.69
N ASP A 3761 -24.25 40.64 -25.35
CA ASP A 3761 -24.12 39.36 -24.67
C ASP A 3761 -23.11 39.44 -23.52
N GLN A 3762 -21.98 40.11 -23.75
CA GLN A 3762 -20.98 40.27 -22.70
C GLN A 3762 -21.53 41.06 -21.52
N ARG A 3763 -22.27 42.14 -21.81
CA ARG A 3763 -22.85 42.93 -20.73
C ARG A 3763 -23.90 42.14 -19.96
N VAL A 3764 -24.69 41.32 -20.66
CA VAL A 3764 -25.70 40.50 -19.97
C VAL A 3764 -25.01 39.44 -19.11
N GLU A 3765 -23.89 38.89 -19.58
CA GLU A 3765 -23.14 37.93 -18.76
C GLU A 3765 -22.57 38.60 -17.52
N GLN A 3766 -22.10 39.85 -17.65
CA GLN A 3766 -21.64 40.59 -16.47
C GLN A 3766 -22.78 40.84 -15.49
N LEU A 3767 -23.97 41.15 -16.02
CA LEU A 3767 -25.14 41.30 -15.17
C LEU A 3767 -25.46 40.01 -14.43
N PHE A 3768 -25.37 38.88 -15.13
CA PHE A 3768 -25.59 37.59 -14.49
C PHE A 3768 -24.53 37.29 -13.43
N GLN A 3769 -23.28 37.73 -13.65
CA GLN A 3769 -22.25 37.57 -12.63
C GLN A 3769 -22.58 38.38 -11.38
N VAL A 3770 -23.05 39.61 -11.56
CA VAL A 3770 -23.48 40.42 -10.43
C VAL A 3770 -24.64 39.75 -9.69
N MET A 3771 -25.60 39.21 -10.45
CA MET A 3771 -26.72 38.47 -9.86
C MET A 3771 -26.23 37.26 -9.08
N ASN A 3772 -25.23 36.55 -9.62
CA ASN A 3772 -24.66 35.39 -8.94
C ASN A 3772 -24.01 35.79 -7.63
N GLY A 3773 -23.30 36.92 -7.62
CA GLY A 3773 -22.71 37.40 -6.38
C GLY A 3773 -23.75 37.74 -5.33
N ILE A 3774 -24.82 38.44 -5.75
CA ILE A 3774 -25.89 38.79 -4.82
C ILE A 3774 -26.57 37.54 -4.28
N LEU A 3775 -26.79 36.54 -5.13
CA LEU A 3775 -27.36 35.28 -4.67
C LEU A 3775 -26.42 34.56 -3.71
N ALA A 3776 -25.11 34.65 -3.97
CA ALA A 3776 -24.14 33.97 -3.11
C ALA A 3776 -24.03 34.61 -1.74
N GLN A 3777 -24.28 35.92 -1.64
CA GLN A 3777 -24.18 36.59 -0.36
C GLN A 3777 -25.46 36.49 0.47
N ASP A 3778 -26.47 35.77 -0.02
CA ASP A 3778 -27.72 35.59 0.71
C ASP A 3778 -27.77 34.19 1.30
N SER A 3779 -28.13 34.09 2.58
CA SER A 3779 -28.05 32.82 3.29
C SER A 3779 -29.05 31.80 2.77
N ALA A 3780 -30.30 32.23 2.51
CA ALA A 3780 -31.34 31.31 2.10
C ALA A 3780 -31.01 30.68 0.75
N CYS A 3781 -30.49 31.47 -0.19
CA CYS A 3781 -30.09 30.92 -1.47
C CYS A 3781 -28.77 30.15 -1.39
N SER A 3782 -27.86 30.57 -0.51
CA SER A 3782 -26.62 29.84 -0.33
C SER A 3782 -26.86 28.44 0.24
N GLN A 3783 -27.87 28.29 1.08
CA GLN A 3783 -28.21 26.96 1.61
C GLN A 3783 -28.76 26.02 0.55
N ARG A 3784 -29.13 26.53 -0.63
CA ARG A 3784 -29.60 25.70 -1.73
C ARG A 3784 -28.71 25.79 -2.96
N ALA A 3785 -27.66 26.62 -2.93
CA ALA A 3785 -26.69 26.76 -4.01
C ALA A 3785 -27.37 27.17 -5.32
N LEU A 3786 -28.01 28.33 -5.28
CA LEU A 3786 -28.70 28.90 -6.44
C LEU A 3786 -27.72 29.79 -7.19
N GLN A 3787 -27.19 29.30 -8.30
CA GLN A 3787 -26.27 30.06 -9.13
C GLN A 3787 -26.61 29.86 -10.60
N LEU A 3788 -26.53 30.94 -11.37
CA LEU A 3788 -26.77 30.89 -12.81
C LEU A 3788 -25.48 30.49 -13.51
N ARG A 3789 -25.58 29.50 -14.39
CA ARG A 3789 -24.41 29.04 -15.13
C ARG A 3789 -24.04 30.07 -16.19
N THR A 3790 -22.82 30.59 -16.11
CA THR A 3790 -22.36 31.67 -16.97
C THR A 3790 -21.22 31.16 -17.84
N TYR A 3791 -21.33 31.40 -19.14
CA TYR A 3791 -20.27 31.09 -20.10
C TYR A 3791 -19.57 32.37 -20.53
N SER A 3792 -18.49 32.20 -21.30
CA SER A 3792 -17.62 33.30 -21.67
C SER A 3792 -17.98 33.81 -23.06
N VAL A 3793 -18.16 35.12 -23.17
CA VAL A 3793 -18.41 35.81 -24.43
C VAL A 3793 -17.34 36.88 -24.59
N VAL A 3794 -16.59 36.81 -25.68
CA VAL A 3794 -15.50 37.77 -25.91
C VAL A 3794 -15.64 38.38 -27.31
N PRO A 3795 -15.93 39.66 -27.42
CA PRO A 3795 -15.86 40.31 -28.74
C PRO A 3795 -14.46 40.78 -29.07
N MET A 3796 -13.96 40.44 -30.26
CA MET A 3796 -12.66 40.91 -30.71
C MET A 3796 -12.77 42.03 -31.73
N THR A 3797 -13.90 42.13 -32.43
CA THR A 3797 -14.15 43.15 -33.42
C THR A 3797 -15.63 43.49 -33.35
N SER A 3798 -16.01 44.67 -33.82
CA SER A 3798 -17.42 45.04 -33.86
C SER A 3798 -18.24 44.18 -34.82
N ARG A 3799 -17.61 43.23 -35.52
CA ARG A 3799 -18.33 42.33 -36.42
C ARG A 3799 -17.92 40.88 -36.23
N LEU A 3800 -17.15 40.55 -35.19
CA LEU A 3800 -16.66 39.20 -34.99
C LEU A 3800 -16.29 39.02 -33.52
N GLY A 3801 -16.50 37.80 -33.02
CA GLY A 3801 -16.19 37.53 -31.63
C GLY A 3801 -16.14 36.03 -31.39
N LEU A 3802 -15.76 35.69 -30.16
CA LEU A 3802 -15.64 34.30 -29.73
C LEU A 3802 -16.60 34.03 -28.58
N ILE A 3803 -17.25 32.87 -28.63
CA ILE A 3803 -18.19 32.44 -27.60
C ILE A 3803 -17.76 31.06 -27.12
N GLU A 3804 -17.66 30.90 -25.79
CA GLU A 3804 -17.26 29.62 -25.22
C GLU A 3804 -18.25 28.53 -25.57
N TRP A 3805 -17.73 27.34 -25.88
CA TRP A 3805 -18.54 26.19 -26.26
C TRP A 3805 -18.74 25.29 -25.05
N LEU A 3806 -19.99 25.05 -24.69
CA LEU A 3806 -20.30 24.17 -23.57
C LEU A 3806 -20.27 22.72 -24.02
N GLU A 3807 -19.61 21.88 -23.25
CA GLU A 3807 -19.42 20.48 -23.61
C GLU A 3807 -20.49 19.61 -22.96
N ASN A 3808 -20.85 18.53 -23.67
CA ASN A 3808 -21.86 17.57 -23.23
C ASN A 3808 -23.19 18.26 -22.90
N THR A 3809 -23.60 19.18 -23.77
CA THR A 3809 -24.87 19.88 -23.64
C THR A 3809 -25.66 19.71 -24.92
N VAL A 3810 -26.98 19.86 -24.80
CA VAL A 3810 -27.89 19.68 -25.92
C VAL A 3810 -29.01 20.71 -25.84
N THR A 3811 -29.61 21.00 -26.99
CA THR A 3811 -30.73 21.93 -27.05
C THR A 3811 -31.99 21.27 -26.52
N LEU A 3812 -32.81 22.04 -25.80
CA LEU A 3812 -34.07 21.52 -25.26
C LEU A 3812 -34.98 21.01 -26.37
N LYS A 3813 -35.06 21.75 -27.48
CA LYS A 3813 -35.85 21.30 -28.62
C LYS A 3813 -35.29 20.00 -29.19
N ASP A 3814 -33.96 19.90 -29.28
CA ASP A 3814 -33.33 18.68 -29.76
C ASP A 3814 -33.62 17.50 -28.84
N LEU A 3815 -33.57 17.73 -27.52
CA LEU A 3815 -33.87 16.66 -26.57
C LEU A 3815 -35.32 16.21 -26.70
N LEU A 3816 -36.26 17.17 -26.81
CA LEU A 3816 -37.65 16.81 -26.95
C LEU A 3816 -37.92 16.06 -28.25
N LEU A 3817 -37.27 16.47 -29.34
CA LEU A 3817 -37.45 15.78 -30.62
C LEU A 3817 -36.86 14.39 -30.60
N ASN A 3818 -35.67 14.22 -29.99
CA ASN A 3818 -35.04 12.91 -29.96
C ASN A 3818 -35.74 11.97 -29.00
N THR A 3819 -36.42 12.50 -27.98
CA THR A 3819 -37.19 11.65 -27.08
C THR A 3819 -38.35 10.98 -27.81
N MET A 3820 -38.96 11.72 -28.72
CA MET A 3820 -40.14 11.21 -29.46
C MET A 3820 -39.74 10.04 -30.35
N SER A 3821 -40.67 9.13 -30.61
CA SER A 3821 -40.43 7.99 -31.49
C SER A 3821 -40.52 8.44 -32.95
N GLN A 3822 -40.28 7.49 -33.86
CA GLN A 3822 -40.35 7.78 -35.29
C GLN A 3822 -41.77 8.15 -35.71
N GLU A 3823 -42.77 7.43 -35.20
CA GLU A 3823 -44.15 7.75 -35.53
C GLU A 3823 -44.54 9.12 -35.01
N GLU A 3824 -44.19 9.41 -33.75
CA GLU A 3824 -44.53 10.72 -33.16
C GLU A 3824 -43.77 11.81 -33.92
N LYS A 3825 -42.47 11.63 -34.13
CA LYS A 3825 -41.69 12.73 -34.71
C LYS A 3825 -42.20 13.04 -36.11
N ALA A 3826 -42.49 12.02 -36.90
CA ALA A 3826 -42.91 12.31 -38.29
C ALA A 3826 -44.23 13.08 -38.25
N ALA A 3827 -45.15 12.65 -37.39
CA ALA A 3827 -46.47 13.32 -37.33
C ALA A 3827 -46.36 14.77 -36.86
N TYR A 3828 -45.62 15.05 -35.78
CA TYR A 3828 -45.49 16.49 -35.46
C TYR A 3828 -44.65 17.21 -36.52
N LEU A 3829 -43.52 16.61 -36.89
CA LEU A 3829 -42.58 17.29 -37.82
C LEU A 3829 -43.15 17.45 -39.24
N SER A 3830 -43.82 16.42 -39.74
CA SER A 3830 -44.28 16.45 -41.15
C SER A 3830 -45.61 15.71 -41.24
N ASP A 3831 -46.71 16.43 -41.07
CA ASP A 3831 -48.02 15.80 -41.05
C ASP A 3831 -49.11 16.85 -40.99
N PRO A 3832 -50.16 16.73 -41.79
CA PRO A 3832 -51.29 17.67 -41.68
C PRO A 3832 -52.05 17.45 -40.38
N ARG A 3833 -52.74 18.51 -39.95
CA ARG A 3833 -53.45 18.61 -38.69
C ARG A 3833 -52.52 18.58 -37.48
N ALA A 3834 -51.22 18.75 -37.71
CA ALA A 3834 -50.25 18.83 -36.59
C ALA A 3834 -50.36 20.22 -35.96
N PRO A 3835 -50.09 20.39 -34.66
CA PRO A 3835 -50.18 21.70 -33.99
C PRO A 3835 -49.43 22.79 -34.72
N PRO A 3836 -48.23 22.54 -35.29
CA PRO A 3836 -47.54 23.55 -36.10
C PRO A 3836 -48.38 23.96 -37.31
N CYS A 3837 -49.23 23.06 -37.83
CA CYS A 3837 -50.11 23.36 -38.94
C CYS A 3837 -51.51 23.73 -38.50
N GLU A 3838 -51.99 23.15 -37.40
CA GLU A 3838 -53.29 23.52 -36.87
C GLU A 3838 -53.31 24.97 -36.40
N TYR A 3839 -52.19 25.47 -35.88
CA TYR A 3839 -52.12 26.87 -35.47
C TYR A 3839 -52.31 27.80 -36.66
N LYS A 3840 -51.62 27.51 -37.77
CA LYS A 3840 -51.77 28.33 -38.96
C LYS A 3840 -53.16 28.20 -39.56
N ASP A 3841 -53.74 26.99 -39.54
CA ASP A 3841 -55.10 26.80 -40.03
C ASP A 3841 -56.10 27.59 -39.19
N TRP A 3842 -55.91 27.59 -37.87
CA TRP A 3842 -56.79 28.35 -36.98
C TRP A 3842 -56.64 29.85 -37.21
N LEU A 3843 -55.41 30.32 -37.42
CA LEU A 3843 -55.19 31.73 -37.73
C LEU A 3843 -55.87 32.12 -39.04
N THR A 3844 -55.81 31.24 -40.04
CA THR A 3844 -56.53 31.49 -41.29
C THR A 3844 -58.04 31.48 -41.07
N LYS A 3845 -58.52 30.57 -40.22
CA LYS A 3845 -59.96 30.46 -39.99
C LYS A 3845 -60.53 31.69 -39.30
N MET A 3846 -59.88 32.14 -38.22
CA MET A 3846 -60.37 33.31 -37.51
C MET A 3846 -59.92 34.63 -38.11
N SER A 3847 -59.11 34.60 -39.17
CA SER A 3847 -58.64 35.82 -39.81
C SER A 3847 -58.25 35.50 -41.24
N GLY A 3848 -58.91 36.14 -42.20
CA GLY A 3848 -58.65 35.87 -43.61
C GLY A 3848 -57.34 36.44 -44.10
N LYS A 3849 -56.23 36.04 -43.47
CA LYS A 3849 -54.91 36.51 -43.84
C LYS A 3849 -53.92 35.36 -43.70
N HIS A 3850 -52.80 35.48 -44.40
CA HIS A 3850 -51.72 34.48 -44.37
C HIS A 3850 -50.39 35.16 -44.10
N ASP A 3851 -50.37 36.12 -43.19
CA ASP A 3851 -49.18 36.89 -42.88
C ASP A 3851 -49.22 37.29 -41.41
N VAL A 3852 -48.38 38.24 -41.02
CA VAL A 3852 -48.30 38.66 -39.63
C VAL A 3852 -49.55 39.39 -39.16
N GLY A 3853 -50.35 39.92 -40.09
CA GLY A 3853 -51.59 40.59 -39.71
C GLY A 3853 -52.68 39.66 -39.24
N ALA A 3854 -52.52 38.35 -39.47
CA ALA A 3854 -53.48 37.38 -38.98
C ALA A 3854 -53.55 37.40 -37.45
N TYR A 3855 -52.40 37.55 -36.80
CA TYR A 3855 -52.39 37.65 -35.34
C TYR A 3855 -53.13 38.89 -34.86
N MET A 3856 -52.94 40.02 -35.53
CA MET A 3856 -53.63 41.25 -35.15
C MET A 3856 -55.14 41.12 -35.33
N LEU A 3857 -55.57 40.53 -36.46
CA LEU A 3857 -57.00 40.34 -36.69
C LEU A 3857 -57.60 39.36 -35.69
N MET A 3858 -56.88 38.29 -35.35
CA MET A 3858 -57.35 37.36 -34.34
C MET A 3858 -57.45 38.04 -32.98
N TYR A 3859 -56.47 38.89 -32.64
CA TYR A 3859 -56.55 39.65 -31.41
C TYR A 3859 -57.79 40.53 -31.38
N LYS A 3860 -58.09 41.20 -32.50
CA LYS A 3860 -59.31 42.00 -32.57
C LYS A 3860 -60.56 41.14 -32.73
N GLY A 3861 -60.43 39.95 -33.34
CA GLY A 3861 -61.60 39.18 -33.69
C GLY A 3861 -61.68 37.75 -33.16
N ALA A 3862 -61.30 37.54 -31.90
CA ALA A 3862 -61.47 36.24 -31.27
C ALA A 3862 -61.90 36.43 -29.82
N ASN A 3863 -62.53 35.40 -29.28
CA ASN A 3863 -63.06 35.41 -27.93
C ASN A 3863 -62.19 34.51 -27.05
N ARG A 3864 -62.24 34.76 -25.74
CA ARG A 3864 -61.42 33.99 -24.79
C ARG A 3864 -61.79 32.51 -24.82
N THR A 3865 -63.09 32.20 -24.87
CA THR A 3865 -63.51 30.80 -24.81
C THR A 3865 -63.01 30.00 -26.01
N GLU A 3866 -63.13 30.58 -27.21
CA GLU A 3866 -62.66 29.91 -28.40
C GLU A 3866 -61.16 29.69 -28.37
N THR A 3867 -60.40 30.72 -27.95
CA THR A 3867 -58.95 30.59 -27.89
C THR A 3867 -58.53 29.53 -26.88
N VAL A 3868 -59.17 29.50 -25.71
CA VAL A 3868 -58.81 28.53 -24.68
C VAL A 3868 -59.14 27.11 -25.14
N THR A 3869 -60.33 26.91 -25.71
CA THR A 3869 -60.70 25.57 -26.17
C THR A 3869 -59.80 25.09 -27.29
N SER A 3870 -59.51 25.96 -28.25
CA SER A 3870 -58.63 25.59 -29.36
C SER A 3870 -57.23 25.29 -28.86
N PHE A 3871 -56.71 26.08 -27.91
CA PHE A 3871 -55.37 25.86 -27.39
C PHE A 3871 -55.29 24.56 -26.60
N ARG A 3872 -56.33 24.24 -25.82
CA ARG A 3872 -56.32 22.96 -25.12
C ARG A 3872 -56.37 21.79 -26.08
N LYS A 3873 -57.22 21.87 -27.11
CA LYS A 3873 -57.29 20.81 -28.10
C LYS A 3873 -55.97 20.66 -28.85
N ARG A 3874 -55.28 21.78 -29.09
CA ARG A 3874 -53.97 21.73 -29.73
C ARG A 3874 -52.90 21.17 -28.81
N GLU A 3875 -53.00 21.44 -27.50
CA GLU A 3875 -52.07 20.87 -26.53
C GLU A 3875 -52.25 19.37 -26.42
N SER A 3876 -53.47 18.87 -26.60
CA SER A 3876 -53.74 17.44 -26.44
C SER A 3876 -53.08 16.58 -27.51
N LYS A 3877 -52.54 17.18 -28.57
CA LYS A 3877 -51.95 16.43 -29.67
C LYS A 3877 -50.44 16.26 -29.53
N VAL A 3878 -49.85 16.62 -28.39
CA VAL A 3878 -48.39 16.45 -28.19
C VAL A 3878 -48.15 15.60 -26.94
N PRO A 3879 -47.31 14.56 -26.99
CA PRO A 3879 -47.09 13.67 -25.84
C PRO A 3879 -46.86 14.47 -24.56
N ALA A 3880 -47.43 13.98 -23.47
CA ALA A 3880 -47.49 14.72 -22.22
C ALA A 3880 -46.35 14.41 -21.26
N ASP A 3881 -45.43 13.51 -21.62
CA ASP A 3881 -44.37 13.12 -20.71
C ASP A 3881 -43.03 13.02 -21.45
N LEU A 3882 -42.74 14.00 -22.30
CA LEU A 3882 -41.50 13.98 -23.06
C LEU A 3882 -40.29 14.18 -22.16
N LEU A 3883 -40.35 15.19 -21.29
CA LEU A 3883 -39.24 15.45 -20.38
C LEU A 3883 -39.05 14.31 -19.38
N LYS A 3884 -40.15 13.79 -18.85
CA LYS A 3884 -40.08 12.68 -17.91
C LYS A 3884 -39.51 11.43 -18.59
N ARG A 3885 -39.96 11.13 -19.80
CA ARG A 3885 -39.43 9.97 -20.52
C ARG A 3885 -37.95 10.15 -20.84
N ALA A 3886 -37.55 11.36 -21.23
CA ALA A 3886 -36.14 11.61 -21.51
C ALA A 3886 -35.29 11.40 -20.25
N PHE A 3887 -35.72 11.96 -19.12
CA PHE A 3887 -34.96 11.81 -17.89
C PHE A 3887 -34.93 10.37 -17.41
N VAL A 3888 -36.00 9.61 -17.65
CA VAL A 3888 -35.99 8.19 -17.33
C VAL A 3888 -34.98 7.45 -18.21
N ARG A 3889 -34.95 7.78 -19.50
CA ARG A 3889 -34.05 7.08 -20.43
C ARG A 3889 -32.59 7.38 -20.13
N MET A 3890 -32.26 8.63 -19.79
CA MET A 3890 -30.87 8.94 -19.44
C MET A 3890 -30.45 8.25 -18.15
N SER A 3891 -31.29 8.27 -17.14
CA SER A 3891 -30.92 7.75 -15.83
C SER A 3891 -30.96 6.23 -15.81
N THR A 3892 -30.25 5.66 -14.82
CA THR A 3892 -30.24 4.22 -14.59
C THR A 3892 -30.89 3.80 -13.29
N SER A 3893 -30.94 4.68 -12.31
CA SER A 3893 -31.51 4.41 -11.00
C SER A 3893 -32.50 5.51 -10.64
N PRO A 3894 -33.46 5.23 -9.76
CA PRO A 3894 -34.39 6.29 -9.32
C PRO A 3894 -33.71 7.48 -8.66
N GLU A 3895 -32.58 7.26 -7.98
CA GLU A 3895 -31.86 8.37 -7.36
C GLU A 3895 -31.34 9.34 -8.40
N ALA A 3896 -30.80 8.82 -9.51
CA ALA A 3896 -30.33 9.67 -10.60
C ALA A 3896 -31.49 10.45 -11.22
N PHE A 3897 -32.64 9.80 -11.38
CA PHE A 3897 -33.82 10.49 -11.91
C PHE A 3897 -34.25 11.62 -10.99
N LEU A 3898 -34.28 11.37 -9.68
CA LEU A 3898 -34.64 12.40 -8.72
C LEU A 3898 -33.68 13.58 -8.77
N ALA A 3899 -32.38 13.29 -8.81
CA ALA A 3899 -31.38 14.35 -8.85
C ALA A 3899 -31.49 15.18 -10.12
N LEU A 3900 -31.64 14.51 -11.27
CA LEU A 3900 -31.75 15.22 -12.54
C LEU A 3900 -33.00 16.11 -12.57
N ARG A 3901 -34.14 15.58 -12.13
CA ARG A 3901 -35.36 16.36 -12.15
C ARG A 3901 -35.29 17.55 -11.20
N SER A 3902 -34.72 17.34 -10.00
CA SER A 3902 -34.58 18.44 -9.06
C SER A 3902 -33.67 19.53 -9.59
N HIS A 3903 -32.54 19.14 -10.19
CA HIS A 3903 -31.62 20.13 -10.73
C HIS A 3903 -32.24 20.89 -11.89
N PHE A 3904 -32.96 20.18 -12.76
CA PHE A 3904 -33.63 20.83 -13.88
C PHE A 3904 -34.66 21.84 -13.40
N ALA A 3905 -35.48 21.45 -12.42
CA ALA A 3905 -36.51 22.36 -11.92
C ALA A 3905 -35.90 23.59 -11.26
N SER A 3906 -34.87 23.39 -10.43
CA SER A 3906 -34.25 24.53 -9.74
C SER A 3906 -33.58 25.47 -10.74
N SER A 3907 -32.84 24.92 -11.70
CA SER A 3907 -32.18 25.75 -12.70
C SER A 3907 -33.20 26.52 -13.53
N HIS A 3908 -34.29 25.87 -13.93
CA HIS A 3908 -35.29 26.55 -14.74
C HIS A 3908 -35.99 27.66 -13.95
N ALA A 3909 -36.30 27.41 -12.67
CA ALA A 3909 -36.93 28.45 -11.87
C ALA A 3909 -36.01 29.66 -11.68
N LEU A 3910 -34.73 29.41 -11.39
CA LEU A 3910 -33.79 30.51 -11.23
C LEU A 3910 -33.62 31.28 -12.53
N ILE A 3911 -33.53 30.56 -13.66
CA ILE A 3911 -33.41 31.21 -14.96
C ILE A 3911 -34.64 32.06 -15.25
N CYS A 3912 -35.83 31.53 -14.95
CA CYS A 3912 -37.07 32.26 -15.21
C CYS A 3912 -37.12 33.56 -14.41
N ILE A 3913 -36.81 33.49 -13.12
CA ILE A 3913 -36.90 34.70 -12.30
C ILE A 3913 -35.83 35.72 -12.69
N SER A 3914 -34.61 35.25 -12.99
CA SER A 3914 -33.54 36.16 -13.38
C SER A 3914 -33.81 36.78 -14.75
N HIS A 3915 -34.44 36.04 -15.65
CA HIS A 3915 -34.79 36.60 -16.95
C HIS A 3915 -35.94 37.59 -16.84
N TRP A 3916 -36.90 37.34 -15.94
CA TRP A 3916 -37.97 38.31 -15.76
C TRP A 3916 -37.46 39.61 -15.13
N ILE A 3917 -36.52 39.52 -14.20
CA ILE A 3917 -35.97 40.74 -13.61
C ILE A 3917 -35.27 41.58 -14.67
N LEU A 3918 -34.50 40.94 -15.54
CA LEU A 3918 -33.77 41.65 -16.59
C LEU A 3918 -34.62 41.98 -17.81
N GLY A 3919 -35.87 41.53 -17.84
CA GLY A 3919 -36.74 41.79 -18.98
C GLY A 3919 -36.27 41.12 -20.26
N ILE A 3920 -35.91 39.85 -20.17
CA ILE A 3920 -35.40 39.10 -21.31
C ILE A 3920 -36.53 38.27 -21.91
N GLY A 3921 -36.75 38.44 -23.21
CA GLY A 3921 -37.79 37.68 -23.90
C GLY A 3921 -37.24 36.79 -24.99
N ASP A 3922 -38.08 36.43 -25.96
CA ASP A 3922 -37.72 35.57 -27.09
C ASP A 3922 -37.17 34.23 -26.61
N ARG A 3923 -37.79 33.68 -25.56
CA ARG A 3923 -37.35 32.41 -24.98
C ARG A 3923 -38.09 31.26 -25.66
N HIS A 3924 -37.62 30.90 -26.84
CA HIS A 3924 -38.12 29.73 -27.54
C HIS A 3924 -37.29 28.51 -27.16
N LEU A 3925 -37.67 27.35 -27.71
CA LEU A 3925 -37.07 26.09 -27.27
C LEU A 3925 -35.62 25.94 -27.70
N ASN A 3926 -35.16 26.72 -28.67
CA ASN A 3926 -33.77 26.66 -29.11
C ASN A 3926 -32.85 27.59 -28.33
N ASN A 3927 -33.38 28.35 -27.39
CA ASN A 3927 -32.59 29.25 -26.56
C ASN A 3927 -32.25 28.65 -25.19
N PHE A 3928 -32.60 27.39 -24.97
CA PHE A 3928 -32.28 26.68 -23.75
C PHE A 3928 -31.34 25.53 -24.06
N MET A 3929 -30.30 25.38 -23.25
CA MET A 3929 -29.35 24.29 -23.38
C MET A 3929 -29.36 23.47 -22.09
N VAL A 3930 -29.50 22.16 -22.23
CA VAL A 3930 -29.59 21.25 -21.10
C VAL A 3930 -28.27 20.52 -20.96
N ALA A 3931 -27.74 20.50 -19.74
CA ALA A 3931 -26.53 19.74 -19.45
C ALA A 3931 -26.90 18.27 -19.29
N MET A 3932 -26.42 17.44 -20.21
CA MET A 3932 -26.88 16.05 -20.26
C MET A 3932 -26.30 15.20 -19.14
N GLU A 3933 -25.26 15.67 -18.46
CA GLU A 3933 -24.66 14.90 -17.37
C GLU A 3933 -25.28 15.21 -16.02
N THR A 3934 -25.79 16.42 -15.82
CA THR A 3934 -26.33 16.82 -14.53
C THR A 3934 -27.75 17.35 -14.58
N GLY A 3935 -28.31 17.62 -15.75
CA GLY A 3935 -29.67 18.10 -15.86
C GLY A 3935 -29.84 19.60 -15.78
N GLY A 3936 -28.75 20.36 -15.64
CA GLY A 3936 -28.87 21.80 -15.52
C GLY A 3936 -29.30 22.46 -16.82
N VAL A 3937 -29.76 23.70 -16.68
CA VAL A 3937 -30.26 24.48 -17.81
C VAL A 3937 -29.41 25.74 -17.95
N ILE A 3938 -29.12 26.11 -19.19
CA ILE A 3938 -28.34 27.30 -19.51
C ILE A 3938 -29.11 28.12 -20.54
N GLY A 3939 -29.15 29.44 -20.34
CA GLY A 3939 -29.79 30.35 -21.26
C GLY A 3939 -28.77 31.01 -22.18
N ILE A 3940 -29.13 31.10 -23.47
CA ILE A 3940 -28.23 31.61 -24.49
C ILE A 3940 -29.00 32.59 -25.39
N ASP A 3941 -28.24 33.28 -26.24
CA ASP A 3941 -28.77 34.11 -27.33
C ASP A 3941 -29.70 35.20 -26.80
N PHE A 3942 -29.09 36.10 -26.01
CA PHE A 3942 -29.82 37.23 -25.41
C PHE A 3942 -29.83 38.37 -26.42
N GLY A 3943 -30.89 38.44 -27.21
CA GLY A 3943 -31.03 39.50 -28.20
C GLY A 3943 -31.94 40.62 -27.75
N HIS A 3944 -32.99 40.27 -27.01
CA HIS A 3944 -33.95 41.23 -26.49
C HIS A 3944 -33.68 41.50 -25.01
N ALA A 3945 -33.96 42.73 -24.59
CA ALA A 3945 -33.77 43.12 -23.20
C ALA A 3945 -34.69 44.28 -22.87
N PHE A 3946 -35.27 44.24 -21.66
CA PHE A 3946 -36.11 45.31 -21.14
C PHE A 3946 -37.34 45.54 -22.03
N GLY A 3947 -38.11 44.48 -22.23
CA GLY A 3947 -39.37 44.57 -22.92
C GLY A 3947 -39.31 44.70 -24.43
N SER A 3948 -38.15 44.42 -25.03
CA SER A 3948 -38.01 44.55 -26.48
C SER A 3948 -38.93 43.58 -27.22
N ALA A 3949 -39.23 42.44 -26.61
CA ALA A 3949 -40.18 41.49 -27.21
C ALA A 3949 -41.63 41.87 -26.95
N THR A 3950 -41.88 42.80 -26.02
CA THR A 3950 -43.24 43.26 -25.74
C THR A 3950 -43.55 44.62 -26.33
N GLN A 3951 -42.52 45.39 -26.70
CA GLN A 3951 -42.70 46.76 -27.16
C GLN A 3951 -42.43 46.94 -28.65
N PHE A 3952 -41.51 46.19 -29.23
CA PHE A 3952 -41.08 46.41 -30.60
C PHE A 3952 -41.45 45.28 -31.55
N LEU A 3953 -42.13 44.22 -31.06
CA LEU A 3953 -42.41 43.19 -32.05
C LEU A 3953 -43.79 43.38 -32.67
N PRO A 3954 -43.93 43.07 -33.97
CA PRO A 3954 -45.27 43.08 -34.58
C PRO A 3954 -46.26 42.17 -33.89
N VAL A 3955 -45.80 41.01 -33.42
CA VAL A 3955 -46.61 40.13 -32.59
C VAL A 3955 -46.02 40.17 -31.19
N PRO A 3956 -46.63 40.90 -30.26
CA PRO A 3956 -46.00 41.08 -28.93
C PRO A 3956 -46.00 39.79 -28.12
N GLU A 3957 -45.02 39.71 -27.22
CA GLU A 3957 -44.91 38.60 -26.28
C GLU A 3957 -45.37 39.10 -24.92
N LEU A 3958 -46.52 38.60 -24.46
CA LEU A 3958 -47.11 39.01 -23.20
C LEU A 3958 -46.80 38.00 -22.09
N MET A 3959 -45.60 37.43 -22.11
CA MET A 3959 -45.23 36.37 -21.18
C MET A 3959 -43.97 36.76 -20.41
N PRO A 3960 -43.94 36.52 -19.10
CA PRO A 3960 -42.70 36.82 -18.36
C PRO A 3960 -41.58 35.85 -18.67
N PHE A 3961 -41.85 34.55 -18.71
CA PHE A 3961 -40.85 33.54 -18.98
C PHE A 3961 -41.54 32.34 -19.62
N ARG A 3962 -40.76 31.28 -19.84
CA ARG A 3962 -41.26 30.07 -20.50
C ARG A 3962 -41.59 29.04 -19.42
N LEU A 3963 -42.89 28.90 -19.12
CA LEU A 3963 -43.39 27.84 -18.25
C LEU A 3963 -44.55 27.20 -18.99
N THR A 3964 -44.24 26.22 -19.83
CA THR A 3964 -45.21 25.60 -20.71
C THR A 3964 -45.67 24.25 -20.15
N ARG A 3965 -46.42 23.51 -20.96
CA ARG A 3965 -47.06 22.28 -20.50
C ARG A 3965 -46.03 21.21 -20.11
N GLN A 3966 -44.93 21.13 -20.85
CA GLN A 3966 -43.92 20.11 -20.56
C GLN A 3966 -43.27 20.33 -19.19
N PHE A 3967 -42.97 21.59 -18.86
CA PHE A 3967 -42.38 21.89 -17.55
C PHE A 3967 -43.34 21.56 -16.42
N ILE A 3968 -44.63 21.83 -16.61
CA ILE A 3968 -45.63 21.49 -15.60
C ILE A 3968 -45.76 19.97 -15.46
N ASN A 3969 -45.74 19.26 -16.58
CA ASN A 3969 -45.90 17.80 -16.54
C ASN A 3969 -44.66 17.08 -16.07
N LEU A 3970 -43.50 17.74 -16.07
CA LEU A 3970 -42.30 17.10 -15.52
C LEU A 3970 -42.47 16.76 -14.05
N MET A 3971 -43.05 17.68 -13.27
CA MET A 3971 -43.47 17.38 -11.91
C MET A 3971 -44.88 16.81 -11.98
N LEU A 3972 -44.96 15.53 -12.37
CA LEU A 3972 -46.25 14.93 -12.71
C LEU A 3972 -47.23 14.86 -11.55
N PRO A 3973 -46.89 14.33 -10.35
CA PRO A 3973 -47.91 14.24 -9.30
C PRO A 3973 -48.07 15.54 -8.51
N MET A 3974 -47.01 16.33 -8.44
CA MET A 3974 -47.04 17.57 -7.69
C MET A 3974 -47.42 18.74 -8.60
N LYS A 3975 -47.50 19.93 -8.03
CA LYS A 3975 -47.85 21.14 -8.76
C LYS A 3975 -46.66 22.09 -8.81
N GLU A 3976 -46.83 23.15 -9.60
CA GLU A 3976 -45.79 24.17 -9.72
C GLU A 3976 -45.68 25.05 -8.49
N THR A 3977 -46.60 24.92 -7.52
CA THR A 3977 -46.57 25.70 -6.30
C THR A 3977 -45.67 25.10 -5.22
N GLY A 3978 -44.74 24.24 -5.60
CA GLY A 3978 -43.83 23.62 -4.66
C GLY A 3978 -42.39 24.07 -4.79
N LEU A 3979 -41.57 23.22 -5.40
CA LEU A 3979 -40.13 23.49 -5.47
C LEU A 3979 -39.83 24.69 -6.35
N MET A 3980 -40.43 24.76 -7.54
CA MET A 3980 -40.18 25.87 -8.44
C MET A 3980 -40.65 27.19 -7.83
N TYR A 3981 -41.84 27.17 -7.21
CA TYR A 3981 -42.36 28.37 -6.56
C TYR A 3981 -41.45 28.81 -5.42
N SER A 3982 -40.97 27.86 -4.61
CA SER A 3982 -40.08 28.20 -3.50
C SER A 3982 -38.76 28.80 -3.99
N ILE A 3983 -38.17 28.20 -5.03
CA ILE A 3983 -36.92 28.72 -5.59
C ILE A 3983 -37.12 30.13 -6.12
N MET A 3984 -38.22 30.35 -6.86
CA MET A 3984 -38.47 31.68 -7.42
C MET A 3984 -38.71 32.71 -6.32
N VAL A 3985 -39.45 32.33 -5.27
CA VAL A 3985 -39.71 33.26 -4.17
C VAL A 3985 -38.42 33.60 -3.44
N HIS A 3986 -37.57 32.61 -3.17
CA HIS A 3986 -36.31 32.87 -2.49
C HIS A 3986 -35.39 33.74 -3.32
N ALA A 3987 -35.30 33.48 -4.63
CA ALA A 3987 -34.45 34.29 -5.50
C ALA A 3987 -34.97 35.72 -5.59
N LEU A 3988 -36.28 35.90 -5.69
CA LEU A 3988 -36.84 37.25 -5.77
C LEU A 3988 -36.65 38.00 -4.46
N ARG A 3989 -36.77 37.31 -3.32
CA ARG A 3989 -36.52 37.93 -2.03
C ARG A 3989 -35.06 38.35 -1.90
N ALA A 3990 -34.14 37.51 -2.39
CA ALA A 3990 -32.73 37.88 -2.37
C ALA A 3990 -32.46 39.07 -3.26
N PHE A 3991 -33.08 39.12 -4.44
CA PHE A 3991 -32.86 40.23 -5.37
C PHE A 3991 -33.43 41.53 -4.83
N ARG A 3992 -34.60 41.47 -4.20
CA ARG A 3992 -35.28 42.71 -3.77
C ARG A 3992 -34.59 43.34 -2.57
N SER A 3993 -33.83 42.57 -1.80
CA SER A 3993 -33.09 43.13 -0.67
C SER A 3993 -31.84 43.83 -1.18
N ASP A 3994 -31.72 45.12 -0.89
CA ASP A 3994 -30.63 45.99 -1.33
C ASP A 3994 -30.52 45.97 -2.84
N PRO A 3995 -31.47 46.56 -3.56
CA PRO A 3995 -31.42 46.54 -5.03
C PRO A 3995 -30.45 47.54 -5.63
N GLY A 3996 -29.73 48.31 -4.81
CA GLY A 3996 -28.86 49.38 -5.29
C GLY A 3996 -27.78 48.93 -6.24
N LEU A 3997 -27.07 47.84 -5.90
CA LEU A 3997 -26.03 47.32 -6.78
C LEU A 3997 -26.63 46.84 -8.11
N LEU A 3998 -27.67 46.02 -8.05
CA LEU A 3998 -28.32 45.54 -9.28
C LEU A 3998 -28.89 46.68 -10.10
N THR A 3999 -29.66 47.58 -9.48
CA THR A 3999 -30.27 48.69 -10.22
C THR A 3999 -29.23 49.60 -10.84
N ASN A 4000 -28.16 49.91 -10.12
CA ASN A 4000 -27.05 50.68 -10.69
C ASN A 4000 -26.38 49.97 -11.86
N THR A 4001 -26.18 48.65 -11.77
CA THR A 4001 -25.55 47.94 -12.88
C THR A 4001 -26.44 47.94 -14.13
N MET A 4002 -27.75 47.71 -13.96
CA MET A 4002 -28.63 47.80 -15.13
C MET A 4002 -28.79 49.24 -15.62
N ASP A 4003 -28.59 50.23 -14.77
CA ASP A 4003 -28.61 51.65 -15.22
C ASP A 4003 -27.40 51.92 -16.10
N VAL A 4004 -26.25 51.46 -15.67
CA VAL A 4004 -25.05 51.60 -16.49
C VAL A 4004 -25.21 50.83 -17.80
N PHE A 4005 -25.86 49.67 -17.75
CA PHE A 4005 -26.17 48.92 -18.96
C PHE A 4005 -27.07 49.73 -19.89
N VAL A 4006 -28.17 50.27 -19.37
CA VAL A 4006 -29.21 50.82 -20.22
C VAL A 4006 -28.78 52.15 -20.84
N LYS A 4007 -27.99 52.97 -20.14
CA LYS A 4007 -27.47 54.19 -20.76
C LYS A 4007 -26.05 53.90 -21.26
N GLU A 4008 -25.95 53.53 -22.53
CA GLU A 4008 -24.68 53.27 -23.19
C GLU A 4008 -24.68 53.96 -24.55
N PRO A 4009 -23.51 54.46 -24.99
CA PRO A 4009 -23.47 55.09 -26.31
C PRO A 4009 -23.46 54.10 -27.46
N SER A 4010 -23.11 52.84 -27.22
CA SER A 4010 -23.08 51.81 -28.25
C SER A 4010 -24.39 51.03 -28.35
N PHE A 4011 -25.41 51.42 -27.58
N PHE A 4011 -25.41 51.41 -27.57
CA PHE A 4011 -26.70 50.74 -27.55
CA PHE A 4011 -26.69 50.72 -27.57
C PHE A 4011 -27.79 51.58 -28.22
C PHE A 4011 -27.78 51.57 -28.22
N ASP A 4012 -27.44 52.24 -29.32
CA ASP A 4012 -28.41 53.06 -30.04
C ASP A 4012 -29.46 52.18 -30.73
N TRP A 4013 -30.53 52.84 -31.19
CA TRP A 4013 -31.61 52.13 -31.87
C TRP A 4013 -31.13 51.50 -33.18
N LYS A 4014 -30.09 52.07 -33.79
CA LYS A 4014 -29.55 51.50 -35.02
C LYS A 4014 -28.96 50.11 -34.79
N ASN A 4015 -28.24 49.92 -33.68
CA ASN A 4015 -27.72 48.60 -33.36
C ASN A 4015 -28.85 47.61 -33.14
N PHE A 4016 -29.90 48.03 -32.44
CA PHE A 4016 -31.04 47.14 -32.20
C PHE A 4016 -31.72 46.74 -33.50
N GLU A 4017 -31.93 47.69 -34.42
CA GLU A 4017 -32.61 47.37 -35.66
C GLU A 4017 -31.74 46.50 -36.56
N GLN A 4018 -30.41 46.72 -36.55
CA GLN A 4018 -29.52 45.84 -37.30
C GLN A 4018 -29.58 44.42 -36.74
N LYS A 4019 -29.54 44.28 -35.42
CA LYS A 4019 -29.61 42.96 -34.80
C LYS A 4019 -30.93 42.27 -35.13
N MET A 4020 -32.04 43.00 -35.01
CA MET A 4020 -33.35 42.39 -35.26
C MET A 4020 -33.61 42.13 -36.73
N LEU A 4021 -32.79 42.75 -37.60
CA LEU A 4021 -32.92 42.66 -39.09
C LEU A 4021 -32.15 41.46 -39.56
N LYS A 4022 -31.01 41.25 -38.96
CA LYS A 4022 -30.17 40.11 -39.31
C LYS A 4022 -30.87 38.79 -39.02
N LYS A 4023 -31.52 38.67 -37.87
CA LYS A 4023 -32.22 37.45 -37.50
C LYS A 4023 -33.69 37.54 -37.87
N GLY A 4024 -34.31 36.37 -38.02
CA GLY A 4024 -35.72 36.30 -38.36
C GLY A 4024 -36.63 36.76 -37.24
N GLY A 4025 -36.67 36.00 -36.15
CA GLY A 4025 -37.53 36.36 -35.03
C GLY A 4025 -38.98 36.36 -35.43
N SER A 4026 -39.69 37.44 -35.08
CA SER A 4026 -41.07 37.64 -35.48
C SER A 4026 -41.20 38.44 -36.77
N TRP A 4027 -40.12 38.50 -37.58
CA TRP A 4027 -40.09 39.20 -38.86
C TRP A 4027 -40.42 40.68 -38.67
N ILE A 4028 -39.51 41.37 -37.97
CA ILE A 4028 -39.65 42.79 -37.68
C ILE A 4028 -39.64 43.65 -38.93
N GLN A 4029 -39.22 43.09 -40.07
CA GLN A 4029 -39.27 43.73 -41.39
C GLN A 4029 -38.33 44.94 -41.50
N GLU A 4030 -38.13 45.42 -42.72
CA GLU A 4030 -37.31 46.62 -42.92
C GLU A 4030 -38.02 47.89 -42.48
N ILE A 4031 -39.35 47.86 -42.37
CA ILE A 4031 -40.13 48.98 -41.88
C ILE A 4031 -40.80 48.55 -40.58
N ASN A 4032 -40.61 49.37 -39.54
CA ASN A 4032 -41.11 49.05 -38.21
C ASN A 4032 -42.37 49.87 -37.93
N VAL A 4033 -43.45 49.17 -37.57
CA VAL A 4033 -44.71 49.86 -37.30
C VAL A 4033 -44.63 50.66 -36.01
N ALA A 4034 -43.98 50.11 -34.98
CA ALA A 4034 -43.90 50.77 -33.69
C ALA A 4034 -43.01 52.01 -33.73
N GLU A 4035 -42.13 52.13 -34.72
CA GLU A 4035 -41.25 53.28 -34.94
C GLU A 4035 -40.25 53.41 -33.78
N LYS A 4036 -39.31 54.34 -33.88
CA LYS A 4036 -38.28 54.51 -32.85
C LYS A 4036 -38.91 55.17 -31.63
N ASN A 4037 -38.96 54.44 -30.52
CA ASN A 4037 -39.40 54.98 -29.23
C ASN A 4037 -38.37 54.64 -28.16
N TRP A 4038 -37.09 54.65 -28.52
CA TRP A 4038 -36.02 54.24 -27.62
C TRP A 4038 -35.81 55.29 -26.55
N TYR A 4039 -36.13 54.95 -25.30
CA TYR A 4039 -35.91 55.82 -24.16
C TYR A 4039 -35.32 54.99 -23.02
N PRO A 4040 -34.02 55.10 -22.78
CA PRO A 4040 -33.40 54.30 -21.71
C PRO A 4040 -33.95 54.61 -20.32
N ARG A 4041 -34.50 55.80 -20.10
CA ARG A 4041 -35.02 56.15 -18.78
C ARG A 4041 -36.26 55.35 -18.43
N GLN A 4042 -37.08 55.01 -19.43
CA GLN A 4042 -38.30 54.25 -19.14
C GLN A 4042 -37.98 52.79 -18.81
N LYS A 4043 -36.97 52.22 -19.46
CA LYS A 4043 -36.60 50.83 -19.21
C LYS A 4043 -36.09 50.66 -17.78
N ILE A 4044 -35.18 51.53 -17.36
CA ILE A 4044 -34.63 51.44 -16.01
C ILE A 4044 -35.70 51.78 -14.97
N CYS A 4045 -36.62 52.70 -15.30
CA CYS A 4045 -37.73 52.99 -14.40
C CYS A 4045 -38.63 51.77 -14.21
N TYR A 4046 -38.95 51.08 -15.30
CA TYR A 4046 -39.77 49.87 -15.20
C TYR A 4046 -39.04 48.77 -14.44
N ALA A 4047 -37.73 48.64 -14.65
CA ALA A 4047 -36.94 47.64 -13.93
C ALA A 4047 -36.93 47.94 -12.44
N LYS A 4048 -36.75 49.20 -12.06
CA LYS A 4048 -36.79 49.59 -10.66
C LYS A 4048 -38.18 49.36 -10.06
N ARG A 4049 -39.22 49.65 -10.85
CA ARG A 4049 -40.59 49.44 -10.37
C ARG A 4049 -40.87 47.97 -10.11
N LYS A 4050 -40.44 47.09 -11.02
CA LYS A 4050 -40.67 45.66 -10.82
C LYS A 4050 -39.73 45.06 -9.80
N LEU A 4051 -38.58 45.69 -9.53
CA LEU A 4051 -37.75 45.27 -8.41
C LEU A 4051 -38.33 45.69 -7.07
N ALA A 4052 -39.35 46.55 -7.06
CA ALA A 4052 -40.20 46.79 -5.91
C ALA A 4052 -41.51 46.03 -6.13
N GLY A 4053 -42.44 46.20 -5.19
CA GLY A 4053 -43.73 45.56 -5.32
C GLY A 4053 -44.53 46.12 -6.49
N ALA A 4054 -44.65 45.33 -7.57
CA ALA A 4054 -45.37 45.77 -8.74
C ALA A 4054 -46.04 44.57 -9.41
N ASN A 4055 -47.14 44.83 -10.08
CA ASN A 4055 -47.87 43.78 -10.80
C ASN A 4055 -47.24 43.55 -12.17
N PRO A 4056 -46.88 42.32 -12.52
CA PRO A 4056 -46.33 42.06 -13.85
C PRO A 4056 -47.29 42.42 -14.98
N ALA A 4057 -48.59 42.23 -14.78
CA ALA A 4057 -49.57 42.61 -15.80
C ALA A 4057 -49.53 44.11 -16.05
N VAL A 4058 -49.38 44.90 -14.98
CA VAL A 4058 -49.28 46.35 -15.12
C VAL A 4058 -48.04 46.71 -15.93
N ILE A 4059 -46.92 46.02 -15.67
CA ILE A 4059 -45.67 46.34 -16.37
C ILE A 4059 -45.78 46.00 -17.85
N THR A 4060 -46.35 44.83 -18.18
CA THR A 4060 -46.46 44.49 -19.59
C THR A 4060 -47.49 45.35 -20.31
N CYS A 4061 -48.55 45.78 -19.62
CA CYS A 4061 -49.49 46.73 -20.22
C CYS A 4061 -48.82 48.09 -20.44
N ASP A 4062 -47.94 48.50 -19.52
CA ASP A 4062 -47.19 49.74 -19.72
C ASP A 4062 -46.27 49.63 -20.92
N GLU A 4063 -45.61 48.48 -21.09
CA GLU A 4063 -44.76 48.28 -22.26
C GLU A 4063 -45.57 48.30 -23.55
N LEU A 4064 -46.75 47.67 -23.53
CA LEU A 4064 -47.63 47.69 -24.70
C LEU A 4064 -48.08 49.11 -25.03
N LEU A 4065 -48.41 49.90 -24.00
CA LEU A 4065 -48.80 51.29 -24.23
C LEU A 4065 -47.64 52.10 -24.80
N LEU A 4066 -46.42 51.85 -24.31
CA LEU A 4066 -45.25 52.56 -24.80
C LEU A 4066 -44.96 52.20 -26.26
N GLY A 4067 -45.16 50.95 -26.63
CA GLY A 4067 -44.75 50.51 -27.96
C GLY A 4067 -45.86 50.35 -28.99
N HIS A 4068 -47.04 49.93 -28.58
CA HIS A 4068 -48.11 49.55 -29.50
C HIS A 4068 -49.31 50.49 -29.39
N GLU A 4069 -49.05 51.78 -29.17
CA GLU A 4069 -50.15 52.73 -28.97
C GLU A 4069 -50.98 52.90 -30.22
N LYS A 4070 -50.35 53.08 -31.38
CA LYS A 4070 -51.07 53.28 -32.63
C LYS A 4070 -51.29 51.93 -33.33
N ALA A 4071 -52.18 51.15 -32.74
CA ALA A 4071 -52.54 49.84 -33.26
C ALA A 4071 -54.05 49.66 -33.17
N PRO A 4072 -54.63 48.87 -34.08
CA PRO A 4072 -56.09 48.64 -34.02
C PRO A 4072 -56.50 47.62 -32.97
N ALA A 4073 -55.57 46.92 -32.34
CA ALA A 4073 -55.90 45.92 -31.33
C ALA A 4073 -55.27 46.26 -29.98
N PHE A 4074 -55.12 47.54 -29.68
CA PHE A 4074 -54.55 47.98 -28.41
C PHE A 4074 -55.40 47.51 -27.23
N ARG A 4075 -56.72 47.69 -27.33
CA ARG A 4075 -57.60 47.34 -26.23
C ARG A 4075 -57.58 45.84 -25.98
N ASP A 4076 -57.58 45.04 -27.04
CA ASP A 4076 -57.51 43.59 -26.88
C ASP A 4076 -56.15 43.16 -26.32
N TYR A 4077 -55.06 43.81 -26.76
CA TYR A 4077 -53.76 43.57 -26.17
C TYR A 4077 -53.79 43.79 -24.66
N VAL A 4078 -54.33 44.93 -24.25
CA VAL A 4078 -54.36 45.28 -22.83
C VAL A 4078 -55.22 44.31 -22.04
N ALA A 4079 -56.40 43.96 -22.58
CA ALA A 4079 -57.30 43.05 -21.88
C ALA A 4079 -56.68 41.67 -21.73
N VAL A 4080 -56.07 41.15 -22.79
CA VAL A 4080 -55.45 39.82 -22.73
C VAL A 4080 -54.28 39.82 -21.76
N ALA A 4081 -53.45 40.86 -21.80
CA ALA A 4081 -52.30 40.92 -20.91
C ALA A 4081 -52.69 41.18 -19.47
N ARG A 4082 -53.87 41.75 -19.22
CA ARG A 4082 -54.27 42.10 -17.86
C ARG A 4082 -55.05 40.98 -17.19
N GLY A 4083 -56.05 40.41 -17.86
CA GLY A 4083 -56.78 39.31 -17.29
C GLY A 4083 -58.27 39.57 -17.32
N SER A 4084 -59.01 38.81 -16.48
CA SER A 4084 -60.46 38.85 -16.47
C SER A 4084 -61.08 38.98 -15.09
N LYS A 4085 -60.31 38.83 -14.01
CA LYS A 4085 -60.75 38.99 -12.62
C LYS A 4085 -61.70 37.88 -12.21
N ASP A 4086 -61.91 36.89 -13.08
CA ASP A 4086 -62.71 35.72 -12.72
C ASP A 4086 -61.91 34.43 -12.71
N HIS A 4087 -60.84 34.34 -13.50
CA HIS A 4087 -60.01 33.14 -13.55
C HIS A 4087 -58.53 33.42 -13.32
N ASN A 4088 -58.13 34.67 -13.11
CA ASN A 4088 -56.73 35.04 -12.95
C ASN A 4088 -56.53 35.71 -11.61
N ILE A 4089 -55.46 35.33 -10.92
CA ILE A 4089 -55.15 35.93 -9.63
C ILE A 4089 -54.46 37.29 -9.79
N ARG A 4090 -53.86 37.56 -10.96
CA ARG A 4090 -53.18 38.82 -11.18
C ARG A 4090 -54.14 39.98 -11.44
N ALA A 4091 -55.39 39.69 -11.78
CA ALA A 4091 -56.39 40.73 -11.96
C ALA A 4091 -57.15 41.06 -10.68
N GLN A 4092 -56.96 40.29 -9.62
CA GLN A 4092 -57.58 40.55 -8.33
C GLN A 4092 -56.62 41.25 -7.37
N GLU A 4093 -55.46 41.67 -7.83
CA GLU A 4093 -54.43 42.25 -6.99
C GLU A 4093 -54.21 43.72 -7.34
N PRO A 4094 -53.72 44.51 -6.40
CA PRO A 4094 -53.40 45.92 -6.70
C PRO A 4094 -52.25 46.03 -7.69
N GLU A 4095 -52.02 47.26 -8.15
CA GLU A 4095 -50.99 47.51 -9.15
C GLU A 4095 -49.60 47.70 -8.56
N SER A 4096 -49.49 47.85 -7.23
CA SER A 4096 -48.20 48.07 -6.60
C SER A 4096 -48.26 47.61 -5.16
N GLY A 4097 -47.08 47.50 -4.54
CA GLY A 4097 -46.98 47.08 -3.17
C GLY A 4097 -47.11 45.59 -2.93
N LEU A 4098 -46.99 44.78 -3.97
CA LEU A 4098 -47.11 43.33 -3.84
C LEU A 4098 -45.94 42.76 -3.06
N SER A 4099 -46.21 41.68 -2.32
CA SER A 4099 -45.15 40.94 -1.66
C SER A 4099 -44.47 40.01 -2.66
N GLU A 4100 -43.37 39.39 -2.21
CA GLU A 4100 -42.63 38.48 -3.08
C GLU A 4100 -43.48 37.26 -3.46
N GLU A 4101 -44.18 36.68 -2.48
CA GLU A 4101 -45.01 35.50 -2.76
C GLU A 4101 -46.14 35.84 -3.72
N THR A 4102 -46.81 36.97 -3.50
CA THR A 4102 -47.89 37.37 -4.39
C THR A 4102 -47.36 37.70 -5.79
N GLN A 4103 -46.18 38.33 -5.87
CA GLN A 4103 -45.58 38.63 -7.16
C GLN A 4103 -45.26 37.35 -7.93
N VAL A 4104 -44.71 36.35 -7.25
CA VAL A 4104 -44.40 35.09 -7.91
C VAL A 4104 -45.68 34.37 -8.33
N LYS A 4105 -46.73 34.45 -7.50
CA LYS A 4105 -48.01 33.85 -7.85
C LYS A 4105 -48.58 34.50 -9.12
N CYS A 4106 -48.54 35.82 -9.19
CA CYS A 4106 -49.01 36.52 -10.38
C CYS A 4106 -48.17 36.18 -11.60
N LEU A 4107 -46.85 36.03 -11.40
CA LEU A 4107 -45.96 35.66 -12.50
C LEU A 4107 -46.31 34.29 -13.06
N MET A 4108 -46.52 33.32 -12.16
CA MET A 4108 -46.90 31.98 -12.61
C MET A 4108 -48.27 31.98 -13.29
N ASP A 4109 -49.22 32.74 -12.75
CA ASP A 4109 -50.55 32.80 -13.36
C ASP A 4109 -50.48 33.41 -14.76
N GLN A 4110 -49.69 34.47 -14.92
CA GLN A 4110 -49.53 35.07 -16.25
C GLN A 4110 -48.77 34.16 -17.20
N ALA A 4111 -47.84 33.35 -16.68
CA ALA A 4111 -47.06 32.47 -17.54
C ALA A 4111 -47.90 31.29 -18.03
N THR A 4112 -48.75 30.75 -17.17
CA THR A 4112 -49.55 29.57 -17.50
C THR A 4112 -50.93 29.92 -18.04
N ASP A 4113 -51.19 31.18 -18.36
CA ASP A 4113 -52.51 31.58 -18.83
C ASP A 4113 -52.74 31.05 -20.24
N PRO A 4114 -53.77 30.22 -20.45
CA PRO A 4114 -54.08 29.77 -21.82
C PRO A 4114 -54.54 30.88 -22.74
N ASN A 4115 -55.14 31.95 -22.20
CA ASN A 4115 -55.56 33.06 -23.05
C ASN A 4115 -54.37 33.76 -23.69
N ILE A 4116 -53.30 33.99 -22.92
CA ILE A 4116 -52.09 34.58 -23.48
C ILE A 4116 -51.38 33.58 -24.38
N LEU A 4117 -51.25 32.33 -23.93
CA LEU A 4117 -50.47 31.33 -24.65
C LEU A 4117 -51.13 30.90 -25.96
N GLY A 4118 -52.45 31.04 -26.07
CA GLY A 4118 -53.13 30.65 -27.29
C GLY A 4118 -53.07 31.67 -28.42
N ARG A 4119 -52.41 32.81 -28.19
CA ARG A 4119 -52.34 33.88 -29.17
C ARG A 4119 -50.90 34.23 -29.52
N THR A 4120 -49.94 33.37 -29.19
CA THR A 4120 -48.53 33.70 -29.31
C THR A 4120 -48.04 33.50 -30.74
N TRP A 4121 -46.79 33.88 -30.96
CA TRP A 4121 -46.11 33.65 -32.24
C TRP A 4121 -45.95 32.16 -32.49
N GLU A 4122 -46.02 31.77 -33.77
CA GLU A 4122 -45.96 30.36 -34.13
C GLU A 4122 -44.59 29.75 -33.79
N GLY A 4123 -43.53 30.52 -33.95
CA GLY A 4123 -42.20 30.01 -33.66
C GLY A 4123 -41.92 29.77 -32.19
N TRP A 4124 -42.71 30.39 -31.30
CA TRP A 4124 -42.52 30.18 -29.87
C TRP A 4124 -42.96 28.78 -29.45
N GLU A 4125 -43.91 28.21 -30.21
CA GLU A 4125 -44.42 26.85 -29.95
C GLU A 4125 -45.05 26.74 -28.55
N PRO A 4126 -46.16 27.43 -28.24
CA PRO A 4126 -46.71 27.41 -26.87
C PRO A 4126 -47.21 26.05 -26.43
N TRP A 4127 -47.43 25.16 -27.40
CA TRP A 4127 -47.95 23.80 -27.09
C TRP A 4127 -46.92 23.02 -26.27
N MET A 4128 -45.64 23.10 -26.66
CA MET A 4128 -44.56 22.39 -25.91
C MET A 4128 -43.93 23.37 -24.92
N SER B 362 -28.58 4.38 48.57
CA SER B 362 -27.55 4.26 47.51
C SER B 362 -27.67 2.91 46.81
N GLN B 363 -28.00 2.93 45.51
CA GLN B 363 -28.18 1.66 44.75
C GLN B 363 -27.39 1.73 43.44
N SER B 364 -26.06 1.62 43.53
CA SER B 364 -25.23 1.61 42.29
C SER B 364 -25.62 0.39 41.46
N THR B 365 -25.86 -0.76 42.10
CA THR B 365 -26.31 -2.03 41.45
C THR B 365 -25.09 -2.88 41.07
N GLU B 366 -25.27 -4.21 41.00
CA GLU B 366 -24.16 -5.14 40.66
C GLU B 366 -23.64 -4.92 39.22
N PRO B 367 -24.50 -4.72 38.20
CA PRO B 367 -24.03 -4.64 36.80
C PRO B 367 -23.48 -3.29 36.31
N LYS B 368 -23.32 -3.14 34.99
CA LYS B 368 -22.71 -1.91 34.40
C LYS B 368 -23.62 -0.69 34.42
N TYR B 369 -24.92 -0.87 34.13
CA TYR B 369 -25.85 0.28 34.02
C TYR B 369 -25.51 1.38 35.02
N LYS B 370 -25.33 1.02 36.30
CA LYS B 370 -25.08 2.07 37.33
C LYS B 370 -26.25 3.08 37.29
N PRO B 371 -27.52 2.66 37.15
CA PRO B 371 -28.63 3.62 37.01
C PRO B 371 -28.50 4.68 38.11
N LEU B 372 -28.67 5.96 37.78
CA LEU B 372 -28.42 7.00 38.80
C LEU B 372 -29.75 7.41 39.43
N GLY B 373 -29.86 7.31 40.75
CA GLY B 373 -31.11 7.67 41.45
C GLY B 373 -31.40 9.14 41.27
N LYS B 374 -30.37 9.97 41.34
CA LYS B 374 -30.54 11.43 41.19
C LYS B 374 -29.19 12.04 40.80
N LEU B 375 -29.05 13.35 40.90
CA LEU B 375 -27.81 14.04 40.48
C LEU B 375 -27.27 14.85 41.66
N LYS B 376 -26.08 14.50 42.15
CA LYS B 376 -25.44 15.29 43.24
C LYS B 376 -25.13 16.69 42.72
N ARG B 377 -24.67 16.78 41.48
CA ARG B 377 -24.22 18.08 40.90
C ARG B 377 -25.38 19.07 40.80
N ALA B 378 -25.10 20.35 41.01
CA ALA B 378 -26.14 21.40 40.88
C ALA B 378 -27.29 21.11 41.84
N ARG B 379 -28.53 21.12 41.33
CA ARG B 379 -29.74 20.94 42.19
C ARG B 379 -30.05 22.30 42.81
N THR B 380 -29.33 23.34 42.38
CA THR B 380 -29.58 24.72 42.90
C THR B 380 -31.09 24.97 42.91
N VAL B 381 -31.59 25.61 43.96
CA VAL B 381 -33.07 25.82 44.09
C VAL B 381 -33.47 27.11 43.36
N HIS B 382 -32.68 28.18 43.47
CA HIS B 382 -33.04 29.47 42.84
C HIS B 382 -32.01 29.85 41.77
N ARG B 383 -32.48 30.16 40.56
CA ARG B 383 -31.55 30.51 39.44
C ARG B 383 -31.92 31.88 38.83
N ASP B 384 -30.94 32.76 38.62
CA ASP B 384 -31.16 34.06 37.93
C ASP B 384 -31.90 35.07 38.83
N SER B 385 -31.73 36.37 38.55
CA SER B 385 -32.41 37.43 39.34
C SER B 385 -33.93 37.31 39.17
N GLU B 386 -34.70 37.58 40.22
CA GLU B 386 -36.18 37.59 40.06
C GLU B 386 -36.53 38.77 39.14
N GLU B 387 -35.65 39.77 39.07
CA GLU B 387 -35.86 40.91 38.18
C GLU B 387 -35.97 40.46 36.73
N GLU B 388 -35.08 39.56 36.31
CA GLU B 388 -35.20 38.96 34.94
C GLU B 388 -35.17 40.03 33.84
N ASP B 389 -34.10 40.82 33.72
CA ASP B 389 -33.94 41.80 32.61
C ASP B 389 -34.78 43.07 32.84
N ASP B 390 -34.11 44.21 33.02
CA ASP B 390 -34.80 45.50 33.31
C ASP B 390 -35.69 46.06 32.19
N TYR B 391 -35.30 45.96 30.92
CA TYR B 391 -36.10 46.68 29.88
C TYR B 391 -37.13 45.84 29.15
N LEU B 392 -38.42 46.05 29.46
CA LEU B 392 -39.52 45.42 28.69
C LEU B 392 -39.51 45.98 27.27
N PHE B 393 -39.27 47.29 27.14
CA PHE B 393 -39.39 47.96 25.82
C PHE B 393 -38.38 47.39 24.82
N ASP B 394 -37.16 47.13 25.26
CA ASP B 394 -36.11 46.70 24.30
C ASP B 394 -36.52 45.37 23.64
N ASP B 395 -37.11 44.43 24.39
CA ASP B 395 -37.42 43.11 23.81
C ASP B 395 -38.94 42.97 23.55
N PRO B 396 -39.37 42.22 22.51
CA PRO B 396 -40.79 42.01 22.19
C PRO B 396 -41.64 41.11 23.10
N LEU B 397 -42.94 41.43 23.26
CA LEU B 397 -43.88 40.67 24.13
C LEU B 397 -43.62 39.15 24.10
N PRO B 398 -43.87 38.43 25.21
CA PRO B 398 -43.53 37.00 25.28
C PRO B 398 -44.53 36.18 24.44
N ILE B 399 -44.04 35.13 23.79
CA ILE B 399 -44.92 34.30 22.91
C ILE B 399 -45.98 33.65 23.81
N PRO B 400 -47.25 33.55 23.36
CA PRO B 400 -48.30 32.91 24.15
C PRO B 400 -47.76 31.57 24.66
N LEU B 401 -48.14 31.15 25.86
CA LEU B 401 -47.69 29.81 26.30
C LEU B 401 -48.44 28.77 25.45
N ARG B 402 -47.75 27.72 25.03
CA ARG B 402 -48.37 26.70 24.17
C ARG B 402 -49.50 26.00 24.93
N HIS B 403 -50.64 25.74 24.28
CA HIS B 403 -51.75 25.03 24.95
C HIS B 403 -52.23 23.87 24.06
N LYS B 404 -52.48 22.72 24.66
CA LYS B 404 -53.00 21.57 23.88
C LYS B 404 -53.86 20.70 24.78
N VAL B 405 -55.05 20.31 24.31
CA VAL B 405 -55.90 19.41 25.09
C VAL B 405 -56.60 18.42 24.15
N PRO B 406 -55.88 17.42 23.64
CA PRO B 406 -56.53 16.37 22.87
C PRO B 406 -57.10 15.28 23.77
N TYR B 407 -57.69 14.24 23.17
CA TYR B 407 -58.21 13.12 23.95
C TYR B 407 -57.14 12.05 24.08
N PRO B 408 -56.84 11.59 25.30
CA PRO B 408 -55.81 10.55 25.46
C PRO B 408 -56.36 9.15 25.23
N GLU B 409 -55.52 8.14 25.47
CA GLU B 409 -55.88 6.73 25.33
C GLU B 409 -56.34 6.40 23.92
N THR B 410 -55.72 7.04 22.93
CA THR B 410 -56.05 6.77 21.54
C THR B 410 -55.22 5.61 21.00
N PHE B 411 -55.77 4.95 19.99
CA PHE B 411 -55.10 3.83 19.32
C PHE B 411 -54.75 4.28 17.90
N HIS B 412 -53.44 4.33 17.61
CA HIS B 412 -52.90 4.78 16.33
C HIS B 412 -53.45 6.15 15.93
N PRO B 413 -53.12 7.22 16.67
CA PRO B 413 -53.66 8.54 16.32
C PRO B 413 -52.95 9.18 15.14
#